data_3PIF
#
_entry.id   3PIF
#
_cell.length_a   116.267
_cell.length_b   132.581
_cell.length_c   144.066
_cell.angle_alpha   109.92
_cell.angle_beta   105.81
_cell.angle_gamma   104.00
#
_symmetry.space_group_name_H-M   'P 1'
#
loop_
_entity.id
_entity.type
_entity.pdbx_description
1 polymer "5'->3' EXORIBONUCLEASE (xrn1)"
2 non-polymer 'MANGANESE (II) ION'
#
_entity_poly.entity_id   1
_entity_poly.type   'polypeptide(L)'
_entity_poly.pdbx_seq_one_letter_code
;MGIPKFFHFISERWPQISQLIDGSQIPEFDNLYLDMNSILHNCTHGDGSEVNSRLSEEEVYSKIFSYIDHLFHTIKPKQT
FYMAIDGVAPRAKMNQQRARRFRTAMDAEKALQKAIENGDELPKGEPFDSNAITPGTEFMAKLTENLKYFIHDKITNDTR
WQNVKVIFSGHEVPGEGQHKIMDYIRAIRAQEDYNPNTRHCIYGLDADLIILGLSTHDHHFCLLREEVTFGKRSSSVKTL
ETQNFFLLHLSILREYLALEFEEITDSVQFEYDFERVLDDFIFVLFTIGNDFLPNLPDLHLKKGAFPVLLQTFKEALQHM
DGYINEQGKINLARFSIWLKYLSDFEYLNFEKKDIDVEWFNQQLENISLEGERKRTRMGKKLLMKQQKKLIGAVKPWLLK
TVQRKVTSELQDADFEIFPLEDKELVRANLDFLKEFAFDLGLILAHSKSKDLYYFKLDLDSIN(UNK)(UNK)(UNK)
(UNK)(UNK)(UNK)(UNK)(UNK)(UNK)(UNK)(UNK)(UNK)(UNK)(UNK)(UNK)(UNK)(UNK)(UNK)(UNK)
IYSERFVEWKDQYYKDKLDFSINDTDSLKEMTENYVGGLQWVLYYYYRGCPSWSWYYRYHYAPRISDVIKGIDQNIEFHK
GQPFKPFQQLMAVLPERSKNLIPVVYRPLMYDEHSPILDFYPNEVELDLNGKTADWEAVVKISFVDQKRLVEAMAPYDAK
LSPDEKKRNSFGTDLIFIFNPQVDTVYKTPLAGLFNDIEHNHCIEREFIPESMENVKFLFGLPKGAKLGASSLAGFPSLK
TLPLTAELAYNSSVVFNFPSKQQSMVLHIQDLYKENGISLSDLAKRHMGKIVYSRWPFLRESKLLSLITEETVYEGVKSG
KLTKVIERKPQDFERKEFRELKMTLKSNYQRTKAILLDDISALAKVVPVNGLVRNSDGSYSKSFNETIEYYPLQLIVEDV
KNKDERYIEKEPLPINKEFPKGSKVVFLGDYAYGGEATVDGYNSETRLKLTVKKGSLRAEPNIGKVRAKLDSQALRFYPT
QV(UNK)(UNK)(UNK)(UNK)(UNK)(UNK)(UNK)(UNK)(UNK)(UNK)(UNK)(UNK)(UNK)(UNK)(UNK)
(UNK)(UNK)(UNK)(UNK)SSAEADSILKTVADWLSEARKPFVVVSLESDSLTKASMAAVESEIIKYVSLPDSSEQKKL
AKVPREAILNAESSYVLLRSQRFHLGDRVMYIQDSGKVPLHSKGTVVGYTSIGKNVSIQVLFDNEIIAGNNFGGRLQTRR
GLGLDSSFLLNLSDRQLVYHSKASLEHHHHHH
;
_entity_poly.pdbx_strand_id   A,B,C,D
#
loop_
_chem_comp.id
_chem_comp.type
_chem_comp.name
_chem_comp.formula
MN non-polymer 'MANGANESE (II) ION' 'Mn 2'
#
# COMPACT_ATOMS: atom_id res chain seq x y z
N ILE A 3 3.42 -3.06 -26.35
CA ILE A 3 4.28 -3.88 -27.26
C ILE A 3 5.13 -2.93 -28.13
N PRO A 4 6.45 -3.18 -28.29
CA PRO A 4 7.44 -2.24 -28.84
C PRO A 4 7.20 -1.36 -30.11
N LYS A 5 6.86 -1.90 -31.28
CA LYS A 5 6.54 -0.94 -32.35
C LYS A 5 5.05 -0.93 -32.74
N PHE A 6 4.20 -1.42 -31.83
CA PHE A 6 2.82 -1.76 -32.15
C PHE A 6 1.94 -0.63 -32.62
N PHE A 7 2.09 0.55 -32.04
CA PHE A 7 1.28 1.68 -32.49
C PHE A 7 1.88 2.15 -33.79
N HIS A 8 3.18 2.31 -33.80
CA HIS A 8 3.85 2.74 -35.00
C HIS A 8 3.50 1.83 -36.20
N PHE A 9 3.34 0.53 -35.94
CA PHE A 9 3.29 -0.44 -37.02
C PHE A 9 1.92 -0.51 -37.57
N ILE A 10 0.95 -0.52 -36.65
CA ILE A 10 -0.50 -0.44 -36.88
C ILE A 10 -0.84 0.89 -37.59
N SER A 11 -0.11 1.96 -37.31
CA SER A 11 -0.50 3.26 -37.80
C SER A 11 -0.14 3.38 -39.28
N GLU A 12 0.97 2.75 -39.68
CA GLU A 12 1.52 2.93 -40.99
C GLU A 12 0.80 1.95 -41.86
N ARG A 13 0.48 0.80 -41.29
CA ARG A 13 -0.11 -0.23 -42.09
C ARG A 13 -1.57 0.11 -42.40
N TRP A 14 -2.26 0.72 -41.42
CA TRP A 14 -3.69 1.07 -41.55
C TRP A 14 -4.00 2.58 -41.31
N PRO A 15 -3.42 3.46 -42.15
CA PRO A 15 -3.05 4.87 -41.98
C PRO A 15 -4.15 5.88 -41.73
N GLN A 16 -5.37 5.44 -41.44
CA GLN A 16 -6.47 6.37 -41.18
C GLN A 16 -7.14 6.10 -39.87
N ILE A 17 -6.52 5.30 -39.03
CA ILE A 17 -7.15 5.00 -37.74
C ILE A 17 -7.26 6.17 -36.73
N SER A 18 -6.43 7.21 -36.81
CA SER A 18 -6.51 8.22 -35.74
C SER A 18 -6.71 9.67 -36.15
N GLN A 19 -7.54 10.39 -35.40
CA GLN A 19 -8.01 11.75 -35.76
C GLN A 19 -7.51 12.80 -34.78
N LEU A 20 -6.70 13.76 -35.24
CA LEU A 20 -6.19 14.85 -34.37
C LEU A 20 -7.37 15.60 -33.85
N ILE A 21 -7.37 15.85 -32.54
CA ILE A 21 -8.42 16.71 -31.94
C ILE A 21 -7.92 18.12 -32.16
N ASP A 22 -8.70 18.90 -32.90
CA ASP A 22 -8.36 20.29 -33.18
C ASP A 22 -9.52 21.33 -33.12
N GLY A 23 -10.55 21.07 -32.30
CA GLY A 23 -11.60 22.05 -32.01
C GLY A 23 -12.72 22.02 -33.04
N SER A 24 -12.45 21.41 -34.20
CA SER A 24 -13.50 20.96 -35.11
C SER A 24 -14.41 19.99 -34.34
N GLN A 25 -15.62 19.73 -34.81
CA GLN A 25 -16.50 18.84 -34.06
C GLN A 25 -15.96 17.44 -33.97
N ILE A 26 -15.94 16.89 -32.78
CA ILE A 26 -15.72 15.45 -32.64
C ILE A 26 -17.06 14.82 -32.24
N PRO A 27 -17.19 13.49 -32.40
CA PRO A 27 -18.39 12.71 -32.07
C PRO A 27 -18.86 12.92 -30.67
N GLU A 28 -20.09 12.57 -30.39
CA GLU A 28 -20.55 12.63 -29.01
C GLU A 28 -20.24 11.28 -28.37
N PHE A 29 -19.90 11.24 -27.09
CA PHE A 29 -19.75 9.94 -26.44
C PHE A 29 -20.69 9.70 -25.29
N ASP A 30 -20.98 8.43 -25.04
CA ASP A 30 -21.83 8.11 -23.91
C ASP A 30 -20.96 8.01 -22.63
N ASN A 31 -19.85 7.26 -22.74
CA ASN A 31 -18.98 6.97 -21.58
C ASN A 31 -17.52 7.30 -21.77
N LEU A 32 -16.95 7.99 -20.80
CA LEU A 32 -15.54 8.21 -20.77
C LEU A 32 -15.00 7.52 -19.54
N TYR A 33 -13.87 6.83 -19.72
CA TYR A 33 -13.16 6.06 -18.68
C TYR A 33 -11.75 6.62 -18.54
N LEU A 34 -11.35 6.98 -17.34
CA LEU A 34 -10.00 7.47 -17.18
C LEU A 34 -9.10 6.42 -16.47
N ASP A 35 -8.03 6.01 -17.15
CA ASP A 35 -6.88 5.30 -16.52
C ASP A 35 -5.90 6.41 -15.99
N MET A 36 -5.98 6.70 -14.70
CA MET A 36 -5.40 7.94 -14.20
C MET A 36 -3.97 7.82 -13.72
N ASN A 37 -3.53 6.63 -13.37
CA ASN A 37 -2.19 6.47 -12.81
C ASN A 37 -1.06 7.20 -13.59
N SER A 38 -1.14 7.28 -14.91
CA SER A 38 -0.12 8.02 -15.65
C SER A 38 -0.17 9.52 -15.37
N ILE A 39 -1.36 10.01 -15.06
CA ILE A 39 -1.56 11.41 -14.76
C ILE A 39 -0.88 11.77 -13.45
N LEU A 40 -1.17 11.01 -12.38
CA LEU A 40 -0.54 11.24 -11.07
C LEU A 40 0.95 11.29 -11.23
N HIS A 41 1.54 10.32 -11.90
CA HIS A 41 2.97 10.40 -12.11
C HIS A 41 3.39 11.67 -12.82
N ASN A 42 2.72 11.95 -13.92
CA ASN A 42 3.17 13.00 -14.79
C ASN A 42 2.98 14.36 -14.10
N CYS A 43 2.05 14.47 -13.17
CA CYS A 43 1.78 15.71 -12.45
C CYS A 43 2.66 15.97 -11.21
N THR A 44 3.48 14.97 -10.84
CA THR A 44 4.25 15.05 -9.59
C THR A 44 5.74 15.15 -9.90
N HIS A 45 6.08 15.08 -11.19
CA HIS A 45 7.37 15.57 -11.78
C HIS A 45 7.24 17.01 -12.44
N GLY A 46 8.21 17.34 -13.31
CA GLY A 46 8.19 18.53 -14.20
C GLY A 46 7.93 18.30 -15.71
N ARG A 54 11.15 20.26 -5.40
CA ARG A 54 9.74 19.85 -5.20
C ARG A 54 8.78 21.06 -5.13
N LEU A 55 7.67 20.91 -5.88
CA LEU A 55 6.50 21.80 -5.83
C LEU A 55 5.43 21.37 -4.81
N SER A 56 4.57 22.32 -4.47
CA SER A 56 3.64 22.17 -3.35
C SER A 56 2.40 21.35 -3.64
N GLU A 57 1.68 20.98 -2.60
CA GLU A 57 0.47 20.22 -2.75
C GLU A 57 -0.54 20.99 -3.60
N GLU A 58 -0.69 22.29 -3.36
CA GLU A 58 -1.65 23.13 -4.11
C GLU A 58 -1.33 23.06 -5.60
N GLU A 59 -0.05 23.20 -5.96
CA GLU A 59 0.39 23.20 -7.35
C GLU A 59 0.20 21.82 -7.96
N VAL A 60 0.55 20.79 -7.20
CA VAL A 60 0.41 19.42 -7.66
C VAL A 60 -1.03 19.08 -7.97
N TYR A 61 -1.92 19.19 -6.99
CA TYR A 61 -3.31 18.93 -7.28
C TYR A 61 -3.95 19.91 -8.25
N SER A 62 -3.42 21.13 -8.31
CA SER A 62 -3.80 22.09 -9.36
C SER A 62 -3.67 21.46 -10.73
N LYS A 63 -2.56 20.77 -10.95
CA LYS A 63 -2.29 20.14 -12.25
C LYS A 63 -3.24 19.00 -12.57
N ILE A 64 -3.35 18.07 -11.61
CA ILE A 64 -4.19 16.88 -11.73
C ILE A 64 -5.65 17.27 -11.98
N PHE A 65 -6.15 18.24 -11.24
CA PHE A 65 -7.53 18.65 -11.44
C PHE A 65 -7.60 19.18 -12.88
N SER A 66 -6.67 20.07 -13.20
CA SER A 66 -6.57 20.59 -14.56
C SER A 66 -6.53 19.54 -15.66
N TYR A 67 -5.86 18.41 -15.40
CA TYR A 67 -5.79 17.35 -16.39
C TYR A 67 -7.08 16.59 -16.48
N ILE A 68 -7.60 16.08 -15.36
CA ILE A 68 -8.83 15.33 -15.40
C ILE A 68 -9.86 16.21 -16.05
N ASP A 69 -9.91 17.46 -15.59
CA ASP A 69 -10.91 18.39 -16.10
C ASP A 69 -10.75 18.58 -17.62
N HIS A 70 -9.52 18.60 -18.09
CA HIS A 70 -9.26 18.93 -19.47
C HIS A 70 -9.81 17.83 -20.31
N LEU A 71 -9.56 16.58 -19.92
CA LEU A 71 -10.04 15.40 -20.69
C LEU A 71 -11.55 15.29 -20.59
N PHE A 72 -12.11 15.68 -19.46
CA PHE A 72 -13.55 15.60 -19.38
C PHE A 72 -14.20 16.54 -20.35
N HIS A 73 -13.67 17.76 -20.49
CA HIS A 73 -14.24 18.69 -21.44
C HIS A 73 -13.95 18.34 -22.89
N THR A 74 -12.79 17.76 -23.18
CA THR A 74 -12.58 17.29 -24.55
C THR A 74 -13.69 16.35 -25.03
N ILE A 75 -14.19 15.44 -24.20
CA ILE A 75 -15.14 14.46 -24.72
C ILE A 75 -16.58 14.85 -24.48
N LYS A 76 -16.85 15.35 -23.30
CA LYS A 76 -18.22 15.74 -22.94
C LYS A 76 -19.12 14.50 -22.90
N PRO A 77 -18.79 13.49 -22.09
CA PRO A 77 -19.59 12.26 -22.06
C PRO A 77 -21.01 12.54 -21.55
N LYS A 78 -21.98 11.78 -22.04
CA LYS A 78 -23.37 12.08 -21.71
C LYS A 78 -23.99 11.21 -20.64
N GLN A 79 -23.46 10.00 -20.42
CA GLN A 79 -24.10 9.06 -19.48
C GLN A 79 -23.26 8.79 -18.27
N THR A 80 -22.02 8.35 -18.52
CA THR A 80 -21.08 7.81 -17.51
C THR A 80 -19.66 8.35 -17.64
N PHE A 81 -19.13 8.86 -16.55
CA PHE A 81 -17.76 9.29 -16.52
C PHE A 81 -17.10 8.48 -15.43
N TYR A 82 -16.14 7.64 -15.83
CA TYR A 82 -15.51 6.61 -14.95
C TYR A 82 -14.00 6.83 -14.70
N MET A 83 -13.64 7.10 -13.43
CA MET A 83 -12.27 7.41 -13.06
C MET A 83 -11.76 6.20 -12.28
N ALA A 84 -10.55 5.75 -12.60
CA ALA A 84 -9.91 4.61 -11.98
C ALA A 84 -8.44 4.92 -11.65
N ILE A 85 -8.01 4.50 -10.45
CA ILE A 85 -6.60 4.48 -10.01
C ILE A 85 -6.28 3.02 -9.61
N ASP A 86 -5.02 2.63 -9.69
CA ASP A 86 -4.61 1.30 -9.31
C ASP A 86 -4.71 0.98 -7.84
N GLY A 87 -5.54 -0.02 -7.57
CA GLY A 87 -5.57 -0.72 -6.30
C GLY A 87 -4.46 -1.74 -6.29
N VAL A 88 -4.58 -2.70 -5.39
CA VAL A 88 -3.51 -3.69 -5.17
C VAL A 88 -3.61 -4.66 -6.32
N ALA A 89 -2.47 -4.90 -6.98
CA ALA A 89 -2.41 -5.78 -8.15
C ALA A 89 -2.38 -7.26 -7.76
N PRO A 90 -2.60 -8.17 -8.73
CA PRO A 90 -2.44 -9.60 -8.42
C PRO A 90 -0.97 -9.96 -8.45
N ARG A 91 -0.62 -11.18 -8.04
CA ARG A 91 0.81 -11.49 -7.85
C ARG A 91 1.53 -11.46 -9.20
N ALA A 92 0.80 -11.84 -10.24
CA ALA A 92 1.38 -11.87 -11.57
C ALA A 92 2.12 -10.59 -11.96
N LYS A 93 2.15 -9.61 -11.06
CA LYS A 93 2.64 -8.30 -11.45
C LYS A 93 3.61 -7.70 -10.42
N MET A 94 3.53 -8.23 -9.20
CA MET A 94 4.34 -7.83 -8.07
C MET A 94 5.83 -7.89 -8.34
N ASN A 95 6.31 -8.87 -9.10
CA ASN A 95 7.76 -8.86 -9.42
C ASN A 95 8.18 -7.63 -10.21
N GLN A 96 7.32 -7.20 -11.14
CA GLN A 96 7.62 -6.07 -12.00
C GLN A 96 7.28 -4.77 -11.28
N GLN A 97 6.17 -4.77 -10.55
CA GLN A 97 5.89 -3.67 -9.67
C GLN A 97 7.16 -3.40 -8.82
N ARG A 98 7.75 -4.48 -8.30
CA ARG A 98 8.85 -4.39 -7.36
C ARG A 98 10.17 -4.09 -8.05
N ALA A 99 10.28 -4.49 -9.29
CA ALA A 99 11.45 -4.12 -10.05
C ALA A 99 11.40 -2.62 -10.42
N ARG A 100 10.22 -2.15 -10.84
CA ARG A 100 10.05 -0.76 -11.24
C ARG A 100 10.39 0.10 -10.05
N ARG A 101 9.72 -0.20 -8.93
CA ARG A 101 9.84 0.56 -7.67
C ARG A 101 11.30 0.66 -7.19
N PHE A 102 12.03 -0.47 -7.24
CA PHE A 102 13.43 -0.50 -6.84
C PHE A 102 14.28 0.37 -7.72
N ARG A 103 14.02 0.36 -9.02
CA ARG A 103 14.80 1.20 -9.95
C ARG A 103 14.59 2.69 -9.73
N THR A 104 13.40 3.09 -9.28
CA THR A 104 13.13 4.48 -8.96
C THR A 104 13.95 4.98 -7.74
N ALA A 105 13.95 4.24 -6.64
CA ALA A 105 14.66 4.63 -5.45
C ALA A 105 16.15 4.72 -5.75
N MET A 106 16.61 3.81 -6.61
CA MET A 106 18.02 3.70 -6.96
C MET A 106 18.40 4.90 -7.76
N ASP A 107 17.68 5.11 -8.87
CA ASP A 107 17.98 6.17 -9.79
C ASP A 107 17.91 7.54 -9.15
N ALA A 108 17.06 7.66 -8.11
CA ALA A 108 16.91 8.89 -7.33
C ALA A 108 18.18 9.19 -6.56
N GLU A 109 18.68 8.15 -5.90
CA GLU A 109 19.88 8.25 -5.09
C GLU A 109 21.06 8.34 -6.05
N LYS A 110 21.07 7.47 -7.07
CA LYS A 110 22.22 7.37 -7.96
C LYS A 110 22.39 8.69 -8.67
N ALA A 111 21.45 9.02 -9.55
CA ALA A 111 21.46 10.32 -10.25
C ALA A 111 21.18 11.45 -9.24
N LEU A 112 20.29 12.37 -9.59
CA LEU A 112 19.99 13.55 -8.75
C LEU A 112 20.91 13.57 -7.51
N GLN A 113 20.49 12.89 -6.43
CA GLN A 113 21.15 12.97 -5.11
C GLN A 113 22.64 13.24 -5.16
N LYS A 114 23.37 12.53 -6.02
CA LYS A 114 24.82 12.73 -6.15
C LYS A 114 25.28 13.49 -7.42
N ALA A 115 25.19 12.82 -8.57
CA ALA A 115 25.56 13.40 -9.87
C ALA A 115 24.38 14.16 -10.44
N PHE A 128 10.80 14.49 -4.05
CA PHE A 128 9.55 13.65 -3.98
C PHE A 128 9.78 12.18 -4.32
N ASP A 129 9.16 11.31 -3.55
CA ASP A 129 9.36 9.93 -3.78
C ASP A 129 8.21 9.34 -4.59
N SER A 130 8.48 9.31 -5.89
CA SER A 130 7.62 8.71 -6.88
C SER A 130 6.98 7.40 -6.37
N ASN A 131 7.72 6.63 -5.56
CA ASN A 131 7.20 5.34 -5.10
C ASN A 131 6.04 5.54 -4.15
N ALA A 132 5.84 6.75 -3.64
CA ALA A 132 4.67 7.00 -2.80
C ALA A 132 3.36 6.59 -3.54
N ILE A 133 3.34 6.78 -4.87
CA ILE A 133 2.19 6.44 -5.69
C ILE A 133 2.08 4.93 -5.75
N THR A 134 1.59 4.35 -4.67
CA THR A 134 1.33 2.92 -4.62
C THR A 134 0.22 2.84 -3.62
N PRO A 135 -0.58 1.78 -3.66
CA PRO A 135 -1.71 1.83 -2.68
C PRO A 135 -1.32 1.60 -1.22
N GLY A 136 -2.06 2.23 -0.29
CA GLY A 136 -1.83 2.11 1.16
C GLY A 136 -0.95 3.19 1.76
N THR A 137 -0.12 3.75 0.90
CA THR A 137 0.70 4.89 1.13
C THR A 137 -0.06 6.11 1.74
N GLU A 138 0.66 6.89 2.57
CA GLU A 138 0.14 8.09 3.24
C GLU A 138 -0.30 9.15 2.25
N PHE A 139 0.48 9.32 1.18
CA PHE A 139 0.17 10.22 0.04
C PHE A 139 -1.20 9.96 -0.61
N MET A 140 -1.48 8.67 -0.80
CA MET A 140 -2.66 8.18 -1.50
C MET A 140 -3.93 8.27 -0.65
N ALA A 141 -3.78 8.35 0.66
CA ALA A 141 -4.95 8.51 1.48
C ALA A 141 -5.38 9.94 1.29
N LYS A 142 -4.42 10.85 1.17
CA LYS A 142 -4.74 12.26 1.00
C LYS A 142 -5.35 12.52 -0.38
N LEU A 143 -4.73 11.91 -1.39
CA LEU A 143 -5.17 12.01 -2.78
C LEU A 143 -6.67 11.71 -2.96
N THR A 144 -7.14 10.65 -2.31
CA THR A 144 -8.56 10.36 -2.33
C THR A 144 -9.38 11.46 -1.64
N GLU A 145 -8.79 12.14 -0.66
CA GLU A 145 -9.51 13.13 0.11
C GLU A 145 -9.60 14.31 -0.82
N ASN A 146 -8.50 14.59 -1.53
CA ASN A 146 -8.42 15.76 -2.43
C ASN A 146 -9.34 15.62 -3.63
N LEU A 147 -9.12 14.54 -4.40
CA LEU A 147 -9.94 14.22 -5.59
C LEU A 147 -11.41 14.31 -5.31
N LYS A 148 -11.86 13.68 -4.21
CA LYS A 148 -13.25 13.80 -3.76
C LYS A 148 -13.73 15.25 -3.67
N TYR A 149 -12.89 16.09 -3.10
CA TYR A 149 -13.24 17.48 -3.01
C TYR A 149 -13.47 18.09 -4.44
N PHE A 150 -12.57 17.77 -5.35
CA PHE A 150 -12.60 18.31 -6.70
C PHE A 150 -13.85 17.85 -7.41
N ILE A 151 -14.12 16.56 -7.33
CA ILE A 151 -15.36 16.04 -7.86
C ILE A 151 -16.54 16.85 -7.31
N HIS A 152 -16.57 17.11 -6.01
CA HIS A 152 -17.70 17.82 -5.42
C HIS A 152 -17.75 19.25 -5.92
N ASP A 153 -16.63 19.93 -5.91
CA ASP A 153 -16.59 21.26 -6.49
C ASP A 153 -17.19 21.30 -7.94
N LYS A 154 -16.66 20.41 -8.79
CA LYS A 154 -17.14 20.22 -10.16
C LYS A 154 -18.64 19.92 -10.26
N ILE A 155 -19.13 18.88 -9.61
CA ILE A 155 -20.55 18.61 -9.70
C ILE A 155 -21.39 19.79 -9.16
N THR A 156 -20.82 20.63 -8.31
CA THR A 156 -21.58 21.76 -7.81
C THR A 156 -21.68 22.92 -8.78
N ASN A 157 -20.64 23.10 -9.59
CA ASN A 157 -20.40 24.36 -10.30
C ASN A 157 -20.24 24.23 -11.79
N ASP A 158 -20.04 23.02 -12.27
CA ASP A 158 -19.87 22.87 -13.68
C ASP A 158 -21.08 22.17 -14.22
N THR A 159 -21.90 22.83 -15.02
CA THR A 159 -23.22 22.24 -15.40
C THR A 159 -23.07 20.97 -16.20
N ARG A 160 -22.00 20.93 -16.98
CA ARG A 160 -21.67 19.77 -17.81
C ARG A 160 -21.44 18.51 -16.99
N TRP A 161 -20.99 18.68 -15.75
CA TRP A 161 -20.66 17.58 -14.84
C TRP A 161 -21.90 17.14 -14.07
N GLN A 162 -23.02 17.77 -14.38
CA GLN A 162 -24.20 17.58 -13.59
C GLN A 162 -25.20 16.62 -14.19
N ASN A 163 -25.10 16.27 -15.46
CA ASN A 163 -25.96 15.17 -15.97
C ASN A 163 -25.29 13.85 -16.39
N VAL A 164 -24.22 13.48 -15.67
CA VAL A 164 -23.53 12.21 -15.82
C VAL A 164 -23.37 11.52 -14.51
N LYS A 165 -23.21 10.22 -14.58
CA LYS A 165 -22.85 9.45 -13.42
C LYS A 165 -21.32 9.61 -13.26
N VAL A 166 -20.85 10.24 -12.17
CA VAL A 166 -19.42 10.22 -11.91
C VAL A 166 -19.13 9.07 -10.99
N ILE A 167 -18.24 8.20 -11.43
CA ILE A 167 -17.92 6.98 -10.70
C ILE A 167 -16.45 6.92 -10.45
N PHE A 168 -16.06 6.95 -9.19
CA PHE A 168 -14.67 6.93 -8.86
C PHE A 168 -14.30 5.56 -8.32
N SER A 169 -13.39 4.86 -8.98
CA SER A 169 -12.83 3.63 -8.43
C SER A 169 -11.36 3.79 -8.06
N GLY A 170 -11.14 4.31 -6.84
CA GLY A 170 -9.84 4.70 -6.36
C GLY A 170 -8.98 3.58 -5.84
N HIS A 171 -7.83 3.94 -5.26
CA HIS A 171 -6.79 2.96 -5.00
C HIS A 171 -7.17 2.07 -3.81
N GLU A 172 -8.16 2.54 -3.05
CA GLU A 172 -8.76 1.78 -1.97
C GLU A 172 -9.27 0.41 -2.46
N VAL A 173 -9.68 0.33 -3.73
CA VAL A 173 -10.23 -0.88 -4.38
C VAL A 173 -9.20 -1.66 -5.22
N PRO A 174 -8.97 -2.95 -4.90
CA PRO A 174 -7.92 -3.78 -5.52
C PRO A 174 -8.07 -3.99 -7.05
N GLY A 175 -6.95 -4.08 -7.78
CA GLY A 175 -6.95 -4.19 -9.26
C GLY A 175 -6.38 -3.03 -10.09
N GLU A 176 -5.79 -3.31 -11.24
CA GLU A 176 -5.35 -2.24 -12.13
C GLU A 176 -6.51 -1.39 -12.67
N GLY A 177 -6.27 -0.08 -12.78
CA GLY A 177 -7.26 0.82 -13.40
C GLY A 177 -7.78 0.20 -14.71
N GLN A 178 -6.84 -0.01 -15.65
CA GLN A 178 -7.06 -0.76 -16.89
C GLN A 178 -8.05 -1.91 -16.65
N HIS A 179 -7.80 -2.71 -15.64
CA HIS A 179 -8.55 -3.94 -15.53
C HIS A 179 -9.88 -3.69 -14.92
N LYS A 180 -9.95 -2.61 -14.15
CA LYS A 180 -11.15 -2.31 -13.37
C LYS A 180 -12.13 -1.73 -14.30
N ILE A 181 -11.59 -1.00 -15.27
CA ILE A 181 -12.39 -0.33 -16.26
C ILE A 181 -13.00 -1.44 -17.07
N MET A 182 -12.16 -2.38 -17.51
CA MET A 182 -12.61 -3.50 -18.36
C MET A 182 -13.69 -4.30 -17.68
N ASP A 183 -13.61 -4.41 -16.36
CA ASP A 183 -14.65 -5.15 -15.65
C ASP A 183 -15.97 -4.37 -15.64
N TYR A 184 -15.90 -3.03 -15.60
CA TYR A 184 -17.12 -2.27 -15.68
C TYR A 184 -17.80 -2.47 -17.05
N ILE A 185 -17.06 -2.24 -18.13
CA ILE A 185 -17.57 -2.32 -19.50
C ILE A 185 -18.22 -3.68 -19.73
N ARG A 186 -17.55 -4.73 -19.28
CA ARG A 186 -18.01 -6.08 -19.39
C ARG A 186 -19.21 -6.33 -18.51
N ALA A 187 -19.34 -5.61 -17.41
CA ALA A 187 -20.52 -5.81 -16.59
C ALA A 187 -21.76 -5.14 -17.21
N ILE A 188 -21.58 -3.97 -17.81
CA ILE A 188 -22.73 -3.20 -18.35
C ILE A 188 -23.18 -3.72 -19.66
N ARG A 189 -22.22 -4.20 -20.47
CA ARG A 189 -22.58 -4.80 -21.77
C ARG A 189 -23.25 -6.14 -21.61
N ALA A 190 -23.05 -6.72 -20.45
CA ALA A 190 -23.60 -8.03 -20.14
C ALA A 190 -25.09 -7.98 -19.87
N GLN A 191 -25.59 -6.82 -19.43
CA GLN A 191 -27.04 -6.66 -19.15
C GLN A 191 -27.95 -6.98 -20.34
N GLU A 192 -29.26 -6.89 -20.08
CA GLU A 192 -30.29 -7.16 -21.06
C GLU A 192 -31.08 -5.90 -21.34
N ASP A 193 -30.38 -4.78 -21.50
CA ASP A 193 -30.99 -3.47 -21.73
C ASP A 193 -29.89 -2.50 -22.09
N TYR A 194 -28.68 -3.06 -22.24
CA TYR A 194 -27.46 -2.37 -22.65
C TYR A 194 -27.78 -1.75 -23.98
N ASN A 195 -27.43 -0.47 -24.12
CA ASN A 195 -27.59 0.22 -25.38
C ASN A 195 -26.60 -0.36 -26.36
N PRO A 196 -27.11 -1.00 -27.42
CA PRO A 196 -26.28 -1.76 -28.35
C PRO A 196 -25.23 -0.96 -29.09
N ASN A 197 -25.40 0.37 -29.10
CA ASN A 197 -24.56 1.28 -29.86
C ASN A 197 -23.99 2.36 -28.94
N THR A 198 -23.59 1.92 -27.78
CA THR A 198 -23.02 2.77 -26.80
C THR A 198 -21.70 3.29 -27.31
N ARG A 199 -21.52 4.60 -27.26
CA ARG A 199 -20.28 5.17 -27.76
C ARG A 199 -19.29 5.26 -26.61
N HIS A 200 -18.16 4.54 -26.70
CA HIS A 200 -17.23 4.38 -25.56
C HIS A 200 -15.96 5.15 -25.80
N CYS A 201 -15.42 5.87 -24.81
CA CYS A 201 -14.05 6.36 -24.91
C CYS A 201 -13.19 6.08 -23.66
N ILE A 202 -12.00 5.47 -23.86
CA ILE A 202 -11.02 5.23 -22.79
C ILE A 202 -9.75 6.07 -23.00
N TYR A 203 -9.44 6.96 -22.06
CA TYR A 203 -8.21 7.69 -22.07
C TYR A 203 -7.08 6.86 -21.47
N GLY A 204 -5.90 6.88 -22.08
CA GLY A 204 -4.71 6.27 -21.51
C GLY A 204 -3.52 6.26 -22.47
N LEU A 205 -2.30 6.11 -21.95
CA LEU A 205 -1.14 6.16 -22.80
C LEU A 205 -0.73 4.83 -23.36
N ASP A 206 -1.16 3.74 -22.71
CA ASP A 206 -0.72 2.39 -22.98
C ASP A 206 -1.29 1.97 -24.29
N ALA A 207 -0.42 1.66 -25.25
CA ALA A 207 -0.92 1.07 -26.48
C ALA A 207 -1.86 -0.14 -26.25
N ASP A 208 -1.74 -0.85 -25.13
CA ASP A 208 -2.52 -2.08 -24.88
C ASP A 208 -4.02 -1.82 -24.93
N LEU A 209 -4.42 -0.59 -24.62
CA LEU A 209 -5.82 -0.26 -24.52
C LEU A 209 -6.47 -0.43 -25.88
N ILE A 210 -5.71 -0.22 -26.93
CA ILE A 210 -6.23 -0.46 -28.25
C ILE A 210 -6.73 -1.92 -28.38
N ILE A 211 -5.98 -2.85 -27.81
CA ILE A 211 -6.27 -4.27 -27.86
C ILE A 211 -7.43 -4.60 -26.93
N LEU A 212 -7.38 -4.16 -25.67
CA LEU A 212 -8.55 -4.27 -24.79
C LEU A 212 -9.79 -3.70 -25.48
N GLY A 213 -9.68 -2.48 -26.03
CA GLY A 213 -10.77 -1.90 -26.79
C GLY A 213 -11.29 -2.90 -27.82
N LEU A 214 -10.42 -3.33 -28.74
CA LEU A 214 -10.78 -4.35 -29.70
C LEU A 214 -11.36 -5.56 -29.01
N SER A 215 -10.80 -5.99 -27.90
CA SER A 215 -11.44 -7.10 -27.19
C SER A 215 -12.92 -6.93 -26.84
N THR A 216 -13.44 -5.73 -26.66
CA THR A 216 -14.84 -5.65 -26.23
C THR A 216 -15.92 -5.96 -27.29
N HIS A 217 -15.54 -5.90 -28.57
CA HIS A 217 -16.49 -5.94 -29.68
C HIS A 217 -17.61 -4.98 -29.43
N ASP A 218 -17.25 -3.72 -29.29
CA ASP A 218 -18.23 -2.67 -29.34
C ASP A 218 -17.71 -1.80 -30.45
N HIS A 219 -18.46 -1.73 -31.53
CA HIS A 219 -18.01 -0.99 -32.65
C HIS A 219 -17.73 0.46 -32.36
N HIS A 220 -18.58 1.11 -31.56
CA HIS A 220 -18.44 2.56 -31.36
C HIS A 220 -17.51 2.90 -30.23
N PHE A 221 -16.20 2.78 -30.46
CA PHE A 221 -15.27 2.83 -29.37
C PHE A 221 -13.99 3.57 -29.70
N CYS A 222 -13.67 4.67 -29.01
CA CYS A 222 -12.38 5.33 -29.21
C CYS A 222 -11.47 5.32 -28.02
N LEU A 223 -10.19 5.60 -28.28
CA LEU A 223 -9.16 5.83 -27.29
C LEU A 223 -8.64 7.28 -27.30
N LEU A 224 -8.73 7.98 -26.18
CA LEU A 224 -8.13 9.29 -26.13
C LEU A 224 -6.62 9.11 -25.88
N ARG A 225 -5.77 9.59 -26.79
CA ARG A 225 -4.32 9.44 -26.62
C ARG A 225 -3.65 10.77 -26.81
N GLU A 226 -2.35 10.83 -26.50
CA GLU A 226 -1.54 12.06 -26.64
C GLU A 226 -0.41 11.78 -27.61
N GLU A 227 0.22 12.83 -28.15
CA GLU A 227 1.21 12.66 -29.22
C GLU A 227 2.34 11.72 -28.87
N VAL A 228 2.97 11.17 -29.91
CA VAL A 228 4.21 10.34 -29.84
C VAL A 228 4.98 10.58 -31.17
N THR A 229 5.85 11.60 -31.21
CA THR A 229 6.44 12.11 -32.49
C THR A 229 7.22 11.02 -33.29
N THR A 239 2.05 23.83 -22.81
CA THR A 239 0.83 23.82 -21.95
C THR A 239 -0.26 22.85 -22.41
N LEU A 240 -1.27 22.68 -21.56
CA LEU A 240 -2.30 21.66 -21.72
C LEU A 240 -3.25 21.97 -22.88
N GLU A 241 -3.54 23.25 -23.03
CA GLU A 241 -4.44 23.72 -24.05
C GLU A 241 -3.78 23.65 -25.43
N THR A 242 -2.46 23.53 -25.47
CA THR A 242 -1.69 23.56 -26.71
C THR A 242 -1.07 22.19 -26.98
N GLN A 243 -1.40 21.20 -26.16
CA GLN A 243 -0.98 19.82 -26.39
C GLN A 243 -1.90 19.17 -27.41
N ASN A 244 -1.40 18.18 -28.14
CA ASN A 244 -2.19 17.48 -29.12
C ASN A 244 -2.71 16.19 -28.60
N PHE A 245 -3.99 15.95 -28.80
CA PHE A 245 -4.67 14.71 -28.43
C PHE A 245 -5.39 14.12 -29.64
N PHE A 246 -5.49 12.80 -29.67
CA PHE A 246 -6.07 12.06 -30.75
C PHE A 246 -7.19 11.12 -30.33
N LEU A 247 -8.17 10.99 -31.22
CA LEU A 247 -9.13 9.92 -31.08
C LEU A 247 -8.66 8.82 -31.97
N LEU A 248 -8.31 7.68 -31.39
CA LEU A 248 -7.99 6.52 -32.20
C LEU A 248 -9.31 5.79 -32.36
N HIS A 249 -9.69 5.54 -33.62
CA HIS A 249 -11.03 5.06 -33.88
C HIS A 249 -11.06 3.57 -34.15
N LEU A 250 -11.64 2.83 -33.22
CA LEU A 250 -11.71 1.39 -33.37
C LEU A 250 -12.72 0.99 -34.43
N SER A 251 -13.50 1.94 -34.93
CA SER A 251 -14.51 1.52 -35.87
C SER A 251 -13.80 1.32 -37.20
N ILE A 252 -12.95 2.24 -37.55
CA ILE A 252 -12.22 2.11 -38.79
C ILE A 252 -11.08 1.08 -38.66
N LEU A 253 -10.52 0.93 -37.46
CA LEU A 253 -9.45 -0.07 -37.28
C LEU A 253 -10.09 -1.44 -37.51
N ARG A 254 -11.33 -1.61 -37.12
CA ARG A 254 -11.86 -2.94 -37.26
C ARG A 254 -12.08 -3.20 -38.74
N GLU A 255 -12.47 -2.12 -39.41
CA GLU A 255 -12.80 -2.17 -40.81
C GLU A 255 -11.54 -2.52 -41.58
N TYR A 256 -10.44 -1.85 -41.29
CA TYR A 256 -9.15 -2.25 -41.83
C TYR A 256 -8.79 -3.72 -41.49
N LEU A 257 -8.98 -4.14 -40.23
CA LEU A 257 -8.67 -5.52 -39.84
C LEU A 257 -9.45 -6.53 -40.68
N ALA A 258 -10.68 -6.19 -41.03
CA ALA A 258 -11.57 -7.08 -41.77
C ALA A 258 -11.01 -7.28 -43.16
N LEU A 259 -10.37 -6.21 -43.63
CA LEU A 259 -9.79 -6.16 -44.95
C LEU A 259 -8.52 -6.94 -44.95
N GLU A 260 -7.82 -6.91 -43.81
CA GLU A 260 -6.58 -7.66 -43.59
C GLU A 260 -6.77 -9.17 -43.70
N PHE A 261 -7.94 -9.65 -43.34
CA PHE A 261 -8.10 -11.10 -43.13
C PHE A 261 -9.11 -11.69 -44.05
N GLU A 262 -9.91 -10.85 -44.69
CA GLU A 262 -10.94 -11.34 -45.62
C GLU A 262 -10.33 -12.23 -46.69
N GLU A 263 -9.20 -11.77 -47.24
CA GLU A 263 -8.37 -12.53 -48.18
C GLU A 263 -8.49 -14.07 -48.07
N ILE A 264 -8.83 -14.57 -46.88
CA ILE A 264 -9.05 -15.98 -46.67
C ILE A 264 -10.49 -16.26 -47.03
N THR A 265 -11.38 -16.10 -46.01
CA THR A 265 -12.80 -16.48 -46.05
C THR A 265 -13.05 -17.79 -46.80
N ASP A 266 -12.59 -17.83 -48.05
CA ASP A 266 -12.67 -18.97 -48.95
C ASP A 266 -11.69 -20.14 -48.66
N SER A 267 -10.54 -19.87 -48.05
CA SER A 267 -9.66 -20.98 -47.66
C SER A 267 -9.81 -21.64 -46.26
N VAL A 268 -10.33 -20.99 -45.24
CA VAL A 268 -10.34 -21.68 -43.93
C VAL A 268 -11.29 -22.86 -43.82
N GLN A 269 -10.89 -23.92 -43.12
CA GLN A 269 -11.71 -25.14 -42.91
C GLN A 269 -12.80 -25.10 -41.82
N PHE A 270 -13.41 -23.95 -41.58
CA PHE A 270 -14.50 -23.78 -40.58
C PHE A 270 -15.29 -22.55 -41.03
N GLU A 271 -16.36 -22.22 -40.31
CA GLU A 271 -17.12 -20.98 -40.60
C GLU A 271 -16.37 -19.63 -40.26
N TYR A 272 -15.84 -18.96 -41.30
CA TYR A 272 -15.18 -17.67 -41.18
C TYR A 272 -16.06 -16.71 -40.43
N ASP A 273 -15.48 -15.96 -39.51
CA ASP A 273 -16.23 -14.95 -38.74
C ASP A 273 -15.21 -13.87 -38.30
N PHE A 274 -15.44 -12.62 -38.70
CA PHE A 274 -14.44 -11.64 -38.48
C PHE A 274 -14.20 -11.50 -37.00
N GLU A 275 -15.29 -11.44 -36.22
CA GLU A 275 -15.18 -11.24 -34.79
C GLU A 275 -14.35 -12.35 -34.13
N ARG A 276 -14.43 -13.56 -34.70
CA ARG A 276 -13.66 -14.63 -34.12
C ARG A 276 -12.23 -14.52 -34.59
N VAL A 277 -12.05 -14.20 -35.86
CA VAL A 277 -10.70 -13.92 -36.34
C VAL A 277 -10.07 -12.87 -35.45
N LEU A 278 -10.79 -11.79 -35.16
CA LEU A 278 -10.24 -10.67 -34.35
C LEU A 278 -9.76 -11.12 -32.97
N ASP A 279 -10.59 -11.94 -32.31
CA ASP A 279 -10.28 -12.61 -31.07
C ASP A 279 -8.98 -13.43 -31.16
N ASP A 280 -8.80 -14.19 -32.24
CA ASP A 280 -7.53 -14.91 -32.37
C ASP A 280 -6.37 -13.98 -32.65
N PHE A 281 -6.64 -12.84 -33.29
CA PHE A 281 -5.57 -11.92 -33.62
C PHE A 281 -5.13 -11.25 -32.30
N ILE A 282 -6.04 -11.24 -31.35
CA ILE A 282 -5.77 -10.64 -30.07
C ILE A 282 -4.90 -11.58 -29.21
N PHE A 283 -5.27 -12.85 -29.20
CA PHE A 283 -4.45 -13.80 -28.57
C PHE A 283 -3.02 -13.68 -29.15
N VAL A 284 -2.89 -13.51 -30.47
CA VAL A 284 -1.57 -13.49 -31.09
C VAL A 284 -0.83 -12.28 -30.55
N LEU A 285 -1.55 -11.15 -30.45
CA LEU A 285 -0.93 -9.91 -29.97
C LEU A 285 -0.45 -10.03 -28.49
N PHE A 286 -1.31 -10.60 -27.64
CA PHE A 286 -0.86 -10.93 -26.27
C PHE A 286 0.27 -11.88 -26.16
N THR A 287 0.24 -12.96 -26.93
CA THR A 287 1.39 -13.84 -27.06
C THR A 287 2.63 -13.08 -27.45
N ILE A 288 2.51 -12.00 -28.19
CA ILE A 288 3.74 -11.34 -28.65
C ILE A 288 4.34 -10.45 -27.56
N GLY A 289 3.46 -9.87 -26.76
CA GLY A 289 3.82 -8.97 -25.68
C GLY A 289 2.66 -8.84 -24.75
N ASN A 290 2.91 -8.81 -23.45
CA ASN A 290 1.91 -8.35 -22.50
C ASN A 290 2.65 -7.97 -21.24
N ASP A 291 1.99 -7.44 -20.25
CA ASP A 291 2.70 -6.83 -19.11
C ASP A 291 3.27 -7.85 -18.07
N PHE A 292 2.73 -9.06 -18.09
CA PHE A 292 2.99 -10.04 -17.04
C PHE A 292 4.10 -11.01 -17.39
N LEU A 293 3.90 -11.91 -18.36
CA LEU A 293 5.03 -12.74 -18.84
C LEU A 293 6.15 -11.90 -19.50
N PRO A 294 7.42 -12.38 -19.45
CA PRO A 294 8.51 -11.74 -20.19
C PRO A 294 8.46 -12.10 -21.67
N ASN A 295 8.94 -11.17 -22.50
CA ASN A 295 8.80 -11.34 -23.92
C ASN A 295 9.57 -12.57 -24.41
N LEU A 296 9.06 -13.25 -25.45
CA LEU A 296 9.80 -14.36 -26.03
C LEU A 296 11.00 -13.72 -26.67
N PRO A 297 12.15 -14.39 -26.60
CA PRO A 297 13.43 -13.81 -27.05
C PRO A 297 13.52 -13.65 -28.56
N ASP A 298 14.31 -12.69 -29.02
CA ASP A 298 14.54 -12.52 -30.46
C ASP A 298 13.31 -12.35 -31.42
N LEU A 299 12.23 -11.71 -30.96
CA LEU A 299 11.12 -11.40 -31.88
C LEU A 299 11.50 -10.35 -32.96
N HIS A 300 12.40 -9.43 -32.63
CA HIS A 300 13.00 -8.51 -33.61
C HIS A 300 12.03 -7.41 -34.10
N LEU A 301 11.07 -7.09 -33.26
CA LEU A 301 10.12 -6.06 -33.60
C LEU A 301 10.74 -4.75 -34.12
N LYS A 302 11.72 -4.20 -33.43
CA LYS A 302 12.18 -2.89 -33.89
C LYS A 302 12.98 -3.05 -35.17
N LYS A 303 12.81 -4.18 -35.84
CA LYS A 303 13.51 -4.45 -37.10
C LYS A 303 12.58 -5.00 -38.18
N GLY A 304 11.29 -5.04 -37.91
CA GLY A 304 10.29 -5.36 -38.93
C GLY A 304 9.81 -6.80 -39.06
N ALA A 305 9.98 -7.55 -37.98
CA ALA A 305 9.36 -8.87 -37.89
C ALA A 305 7.83 -8.81 -37.87
N PHE A 306 7.27 -7.62 -37.61
CA PHE A 306 5.85 -7.57 -37.40
C PHE A 306 5.02 -8.09 -38.59
N PRO A 307 5.32 -7.60 -39.82
CA PRO A 307 4.62 -8.12 -40.96
C PRO A 307 4.70 -9.60 -40.99
N VAL A 308 5.91 -10.12 -40.78
CA VAL A 308 6.12 -11.56 -40.74
C VAL A 308 5.30 -12.28 -39.65
N LEU A 309 5.29 -11.74 -38.44
CA LEU A 309 4.60 -12.46 -37.40
C LEU A 309 3.11 -12.62 -37.74
N LEU A 310 2.54 -11.53 -38.23
CA LEU A 310 1.16 -11.50 -38.69
C LEU A 310 0.98 -12.56 -39.75
N GLN A 311 1.94 -12.62 -40.66
CA GLN A 311 1.82 -13.46 -41.85
C GLN A 311 1.72 -14.90 -41.40
N THR A 312 2.50 -15.17 -40.37
CA THR A 312 2.48 -16.38 -39.60
C THR A 312 1.09 -16.76 -39.13
N PHE A 313 0.45 -15.83 -38.47
CA PHE A 313 -0.90 -16.06 -38.06
C PHE A 313 -1.78 -16.27 -39.30
N LYS A 314 -1.64 -15.42 -40.30
CA LYS A 314 -2.52 -15.56 -41.45
C LYS A 314 -2.44 -16.98 -42.00
N GLU A 315 -1.24 -17.45 -42.33
CA GLU A 315 -1.10 -18.81 -42.81
C GLU A 315 -1.66 -19.84 -41.81
N ALA A 316 -1.40 -19.65 -40.51
CA ALA A 316 -1.77 -20.67 -39.53
C ALA A 316 -3.27 -20.87 -39.55
N LEU A 317 -3.97 -19.77 -39.72
CA LEU A 317 -5.41 -19.80 -39.59
C LEU A 317 -6.02 -20.75 -40.65
N GLN A 318 -5.23 -21.09 -41.67
CA GLN A 318 -5.78 -21.89 -42.77
C GLN A 318 -5.47 -23.41 -42.64
N HIS A 319 -4.76 -23.78 -41.57
CA HIS A 319 -4.31 -25.17 -41.44
C HIS A 319 -4.77 -25.74 -40.10
N MET A 320 -6.00 -25.36 -39.74
CA MET A 320 -6.59 -25.53 -38.42
C MET A 320 -8.07 -25.83 -38.54
N ASP A 321 -8.61 -26.52 -37.54
CA ASP A 321 -10.02 -26.95 -37.53
C ASP A 321 -11.03 -25.99 -36.88
N GLY A 322 -10.54 -24.90 -36.32
CA GLY A 322 -11.38 -23.85 -35.77
C GLY A 322 -10.49 -22.87 -35.06
N TYR A 323 -11.08 -21.94 -34.32
CA TYR A 323 -10.29 -20.84 -33.75
C TYR A 323 -9.50 -21.21 -32.52
N ILE A 324 -8.36 -20.55 -32.36
CA ILE A 324 -7.45 -20.68 -31.21
C ILE A 324 -8.08 -20.19 -29.89
N ASN A 325 -9.05 -19.26 -29.98
CA ASN A 325 -9.58 -18.51 -28.84
C ASN A 325 -11.09 -18.61 -28.65
N GLU A 326 -11.48 -19.45 -27.69
CA GLU A 326 -12.85 -19.57 -27.21
C GLU A 326 -13.09 -18.59 -26.05
N GLN A 327 -13.46 -17.36 -26.41
CA GLN A 327 -13.84 -16.31 -25.48
C GLN A 327 -12.83 -16.27 -24.37
N GLY A 328 -11.56 -16.17 -24.73
CA GLY A 328 -10.48 -16.20 -23.75
C GLY A 328 -9.91 -17.56 -23.38
N LYS A 329 -10.65 -18.65 -23.68
CA LYS A 329 -10.08 -20.00 -23.45
C LYS A 329 -9.21 -20.36 -24.62
N ILE A 330 -7.95 -20.71 -24.35
CA ILE A 330 -7.00 -21.15 -25.39
C ILE A 330 -7.11 -22.65 -25.81
N ASN A 331 -7.02 -22.93 -27.11
CA ASN A 331 -6.92 -24.30 -27.63
C ASN A 331 -5.46 -24.62 -27.99
N LEU A 332 -4.81 -25.30 -27.05
CA LEU A 332 -3.39 -25.61 -27.14
C LEU A 332 -3.08 -26.38 -28.41
N ALA A 333 -3.88 -27.40 -28.74
CA ALA A 333 -3.68 -28.16 -29.97
C ALA A 333 -3.60 -27.18 -31.17
N ARG A 334 -4.57 -26.28 -31.24
CA ARG A 334 -4.59 -25.28 -32.27
C ARG A 334 -3.40 -24.35 -32.20
N PHE A 335 -3.07 -23.92 -30.98
CA PHE A 335 -2.03 -22.95 -30.77
C PHE A 335 -0.64 -23.47 -31.17
N SER A 336 -0.45 -24.78 -31.15
CA SER A 336 0.83 -25.33 -31.52
C SER A 336 1.05 -25.36 -33.03
N ILE A 337 -0.05 -25.31 -33.80
CA ILE A 337 0.04 -25.19 -35.26
C ILE A 337 0.58 -23.80 -35.60
N TRP A 338 0.13 -22.82 -34.83
CA TRP A 338 0.68 -21.48 -34.96
C TRP A 338 2.13 -21.43 -34.46
N LEU A 339 2.41 -22.14 -33.36
CA LEU A 339 3.73 -22.19 -32.80
C LEU A 339 4.80 -22.62 -33.80
N LYS A 340 4.45 -23.63 -34.62
CA LYS A 340 5.38 -24.28 -35.54
C LYS A 340 5.98 -23.26 -36.46
N TYR A 341 5.13 -22.31 -36.91
CA TYR A 341 5.54 -21.18 -37.74
C TYR A 341 6.47 -20.30 -36.95
N LEU A 342 6.12 -20.05 -35.70
CA LEU A 342 6.95 -19.18 -34.88
C LEU A 342 8.30 -19.82 -34.63
N SER A 343 8.30 -21.15 -34.56
CA SER A 343 9.52 -21.90 -34.32
C SER A 343 10.48 -21.88 -35.54
N ASP A 344 9.91 -22.11 -36.72
CA ASP A 344 10.66 -21.93 -37.97
C ASP A 344 11.21 -20.50 -38.03
N PHE A 345 10.43 -19.57 -37.54
CA PHE A 345 10.84 -18.18 -37.57
C PHE A 345 12.10 -18.02 -36.74
N GLU A 346 12.05 -18.52 -35.50
CA GLU A 346 13.17 -18.44 -34.59
C GLU A 346 14.36 -19.05 -35.26
N TYR A 347 14.18 -20.28 -35.72
CA TYR A 347 15.23 -21.10 -36.32
C TYR A 347 15.89 -20.46 -37.55
N LEU A 348 15.10 -20.01 -38.52
CA LEU A 348 15.67 -19.38 -39.72
C LEU A 348 16.47 -18.13 -39.43
N ASN A 349 16.05 -17.38 -38.42
CA ASN A 349 16.68 -16.12 -38.07
C ASN A 349 17.98 -16.28 -37.26
N PHE A 350 18.17 -17.47 -36.67
CA PHE A 350 19.42 -17.80 -35.95
C PHE A 350 20.52 -18.04 -36.96
N GLU A 351 20.13 -18.79 -38.00
CA GLU A 351 20.95 -19.03 -39.21
C GLU A 351 20.93 -17.82 -40.18
N LYS A 352 20.87 -16.62 -39.61
CA LYS A 352 21.12 -15.38 -40.34
C LYS A 352 22.09 -14.53 -39.53
N LYS A 353 22.82 -13.68 -40.24
CA LYS A 353 23.76 -12.72 -39.64
C LYS A 353 22.99 -11.64 -38.85
N ASP A 354 23.17 -10.38 -39.23
CA ASP A 354 22.27 -9.29 -38.84
C ASP A 354 20.84 -9.55 -39.35
N ILE A 355 19.87 -8.99 -38.65
CA ILE A 355 18.50 -8.98 -39.15
C ILE A 355 18.09 -7.52 -39.35
N ASP A 356 17.52 -7.23 -40.52
CA ASP A 356 17.06 -5.89 -40.91
C ASP A 356 15.73 -6.02 -41.63
N VAL A 357 15.21 -4.90 -42.14
CA VAL A 357 13.97 -4.91 -42.93
C VAL A 357 14.11 -5.70 -44.22
N GLU A 358 15.26 -5.53 -44.88
CA GLU A 358 15.53 -6.21 -46.14
C GLU A 358 15.21 -7.70 -45.94
N TRP A 359 15.77 -8.29 -44.89
CA TRP A 359 15.62 -9.71 -44.62
C TRP A 359 14.21 -10.10 -44.25
N PHE A 360 13.51 -9.27 -43.47
CA PHE A 360 12.11 -9.64 -43.19
C PHE A 360 11.13 -9.48 -44.36
N ASN A 361 11.38 -8.49 -45.20
CA ASN A 361 10.65 -8.39 -46.43
C ASN A 361 10.76 -9.63 -47.34
N GLN A 362 11.96 -10.22 -47.46
CA GLN A 362 12.12 -11.44 -48.26
C GLN A 362 11.66 -12.70 -47.52
N GLN A 363 11.52 -12.61 -46.21
CA GLN A 363 11.03 -13.73 -45.44
C GLN A 363 9.51 -13.79 -45.58
N LEU A 364 8.89 -12.65 -45.38
CA LEU A 364 7.46 -12.44 -45.70
C LEU A 364 6.99 -13.07 -47.04
N GLU A 365 7.77 -12.83 -48.10
CA GLU A 365 7.50 -13.37 -49.44
C GLU A 365 7.58 -14.89 -49.48
N ASN A 366 8.70 -15.44 -49.00
CA ASN A 366 8.89 -16.89 -48.88
C ASN A 366 7.72 -17.58 -48.15
N ILE A 367 7.29 -17.00 -47.03
CA ILE A 367 6.21 -17.60 -46.25
C ILE A 367 4.89 -17.62 -47.01
N SER A 368 4.61 -16.53 -47.70
CA SER A 368 3.40 -16.46 -48.49
C SER A 368 3.46 -17.50 -49.60
N LEU A 369 4.59 -17.56 -50.28
CA LEU A 369 4.79 -18.47 -51.36
C LEU A 369 4.65 -19.89 -50.90
N GLU A 370 5.13 -20.17 -49.70
CA GLU A 370 4.99 -21.54 -49.17
C GLU A 370 3.52 -21.87 -48.92
N GLY A 371 2.78 -20.92 -48.39
CA GLY A 371 1.38 -21.17 -48.05
C GLY A 371 0.59 -21.48 -49.31
N GLU A 372 0.98 -20.80 -50.40
CA GLU A 372 0.34 -20.95 -51.73
C GLU A 372 0.67 -22.31 -52.31
N ARG A 373 1.94 -22.67 -52.27
CA ARG A 373 2.39 -24.01 -52.69
C ARG A 373 1.69 -25.07 -51.88
N LYS A 374 1.70 -24.91 -50.55
CA LYS A 374 1.13 -25.92 -49.65
C LYS A 374 -0.35 -26.16 -49.91
N ARG A 375 -1.08 -25.08 -50.14
CA ARG A 375 -2.50 -25.18 -50.39
C ARG A 375 -2.85 -25.74 -51.77
N THR A 376 -1.89 -25.65 -52.69
CA THR A 376 -2.04 -26.23 -54.01
C THR A 376 -1.86 -27.75 -53.88
N ARG A 377 -0.78 -28.18 -53.21
CA ARG A 377 -0.60 -29.60 -52.99
C ARG A 377 -1.82 -30.14 -52.27
N MET A 378 -2.27 -29.44 -51.23
CA MET A 378 -3.36 -29.93 -50.44
C MET A 378 -4.53 -30.28 -51.34
N GLY A 379 -4.68 -29.47 -52.38
CA GLY A 379 -5.75 -29.56 -53.34
C GLY A 379 -5.52 -30.67 -54.33
N LYS A 380 -4.28 -30.81 -54.85
CA LYS A 380 -3.92 -32.01 -55.65
C LYS A 380 -4.22 -33.31 -54.90
N LYS A 381 -3.77 -33.41 -53.64
CA LYS A 381 -4.12 -34.56 -52.78
C LYS A 381 -5.63 -34.78 -52.77
N LEU A 382 -6.42 -33.77 -52.40
CA LEU A 382 -7.89 -33.92 -52.45
C LEU A 382 -8.34 -34.46 -53.79
N LEU A 383 -7.89 -33.87 -54.88
CA LEU A 383 -8.24 -34.39 -56.22
C LEU A 383 -7.94 -35.89 -56.43
N MET A 384 -6.73 -36.30 -56.03
CA MET A 384 -6.26 -37.67 -56.21
C MET A 384 -7.15 -38.65 -55.41
N LYS A 385 -7.55 -38.21 -54.21
CA LYS A 385 -8.40 -39.01 -53.35
C LYS A 385 -9.72 -39.33 -54.04
N GLN A 386 -10.26 -38.31 -54.71
CA GLN A 386 -11.58 -38.37 -55.30
C GLN A 386 -11.49 -39.21 -56.53
N GLN A 387 -10.38 -39.03 -57.24
CA GLN A 387 -9.96 -39.84 -58.39
C GLN A 387 -9.96 -41.32 -58.02
N LYS A 388 -9.41 -41.65 -56.85
CA LYS A 388 -9.30 -43.09 -56.47
C LYS A 388 -10.67 -43.70 -56.09
N LYS A 389 -11.41 -43.01 -55.23
CA LYS A 389 -12.75 -43.48 -54.85
C LYS A 389 -13.52 -43.79 -56.12
N LEU A 390 -13.42 -42.86 -57.08
CA LEU A 390 -14.09 -42.98 -58.38
C LEU A 390 -13.70 -44.23 -59.22
N ILE A 391 -12.42 -44.49 -59.50
CA ILE A 391 -12.09 -45.73 -60.22
C ILE A 391 -12.51 -46.89 -59.35
N GLY A 392 -12.28 -46.73 -58.05
CA GLY A 392 -12.60 -47.74 -57.04
C GLY A 392 -14.05 -48.17 -57.05
N ALA A 393 -14.93 -47.26 -57.43
CA ALA A 393 -16.37 -47.55 -57.51
C ALA A 393 -16.79 -47.99 -58.90
N VAL A 394 -15.99 -47.67 -59.91
CA VAL A 394 -16.31 -47.94 -61.30
C VAL A 394 -15.88 -49.37 -61.70
N LYS A 395 -14.60 -49.71 -61.44
CA LYS A 395 -14.03 -51.09 -61.58
C LYS A 395 -15.10 -52.20 -61.51
N PRO A 396 -15.70 -52.46 -60.32
CA PRO A 396 -16.59 -53.61 -60.24
C PRO A 396 -17.82 -53.48 -61.14
N TRP A 397 -18.39 -52.28 -61.29
CA TRP A 397 -19.55 -52.13 -62.19
C TRP A 397 -19.13 -52.11 -63.67
N LEU A 398 -17.92 -51.66 -63.93
CA LEU A 398 -17.47 -51.72 -65.28
C LEU A 398 -17.19 -53.18 -65.69
N LEU A 399 -16.36 -53.91 -64.91
CA LEU A 399 -16.02 -55.29 -65.29
C LEU A 399 -17.25 -56.24 -65.38
N LYS A 400 -18.28 -56.02 -64.55
CA LYS A 400 -19.56 -56.75 -64.73
C LYS A 400 -20.30 -56.35 -66.03
N THR A 401 -20.16 -55.08 -66.43
CA THR A 401 -20.84 -54.56 -67.63
C THR A 401 -20.22 -55.17 -68.90
N VAL A 402 -18.90 -55.19 -68.94
CA VAL A 402 -18.15 -55.68 -70.08
C VAL A 402 -18.16 -57.20 -70.16
N GLN A 403 -18.77 -57.85 -69.17
CA GLN A 403 -18.89 -59.32 -69.14
C GLN A 403 -19.99 -59.82 -70.10
N ARG A 404 -20.75 -58.92 -70.72
CA ARG A 404 -21.80 -59.32 -71.67
C ARG A 404 -21.51 -58.82 -73.06
N LYS A 405 -21.31 -59.76 -73.99
CA LYS A 405 -21.06 -59.47 -75.40
C LYS A 405 -22.29 -58.89 -76.09
N VAL A 406 -22.06 -57.90 -76.95
CA VAL A 406 -23.12 -57.16 -77.67
C VAL A 406 -23.89 -58.03 -78.67
N THR A 407 -25.17 -57.69 -78.87
CA THR A 407 -26.08 -58.37 -79.80
C THR A 407 -26.75 -57.29 -80.67
N SER A 408 -28.08 -57.21 -80.65
CA SER A 408 -28.81 -56.22 -81.47
C SER A 408 -29.94 -55.53 -80.69
N ASP A 412 -29.44 -50.86 -74.96
CA ASP A 412 -28.95 -49.75 -74.10
C ASP A 412 -29.50 -49.79 -72.66
N ALA A 413 -30.80 -49.90 -72.56
CA ALA A 413 -31.43 -50.16 -71.29
C ALA A 413 -31.12 -51.58 -70.78
N ASP A 414 -30.38 -52.37 -71.56
CA ASP A 414 -30.04 -53.71 -71.13
C ASP A 414 -28.73 -53.68 -70.30
N PHE A 415 -28.40 -52.51 -69.74
CA PHE A 415 -27.21 -52.32 -68.87
C PHE A 415 -27.53 -51.39 -67.69
N GLU A 416 -26.71 -51.44 -66.64
CA GLU A 416 -26.87 -50.50 -65.54
C GLU A 416 -26.08 -49.23 -65.82
N ILE A 417 -26.69 -48.10 -65.53
CA ILE A 417 -26.07 -46.78 -65.59
C ILE A 417 -25.44 -46.39 -64.25
N PHE A 418 -24.27 -45.75 -64.29
CA PHE A 418 -23.54 -45.39 -63.07
C PHE A 418 -23.73 -43.91 -62.76
N PRO A 419 -24.75 -43.56 -61.96
CA PRO A 419 -24.98 -42.15 -61.67
C PRO A 419 -23.79 -41.54 -60.91
N LEU A 420 -23.54 -40.25 -61.14
CA LEU A 420 -22.50 -39.45 -60.45
C LEU A 420 -23.25 -38.34 -59.70
N GLU A 421 -22.95 -38.12 -58.42
CA GLU A 421 -23.86 -37.28 -57.65
C GLU A 421 -23.42 -35.84 -57.27
N ASP A 422 -22.13 -35.57 -57.23
CA ASP A 422 -21.67 -34.21 -56.89
C ASP A 422 -21.55 -33.47 -58.23
N LYS A 423 -22.69 -32.92 -58.67
CA LYS A 423 -22.79 -32.20 -59.94
C LYS A 423 -21.74 -31.08 -59.96
N GLU A 424 -21.67 -30.30 -58.88
CA GLU A 424 -20.70 -29.21 -58.80
C GLU A 424 -19.27 -29.72 -59.07
N LEU A 425 -18.90 -30.87 -58.48
CA LEU A 425 -17.56 -31.43 -58.69
C LEU A 425 -17.36 -32.14 -60.03
N VAL A 426 -18.39 -32.86 -60.49
CA VAL A 426 -18.45 -33.28 -61.90
C VAL A 426 -18.14 -32.15 -62.85
N ARG A 427 -18.84 -31.04 -62.66
CA ARG A 427 -18.77 -29.90 -63.57
C ARG A 427 -17.42 -29.22 -63.63
N ALA A 428 -16.68 -29.32 -62.52
CA ALA A 428 -15.35 -28.74 -62.46
C ALA A 428 -14.27 -29.64 -63.05
N ASN A 429 -14.66 -30.74 -63.70
CA ASN A 429 -13.76 -31.87 -63.95
C ASN A 429 -14.17 -32.64 -65.18
N LEU A 430 -14.68 -31.88 -66.16
CA LEU A 430 -15.31 -32.44 -67.31
C LEU A 430 -14.34 -32.96 -68.35
N ASP A 431 -13.14 -32.36 -68.47
CA ASP A 431 -12.16 -32.88 -69.46
C ASP A 431 -11.67 -34.24 -69.00
N PHE A 432 -11.38 -34.35 -67.70
CA PHE A 432 -10.99 -35.60 -67.05
C PHE A 432 -12.07 -36.67 -67.18
N LEU A 433 -13.22 -36.41 -66.55
CA LEU A 433 -14.38 -37.30 -66.69
C LEU A 433 -14.60 -37.74 -68.16
N LYS A 434 -14.54 -36.82 -69.12
CA LYS A 434 -14.75 -37.23 -70.50
C LYS A 434 -13.61 -38.05 -71.11
N GLU A 435 -12.41 -37.85 -70.62
CA GLU A 435 -11.24 -38.59 -71.10
C GLU A 435 -11.25 -39.95 -70.41
N PHE A 436 -11.71 -39.96 -69.16
CA PHE A 436 -11.89 -41.18 -68.37
C PHE A 436 -12.93 -42.03 -69.09
N ALA A 437 -14.03 -41.37 -69.48
CA ALA A 437 -15.12 -42.04 -70.14
C ALA A 437 -14.64 -42.59 -71.42
N PHE A 438 -13.86 -41.76 -72.16
CA PHE A 438 -13.34 -42.19 -73.46
C PHE A 438 -12.53 -43.48 -73.33
N ASP A 439 -11.58 -43.45 -72.39
CA ASP A 439 -10.61 -44.54 -72.14
C ASP A 439 -11.25 -45.82 -71.72
N LEU A 440 -12.25 -45.78 -70.83
CA LEU A 440 -12.82 -47.00 -70.29
C LEU A 440 -13.96 -47.50 -71.19
N GLY A 441 -14.19 -46.80 -72.31
CA GLY A 441 -15.15 -47.23 -73.30
C GLY A 441 -16.54 -46.83 -72.87
N LEU A 442 -16.61 -45.72 -72.15
CA LEU A 442 -17.86 -45.23 -71.58
C LEU A 442 -18.25 -43.88 -72.14
N ILE A 443 -19.54 -43.53 -72.03
CA ILE A 443 -19.95 -42.16 -72.25
C ILE A 443 -20.22 -41.51 -70.92
N LEU A 444 -19.89 -40.21 -70.82
CA LEU A 444 -20.44 -39.40 -69.74
C LEU A 444 -21.69 -38.74 -70.27
N ALA A 445 -22.84 -39.19 -69.79
CA ALA A 445 -24.12 -38.65 -70.18
C ALA A 445 -24.72 -37.72 -69.11
N HIS A 446 -25.81 -37.05 -69.51
CA HIS A 446 -26.58 -36.24 -68.56
C HIS A 446 -28.09 -36.30 -68.89
N SER A 447 -28.81 -35.24 -68.53
CA SER A 447 -30.25 -35.14 -68.72
C SER A 447 -30.48 -33.76 -69.31
N LYS A 448 -31.57 -33.59 -70.03
CA LYS A 448 -31.87 -32.28 -70.58
C LYS A 448 -31.80 -31.15 -69.51
N SER A 449 -32.41 -31.35 -68.34
CA SER A 449 -32.39 -30.32 -67.29
C SER A 449 -31.04 -30.29 -66.54
N LYS A 450 -30.16 -31.23 -66.88
CA LYS A 450 -28.79 -31.24 -66.37
C LYS A 450 -28.72 -31.48 -64.82
N ASP A 451 -29.81 -32.04 -64.30
CA ASP A 451 -29.97 -32.39 -62.89
C ASP A 451 -29.44 -33.78 -62.53
N LEU A 452 -28.98 -34.54 -63.53
CA LEU A 452 -28.42 -35.83 -63.28
C LEU A 452 -27.33 -36.14 -64.28
N TYR A 453 -26.12 -36.45 -63.78
CA TYR A 453 -25.05 -36.98 -64.64
C TYR A 453 -24.72 -38.44 -64.35
N TYR A 454 -24.32 -39.20 -65.35
CA TYR A 454 -23.96 -40.60 -65.09
C TYR A 454 -23.03 -41.15 -66.17
N PHE A 455 -22.38 -42.27 -65.90
CA PHE A 455 -21.72 -42.98 -66.96
C PHE A 455 -22.62 -44.04 -67.48
N LYS A 456 -22.29 -44.53 -68.68
CA LYS A 456 -23.01 -45.60 -69.41
C LYS A 456 -22.08 -46.19 -70.46
N LEU A 457 -22.19 -47.50 -70.67
CA LEU A 457 -21.37 -48.18 -71.66
C LEU A 457 -21.58 -47.46 -72.98
N ASP A 458 -20.48 -47.22 -73.72
CA ASP A 458 -20.61 -46.71 -75.07
C ASP A 458 -20.96 -47.89 -75.96
N LEU A 459 -22.25 -48.18 -75.96
CA LEU A 459 -22.82 -49.30 -76.65
C LEU A 459 -22.77 -49.03 -78.15
N ASP A 460 -23.12 -47.80 -78.56
CA ASP A 460 -23.12 -47.40 -79.99
C ASP A 460 -21.70 -47.25 -80.58
N SER A 461 -20.96 -48.35 -80.57
CA SER A 461 -19.54 -48.31 -80.82
C SER A 461 -19.00 -49.71 -81.05
N ILE A 462 -19.87 -50.67 -81.34
CA ILE A 462 -19.49 -52.06 -81.61
C ILE A 462 -20.61 -52.79 -82.38
N UNK A 464 -17.06 -63.29 -82.55
CA UNK A 464 -16.09 -62.32 -82.05
C UNK A 464 -15.43 -62.80 -80.74
N UNK A 465 -14.10 -62.88 -80.75
CA UNK A 465 -13.39 -62.95 -79.52
C UNK A 465 -13.05 -61.49 -79.12
N UNK A 466 -14.08 -60.69 -78.83
CA UNK A 466 -13.92 -59.38 -78.20
C UNK A 466 -13.70 -59.53 -76.67
N UNK A 467 -13.10 -60.66 -76.27
CA UNK A 467 -12.48 -60.82 -74.95
C UNK A 467 -11.27 -59.86 -74.83
N UNK A 468 -10.97 -59.18 -75.95
CA UNK A 468 -9.97 -58.10 -76.04
C UNK A 468 -10.56 -56.71 -75.70
N UNK A 469 -11.90 -56.62 -75.72
CA UNK A 469 -12.58 -55.47 -75.07
C UNK A 469 -12.43 -55.62 -73.55
N UNK A 470 -12.81 -56.78 -73.00
CA UNK A 470 -12.56 -57.06 -71.60
C UNK A 470 -11.07 -56.95 -71.13
N UNK A 471 -10.09 -57.23 -72.00
CA UNK A 471 -8.68 -56.93 -71.71
C UNK A 471 -8.34 -55.43 -71.89
N UNK A 472 -8.88 -54.80 -72.94
CA UNK A 472 -8.71 -53.34 -73.12
C UNK A 472 -9.34 -52.55 -71.95
N UNK A 473 -10.56 -52.94 -71.55
CA UNK A 473 -11.18 -52.38 -70.33
C UNK A 473 -10.28 -52.57 -69.12
N UNK A 474 -9.70 -53.78 -68.96
CA UNK A 474 -8.92 -54.10 -67.77
C UNK A 474 -7.60 -53.32 -67.76
N UNK A 475 -7.00 -53.15 -68.94
CA UNK A 475 -5.73 -52.40 -69.04
C UNK A 475 -5.97 -50.91 -68.79
N UNK A 476 -7.03 -50.37 -69.40
CA UNK A 476 -7.49 -48.99 -69.11
C UNK A 476 -7.76 -48.79 -67.60
N UNK A 477 -8.55 -49.66 -66.96
CA UNK A 477 -8.79 -49.52 -65.53
C UNK A 477 -7.46 -49.53 -64.82
N UNK A 478 -6.58 -50.50 -65.15
CA UNK A 478 -5.30 -50.58 -64.45
C UNK A 478 -4.62 -49.20 -64.51
N UNK A 479 -4.47 -48.68 -65.73
CA UNK A 479 -3.85 -47.37 -65.94
C UNK A 479 -4.24 -46.28 -64.91
N UNK A 480 -5.53 -46.08 -64.68
CA UNK A 480 -5.98 -45.04 -63.72
C UNK A 480 -5.69 -45.34 -62.27
N UNK A 481 -5.58 -46.63 -61.92
CA UNK A 481 -5.28 -47.01 -60.54
C UNK A 481 -3.87 -46.49 -60.14
N UNK A 482 -2.99 -46.21 -61.13
CA UNK A 482 -1.82 -45.33 -60.91
C UNK A 482 -2.25 -43.84 -60.77
N TYR A 484 15.65 -29.94 -36.26
CA TYR A 484 16.35 -28.67 -36.37
C TYR A 484 17.87 -28.86 -36.61
N SER A 485 18.66 -27.80 -36.52
CA SER A 485 20.11 -27.88 -36.67
C SER A 485 20.67 -28.48 -35.37
N GLU A 486 22.00 -28.63 -35.27
CA GLU A 486 22.60 -29.07 -34.02
C GLU A 486 23.28 -27.89 -33.38
N ARG A 487 23.91 -27.03 -34.20
CA ARG A 487 24.51 -25.80 -33.68
C ARG A 487 23.39 -25.04 -33.00
N PHE A 488 22.20 -25.19 -33.56
CA PHE A 488 20.96 -24.65 -33.01
C PHE A 488 20.77 -25.17 -31.58
N VAL A 489 20.43 -26.46 -31.41
CA VAL A 489 20.20 -26.99 -30.05
C VAL A 489 21.26 -26.50 -29.04
N GLU A 490 22.52 -26.47 -29.46
CA GLU A 490 23.59 -26.07 -28.54
C GLU A 490 23.45 -24.59 -28.13
N TRP A 491 23.32 -23.72 -29.14
CA TRP A 491 23.13 -22.29 -28.96
C TRP A 491 21.94 -21.97 -28.07
N LYS A 492 20.94 -22.86 -28.13
CA LYS A 492 19.74 -22.81 -27.29
C LYS A 492 20.03 -23.32 -25.88
N ASP A 493 20.78 -24.41 -25.80
CA ASP A 493 21.24 -24.90 -24.51
C ASP A 493 22.12 -23.82 -23.83
N GLN A 494 22.98 -23.16 -24.61
CA GLN A 494 23.88 -22.15 -24.03
C GLN A 494 23.15 -20.88 -23.60
N TYR A 495 21.88 -20.77 -23.98
CA TYR A 495 20.95 -19.73 -23.50
C TYR A 495 20.41 -20.04 -22.10
N TYR A 496 19.92 -21.26 -21.90
CA TYR A 496 19.24 -21.66 -20.64
C TYR A 496 20.19 -21.75 -19.48
N LYS A 497 21.35 -22.39 -19.74
CA LYS A 497 22.46 -22.44 -18.80
C LYS A 497 22.80 -21.03 -18.33
N ASP A 498 23.18 -20.18 -19.28
CA ASP A 498 23.31 -18.75 -19.05
C ASP A 498 22.25 -17.95 -18.22
N LYS A 499 21.06 -18.49 -17.97
CA LYS A 499 20.04 -17.71 -17.26
C LYS A 499 18.81 -18.54 -16.89
N ASP A 506 18.19 -29.83 -22.12
CA ASP A 506 18.70 -31.16 -21.66
C ASP A 506 18.22 -31.46 -20.25
N THR A 507 16.91 -31.66 -20.08
CA THR A 507 16.27 -31.74 -18.76
C THR A 507 14.75 -32.00 -18.81
N ASP A 508 14.01 -31.15 -18.06
CA ASP A 508 12.65 -31.43 -17.56
C ASP A 508 12.33 -30.48 -16.38
N SER A 509 13.30 -29.66 -15.97
CA SER A 509 12.98 -28.43 -15.27
C SER A 509 12.63 -27.34 -16.33
N LEU A 510 12.98 -27.63 -17.60
CA LEU A 510 12.54 -26.89 -18.79
C LEU A 510 11.09 -27.15 -19.08
N LYS A 511 10.66 -28.41 -18.97
CA LYS A 511 9.21 -28.68 -18.99
C LYS A 511 8.50 -27.84 -17.91
N GLU A 512 9.22 -27.48 -16.85
CA GLU A 512 8.60 -26.71 -15.77
C GLU A 512 8.54 -25.22 -16.08
N MET A 513 9.66 -24.66 -16.59
CA MET A 513 9.71 -23.26 -17.03
C MET A 513 8.59 -23.06 -18.01
N THR A 514 8.79 -23.78 -19.10
CA THR A 514 7.89 -23.86 -20.21
C THR A 514 6.45 -23.87 -19.73
N GLU A 515 6.08 -24.84 -18.91
CA GLU A 515 4.69 -24.93 -18.52
C GLU A 515 4.24 -23.72 -17.74
N ASN A 516 5.18 -23.06 -17.04
CA ASN A 516 4.86 -21.82 -16.32
C ASN A 516 4.49 -20.71 -17.32
N TYR A 517 5.25 -20.65 -18.42
CA TYR A 517 5.03 -19.67 -19.45
C TYR A 517 3.68 -19.91 -20.10
N VAL A 518 3.46 -21.13 -20.60
CA VAL A 518 2.19 -21.47 -21.26
C VAL A 518 1.04 -21.17 -20.29
N GLY A 519 1.17 -21.53 -19.02
CA GLY A 519 0.14 -21.15 -18.04
C GLY A 519 -0.13 -19.65 -18.09
N GLY A 520 0.95 -18.89 -18.19
CA GLY A 520 0.90 -17.47 -18.18
C GLY A 520 0.03 -16.98 -19.28
N LEU A 521 0.32 -17.42 -20.50
CA LEU A 521 -0.46 -16.98 -21.67
C LEU A 521 -1.91 -17.14 -21.32
N GLN A 522 -2.26 -18.31 -20.80
CA GLN A 522 -3.61 -18.60 -20.39
C GLN A 522 -4.12 -17.65 -19.27
N TRP A 523 -3.29 -17.34 -18.28
CA TRP A 523 -3.70 -16.37 -17.26
C TRP A 523 -3.97 -15.00 -17.91
N VAL A 524 -3.08 -14.56 -18.81
CA VAL A 524 -3.22 -13.26 -19.47
C VAL A 524 -4.56 -13.18 -20.18
N LEU A 525 -4.80 -14.10 -21.10
CA LEU A 525 -6.03 -14.10 -21.85
C LEU A 525 -7.28 -14.08 -20.98
N TYR A 526 -7.31 -14.92 -19.95
CA TYR A 526 -8.46 -14.96 -19.04
C TYR A 526 -8.62 -13.61 -18.34
N TYR A 527 -7.52 -13.12 -17.79
CA TYR A 527 -7.46 -11.78 -17.23
C TYR A 527 -8.25 -10.80 -18.12
N TYR A 528 -7.83 -10.66 -19.39
CA TYR A 528 -8.44 -9.70 -20.32
C TYR A 528 -9.85 -10.05 -20.81
N TYR A 529 -10.15 -11.31 -21.14
CA TYR A 529 -11.49 -11.66 -21.65
C TYR A 529 -12.54 -11.92 -20.59
N ARG A 530 -12.12 -12.26 -19.37
CA ARG A 530 -13.07 -12.77 -18.36
C ARG A 530 -12.92 -12.26 -16.93
N GLY A 531 -11.75 -11.72 -16.59
CA GLY A 531 -11.49 -11.18 -15.25
C GLY A 531 -10.27 -11.83 -14.62
N CYS A 532 -9.78 -11.31 -13.50
CA CYS A 532 -8.59 -11.92 -12.95
C CYS A 532 -8.90 -13.31 -12.50
N PRO A 533 -8.17 -14.29 -13.04
CA PRO A 533 -8.50 -15.66 -12.70
C PRO A 533 -7.76 -16.11 -11.44
N SER A 534 -6.85 -15.27 -10.93
CA SER A 534 -6.03 -15.64 -9.79
C SER A 534 -5.20 -14.51 -9.23
N TRP A 535 -5.43 -14.24 -7.96
CA TRP A 535 -4.70 -13.20 -7.29
C TRP A 535 -3.28 -13.64 -6.98
N SER A 536 -2.99 -14.94 -7.13
CA SER A 536 -1.70 -15.48 -6.68
C SER A 536 -0.80 -16.13 -7.75
N TRP A 537 -1.35 -16.49 -8.91
CA TRP A 537 -0.50 -17.03 -9.97
C TRP A 537 0.56 -15.99 -10.35
N TYR A 538 1.75 -16.47 -10.75
CA TYR A 538 2.83 -15.62 -11.27
C TYR A 538 3.85 -16.41 -12.09
N TYR A 539 4.58 -15.74 -12.98
CA TYR A 539 5.67 -16.40 -13.75
C TYR A 539 6.97 -16.31 -12.97
N ARG A 540 7.52 -17.48 -12.63
CA ARG A 540 8.57 -17.61 -11.63
C ARG A 540 9.99 -17.48 -12.15
N TYR A 541 10.18 -16.77 -13.26
CA TYR A 541 11.49 -16.73 -13.89
C TYR A 541 11.66 -15.39 -14.48
N HIS A 542 12.89 -14.97 -14.67
CA HIS A 542 13.07 -13.66 -15.25
C HIS A 542 13.01 -13.70 -16.75
N TYR A 543 13.25 -14.87 -17.34
CA TYR A 543 13.33 -14.91 -18.79
C TYR A 543 12.33 -15.89 -19.41
N ALA A 544 11.98 -15.66 -20.68
CA ALA A 544 11.13 -16.58 -21.45
C ALA A 544 11.95 -17.65 -22.11
N PRO A 545 11.30 -18.81 -22.39
CA PRO A 545 11.99 -19.89 -23.06
C PRO A 545 12.18 -19.48 -24.48
N ARG A 546 13.01 -20.23 -25.18
CA ARG A 546 13.14 -20.08 -26.61
C ARG A 546 11.81 -20.39 -27.27
N ILE A 547 11.56 -19.75 -28.41
CA ILE A 547 10.29 -19.92 -29.09
C ILE A 547 10.07 -21.39 -29.39
N SER A 548 11.09 -21.98 -30.02
CA SER A 548 11.03 -23.37 -30.46
C SER A 548 10.92 -24.37 -29.28
N ASP A 549 10.67 -23.88 -28.08
CA ASP A 549 10.59 -24.74 -26.88
C ASP A 549 9.25 -24.69 -26.21
N VAL A 550 8.49 -23.64 -26.53
CA VAL A 550 7.20 -23.43 -25.88
C VAL A 550 6.39 -24.73 -25.94
N ILE A 551 6.60 -25.50 -27.01
CA ILE A 551 5.94 -26.78 -27.26
C ILE A 551 5.90 -27.69 -26.02
N LYS A 552 7.06 -27.79 -25.35
CA LYS A 552 7.26 -28.70 -24.20
C LYS A 552 6.27 -28.47 -23.08
N GLY A 553 5.60 -27.31 -23.14
CA GLY A 553 4.73 -26.85 -22.08
C GLY A 553 3.26 -26.82 -22.38
N ILE A 554 2.87 -27.37 -23.52
CA ILE A 554 1.46 -27.37 -23.89
C ILE A 554 0.80 -28.67 -23.47
N ASP A 555 1.59 -29.58 -22.94
CA ASP A 555 1.14 -30.90 -22.51
C ASP A 555 0.65 -30.80 -21.06
N GLN A 556 -0.21 -29.83 -20.79
CA GLN A 556 -0.74 -29.61 -19.46
C GLN A 556 -2.22 -29.34 -19.50
N ASN A 557 -2.86 -29.50 -18.36
CA ASN A 557 -4.24 -29.14 -18.19
C ASN A 557 -4.17 -27.98 -17.18
N ILE A 558 -4.64 -26.80 -17.61
CA ILE A 558 -4.49 -25.58 -16.82
C ILE A 558 -5.77 -25.11 -16.13
N GLU A 559 -5.82 -25.21 -14.81
CA GLU A 559 -6.78 -24.38 -14.07
C GLU A 559 -6.14 -23.46 -13.03
N PHE A 560 -6.95 -22.57 -12.48
CA PHE A 560 -6.52 -21.54 -11.54
C PHE A 560 -7.40 -21.52 -10.28
N HIS A 561 -6.85 -20.98 -9.19
CA HIS A 561 -7.65 -20.74 -7.99
C HIS A 561 -7.76 -19.26 -7.72
N LYS A 562 -9.00 -18.78 -7.63
CA LYS A 562 -9.25 -17.33 -7.57
C LYS A 562 -8.36 -16.58 -6.52
N GLY A 563 -8.23 -17.14 -5.33
CA GLY A 563 -7.36 -16.57 -4.28
C GLY A 563 -7.99 -15.31 -3.71
N GLN A 564 -7.16 -14.40 -3.18
CA GLN A 564 -7.61 -13.09 -2.70
C GLN A 564 -6.40 -12.14 -2.69
N PRO A 565 -6.60 -10.82 -2.92
CA PRO A 565 -5.47 -9.86 -2.94
C PRO A 565 -4.82 -9.61 -1.56
N PHE A 566 -3.53 -9.26 -1.56
CA PHE A 566 -2.82 -8.85 -0.36
C PHE A 566 -3.61 -7.76 0.30
N LYS A 567 -3.36 -7.59 1.58
CA LYS A 567 -3.81 -6.42 2.28
C LYS A 567 -2.82 -5.35 1.77
N PRO A 568 -3.23 -4.07 1.71
CA PRO A 568 -2.33 -3.00 1.26
C PRO A 568 -0.90 -3.06 1.80
N PHE A 569 -0.73 -2.97 3.12
CA PHE A 569 0.60 -3.01 3.73
C PHE A 569 1.47 -4.25 3.37
N GLN A 570 0.85 -5.39 3.10
CA GLN A 570 1.65 -6.54 2.71
C GLN A 570 2.13 -6.34 1.27
N GLN A 571 1.25 -5.84 0.42
CA GLN A 571 1.69 -5.47 -0.89
C GLN A 571 2.72 -4.38 -0.78
N LEU A 572 2.46 -3.41 0.10
CA LEU A 572 3.43 -2.36 0.32
C LEU A 572 4.81 -2.94 0.59
N MET A 573 4.87 -4.07 1.27
CA MET A 573 6.14 -4.66 1.63
C MET A 573 6.76 -5.55 0.53
N ALA A 574 5.87 -6.24 -0.18
CA ALA A 574 6.21 -7.10 -1.31
C ALA A 574 6.81 -6.32 -2.50
N VAL A 575 6.78 -5.01 -2.36
CA VAL A 575 7.18 -4.02 -3.36
C VAL A 575 7.77 -2.88 -2.51
N LEU A 576 8.70 -2.11 -3.03
CA LEU A 576 9.32 -1.09 -2.20
C LEU A 576 10.64 -1.58 -1.63
N PRO A 577 11.67 -0.76 -1.74
CA PRO A 577 12.99 -1.22 -1.28
C PRO A 577 13.38 -0.61 0.07
N GLU A 578 14.36 -1.19 0.77
CA GLU A 578 14.85 -0.61 2.05
C GLU A 578 15.65 0.67 1.73
N ARG A 579 15.04 1.46 0.84
CA ARG A 579 15.58 2.69 0.37
C ARG A 579 14.49 3.74 0.27
N SER A 580 13.24 3.27 0.20
CA SER A 580 12.08 4.13 0.43
C SER A 580 11.19 3.54 1.53
N LYS A 581 11.88 2.95 2.51
CA LYS A 581 11.30 2.38 3.73
C LYS A 581 10.37 3.32 4.50
N ASN A 582 10.69 4.62 4.49
CA ASN A 582 9.90 5.66 5.16
C ASN A 582 8.44 5.94 4.67
N LEU A 583 7.97 5.27 3.60
CA LEU A 583 6.52 5.35 3.25
C LEU A 583 5.71 4.24 3.89
N ILE A 584 6.41 3.25 4.41
CA ILE A 584 5.83 2.14 5.11
C ILE A 584 5.69 2.58 6.55
N PRO A 585 4.58 2.22 7.21
CA PRO A 585 4.47 2.54 8.63
C PRO A 585 5.76 2.13 9.38
N VAL A 586 6.60 3.15 9.63
CA VAL A 586 7.87 3.05 10.35
C VAL A 586 7.63 2.36 11.73
N VAL A 587 8.00 1.07 11.74
CA VAL A 587 7.58 -0.05 12.62
C VAL A 587 8.17 -1.32 11.93
N TYR A 588 8.13 -1.35 10.60
CA TYR A 588 8.71 -2.44 9.79
C TYR A 588 10.07 -2.10 9.14
N ASP A 601 16.53 -9.88 4.49
CA ASP A 601 16.90 -10.04 3.06
C ASP A 601 15.53 -9.91 2.50
N PHE A 602 15.36 -10.13 1.17
CA PHE A 602 14.22 -9.56 0.42
C PHE A 602 14.34 -8.06 0.08
N TYR A 603 15.52 -7.44 0.17
CA TYR A 603 15.64 -5.99 0.07
C TYR A 603 17.10 -5.66 -0.12
N PRO A 604 17.63 -5.90 -1.34
CA PRO A 604 19.03 -5.59 -1.64
C PRO A 604 19.30 -4.09 -1.67
N ASN A 605 20.50 -3.69 -2.07
CA ASN A 605 20.87 -2.31 -2.37
C ASN A 605 21.55 -2.34 -3.72
N GLU A 606 21.61 -3.53 -4.29
CA GLU A 606 22.15 -3.77 -5.59
C GLU A 606 21.19 -4.70 -6.33
N VAL A 607 20.99 -4.52 -7.65
CA VAL A 607 20.22 -5.51 -8.43
C VAL A 607 20.71 -5.75 -9.85
N VAL A 621 16.20 -5.62 -17.95
CA VAL A 621 16.23 -6.83 -17.09
C VAL A 621 16.63 -6.58 -15.62
N VAL A 622 15.65 -6.61 -14.71
CA VAL A 622 15.97 -6.45 -13.30
C VAL A 622 15.83 -7.81 -12.63
N LYS A 623 16.98 -8.36 -12.25
CA LYS A 623 17.05 -9.64 -11.57
C LYS A 623 16.85 -9.39 -10.09
N ILE A 624 15.65 -8.91 -9.77
CA ILE A 624 15.29 -8.78 -8.39
C ILE A 624 14.58 -10.05 -7.94
N SER A 625 14.96 -10.53 -6.77
CA SER A 625 14.52 -11.79 -6.19
C SER A 625 13.01 -11.82 -6.13
N PHE A 626 12.40 -12.99 -6.01
CA PHE A 626 10.97 -13.05 -5.87
C PHE A 626 10.66 -13.20 -4.38
N VAL A 627 9.70 -12.45 -3.84
CA VAL A 627 9.42 -12.57 -2.40
C VAL A 627 8.76 -13.89 -2.10
N ASP A 628 9.15 -14.51 -0.99
CA ASP A 628 8.46 -15.68 -0.41
C ASP A 628 7.27 -15.16 0.40
N GLN A 629 6.08 -15.25 -0.19
CA GLN A 629 4.87 -14.68 0.41
C GLN A 629 4.54 -15.21 1.82
N LYS A 630 4.67 -16.54 1.99
CA LYS A 630 4.37 -17.25 3.25
C LYS A 630 5.26 -16.69 4.35
N ARG A 631 6.55 -16.64 4.03
CA ARG A 631 7.56 -16.05 4.90
C ARG A 631 7.28 -14.58 5.27
N LEU A 632 6.43 -13.92 4.48
CA LEU A 632 6.22 -12.49 4.58
C LEU A 632 5.00 -12.07 5.40
N VAL A 633 3.82 -12.59 5.05
CA VAL A 633 2.65 -12.39 5.91
C VAL A 633 3.00 -12.70 7.38
N GLU A 634 3.72 -13.80 7.61
CA GLU A 634 4.16 -14.15 8.96
C GLU A 634 5.16 -13.14 9.52
N ALA A 635 6.30 -12.90 8.88
CA ALA A 635 7.27 -11.96 9.44
C ALA A 635 6.69 -10.60 9.82
N MET A 636 5.48 -10.29 9.34
CA MET A 636 4.79 -9.02 9.65
C MET A 636 3.74 -9.13 10.78
N ALA A 637 3.16 -10.32 10.97
CA ALA A 637 2.04 -10.50 11.92
C ALA A 637 2.34 -10.26 13.44
N PRO A 638 3.57 -10.55 13.90
CA PRO A 638 4.09 -9.89 15.09
C PRO A 638 3.72 -8.40 15.17
N TYR A 639 4.18 -7.64 14.18
CA TYR A 639 4.02 -6.17 14.15
C TYR A 639 2.64 -5.74 13.68
N ASP A 640 1.80 -6.71 13.30
CA ASP A 640 0.40 -6.48 12.88
C ASP A 640 -0.46 -5.68 13.86
N ALA A 641 -0.53 -6.14 15.12
CA ALA A 641 -1.47 -5.58 16.10
C ALA A 641 -1.12 -4.18 16.61
N LYS A 642 0.05 -3.68 16.21
CA LYS A 642 0.65 -2.42 16.69
C LYS A 642 0.31 -1.15 15.85
N LEU A 643 -0.58 -1.28 14.87
CA LEU A 643 -0.95 -0.15 14.02
C LEU A 643 -1.96 0.78 14.70
N SER A 644 -2.02 2.03 14.24
CA SER A 644 -3.03 3.05 14.69
C SER A 644 -4.49 2.68 14.44
N PRO A 645 -5.41 3.64 14.63
CA PRO A 645 -6.66 3.35 13.94
C PRO A 645 -6.68 3.80 12.47
N ASP A 646 -5.77 4.72 12.08
CA ASP A 646 -5.66 5.27 10.69
C ASP A 646 -4.96 4.31 9.72
N GLU A 647 -4.05 3.52 10.27
CA GLU A 647 -3.29 2.54 9.51
C GLU A 647 -4.13 1.27 9.30
N LYS A 648 -4.96 0.91 10.29
CA LYS A 648 -5.96 -0.15 10.12
C LYS A 648 -7.02 0.33 9.14
N LYS A 649 -7.22 1.65 9.06
CA LYS A 649 -8.04 2.25 8.00
C LYS A 649 -7.36 2.10 6.63
N ARG A 650 -6.12 2.57 6.53
CA ARG A 650 -5.31 2.44 5.32
C ARG A 650 -5.02 1.00 4.86
N ASN A 651 -5.10 0.03 5.78
CA ASN A 651 -4.75 -1.37 5.48
C ASN A 651 -5.99 -2.19 5.30
N SER A 652 -7.00 -1.56 4.71
CA SER A 652 -8.20 -2.26 4.35
C SER A 652 -8.70 -1.87 2.95
N PHE A 653 -9.88 -2.33 2.59
CA PHE A 653 -10.41 -2.09 1.27
C PHE A 653 -11.62 -1.20 1.29
N GLY A 654 -11.73 -0.41 0.24
CA GLY A 654 -12.85 0.46 0.02
C GLY A 654 -13.78 -0.08 -1.05
N THR A 655 -14.61 0.82 -1.57
CA THR A 655 -15.60 0.49 -2.56
C THR A 655 -15.49 1.50 -3.68
N ASP A 656 -16.13 1.24 -4.81
CA ASP A 656 -16.35 2.32 -5.75
C ASP A 656 -17.32 3.37 -5.15
N LEU A 657 -17.12 4.62 -5.54
CA LEU A 657 -18.01 5.69 -5.13
C LEU A 657 -18.71 6.30 -6.35
N ILE A 658 -19.93 6.81 -6.14
CA ILE A 658 -20.73 7.44 -7.18
C ILE A 658 -21.21 8.80 -6.70
N PHE A 659 -21.12 9.78 -7.59
CA PHE A 659 -21.43 11.16 -7.29
C PHE A 659 -22.56 11.68 -8.18
N ILE A 660 -23.60 12.26 -7.56
CA ILE A 660 -24.82 12.68 -8.24
C ILE A 660 -25.01 14.20 -7.98
N PHE A 661 -25.72 14.90 -8.88
CA PHE A 661 -26.10 16.30 -8.66
C PHE A 661 -27.53 16.35 -8.17
N ASN A 662 -27.79 17.24 -7.22
CA ASN A 662 -29.09 17.33 -6.56
C ASN A 662 -29.27 18.75 -6.05
N PRO A 663 -30.13 19.55 -6.74
CA PRO A 663 -30.28 21.00 -6.44
C PRO A 663 -30.75 21.23 -4.98
N GLN A 664 -31.51 20.27 -4.45
CA GLN A 664 -32.13 20.40 -3.12
C GLN A 664 -31.15 20.00 -2.02
N VAL A 665 -29.89 19.78 -2.40
CA VAL A 665 -28.77 19.66 -1.45
C VAL A 665 -28.02 20.98 -1.30
N ASP A 666 -27.82 21.38 -0.05
CA ASP A 666 -27.19 22.65 0.25
C ASP A 666 -26.37 22.56 1.52
N THR A 667 -25.13 22.09 1.37
CA THR A 667 -24.24 21.79 2.49
C THR A 667 -22.85 22.39 2.31
N VAL A 668 -22.04 22.40 3.35
CA VAL A 668 -20.77 23.10 3.32
C VAL A 668 -19.67 22.04 3.20
N TYR A 669 -18.79 22.19 2.19
CA TYR A 669 -17.74 21.17 1.93
C TYR A 669 -16.35 21.77 2.14
N LYS A 670 -15.72 21.34 3.22
CA LYS A 670 -14.43 21.90 3.65
C LYS A 670 -13.34 21.44 2.72
N THR A 671 -12.38 22.33 2.43
CA THR A 671 -11.25 22.02 1.56
C THR A 671 -10.07 21.40 2.30
N PRO A 672 -9.51 20.31 1.75
CA PRO A 672 -8.29 19.80 2.30
C PRO A 672 -7.09 20.42 1.61
N LEU A 673 -7.27 21.60 1.04
CA LEU A 673 -6.21 22.27 0.32
C LEU A 673 -6.07 23.77 0.60
N ALA A 674 -4.82 24.24 0.45
CA ALA A 674 -4.44 25.61 0.67
C ALA A 674 -4.50 26.44 -0.62
N GLY A 675 -3.45 27.23 -0.86
CA GLY A 675 -3.37 28.15 -1.99
C GLY A 675 -4.70 28.74 -2.48
N LEU A 676 -5.06 28.40 -3.72
CA LEU A 676 -6.22 29.00 -4.34
C LEU A 676 -7.56 28.35 -4.06
N PHE A 677 -7.58 27.29 -3.25
CA PHE A 677 -8.83 26.55 -3.05
C PHE A 677 -9.56 27.10 -1.83
N ASN A 678 -10.90 27.10 -1.86
CA ASN A 678 -11.69 27.39 -0.65
C ASN A 678 -12.79 26.35 -0.46
N ASP A 679 -13.68 26.58 0.51
CA ASP A 679 -14.75 25.67 0.80
C ASP A 679 -15.83 25.79 -0.27
N ILE A 680 -16.57 24.72 -0.47
CA ILE A 680 -17.70 24.75 -1.36
C ILE A 680 -18.88 25.13 -0.45
N GLU A 681 -19.38 26.36 -0.62
CA GLU A 681 -20.42 26.97 0.28
C GLU A 681 -21.90 26.53 0.05
N HIS A 682 -22.82 27.41 0.52
CA HIS A 682 -24.31 27.35 0.36
C HIS A 682 -24.73 27.03 -1.08
N ASN A 683 -23.72 26.96 -1.95
CA ASN A 683 -23.90 26.44 -3.30
C ASN A 683 -23.31 25.07 -3.47
N HIS A 684 -23.17 24.28 -2.39
CA HIS A 684 -22.75 22.90 -2.55
C HIS A 684 -23.88 21.91 -2.76
N CYS A 685 -23.73 21.03 -3.77
CA CYS A 685 -24.89 20.33 -4.34
C CYS A 685 -24.77 18.79 -4.70
N ILE A 686 -23.66 18.14 -4.31
CA ILE A 686 -23.33 16.68 -4.55
C ILE A 686 -23.49 15.78 -3.34
N GLU A 687 -23.91 14.53 -3.54
CA GLU A 687 -23.61 13.49 -2.54
C GLU A 687 -22.75 12.36 -3.09
N ARG A 688 -21.92 11.74 -2.23
CA ARG A 688 -21.28 10.47 -2.54
C ARG A 688 -22.08 9.32 -1.96
N GLU A 689 -21.90 8.15 -2.54
CA GLU A 689 -22.55 6.91 -2.15
C GLU A 689 -21.63 5.75 -2.60
N PHE A 690 -21.87 4.55 -2.13
CA PHE A 690 -21.24 3.33 -2.58
C PHE A 690 -21.89 3.05 -3.94
N ILE A 691 -21.13 2.65 -4.99
CA ILE A 691 -21.74 2.13 -6.25
C ILE A 691 -21.77 0.57 -6.23
N PRO A 692 -22.95 -0.05 -6.49
CA PRO A 692 -23.08 -1.52 -6.60
C PRO A 692 -22.70 -2.19 -7.98
N GLU A 693 -23.65 -2.38 -8.88
CA GLU A 693 -23.35 -3.01 -10.18
C GLU A 693 -24.51 -3.90 -10.64
N SER A 694 -25.10 -4.61 -9.67
CA SER A 694 -26.26 -5.49 -9.91
C SER A 694 -26.01 -6.61 -10.92
N MET A 695 -25.10 -7.51 -10.60
CA MET A 695 -25.01 -8.79 -11.34
C MET A 695 -26.04 -9.76 -10.73
N GLU A 696 -26.19 -10.94 -11.33
CA GLU A 696 -27.36 -11.80 -11.08
C GLU A 696 -27.02 -13.16 -11.68
N ASN A 697 -28.02 -13.86 -12.24
CA ASN A 697 -27.73 -14.96 -13.16
C ASN A 697 -27.56 -14.33 -14.54
N VAL A 698 -26.44 -13.67 -14.76
CA VAL A 698 -26.20 -13.02 -16.04
C VAL A 698 -24.89 -13.57 -16.62
N LYS A 699 -24.89 -13.88 -17.92
CA LYS A 699 -23.66 -14.26 -18.62
C LYS A 699 -23.02 -13.00 -19.17
N PHE A 700 -21.72 -13.07 -19.42
CA PHE A 700 -21.05 -12.04 -20.18
C PHE A 700 -21.56 -12.14 -21.60
N LEU A 701 -21.50 -11.03 -22.33
CA LEU A 701 -21.75 -11.06 -23.75
C LEU A 701 -20.41 -11.01 -24.48
N PHE A 702 -20.13 -12.03 -25.29
CA PHE A 702 -18.94 -12.02 -26.13
C PHE A 702 -19.31 -11.63 -27.60
N GLY A 703 -18.57 -10.69 -28.18
CA GLY A 703 -18.83 -10.20 -29.56
C GLY A 703 -20.00 -9.23 -29.67
N LEU A 704 -20.36 -8.84 -30.91
CA LEU A 704 -21.32 -7.76 -31.11
C LEU A 704 -22.68 -8.08 -30.48
N PRO A 705 -23.34 -7.04 -29.93
CA PRO A 705 -24.71 -7.18 -29.41
C PRO A 705 -25.71 -7.29 -30.53
N LYS A 706 -26.88 -7.84 -30.24
CA LYS A 706 -27.96 -8.01 -31.21
C LYS A 706 -28.43 -6.65 -31.69
N GLY A 707 -28.45 -6.48 -33.03
CA GLY A 707 -28.85 -5.22 -33.67
C GLY A 707 -27.90 -4.06 -33.42
N ALA A 708 -26.59 -4.34 -33.42
CA ALA A 708 -25.59 -3.28 -33.37
C ALA A 708 -25.37 -2.77 -34.79
N LYS A 709 -25.45 -1.45 -34.95
CA LYS A 709 -25.20 -0.80 -36.22
C LYS A 709 -23.71 -0.82 -36.56
N LEU A 710 -23.33 -1.34 -37.73
CA LEU A 710 -21.93 -1.22 -38.25
C LEU A 710 -21.78 -0.47 -39.62
N GLY A 711 -20.53 -0.34 -40.10
CA GLY A 711 -20.25 0.27 -41.41
C GLY A 711 -20.99 1.55 -41.76
N ALA A 712 -21.81 1.49 -42.82
CA ALA A 712 -22.54 2.70 -43.25
C ALA A 712 -23.72 3.11 -42.34
N SER A 713 -24.14 2.18 -41.47
CA SER A 713 -25.14 2.44 -40.43
C SER A 713 -24.62 2.81 -39.03
N SER A 714 -23.34 3.14 -38.93
CA SER A 714 -22.78 3.64 -37.70
C SER A 714 -23.33 5.01 -37.35
N LEU A 715 -23.58 5.24 -36.07
CA LEU A 715 -23.93 6.56 -35.56
C LEU A 715 -23.05 7.64 -36.25
N ALA A 716 -23.50 8.88 -36.22
CA ALA A 716 -22.76 9.97 -36.87
C ALA A 716 -21.43 10.12 -36.20
N GLY A 717 -20.46 10.73 -36.89
CA GLY A 717 -19.17 11.10 -36.31
C GLY A 717 -18.08 10.02 -36.44
N PHE A 718 -18.51 8.77 -36.31
CA PHE A 718 -17.62 7.67 -36.33
C PHE A 718 -17.30 7.37 -37.78
N PRO A 719 -16.02 7.04 -38.08
CA PRO A 719 -15.61 6.79 -39.47
C PRO A 719 -16.03 5.44 -39.98
N SER A 720 -16.02 5.30 -41.31
CA SER A 720 -16.30 4.06 -42.00
C SER A 720 -15.70 4.13 -43.41
N LEU A 721 -15.17 3.01 -43.90
CA LEU A 721 -14.65 2.91 -45.28
C LEU A 721 -15.76 2.40 -46.18
N LYS A 722 -16.81 1.84 -45.57
CA LYS A 722 -17.85 1.17 -46.32
C LYS A 722 -18.75 2.15 -47.07
N THR A 723 -18.54 3.45 -46.91
CA THR A 723 -19.48 4.41 -47.51
C THR A 723 -19.27 4.60 -48.99
N LEU A 724 -18.05 4.49 -49.45
CA LEU A 724 -17.75 4.54 -50.89
C LEU A 724 -17.56 3.13 -51.41
N PRO A 725 -17.54 2.94 -52.74
CA PRO A 725 -17.25 1.63 -53.25
C PRO A 725 -15.79 1.59 -53.62
N LEU A 726 -15.06 0.56 -53.16
CA LEU A 726 -13.59 0.52 -53.33
C LEU A 726 -13.00 -0.89 -53.32
N THR A 727 -11.69 -0.95 -53.55
CA THR A 727 -10.93 -2.20 -53.60
C THR A 727 -9.61 -2.01 -52.83
N ALA A 728 -9.27 -3.00 -51.98
CA ALA A 728 -8.15 -2.85 -51.06
C ALA A 728 -7.10 -3.90 -51.28
N GLU A 729 -5.86 -3.53 -51.14
CA GLU A 729 -4.79 -4.43 -51.48
C GLU A 729 -3.63 -4.03 -50.61
N LEU A 730 -2.90 -5.01 -50.07
CA LEU A 730 -1.70 -4.76 -49.30
C LEU A 730 -0.59 -4.42 -50.30
N ALA A 731 0.21 -3.38 -50.05
CA ALA A 731 1.28 -2.98 -50.97
C ALA A 731 2.38 -2.15 -50.33
N TYR A 732 3.55 -2.10 -50.95
CA TYR A 732 4.62 -1.26 -50.46
C TYR A 732 4.40 0.15 -51.01
N ASN A 733 3.60 0.93 -50.29
CA ASN A 733 3.12 2.26 -50.67
C ASN A 733 3.96 3.39 -50.15
N SER A 734 5.13 3.10 -49.59
CA SER A 734 5.92 4.09 -48.83
C SER A 734 5.07 5.09 -48.08
N SER A 735 4.09 4.66 -47.27
CA SER A 735 3.18 5.64 -46.61
C SER A 735 3.89 6.48 -45.59
N VAL A 736 3.45 7.72 -45.45
CA VAL A 736 4.08 8.69 -44.58
C VAL A 736 3.08 9.14 -43.57
N VAL A 737 2.88 8.33 -42.54
CA VAL A 737 2.05 8.72 -41.39
C VAL A 737 2.78 9.59 -40.34
N PHE A 738 4.08 9.47 -40.19
CA PHE A 738 4.74 10.16 -39.11
C PHE A 738 5.78 11.07 -39.67
N ASN A 739 6.99 10.56 -39.81
CA ASN A 739 8.11 11.41 -40.18
C ASN A 739 8.90 10.97 -41.38
N PHE A 740 9.04 9.65 -41.55
CA PHE A 740 9.74 9.05 -42.65
C PHE A 740 8.80 8.05 -43.34
N PRO A 741 9.06 7.74 -44.63
CA PRO A 741 8.17 6.77 -45.27
C PRO A 741 8.34 5.36 -44.74
N SER A 742 7.23 4.65 -44.51
CA SER A 742 7.25 3.30 -43.94
C SER A 742 8.00 2.43 -44.92
N LYS A 743 8.60 1.33 -44.47
CA LYS A 743 9.25 0.40 -45.40
C LYS A 743 8.47 -0.88 -45.53
N GLN A 744 7.25 -0.88 -44.92
CA GLN A 744 6.30 -2.01 -44.98
C GLN A 744 4.98 -1.77 -45.72
N GLN A 745 4.27 -2.85 -46.01
CA GLN A 745 3.03 -2.78 -46.78
C GLN A 745 1.94 -1.96 -46.08
N SER A 746 1.11 -1.27 -46.87
CA SER A 746 -0.08 -0.66 -46.31
C SER A 746 -1.31 -1.25 -46.97
N MET A 747 -2.43 -1.16 -46.26
CA MET A 747 -3.71 -1.44 -46.84
C MET A 747 -4.00 -0.26 -47.77
N VAL A 748 -3.63 -0.41 -49.05
CA VAL A 748 -3.87 0.61 -50.06
C VAL A 748 -5.34 0.59 -50.53
N LEU A 749 -6.01 1.73 -50.55
CA LEU A 749 -7.43 1.79 -50.94
C LEU A 749 -7.67 2.35 -52.33
N HIS A 750 -8.10 1.52 -53.28
CA HIS A 750 -8.36 1.96 -54.67
C HIS A 750 -9.82 2.38 -54.81
N ILE A 751 -10.05 3.67 -54.99
CA ILE A 751 -11.42 4.20 -55.03
C ILE A 751 -12.06 4.16 -56.44
N GLN A 752 -13.29 3.63 -56.51
CA GLN A 752 -14.08 3.63 -57.76
C GLN A 752 -14.99 4.86 -57.94
N ASP A 753 -14.80 5.56 -59.06
CA ASP A 753 -15.70 6.61 -59.56
C ASP A 753 -17.18 6.15 -59.60
N LEU A 754 -18.11 7.05 -59.35
CA LEU A 754 -19.52 6.67 -59.30
C LEU A 754 -20.25 7.17 -60.60
N TYR A 755 -20.68 6.24 -61.47
CA TYR A 755 -21.53 6.55 -62.68
C TYR A 755 -22.45 5.40 -63.14
N SER A 761 -24.81 14.34 -67.17
CA SER A 761 -25.07 13.89 -65.83
C SER A 761 -24.44 14.89 -64.85
N LEU A 762 -23.15 15.17 -65.05
CA LEU A 762 -22.36 16.10 -64.20
C LEU A 762 -23.03 17.45 -64.08
N SER A 763 -23.95 17.71 -64.98
CA SER A 763 -24.72 18.90 -64.91
C SER A 763 -25.91 18.76 -63.94
N ASP A 764 -26.62 17.62 -63.97
CA ASP A 764 -27.74 17.45 -63.01
C ASP A 764 -27.25 17.14 -61.59
N LEU A 765 -26.01 16.67 -61.49
CA LEU A 765 -25.37 16.52 -60.21
C LEU A 765 -25.33 17.88 -59.54
N ALA A 766 -24.77 18.86 -60.26
CA ALA A 766 -24.66 20.23 -59.77
C ALA A 766 -26.01 20.79 -59.37
N LYS A 767 -27.02 20.50 -60.18
CA LYS A 767 -28.38 21.00 -60.01
C LYS A 767 -29.07 20.34 -58.83
N ARG A 768 -28.67 19.14 -58.51
CA ARG A 768 -29.26 18.44 -57.40
C ARG A 768 -28.71 18.87 -56.04
N HIS A 769 -27.40 19.15 -55.99
CA HIS A 769 -26.72 19.38 -54.72
C HIS A 769 -26.26 20.77 -54.45
N MET A 770 -26.18 21.61 -55.49
CA MET A 770 -25.70 22.96 -55.31
C MET A 770 -26.31 23.63 -54.07
N GLY A 771 -25.48 24.31 -53.30
CA GLY A 771 -25.93 24.96 -52.07
C GLY A 771 -26.71 24.08 -51.07
N LYS A 772 -26.80 22.78 -51.34
CA LYS A 772 -27.34 21.87 -50.35
C LYS A 772 -26.21 21.16 -49.55
N ILE A 773 -26.62 20.40 -48.52
CA ILE A 773 -25.75 19.59 -47.68
C ILE A 773 -25.29 18.29 -48.34
N VAL A 774 -24.00 18.18 -48.69
CA VAL A 774 -23.38 16.91 -49.12
C VAL A 774 -22.37 16.56 -48.04
N TYR A 775 -21.95 15.28 -48.00
CA TYR A 775 -20.93 14.79 -47.04
C TYR A 775 -19.48 14.76 -47.51
N SER A 776 -18.61 15.52 -46.84
CA SER A 776 -17.19 15.57 -47.20
C SER A 776 -16.33 14.91 -46.14
N ARG A 777 -15.02 14.88 -46.38
CA ARG A 777 -14.08 14.29 -45.45
C ARG A 777 -14.21 12.77 -45.42
N TRP A 778 -14.82 12.22 -46.47
CA TRP A 778 -15.01 10.78 -46.57
C TRP A 778 -14.75 10.09 -45.24
N PRO A 779 -13.65 9.33 -45.17
CA PRO A 779 -13.29 8.62 -43.94
C PRO A 779 -14.12 9.08 -42.75
N PHE A 780 -14.11 10.37 -42.47
CA PHE A 780 -14.87 10.93 -41.36
C PHE A 780 -15.99 11.83 -41.85
N LEU A 781 -16.94 11.25 -42.59
CA LEU A 781 -18.08 12.02 -43.12
C LEU A 781 -18.76 13.01 -42.17
N ARG A 782 -18.49 14.29 -42.36
CA ARG A 782 -19.31 15.37 -41.80
C ARG A 782 -20.07 16.10 -42.92
N GLU A 783 -21.16 16.79 -42.55
CA GLU A 783 -21.94 17.64 -43.48
C GLU A 783 -21.15 18.87 -43.94
N SER A 784 -21.28 19.20 -45.21
CA SER A 784 -20.84 20.49 -45.73
C SER A 784 -21.85 20.98 -46.80
N LYS A 785 -21.72 22.25 -47.25
CA LYS A 785 -22.60 22.81 -48.27
C LYS A 785 -21.81 22.88 -49.54
N LEU A 786 -22.39 22.40 -50.64
CA LEU A 786 -21.69 22.40 -51.92
C LEU A 786 -21.69 23.79 -52.63
N LEU A 787 -20.52 24.37 -52.87
CA LEU A 787 -20.48 25.73 -53.43
C LEU A 787 -20.32 25.76 -54.95
N SER A 788 -19.28 25.12 -55.48
CA SER A 788 -19.17 24.98 -56.93
C SER A 788 -18.69 23.58 -57.30
N LEU A 789 -18.56 23.32 -58.59
CA LEU A 789 -18.04 22.05 -59.00
C LEU A 789 -16.95 22.18 -60.03
N ILE A 790 -15.72 22.62 -59.70
CA ILE A 790 -14.74 22.84 -60.78
C ILE A 790 -14.52 21.62 -61.68
N THR A 791 -14.09 21.89 -62.90
CA THR A 791 -13.66 20.88 -63.89
C THR A 791 -12.55 21.52 -64.71
N GLU A 792 -11.73 20.71 -65.40
CA GLU A 792 -10.77 21.25 -66.38
C GLU A 792 -11.32 22.48 -67.14
N GLU A 793 -12.48 22.32 -67.78
CA GLU A 793 -13.02 23.35 -68.65
C GLU A 793 -14.35 23.99 -68.26
N THR A 794 -14.88 23.75 -67.06
CA THR A 794 -16.24 24.22 -66.73
C THR A 794 -16.46 24.33 -65.25
N VAL A 795 -17.05 25.43 -64.83
CA VAL A 795 -17.32 25.69 -63.42
C VAL A 795 -18.83 25.65 -63.20
N TYR A 796 -19.33 24.91 -62.22
CA TYR A 796 -20.75 24.98 -61.94
C TYR A 796 -20.98 25.70 -60.64
N GLU A 797 -21.56 26.90 -60.66
CA GLU A 797 -21.70 27.67 -59.44
C GLU A 797 -23.12 27.79 -58.93
N GLY A 798 -23.20 28.13 -57.64
CA GLY A 798 -24.44 28.27 -56.87
C GLY A 798 -24.70 29.69 -56.38
N VAL A 799 -25.87 30.19 -56.74
CA VAL A 799 -26.30 31.55 -56.42
C VAL A 799 -27.65 31.50 -55.73
N LYS A 800 -27.75 32.09 -54.55
CA LYS A 800 -29.00 32.12 -53.79
C LYS A 800 -29.99 33.06 -54.47
N SER A 801 -30.99 32.51 -55.17
CA SER A 801 -32.00 33.36 -55.85
C SER A 801 -33.07 33.88 -54.88
N GLY A 802 -32.79 33.72 -53.58
CA GLY A 802 -33.74 34.04 -52.52
C GLY A 802 -34.17 32.75 -51.87
N LYS A 803 -35.20 32.12 -52.44
CA LYS A 803 -35.65 30.79 -52.00
C LYS A 803 -34.73 29.68 -52.58
N LEU A 804 -34.73 29.52 -53.90
CA LEU A 804 -33.97 28.41 -54.50
C LEU A 804 -32.63 28.86 -55.12
N THR A 805 -31.53 28.22 -54.66
CA THR A 805 -30.19 28.44 -55.23
C THR A 805 -30.00 27.69 -56.57
N LYS A 806 -29.54 28.39 -57.62
CA LYS A 806 -29.42 27.77 -58.93
C LYS A 806 -28.01 27.73 -59.50
N VAL A 807 -27.84 26.92 -60.54
CA VAL A 807 -26.53 26.52 -61.05
C VAL A 807 -26.14 27.34 -62.28
N ILE A 808 -25.00 28.00 -62.22
CA ILE A 808 -24.47 28.73 -63.34
C ILE A 808 -23.28 27.97 -63.89
N GLU A 809 -23.25 27.69 -65.19
CA GLU A 809 -22.11 26.99 -65.80
C GLU A 809 -21.26 27.96 -66.64
N ARG A 810 -19.94 27.94 -66.47
CA ARG A 810 -19.08 28.88 -67.17
C ARG A 810 -17.67 28.34 -67.32
N LYS A 811 -16.94 28.84 -68.33
CA LYS A 811 -15.50 28.54 -68.50
C LYS A 811 -14.74 29.07 -67.28
N PRO A 812 -13.57 28.46 -66.95
CA PRO A 812 -12.70 28.92 -65.85
C PRO A 812 -11.84 30.14 -66.21
N GLN A 813 -11.68 31.07 -65.27
CA GLN A 813 -10.64 32.11 -65.37
C GLN A 813 -9.21 31.46 -65.25
N ASP A 814 -8.19 32.11 -65.81
CA ASP A 814 -6.82 31.55 -65.87
C ASP A 814 -6.33 31.04 -64.56
N PHE A 815 -6.55 31.79 -63.48
CA PHE A 815 -6.12 31.34 -62.15
C PHE A 815 -6.90 30.14 -61.60
N GLU A 816 -8.16 30.03 -61.98
CA GLU A 816 -8.96 28.87 -61.63
C GLU A 816 -8.48 27.64 -62.38
N ARG A 817 -8.04 27.82 -63.63
CA ARG A 817 -7.57 26.71 -64.45
C ARG A 817 -6.18 26.31 -64.02
N LYS A 818 -5.43 27.30 -63.53
CA LYS A 818 -4.14 27.07 -62.86
C LYS A 818 -4.35 26.27 -61.56
N GLU A 819 -4.98 26.90 -60.57
CA GLU A 819 -5.44 26.20 -59.36
C GLU A 819 -5.98 24.78 -59.53
N PHE A 820 -6.83 24.56 -60.52
CA PHE A 820 -7.43 23.26 -60.67
C PHE A 820 -6.43 22.18 -61.01
N ARG A 821 -5.52 22.47 -61.94
CA ARG A 821 -4.50 21.50 -62.29
C ARG A 821 -3.53 21.30 -61.12
N GLU A 822 -3.05 22.39 -60.54
CA GLU A 822 -2.21 22.35 -59.34
C GLU A 822 -2.92 21.70 -58.15
N LEU A 823 -4.22 21.81 -58.05
CA LEU A 823 -4.88 21.16 -56.95
C LEU A 823 -5.03 19.66 -57.16
N LYS A 824 -5.52 19.23 -58.32
CA LYS A 824 -5.74 17.80 -58.53
C LYS A 824 -4.48 16.95 -58.28
N MET A 825 -3.35 17.39 -58.84
CA MET A 825 -2.05 16.73 -58.66
C MET A 825 -1.65 16.64 -57.18
N THR A 826 -1.92 17.71 -56.44
CA THR A 826 -1.67 17.82 -55.01
C THR A 826 -2.56 16.92 -54.15
N LEU A 827 -3.84 16.83 -54.50
CA LEU A 827 -4.72 15.91 -53.78
C LEU A 827 -4.35 14.44 -53.98
N LYS A 828 -4.27 13.98 -55.23
CA LYS A 828 -4.06 12.55 -55.50
C LYS A 828 -2.82 12.00 -54.79
N SER A 829 -1.74 12.79 -54.75
CA SER A 829 -0.51 12.31 -54.17
C SER A 829 -0.55 12.41 -52.67
N ASN A 830 -1.23 13.43 -52.15
CA ASN A 830 -1.36 13.50 -50.75
C ASN A 830 -2.21 12.33 -50.26
N TYR A 831 -3.30 12.01 -50.94
CA TYR A 831 -4.07 10.84 -50.56
C TYR A 831 -3.29 9.50 -50.66
N GLN A 832 -2.36 9.37 -51.62
CA GLN A 832 -1.49 8.16 -51.76
C GLN A 832 -0.46 8.14 -50.64
N ARG A 833 0.15 9.29 -50.37
CA ARG A 833 1.35 9.30 -49.56
C ARG A 833 1.04 9.26 -48.07
N THR A 834 -0.09 9.87 -47.71
CA THR A 834 -0.48 10.24 -46.36
C THR A 834 -1.53 9.25 -45.81
N LYS A 835 -2.41 8.75 -46.69
CA LYS A 835 -3.51 7.87 -46.28
C LYS A 835 -3.59 6.51 -47.00
N ALA A 836 -2.68 6.27 -47.95
CA ALA A 836 -2.72 5.07 -48.80
C ALA A 836 -4.09 4.90 -49.51
N ILE A 837 -4.59 6.02 -50.05
CA ILE A 837 -5.80 6.08 -50.87
C ILE A 837 -5.32 6.35 -52.27
N LEU A 838 -5.50 5.33 -53.11
CA LEU A 838 -5.20 5.44 -54.54
C LEU A 838 -6.45 5.90 -55.29
N LEU A 839 -6.43 7.16 -55.74
CA LEU A 839 -7.57 7.71 -56.44
C LEU A 839 -7.54 7.34 -57.90
N ASP A 840 -8.74 7.16 -58.48
CA ASP A 840 -8.91 6.94 -59.94
C ASP A 840 -7.94 7.87 -60.69
N ASP A 841 -8.39 9.12 -60.77
CA ASP A 841 -7.69 10.29 -61.30
C ASP A 841 -8.81 11.29 -61.39
N ILE A 842 -8.51 12.51 -60.97
CA ILE A 842 -9.57 13.42 -60.55
C ILE A 842 -10.48 13.85 -61.73
N SER A 843 -11.75 13.45 -61.66
CA SER A 843 -12.73 13.88 -62.67
C SER A 843 -13.07 15.38 -62.43
N ALA A 844 -14.01 15.63 -61.50
CA ALA A 844 -14.37 16.96 -61.00
C ALA A 844 -13.63 17.36 -59.69
N LEU A 845 -14.20 18.32 -58.95
CA LEU A 845 -13.71 18.74 -57.66
C LEU A 845 -14.83 19.54 -57.01
N ALA A 846 -15.53 18.89 -56.07
CA ALA A 846 -16.49 19.55 -55.22
C ALA A 846 -15.75 20.57 -54.35
N LYS A 847 -16.14 21.84 -54.41
CA LYS A 847 -15.69 22.85 -53.43
C LYS A 847 -16.77 23.05 -52.35
N VAL A 848 -16.37 22.93 -51.08
CA VAL A 848 -17.32 22.85 -49.98
C VAL A 848 -16.89 23.69 -48.79
N VAL A 849 -17.87 23.92 -47.91
CA VAL A 849 -17.65 24.46 -46.57
C VAL A 849 -18.38 23.58 -45.54
N PRO A 850 -17.73 23.32 -44.43
CA PRO A 850 -18.34 22.43 -43.50
C PRO A 850 -19.22 23.10 -42.46
N VAL A 851 -20.21 22.33 -41.98
CA VAL A 851 -21.10 22.82 -40.92
C VAL A 851 -20.29 23.04 -39.62
N ASN A 852 -20.32 24.27 -39.10
CA ASN A 852 -19.56 24.59 -37.90
C ASN A 852 -20.41 24.89 -36.68
N GLY A 853 -21.71 24.60 -36.78
CA GLY A 853 -22.69 24.75 -35.68
C GLY A 853 -24.12 25.08 -36.13
N LEU A 854 -24.90 25.67 -35.23
CA LEU A 854 -26.22 26.27 -35.52
C LEU A 854 -26.12 27.75 -35.17
N VAL A 855 -27.08 28.56 -35.60
CA VAL A 855 -27.02 29.97 -35.30
C VAL A 855 -28.44 30.53 -35.32
N ARG A 856 -28.74 31.43 -34.36
CA ARG A 856 -30.07 32.06 -34.22
C ARG A 856 -30.29 33.14 -35.29
N ASN A 857 -31.48 33.13 -35.88
CA ASN A 857 -31.89 34.17 -36.80
C ASN A 857 -32.86 35.11 -36.09
N SER A 858 -33.26 36.21 -36.75
CA SER A 858 -34.04 37.26 -36.07
C SER A 858 -35.33 36.71 -35.53
N ASP A 859 -35.89 35.76 -36.28
CA ASP A 859 -37.22 35.21 -36.00
C ASP A 859 -37.25 34.13 -34.94
N GLY A 860 -36.15 34.00 -34.19
CA GLY A 860 -36.02 32.99 -33.12
C GLY A 860 -35.69 31.55 -33.54
N SER A 861 -35.73 31.25 -34.84
CA SER A 861 -35.30 29.93 -35.33
C SER A 861 -33.78 29.76 -35.28
N TYR A 862 -33.35 28.53 -35.38
CA TYR A 862 -31.94 28.26 -35.38
C TYR A 862 -31.62 27.47 -36.61
N SER A 863 -30.56 27.85 -37.34
CA SER A 863 -30.20 27.13 -38.56
C SER A 863 -28.68 26.87 -38.76
N LYS A 864 -28.32 25.97 -39.69
CA LYS A 864 -26.92 25.57 -39.90
C LYS A 864 -26.01 26.76 -40.14
N SER A 865 -24.91 26.79 -39.39
CA SER A 865 -23.83 27.73 -39.63
C SER A 865 -22.66 27.02 -40.28
N PHE A 866 -21.85 27.77 -41.02
CA PHE A 866 -20.78 27.21 -41.84
C PHE A 866 -19.45 27.90 -41.66
N ASN A 867 -18.37 27.14 -41.52
CA ASN A 867 -17.06 27.75 -41.55
C ASN A 867 -16.65 28.47 -42.87
N GLU A 868 -16.31 29.77 -42.79
CA GLU A 868 -15.86 30.60 -43.95
C GLU A 868 -14.75 29.99 -44.85
N THR A 869 -14.06 28.94 -44.39
CA THR A 869 -12.87 28.46 -45.10
C THR A 869 -13.20 27.41 -46.12
N ILE A 870 -12.82 27.67 -47.36
CA ILE A 870 -13.07 26.79 -48.49
C ILE A 870 -12.23 25.50 -48.42
N GLU A 871 -12.87 24.35 -48.55
CA GLU A 871 -12.11 23.14 -48.84
C GLU A 871 -12.59 22.48 -50.12
N TYR A 872 -11.65 21.76 -50.75
CA TYR A 872 -11.81 21.08 -52.05
C TYR A 872 -11.70 19.55 -51.82
N TYR A 873 -12.47 18.76 -52.55
CA TYR A 873 -12.38 17.31 -52.44
C TYR A 873 -12.65 16.75 -53.81
N PRO A 874 -11.91 15.71 -54.23
CA PRO A 874 -12.28 15.09 -55.48
C PRO A 874 -13.73 14.68 -55.38
N LEU A 875 -14.45 14.66 -56.49
CA LEU A 875 -15.86 14.35 -56.46
C LEU A 875 -16.14 12.90 -56.05
N GLN A 876 -15.22 12.00 -56.40
CA GLN A 876 -15.38 10.58 -56.10
C GLN A 876 -15.48 10.24 -54.61
N LEU A 877 -14.90 11.12 -53.78
CA LEU A 877 -14.98 11.02 -52.32
C LEU A 877 -16.19 11.77 -51.73
N ILE A 878 -17.05 12.34 -52.57
CA ILE A 878 -18.26 12.97 -52.04
C ILE A 878 -19.46 12.01 -51.86
N VAL A 879 -20.02 11.98 -50.66
CA VAL A 879 -21.12 11.07 -50.40
C VAL A 879 -22.32 11.91 -50.30
N GLU A 880 -23.42 11.45 -50.85
CA GLU A 880 -24.63 12.24 -50.87
C GLU A 880 -25.39 12.21 -49.57
N ASP A 881 -25.48 11.10 -48.88
CA ASP A 881 -26.30 11.06 -47.67
C ASP A 881 -25.83 9.96 -46.72
N VAL A 882 -26.42 9.89 -45.54
CA VAL A 882 -25.90 9.03 -44.52
C VAL A 882 -27.08 8.67 -43.62
N LYS A 883 -27.14 7.44 -43.13
CA LYS A 883 -28.30 7.09 -42.34
C LYS A 883 -28.45 7.92 -41.08
N ASN A 884 -27.42 7.94 -40.24
CA ASN A 884 -27.47 8.65 -38.98
C ASN A 884 -26.86 10.01 -39.02
N LYS A 885 -27.71 11.00 -38.82
CA LYS A 885 -27.33 12.41 -38.94
C LYS A 885 -26.99 12.99 -37.57
N ASP A 886 -25.96 13.85 -37.52
CA ASP A 886 -25.50 14.46 -36.27
C ASP A 886 -26.56 15.33 -35.63
N GLU A 887 -27.26 14.81 -34.61
CA GLU A 887 -28.27 15.57 -33.85
C GLU A 887 -27.97 17.06 -33.52
N ARG A 888 -26.72 17.38 -33.15
CA ARG A 888 -26.30 18.74 -32.82
C ARG A 888 -26.53 19.71 -33.97
N TYR A 889 -26.84 19.18 -35.14
CA TYR A 889 -27.04 20.01 -36.31
C TYR A 889 -28.46 19.91 -36.90
N ILE A 890 -29.38 19.29 -36.19
CA ILE A 890 -30.72 19.38 -36.66
C ILE A 890 -31.22 20.79 -36.42
N GLU A 891 -31.59 21.49 -37.51
CA GLU A 891 -32.20 22.83 -37.47
C GLU A 891 -33.49 22.82 -36.62
N LYS A 892 -33.75 23.89 -35.87
CA LYS A 892 -34.95 23.95 -35.01
C LYS A 892 -35.83 25.20 -35.26
N GLU A 893 -37.14 25.03 -35.05
CA GLU A 893 -38.12 26.10 -35.26
C GLU A 893 -38.12 27.10 -34.10
N PRO A 894 -38.74 28.27 -34.31
CA PRO A 894 -38.81 29.23 -33.21
C PRO A 894 -39.52 28.64 -31.97
N LEU A 895 -39.20 29.14 -30.78
CA LEU A 895 -39.88 28.80 -29.54
C LEU A 895 -40.49 30.02 -28.83
N PRO A 896 -41.56 29.81 -28.08
CA PRO A 896 -42.08 30.87 -27.21
C PRO A 896 -41.07 31.31 -26.10
N ILE A 897 -41.06 32.59 -25.74
CA ILE A 897 -40.30 33.17 -24.61
C ILE A 897 -40.12 32.26 -23.40
N ASN A 898 -41.23 31.81 -22.81
CA ASN A 898 -41.23 31.00 -21.57
C ASN A 898 -40.51 29.62 -21.68
N LYS A 899 -40.33 29.15 -22.91
CA LYS A 899 -39.67 27.87 -23.20
C LYS A 899 -38.22 28.11 -23.63
N GLU A 900 -37.99 29.22 -24.33
CA GLU A 900 -36.66 29.54 -24.78
C GLU A 900 -35.89 30.19 -23.65
N PHE A 901 -36.58 30.90 -22.78
CA PHE A 901 -35.96 31.44 -21.58
C PHE A 901 -36.92 31.22 -20.42
N PRO A 902 -36.99 29.97 -19.95
CA PRO A 902 -37.89 29.65 -18.85
C PRO A 902 -37.65 30.48 -17.57
N LYS A 903 -38.75 30.80 -16.90
CA LYS A 903 -38.75 31.49 -15.60
C LYS A 903 -37.69 30.83 -14.76
N GLY A 904 -36.79 31.64 -14.20
CA GLY A 904 -35.71 31.17 -13.32
C GLY A 904 -34.40 30.83 -14.03
N SER A 905 -34.47 30.68 -15.36
CA SER A 905 -33.32 30.42 -16.24
C SER A 905 -32.23 31.48 -16.01
N LYS A 906 -30.96 31.12 -16.14
CA LYS A 906 -29.90 32.09 -15.90
C LYS A 906 -29.37 32.50 -17.25
N VAL A 907 -29.16 33.78 -17.49
CA VAL A 907 -28.83 34.18 -18.84
C VAL A 907 -27.79 35.29 -18.87
N VAL A 908 -27.27 35.63 -20.05
CA VAL A 908 -26.29 36.69 -20.12
C VAL A 908 -26.95 37.98 -20.59
N PHE A 909 -26.92 38.97 -19.72
CA PHE A 909 -27.47 40.27 -20.07
C PHE A 909 -26.53 41.01 -20.99
N LEU A 910 -27.02 41.35 -22.18
CA LEU A 910 -26.37 42.31 -23.04
C LEU A 910 -27.00 43.65 -22.69
N GLY A 911 -26.60 44.76 -23.27
CA GLY A 911 -27.29 45.98 -22.82
C GLY A 911 -26.56 46.75 -21.75
N ASP A 912 -26.66 48.09 -21.83
CA ASP A 912 -25.61 49.00 -21.32
C ASP A 912 -25.45 48.98 -19.80
N TYR A 913 -26.55 48.68 -19.09
CA TYR A 913 -26.52 48.63 -17.61
C TYR A 913 -25.51 47.64 -17.05
N ALA A 914 -25.44 46.45 -17.63
CA ALA A 914 -24.40 45.49 -17.26
C ALA A 914 -24.01 44.48 -18.35
N TYR A 915 -23.20 44.92 -19.33
CA TYR A 915 -22.88 44.13 -20.51
C TYR A 915 -22.15 42.89 -20.08
N GLY A 916 -22.80 41.73 -20.09
CA GLY A 916 -22.20 40.53 -19.55
C GLY A 916 -22.70 40.18 -18.17
N GLY A 917 -23.76 40.81 -17.71
CA GLY A 917 -24.24 40.53 -16.37
C GLY A 917 -25.09 39.28 -16.22
N GLU A 918 -24.95 38.62 -15.09
CA GLU A 918 -25.83 37.51 -14.72
C GLU A 918 -27.26 38.01 -14.63
N ALA A 919 -28.15 37.32 -15.33
CA ALA A 919 -29.56 37.72 -15.45
C ALA A 919 -30.39 36.54 -15.02
N THR A 920 -31.52 36.81 -14.37
CA THR A 920 -32.46 35.74 -14.04
C THR A 920 -33.80 36.07 -14.65
N VAL A 921 -34.38 35.14 -15.39
CA VAL A 921 -35.71 35.32 -15.95
C VAL A 921 -36.75 35.27 -14.80
N ASP A 922 -37.46 36.38 -14.57
CA ASP A 922 -38.42 36.42 -13.47
C ASP A 922 -39.80 36.12 -13.98
N GLY A 923 -40.12 36.66 -15.14
CA GLY A 923 -41.40 36.39 -15.76
C GLY A 923 -41.45 37.11 -17.07
N TYR A 924 -42.66 37.32 -17.59
CA TYR A 924 -42.78 37.89 -18.93
C TYR A 924 -43.75 39.02 -18.87
N ASN A 925 -43.42 40.09 -19.58
CA ASN A 925 -44.27 41.24 -19.50
C ASN A 925 -45.31 41.13 -20.59
N SER A 926 -44.90 40.52 -21.67
CA SER A 926 -45.66 40.46 -22.88
C SER A 926 -45.45 39.02 -23.32
N GLU A 927 -45.39 38.77 -24.62
CA GLU A 927 -45.00 37.48 -25.10
C GLU A 927 -43.87 37.79 -26.05
N THR A 928 -43.16 38.87 -25.76
CA THR A 928 -42.09 39.31 -26.64
C THR A 928 -41.11 40.08 -25.75
N ARG A 929 -41.59 40.47 -24.58
CA ARG A 929 -40.79 41.18 -23.60
C ARG A 929 -40.79 40.38 -22.31
N LEU A 930 -39.68 40.41 -21.60
CA LEU A 930 -39.60 39.69 -20.33
C LEU A 930 -38.93 40.53 -19.27
N LYS A 931 -39.08 40.10 -18.01
CA LYS A 931 -38.59 40.88 -16.88
C LYS A 931 -37.55 40.07 -16.16
N LEU A 932 -36.46 40.73 -15.74
CA LEU A 932 -35.33 40.01 -15.13
C LEU A 932 -34.68 40.67 -13.91
N THR A 933 -33.81 39.91 -13.24
CA THR A 933 -32.92 40.45 -12.20
C THR A 933 -31.50 40.44 -12.77
N VAL A 934 -30.90 41.62 -12.94
CA VAL A 934 -29.54 41.70 -13.47
C VAL A 934 -28.53 42.11 -12.40
N LYS A 935 -27.58 41.22 -12.09
CA LYS A 935 -26.44 41.54 -11.19
C LYS A 935 -25.31 42.24 -11.92
N LYS A 936 -25.00 43.48 -11.52
CA LYS A 936 -23.85 44.22 -12.01
C LYS A 936 -22.73 43.83 -11.09
N GLY A 937 -21.79 43.03 -11.57
CA GLY A 937 -20.78 42.38 -10.73
C GLY A 937 -19.74 43.32 -10.19
N SER A 938 -19.74 44.57 -10.66
CA SER A 938 -18.71 45.56 -10.31
C SER A 938 -19.20 46.97 -10.57
N LEU A 939 -18.96 47.92 -9.65
CA LEU A 939 -19.33 49.32 -9.86
C LEU A 939 -18.13 50.18 -10.24
N ARG A 940 -16.99 49.53 -10.44
CA ARG A 940 -15.74 50.21 -10.73
C ARG A 940 -15.38 50.05 -12.18
N ALA A 941 -14.95 51.13 -12.81
CA ALA A 941 -14.39 51.11 -14.17
C ALA A 941 -13.51 49.89 -14.46
N GLU A 942 -13.59 49.43 -15.69
CA GLU A 942 -12.72 48.40 -16.16
C GLU A 942 -11.32 48.96 -16.10
N PRO A 943 -10.33 48.13 -15.75
CA PRO A 943 -8.94 48.55 -15.86
C PRO A 943 -8.46 48.84 -17.29
N ASN A 944 -7.25 49.36 -17.37
CA ASN A 944 -6.84 50.19 -18.47
C ASN A 944 -5.62 49.64 -19.23
N ILE A 945 -4.71 48.94 -18.52
CA ILE A 945 -3.37 48.64 -19.05
C ILE A 945 -3.34 47.91 -20.39
N GLY A 946 -4.01 46.76 -20.48
CA GLY A 946 -4.11 46.06 -21.76
C GLY A 946 -4.15 47.08 -22.90
N LYS A 947 -5.25 47.82 -23.02
CA LYS A 947 -5.34 48.84 -24.04
C LYS A 947 -4.09 49.72 -24.11
N VAL A 948 -3.76 50.38 -23.00
CA VAL A 948 -2.55 51.20 -22.94
C VAL A 948 -1.37 50.51 -23.62
N ARG A 949 -1.12 49.25 -23.24
CA ARG A 949 0.07 48.53 -23.65
C ARG A 949 0.02 48.12 -25.08
N ALA A 950 -1.15 47.66 -25.53
CA ALA A 950 -1.34 47.38 -26.94
C ALA A 950 -0.86 48.57 -27.78
N LYS A 951 -1.35 49.78 -27.50
CA LYS A 951 -0.90 50.97 -28.27
C LYS A 951 0.59 51.29 -28.08
N LEU A 952 1.14 50.99 -26.89
CA LEU A 952 2.57 51.13 -26.67
C LEU A 952 3.38 50.23 -27.58
N ASP A 953 3.06 48.95 -27.60
CA ASP A 953 3.77 48.03 -28.45
C ASP A 953 3.69 48.46 -29.92
N SER A 954 2.48 48.76 -30.38
CA SER A 954 2.29 49.11 -31.78
C SER A 954 3.01 50.42 -32.15
N GLN A 955 3.10 51.36 -31.21
CA GLN A 955 3.87 52.55 -31.49
C GLN A 955 5.37 52.27 -31.34
N ALA A 956 5.74 51.30 -30.48
CA ALA A 956 7.15 50.96 -30.23
C ALA A 956 7.81 50.02 -31.25
N LEU A 957 7.00 49.48 -32.16
CA LEU A 957 7.50 48.54 -33.14
C LEU A 957 6.79 48.71 -34.48
N ARG A 958 7.25 49.68 -35.25
CA ARG A 958 6.54 50.06 -36.48
C ARG A 958 6.84 49.13 -37.68
N PHE A 959 5.83 48.87 -38.51
CA PHE A 959 5.92 48.02 -39.73
C PHE A 959 5.82 48.78 -41.05
N TYR A 960 6.62 48.38 -42.05
CA TYR A 960 6.69 49.04 -43.38
C TYR A 960 6.38 48.06 -44.52
N PRO A 961 5.73 48.54 -45.61
CA PRO A 961 5.61 47.68 -46.83
C PRO A 961 6.92 47.58 -47.66
N THR A 962 7.20 46.38 -48.19
CA THR A 962 8.42 46.13 -48.99
C THR A 962 8.77 47.40 -49.78
N GLN A 963 7.85 47.80 -50.65
CA GLN A 963 7.92 49.02 -51.44
C GLN A 963 6.59 49.80 -51.33
N UNK A 967 7.05 43.70 -42.93
CA UNK A 967 8.46 43.68 -42.49
C UNK A 967 8.81 44.74 -41.39
N UNK A 968 9.25 44.25 -40.19
CA UNK A 968 9.35 45.06 -38.92
C UNK A 968 10.71 45.73 -38.70
N UNK A 969 10.72 46.90 -38.04
CA UNK A 969 11.99 47.57 -37.60
C UNK A 969 13.04 46.56 -37.07
N UNK A 970 12.62 45.55 -36.26
CA UNK A 970 13.57 44.44 -35.87
C UNK A 970 14.13 43.67 -37.09
N UNK A 971 13.29 43.27 -38.07
CA UNK A 971 13.88 42.83 -39.41
C UNK A 971 14.96 43.82 -40.06
N UNK A 972 14.59 45.11 -40.21
CA UNK A 972 15.54 46.19 -40.58
C UNK A 972 16.88 46.08 -39.81
N UNK A 973 16.83 46.01 -38.47
CA UNK A 973 18.06 45.84 -37.68
C UNK A 973 18.82 44.53 -37.94
N UNK A 974 18.12 43.42 -38.31
CA UNK A 974 18.79 42.13 -38.63
C UNK A 974 19.48 42.20 -40.01
N UNK A 975 18.77 42.75 -41.04
CA UNK A 975 19.39 43.00 -42.38
C UNK A 975 20.47 44.11 -42.38
N UNK A 976 20.48 44.98 -41.36
CA UNK A 976 21.57 45.94 -41.21
C UNK A 976 22.75 45.31 -40.41
N UNK A 977 22.45 44.45 -39.43
CA UNK A 977 23.49 43.69 -38.74
C UNK A 977 24.23 42.73 -39.71
N UNK A 978 23.50 41.86 -40.44
CA UNK A 978 24.14 40.94 -41.41
C UNK A 978 25.04 41.63 -42.52
N UNK A 979 24.49 42.64 -43.22
CA UNK A 979 25.26 43.40 -44.22
C UNK A 979 26.53 44.08 -43.64
N UNK A 980 26.40 44.78 -42.51
CA UNK A 980 27.56 45.40 -41.80
C UNK A 980 28.48 44.33 -41.20
N UNK A 981 28.05 43.07 -41.29
CA UNK A 981 28.64 41.96 -40.54
C UNK A 981 28.61 42.24 -39.03
N LYS A 993 28.69 41.69 -44.49
CA LYS A 993 29.72 40.70 -44.74
C LYS A 993 29.80 39.80 -43.53
N THR A 994 29.25 38.60 -43.66
CA THR A 994 29.44 37.48 -42.69
C THR A 994 28.85 36.19 -43.26
N VAL A 995 28.78 35.15 -42.40
CA VAL A 995 27.94 33.89 -42.51
C VAL A 995 28.67 32.64 -42.00
N ALA A 996 27.98 31.52 -41.81
CA ALA A 996 26.55 31.37 -42.08
C ALA A 996 25.89 31.25 -40.73
N ASP A 997 26.31 30.22 -39.99
CA ASP A 997 26.06 30.01 -38.56
C ASP A 997 25.72 31.26 -37.72
N TRP A 998 26.30 32.42 -38.06
CA TRP A 998 25.97 33.69 -37.44
C TRP A 998 24.46 33.90 -37.53
N LEU A 999 23.91 33.56 -38.69
CA LEU A 999 22.48 33.61 -38.97
C LEU A 999 21.68 32.55 -38.18
N SER A 1000 22.17 31.31 -38.11
CA SER A 1000 21.52 30.26 -37.30
C SER A 1000 21.50 30.64 -35.81
N GLU A 1001 22.54 31.37 -35.41
CA GLU A 1001 22.67 31.88 -34.05
C GLU A 1001 21.62 32.95 -33.74
N ALA A 1002 21.39 33.86 -34.68
CA ALA A 1002 20.38 34.90 -34.56
C ALA A 1002 18.95 34.32 -34.49
N ARG A 1003 18.73 33.18 -35.14
CA ARG A 1003 17.42 32.54 -35.26
C ARG A 1003 16.86 31.88 -33.98
N LYS A 1004 17.61 31.97 -32.88
CA LYS A 1004 17.26 31.30 -31.61
C LYS A 1004 15.94 31.72 -31.01
N PRO A 1005 15.75 33.04 -30.73
CA PRO A 1005 14.46 33.47 -30.19
C PRO A 1005 13.30 33.37 -31.20
N PHE A 1006 12.60 32.23 -31.25
CA PHE A 1006 11.63 31.95 -32.33
C PHE A 1006 10.22 32.59 -32.17
N VAL A 1007 9.88 33.47 -33.11
CA VAL A 1007 8.58 34.13 -33.14
C VAL A 1007 7.70 33.44 -34.20
N VAL A 1008 7.65 32.11 -34.17
CA VAL A 1008 7.04 31.36 -35.30
C VAL A 1008 5.60 30.91 -35.08
N VAL A 1009 4.68 31.54 -35.82
CA VAL A 1009 3.25 31.33 -35.60
C VAL A 1009 2.40 31.71 -36.83
N SER A 1010 1.15 31.24 -36.87
CA SER A 1010 0.22 31.51 -37.99
C SER A 1010 0.08 33.02 -38.29
N LEU A 1011 -0.65 33.38 -39.33
CA LEU A 1011 -0.58 34.74 -39.84
C LEU A 1011 -1.38 35.82 -39.09
N GLU A 1012 -2.63 35.51 -38.74
CA GLU A 1012 -3.43 36.41 -37.90
C GLU A 1012 -3.22 35.80 -36.55
N SER A 1013 -2.20 36.28 -35.85
CA SER A 1013 -2.00 35.89 -34.46
C SER A 1013 -0.77 36.55 -33.91
N ASP A 1014 -0.93 37.50 -33.00
CA ASP A 1014 0.25 38.11 -32.41
C ASP A 1014 0.26 38.17 -30.86
N SER A 1015 1.00 39.11 -30.28
CA SER A 1015 1.24 39.12 -28.85
C SER A 1015 1.68 40.47 -28.27
N LEU A 1016 1.52 40.62 -26.96
CA LEU A 1016 2.05 41.76 -26.26
C LEU A 1016 3.48 41.40 -25.95
N THR A 1017 4.37 42.39 -26.01
CA THR A 1017 5.76 42.18 -25.53
C THR A 1017 5.84 41.68 -24.06
N LYS A 1018 6.62 40.63 -23.83
CA LYS A 1018 6.94 40.16 -22.49
C LYS A 1018 6.94 41.26 -21.40
N ALA A 1019 7.52 42.43 -21.73
CA ALA A 1019 7.44 43.59 -20.87
C ALA A 1019 5.96 43.90 -20.54
N SER A 1020 5.24 44.38 -21.55
CA SER A 1020 3.81 44.60 -21.49
C SER A 1020 3.04 43.54 -20.67
N MET A 1021 3.36 42.27 -20.91
CA MET A 1021 2.68 41.17 -20.25
C MET A 1021 2.71 41.40 -18.73
N ALA A 1022 3.93 41.50 -18.20
CA ALA A 1022 4.17 41.73 -16.78
C ALA A 1022 3.59 43.06 -16.27
N ALA A 1023 3.74 44.14 -17.04
CA ALA A 1023 3.17 45.42 -16.64
C ALA A 1023 1.69 45.18 -16.47
N VAL A 1024 1.08 44.46 -17.42
CA VAL A 1024 -0.34 44.14 -17.27
C VAL A 1024 -0.55 43.33 -15.99
N GLU A 1025 0.28 42.33 -15.76
CA GLU A 1025 0.13 41.60 -14.52
C GLU A 1025 0.21 42.46 -13.25
N SER A 1026 1.20 43.36 -13.17
CA SER A 1026 1.39 44.17 -11.96
C SER A 1026 0.18 45.09 -11.74
N GLU A 1027 -0.20 45.79 -12.81
CA GLU A 1027 -1.28 46.75 -12.76
C GLU A 1027 -2.67 46.11 -12.59
N ILE A 1028 -2.75 44.79 -12.80
CA ILE A 1028 -3.95 44.00 -12.46
C ILE A 1028 -3.96 43.61 -10.98
N ILE A 1029 -2.86 43.00 -10.51
CA ILE A 1029 -2.72 42.62 -9.11
C ILE A 1029 -3.14 43.71 -8.10
N LYS A 1030 -2.80 44.96 -8.41
CA LYS A 1030 -3.22 46.10 -7.60
C LYS A 1030 -4.68 46.57 -7.82
N TYR A 1031 -5.15 46.50 -9.07
CA TYR A 1031 -6.57 46.79 -9.42
C TYR A 1031 -7.54 45.85 -8.68
N VAL A 1032 -7.16 44.59 -8.64
CA VAL A 1032 -8.06 43.59 -8.13
C VAL A 1032 -7.96 43.55 -6.60
N SER A 1033 -7.39 44.60 -6.00
CA SER A 1033 -7.43 44.76 -4.54
C SER A 1033 -7.95 46.13 -4.08
N LEU A 1034 -8.29 47.02 -5.02
CA LEU A 1034 -9.07 48.20 -4.68
C LEU A 1034 -10.48 47.75 -4.16
N PRO A 1035 -11.06 48.48 -3.19
CA PRO A 1035 -12.47 48.28 -2.77
C PRO A 1035 -13.39 48.21 -3.98
N ASP A 1036 -14.41 47.36 -3.89
CA ASP A 1036 -15.36 47.16 -5.00
C ASP A 1036 -16.62 46.33 -4.66
N SER A 1037 -17.78 46.67 -5.23
CA SER A 1037 -18.98 45.99 -4.78
C SER A 1037 -19.84 45.59 -5.96
N SER A 1038 -20.79 44.69 -5.72
CA SER A 1038 -21.82 44.43 -6.71
C SER A 1038 -23.12 45.21 -6.45
N GLU A 1039 -24.18 44.84 -7.18
CA GLU A 1039 -25.42 45.61 -7.27
C GLU A 1039 -26.39 44.84 -8.17
N GLN A 1040 -27.62 44.63 -7.72
CA GLN A 1040 -28.71 44.03 -8.53
C GLN A 1040 -29.69 45.10 -8.94
N LYS A 1041 -30.61 44.76 -9.84
CA LYS A 1041 -31.66 45.68 -10.28
C LYS A 1041 -32.85 44.90 -10.90
N LYS A 1042 -34.06 45.01 -10.33
CA LYS A 1042 -35.22 44.47 -11.01
C LYS A 1042 -35.37 45.24 -12.34
N LEU A 1043 -35.33 44.52 -13.45
CA LEU A 1043 -35.60 45.08 -14.79
C LEU A 1043 -36.81 44.47 -15.51
N ALA A 1044 -37.48 45.28 -16.32
CA ALA A 1044 -38.67 44.86 -17.06
C ALA A 1044 -38.85 45.48 -18.46
N LYS A 1045 -39.84 44.97 -19.19
CA LYS A 1045 -40.05 45.34 -20.59
C LYS A 1045 -38.77 45.14 -21.45
N VAL A 1046 -37.98 44.11 -21.11
CA VAL A 1046 -36.73 43.78 -21.83
C VAL A 1046 -37.01 42.90 -23.05
N PRO A 1047 -36.52 43.34 -24.22
CA PRO A 1047 -36.81 42.61 -25.45
C PRO A 1047 -35.87 41.40 -25.57
N ARG A 1048 -36.31 40.32 -26.20
CA ARG A 1048 -35.53 39.09 -26.14
C ARG A 1048 -34.08 39.25 -26.54
N GLU A 1049 -33.76 40.26 -27.35
CA GLU A 1049 -32.38 40.39 -27.84
C GLU A 1049 -31.45 41.26 -26.97
N ALA A 1050 -31.78 41.44 -25.70
CA ALA A 1050 -30.84 42.03 -24.71
C ALA A 1050 -30.24 40.92 -23.87
N ILE A 1051 -30.73 39.72 -24.12
CA ILE A 1051 -30.42 38.54 -23.35
C ILE A 1051 -29.89 37.47 -24.30
N LEU A 1052 -28.91 36.71 -23.86
CA LEU A 1052 -28.59 35.44 -24.59
C LEU A 1052 -28.12 34.20 -23.77
N ASN A 1053 -28.45 33.04 -24.32
CA ASN A 1053 -28.00 31.80 -23.76
C ASN A 1053 -26.61 31.44 -24.30
N ALA A 1054 -25.59 31.59 -23.45
CA ALA A 1054 -24.20 31.46 -23.88
C ALA A 1054 -24.03 30.01 -24.27
N GLU A 1055 -24.77 29.18 -23.54
CA GLU A 1055 -24.88 27.76 -23.78
C GLU A 1055 -24.90 27.43 -25.26
N SER A 1056 -25.81 28.08 -25.97
CA SER A 1056 -26.14 27.72 -27.35
C SER A 1056 -25.96 28.91 -28.27
N SER A 1057 -24.82 29.59 -28.15
CA SER A 1057 -24.44 30.69 -29.04
C SER A 1057 -22.93 30.68 -29.31
N TYR A 1058 -22.32 29.50 -29.40
CA TYR A 1058 -20.89 29.39 -29.69
C TYR A 1058 -20.50 30.14 -30.95
N VAL A 1059 -21.32 30.00 -31.99
CA VAL A 1059 -21.07 30.70 -33.26
C VAL A 1059 -21.13 32.21 -33.14
N LEU A 1060 -22.26 32.75 -32.69
CA LEU A 1060 -22.27 34.19 -32.48
C LEU A 1060 -21.00 34.68 -31.75
N LEU A 1061 -20.71 34.10 -30.58
CA LEU A 1061 -19.60 34.52 -29.76
C LEU A 1061 -18.30 34.40 -30.52
N ARG A 1062 -18.14 33.32 -31.28
CA ARG A 1062 -16.94 33.19 -32.09
C ARG A 1062 -16.83 34.34 -33.09
N SER A 1063 -17.96 34.92 -33.48
CA SER A 1063 -17.94 35.91 -34.53
C SER A 1063 -17.44 37.26 -34.10
N GLN A 1064 -16.81 37.36 -32.93
CA GLN A 1064 -16.43 38.66 -32.34
C GLN A 1064 -14.99 38.97 -32.62
N ARG A 1065 -14.68 40.14 -33.14
CA ARG A 1065 -13.28 40.60 -33.03
C ARG A 1065 -12.75 40.47 -31.59
N PHE A 1066 -11.45 40.20 -31.45
CA PHE A 1066 -10.65 40.40 -30.21
C PHE A 1066 -9.31 41.11 -30.56
N HIS A 1067 -8.89 42.11 -29.78
CA HIS A 1067 -7.56 42.72 -29.96
C HIS A 1067 -6.68 42.66 -28.67
N LEU A 1068 -5.37 42.70 -28.82
CA LEU A 1068 -4.51 42.71 -27.67
C LEU A 1068 -4.98 43.84 -26.81
N GLY A 1069 -5.20 43.60 -25.51
CA GLY A 1069 -5.58 44.66 -24.56
C GLY A 1069 -7.05 44.61 -24.17
N ASP A 1070 -7.86 44.17 -25.12
CA ASP A 1070 -9.28 44.00 -24.90
C ASP A 1070 -9.62 43.30 -23.61
N ARG A 1071 -10.49 43.96 -22.86
CA ARG A 1071 -11.04 43.39 -21.64
C ARG A 1071 -11.94 42.24 -22.04
N VAL A 1072 -11.93 41.13 -21.31
CA VAL A 1072 -12.88 40.00 -21.60
C VAL A 1072 -13.48 39.32 -20.38
N MET A 1073 -14.63 38.67 -20.61
CA MET A 1073 -15.36 37.88 -19.59
C MET A 1073 -15.70 36.44 -20.02
N TYR A 1074 -15.37 35.47 -19.17
CA TYR A 1074 -15.75 34.08 -19.41
C TYR A 1074 -17.22 34.01 -19.17
N ILE A 1075 -17.96 33.37 -20.06
CA ILE A 1075 -19.40 33.58 -20.11
C ILE A 1075 -20.11 32.25 -20.01
N GLN A 1076 -19.35 31.16 -20.08
CA GLN A 1076 -19.93 29.81 -20.08
C GLN A 1076 -20.09 29.17 -18.70
N ASP A 1077 -21.25 28.55 -18.53
CA ASP A 1077 -21.71 27.87 -17.32
C ASP A 1077 -20.90 26.62 -16.87
N SER A 1078 -19.88 26.27 -17.66
CA SER A 1078 -19.01 25.11 -17.47
C SER A 1078 -17.65 25.34 -18.13
N GLY A 1079 -16.70 24.42 -17.87
CA GLY A 1079 -15.31 24.56 -18.31
C GLY A 1079 -14.34 24.84 -17.15
N LYS A 1080 -13.16 25.38 -17.48
CA LYS A 1080 -12.10 25.58 -16.49
C LYS A 1080 -11.94 26.99 -15.86
N VAL A 1081 -12.95 27.85 -15.99
CA VAL A 1081 -12.88 29.17 -15.39
C VAL A 1081 -14.21 29.42 -14.70
N PRO A 1082 -14.20 29.95 -13.47
CA PRO A 1082 -15.49 30.24 -12.86
C PRO A 1082 -16.27 31.33 -13.65
N LEU A 1083 -17.61 31.18 -13.68
CA LEU A 1083 -18.49 31.98 -14.50
C LEU A 1083 -18.25 33.46 -14.20
N HIS A 1084 -18.32 34.30 -15.22
CA HIS A 1084 -18.25 35.76 -15.02
C HIS A 1084 -16.87 36.40 -14.70
N SER A 1085 -15.79 35.61 -14.52
CA SER A 1085 -14.38 36.11 -14.40
C SER A 1085 -13.93 37.06 -15.53
N LYS A 1086 -13.42 38.22 -15.20
CA LYS A 1086 -12.90 39.09 -16.23
C LYS A 1086 -11.41 38.82 -16.47
N GLY A 1087 -10.86 39.35 -17.55
CA GLY A 1087 -9.46 39.18 -17.80
C GLY A 1087 -9.11 40.14 -18.90
N THR A 1088 -7.84 40.17 -19.25
CA THR A 1088 -7.37 40.95 -20.37
C THR A 1088 -6.83 39.99 -21.44
N VAL A 1089 -7.05 40.32 -22.72
CA VAL A 1089 -6.46 39.58 -23.84
C VAL A 1089 -5.00 39.97 -23.98
N VAL A 1090 -4.09 39.03 -23.78
CA VAL A 1090 -2.65 39.27 -24.02
C VAL A 1090 -2.11 38.74 -25.38
N GLY A 1091 -2.92 38.02 -26.13
CA GLY A 1091 -2.45 37.51 -27.39
C GLY A 1091 -3.38 36.45 -27.92
N TYR A 1092 -3.63 36.49 -29.23
CA TYR A 1092 -4.50 35.53 -29.91
C TYR A 1092 -3.70 34.58 -30.78
N THR A 1093 -4.27 33.40 -31.01
CA THR A 1093 -3.62 32.31 -31.74
C THR A 1093 -4.58 31.47 -32.58
N SER A 1094 -4.64 31.73 -33.87
CA SER A 1094 -5.59 30.98 -34.73
C SER A 1094 -4.90 29.80 -35.37
N ILE A 1095 -5.39 28.60 -35.05
CA ILE A 1095 -5.03 27.36 -35.79
C ILE A 1095 -5.92 27.23 -37.04
N GLY A 1096 -5.76 28.19 -37.95
CA GLY A 1096 -6.54 28.27 -39.18
C GLY A 1096 -7.87 28.98 -38.98
N LYS A 1097 -8.86 28.20 -38.57
CA LYS A 1097 -10.27 28.64 -38.53
C LYS A 1097 -10.70 28.94 -37.08
N ASN A 1098 -10.31 28.01 -36.20
CA ASN A 1098 -10.49 28.04 -34.74
C ASN A 1098 -9.52 29.02 -34.08
N VAL A 1099 -10.07 30.04 -33.42
CA VAL A 1099 -9.25 31.02 -32.72
C VAL A 1099 -9.18 30.62 -31.26
N SER A 1100 -7.98 30.83 -30.71
CA SER A 1100 -7.75 30.58 -29.32
C SER A 1100 -7.20 31.84 -28.65
N ILE A 1101 -8.00 32.44 -27.78
CA ILE A 1101 -7.60 33.69 -27.15
C ILE A 1101 -6.82 33.33 -25.94
N GLN A 1102 -5.67 33.98 -25.80
CA GLN A 1102 -4.82 33.91 -24.61
C GLN A 1102 -5.17 34.99 -23.59
N VAL A 1103 -5.82 34.58 -22.49
CA VAL A 1103 -6.39 35.51 -21.53
C VAL A 1103 -5.57 35.60 -20.27
N LEU A 1104 -5.15 36.83 -19.91
CA LEU A 1104 -4.56 37.05 -18.58
C LEU A 1104 -5.75 37.41 -17.71
N PHE A 1105 -6.04 36.56 -16.73
CA PHE A 1105 -7.24 36.74 -15.95
C PHE A 1105 -7.06 37.70 -14.76
N ASP A 1106 -8.14 38.33 -14.33
CA ASP A 1106 -8.09 39.23 -13.18
C ASP A 1106 -7.63 38.49 -11.92
N ASN A 1107 -8.41 37.49 -11.51
CA ASN A 1107 -8.04 36.65 -10.36
C ASN A 1107 -7.15 35.56 -10.93
N GLU A 1108 -6.41 34.87 -10.04
CA GLU A 1108 -5.71 33.65 -10.39
C GLU A 1108 -6.77 32.57 -10.64
N ILE A 1109 -6.36 31.57 -11.39
CA ILE A 1109 -7.20 30.52 -11.94
C ILE A 1109 -6.52 29.20 -11.60
N ILE A 1110 -7.18 28.31 -10.87
CA ILE A 1110 -6.65 26.99 -10.55
C ILE A 1110 -6.21 26.25 -11.84
N ALA A 1111 -6.87 26.53 -12.95
CA ALA A 1111 -6.46 25.91 -14.23
C ALA A 1111 -5.42 26.60 -15.10
N GLY A 1112 -4.84 27.70 -14.64
CA GLY A 1112 -3.99 28.50 -15.52
C GLY A 1112 -2.52 28.17 -15.38
N ASN A 1113 -1.70 29.00 -16.01
CA ASN A 1113 -0.24 28.87 -16.03
C ASN A 1113 0.40 30.23 -16.28
N ASN A 1114 1.72 30.30 -16.25
CA ASN A 1114 2.41 31.57 -16.27
C ASN A 1114 2.87 31.91 -17.68
N PHE A 1115 2.22 31.27 -18.66
CA PHE A 1115 2.58 31.44 -20.06
C PHE A 1115 4.10 31.26 -20.16
N GLY A 1116 4.57 30.14 -19.59
CA GLY A 1116 5.98 29.77 -19.57
C GLY A 1116 6.94 30.87 -19.15
N GLY A 1117 6.78 31.29 -17.89
CA GLY A 1117 7.64 32.25 -17.21
C GLY A 1117 7.19 33.69 -17.40
N ARG A 1118 6.50 33.95 -18.51
CA ARG A 1118 6.17 35.31 -18.89
C ARG A 1118 5.41 36.05 -17.76
N LEU A 1119 4.82 35.24 -16.88
CA LEU A 1119 4.03 35.72 -15.74
C LEU A 1119 4.60 35.17 -14.43
N GLN A 1120 4.14 35.74 -13.31
CA GLN A 1120 4.60 35.35 -11.97
C GLN A 1120 3.50 34.66 -11.13
N THR A 1121 2.30 34.56 -11.70
CA THR A 1121 1.21 33.87 -11.04
C THR A 1121 0.40 33.12 -12.09
N ARG A 1122 -0.33 32.09 -11.66
CA ARG A 1122 -1.22 31.31 -12.57
C ARG A 1122 -2.47 32.10 -13.00
N ARG A 1123 -2.25 33.16 -13.77
CA ARG A 1123 -3.33 34.03 -14.24
C ARG A 1123 -3.69 33.74 -15.70
N GLY A 1124 -2.89 32.85 -16.29
CA GLY A 1124 -2.83 32.62 -17.74
C GLY A 1124 -3.59 31.41 -18.24
N LEU A 1125 -4.24 31.63 -19.39
CA LEU A 1125 -5.03 30.61 -20.07
C LEU A 1125 -5.35 30.94 -21.51
N GLY A 1126 -5.10 29.95 -22.35
CA GLY A 1126 -5.54 29.98 -23.73
C GLY A 1126 -6.94 29.40 -23.73
N LEU A 1127 -7.83 30.02 -24.52
CA LEU A 1127 -9.23 29.64 -24.52
C LEU A 1127 -9.87 29.95 -25.87
N ASP A 1128 -10.93 29.21 -26.17
CA ASP A 1128 -11.65 29.38 -27.42
C ASP A 1128 -12.60 30.55 -27.32
N SER A 1129 -12.63 31.42 -28.34
CA SER A 1129 -13.53 32.58 -28.35
C SER A 1129 -14.98 32.27 -27.98
N SER A 1130 -15.48 31.10 -28.31
CA SER A 1130 -16.82 30.77 -27.85
C SER A 1130 -17.06 30.86 -26.35
N PHE A 1131 -16.01 31.12 -25.55
CA PHE A 1131 -16.14 31.21 -24.09
C PHE A 1131 -16.19 32.65 -23.60
N LEU A 1132 -16.01 33.59 -24.51
CA LEU A 1132 -15.68 34.94 -24.12
C LEU A 1132 -16.60 36.02 -24.66
N LEU A 1133 -17.09 36.86 -23.76
CA LEU A 1133 -17.68 38.13 -24.17
C LEU A 1133 -16.59 39.14 -24.11
N ASN A 1134 -16.50 39.91 -25.20
CA ASN A 1134 -15.54 41.00 -25.28
C ASN A 1134 -16.13 42.34 -24.83
N LEU A 1135 -15.63 42.89 -23.72
CA LEU A 1135 -16.24 44.04 -23.09
C LEU A 1135 -15.66 45.36 -23.60
N SER A 1136 -14.47 45.33 -24.22
CA SER A 1136 -13.89 46.58 -24.77
C SER A 1136 -14.53 46.92 -26.11
N ASP A 1137 -14.63 45.90 -26.96
CA ASP A 1137 -15.22 46.03 -28.27
C ASP A 1137 -16.57 45.31 -28.20
N ARG A 1138 -17.50 45.94 -27.48
CA ARG A 1138 -18.85 45.45 -27.29
C ARG A 1138 -19.49 45.30 -28.66
N GLN A 1139 -19.78 44.06 -29.04
CA GLN A 1139 -20.29 43.74 -30.35
C GLN A 1139 -21.64 43.08 -30.35
N LEU A 1140 -22.28 43.05 -29.19
CA LEU A 1140 -23.61 42.46 -29.03
C LEU A 1140 -24.58 43.27 -28.11
N VAL A 1141 -24.22 44.52 -27.79
CA VAL A 1141 -24.95 45.37 -26.84
C VAL A 1141 -26.38 45.70 -27.25
N TYR A 1142 -27.16 46.17 -26.26
CA TYR A 1142 -28.49 46.86 -26.36
C TYR A 1142 -29.61 45.81 -26.60
N ILE B 3 60.51 2.82 5.93
CA ILE B 3 61.71 3.66 6.21
C ILE B 3 62.99 2.80 6.40
N PRO B 4 63.90 2.86 5.42
CA PRO B 4 65.01 1.93 5.30
C PRO B 4 65.37 1.05 6.50
N LYS B 5 65.92 1.59 7.60
CA LYS B 5 66.32 0.63 8.67
C LYS B 5 65.43 0.59 9.94
N PHE B 6 64.15 0.92 9.77
CA PHE B 6 63.28 1.30 10.89
C PHE B 6 62.93 0.20 11.90
N PHE B 7 62.28 -0.86 11.43
CA PHE B 7 62.14 -2.08 12.17
C PHE B 7 63.48 -2.44 12.83
N HIS B 8 64.49 -2.88 12.09
CA HIS B 8 65.79 -3.24 12.70
C HIS B 8 66.06 -2.28 13.90
N PHE B 9 66.04 -0.98 13.65
CA PHE B 9 66.55 0.03 14.64
C PHE B 9 65.80 0.06 15.97
N ILE B 10 64.51 0.05 15.78
CA ILE B 10 63.50 0.15 16.76
C ILE B 10 63.48 -1.13 17.57
N SER B 11 63.73 -2.26 16.90
CA SER B 11 63.72 -3.59 17.51
C SER B 11 64.92 -3.82 18.40
N GLU B 12 66.12 -3.49 17.93
CA GLU B 12 67.32 -3.69 18.72
C GLU B 12 67.36 -2.63 19.83
N ARG B 13 66.66 -1.52 19.63
CA ARG B 13 66.74 -0.46 20.64
C ARG B 13 65.88 -0.72 21.86
N TRP B 14 64.73 -1.34 21.63
CA TRP B 14 63.76 -1.66 22.66
C TRP B 14 63.41 -3.10 22.41
N PRO B 15 64.21 -4.06 22.94
CA PRO B 15 64.17 -5.39 22.36
C PRO B 15 63.05 -6.31 22.84
N GLN B 16 61.92 -5.78 23.29
CA GLN B 16 60.87 -6.69 23.74
C GLN B 16 59.54 -6.40 23.11
N ILE B 17 59.57 -5.84 21.90
CA ILE B 17 58.34 -5.39 21.31
C ILE B 17 57.69 -6.43 20.47
N SER B 18 58.47 -7.41 20.01
CA SER B 18 57.91 -8.53 19.21
C SER B 18 57.76 -9.87 19.94
N GLN B 19 56.63 -10.52 19.70
CA GLN B 19 56.30 -11.82 20.26
C GLN B 19 55.90 -12.78 19.12
N LEU B 20 56.85 -13.62 18.67
CA LEU B 20 56.62 -14.84 17.86
C LEU B 20 55.34 -15.60 18.19
N ILE B 21 54.61 -15.99 17.17
CA ILE B 21 53.42 -16.76 17.39
C ILE B 21 53.92 -18.17 17.20
N ASP B 22 53.80 -19.01 18.24
CA ASP B 22 54.58 -20.24 18.25
C ASP B 22 53.70 -21.38 18.73
N GLY B 23 52.40 -21.23 18.51
CA GLY B 23 51.41 -22.21 18.94
C GLY B 23 50.87 -21.95 20.34
N SER B 24 51.67 -21.38 21.24
CA SER B 24 51.12 -21.02 22.54
C SER B 24 50.20 -19.83 22.38
N GLN B 25 49.41 -19.57 23.41
CA GLN B 25 48.33 -18.60 23.26
C GLN B 25 48.65 -17.12 23.24
N ILE B 26 48.14 -16.47 22.20
CA ILE B 26 48.20 -15.02 22.05
C ILE B 26 46.94 -14.42 22.74
N PRO B 27 46.86 -13.06 22.87
CA PRO B 27 45.70 -12.39 23.48
C PRO B 27 44.47 -12.43 22.60
N GLU B 28 43.33 -12.11 23.16
CA GLU B 28 42.12 -12.09 22.39
C GLU B 28 42.02 -10.72 21.84
N PHE B 29 41.60 -10.61 20.57
CA PHE B 29 41.47 -9.32 19.87
C PHE B 29 40.04 -8.98 19.49
N ASP B 30 39.69 -7.72 19.61
CA ASP B 30 38.35 -7.27 19.21
C ASP B 30 38.22 -7.08 17.71
N ASN B 31 39.08 -6.26 17.09
CA ASN B 31 39.01 -6.04 15.66
C ASN B 31 40.29 -6.44 15.02
N LEU B 32 40.19 -6.98 13.82
CA LEU B 32 41.33 -7.23 12.99
C LEU B 32 41.07 -6.60 11.63
N TYR B 33 42.10 -5.93 11.12
CA TYR B 33 42.11 -5.26 9.82
C TYR B 33 43.22 -5.82 8.97
N LEU B 34 42.88 -6.25 7.75
CA LEU B 34 43.89 -6.70 6.77
C LEU B 34 44.08 -5.61 5.71
N ASP B 35 45.34 -5.32 5.37
CA ASP B 35 45.81 -4.61 4.16
C ASP B 35 46.26 -5.69 3.20
N MET B 36 45.36 -6.07 2.28
CA MET B 36 45.52 -7.27 1.45
C MET B 36 46.39 -7.13 0.21
N ASN B 37 46.63 -5.89 -0.19
CA ASN B 37 47.33 -5.65 -1.43
C ASN B 37 48.58 -6.50 -1.62
N SER B 38 49.38 -6.67 -0.56
CA SER B 38 50.62 -7.43 -0.65
C SER B 38 50.35 -8.92 -0.81
N ILE B 39 49.23 -9.39 -0.26
CA ILE B 39 48.91 -10.79 -0.37
C ILE B 39 48.60 -11.04 -1.83
N LEU B 40 48.05 -10.01 -2.48
CA LEU B 40 47.68 -10.08 -3.87
C LEU B 40 48.88 -10.14 -4.78
N HIS B 41 49.91 -9.37 -4.47
CA HIS B 41 51.10 -9.45 -5.27
C HIS B 41 51.87 -10.73 -4.94
N ASN B 42 51.73 -11.19 -3.71
CA ASN B 42 52.47 -12.36 -3.28
C ASN B 42 51.98 -13.58 -4.03
N CYS B 43 50.67 -13.78 -4.04
CA CYS B 43 50.06 -15.01 -4.57
C CYS B 43 49.96 -15.02 -6.08
N THR B 44 50.64 -14.07 -6.71
CA THR B 44 50.53 -13.87 -8.14
C THR B 44 51.89 -13.98 -8.80
N HIS B 45 52.96 -13.77 -8.04
CA HIS B 45 54.34 -13.79 -8.55
C HIS B 45 55.24 -14.76 -7.79
N GLY B 46 56.30 -14.22 -7.17
CA GLY B 46 57.24 -15.01 -6.36
C GLY B 46 56.65 -15.65 -5.10
N ARG B 54 54.25 -18.65 -14.94
CA ARG B 54 52.87 -18.51 -14.45
C ARG B 54 52.26 -19.82 -13.89
N LEU B 55 51.33 -19.65 -12.96
CA LEU B 55 50.58 -20.72 -12.30
C LEU B 55 49.15 -20.57 -12.82
N SER B 56 48.24 -21.51 -12.54
CA SER B 56 46.85 -21.41 -13.04
C SER B 56 46.07 -20.27 -12.36
N GLU B 57 44.77 -20.19 -12.59
CA GLU B 57 43.97 -19.17 -11.91
C GLU B 57 43.49 -19.68 -10.55
N GLU B 58 42.91 -20.88 -10.51
CA GLU B 58 42.47 -21.48 -9.23
C GLU B 58 43.67 -21.72 -8.32
N GLU B 59 44.86 -21.69 -8.90
CA GLU B 59 46.10 -21.78 -8.14
C GLU B 59 46.13 -20.56 -7.24
N VAL B 60 45.96 -19.41 -7.89
CA VAL B 60 46.04 -18.10 -7.27
C VAL B 60 45.01 -17.93 -6.16
N TYR B 61 43.76 -17.83 -6.56
CA TYR B 61 42.69 -17.64 -5.60
C TYR B 61 42.62 -18.77 -4.57
N SER B 62 43.39 -19.81 -4.80
CA SER B 62 43.54 -20.85 -3.83
C SER B 62 44.52 -20.39 -2.73
N LYS B 63 45.51 -19.59 -3.10
CA LYS B 63 46.46 -19.10 -2.11
C LYS B 63 45.95 -17.83 -1.45
N ILE B 64 45.27 -16.98 -2.21
CA ILE B 64 44.64 -15.79 -1.66
C ILE B 64 43.73 -16.17 -0.48
N PHE B 65 42.73 -17.01 -0.74
CA PHE B 65 41.74 -17.32 0.27
C PHE B 65 42.39 -17.93 1.48
N SER B 66 43.30 -18.87 1.26
CA SER B 66 44.00 -19.51 2.37
C SER B 66 44.80 -18.53 3.22
N TYR B 67 45.54 -17.62 2.58
CA TYR B 67 46.28 -16.59 3.30
C TYR B 67 45.34 -15.79 4.16
N ILE B 68 44.16 -15.49 3.63
CA ILE B 68 43.22 -14.71 4.39
C ILE B 68 42.80 -15.55 5.54
N ASP B 69 42.30 -16.73 5.23
CA ASP B 69 41.79 -17.62 6.25
C ASP B 69 42.75 -17.76 7.43
N HIS B 70 44.04 -17.84 7.12
CA HIS B 70 45.08 -18.15 8.11
C HIS B 70 45.09 -17.03 9.11
N LEU B 71 45.36 -15.83 8.63
CA LEU B 71 45.37 -14.66 9.48
C LEU B 71 44.08 -14.58 10.24
N PHE B 72 42.96 -14.75 9.56
CA PHE B 72 41.73 -14.74 10.30
C PHE B 72 41.77 -15.69 11.47
N HIS B 73 42.14 -16.96 11.25
CA HIS B 73 42.17 -17.91 12.35
C HIS B 73 43.30 -17.77 13.32
N THR B 74 44.47 -17.32 12.89
CA THR B 74 45.50 -17.01 13.84
C THR B 74 44.99 -16.06 14.90
N ILE B 75 44.11 -15.14 14.57
CA ILE B 75 43.93 -13.99 15.43
C ILE B 75 42.58 -14.12 16.00
N LYS B 76 41.67 -14.69 15.27
CA LYS B 76 40.31 -14.92 15.78
C LYS B 76 39.60 -13.68 16.28
N PRO B 77 39.20 -12.72 15.41
CA PRO B 77 38.64 -11.47 15.98
C PRO B 77 37.29 -11.69 16.56
N LYS B 78 36.98 -10.96 17.62
CA LYS B 78 35.72 -11.12 18.34
C LYS B 78 34.59 -10.19 17.93
N GLN B 79 34.87 -9.03 17.34
CA GLN B 79 33.77 -8.13 16.93
C GLN B 79 33.82 -7.84 15.46
N THR B 80 34.96 -7.33 15.00
CA THR B 80 35.02 -6.80 13.64
C THR B 80 36.15 -7.44 12.85
N PHE B 81 35.84 -7.75 11.60
CA PHE B 81 36.85 -8.23 10.69
C PHE B 81 36.67 -7.44 9.45
N TYR B 82 37.71 -6.70 9.12
CA TYR B 82 37.72 -5.67 8.10
C TYR B 82 38.88 -5.90 7.11
N MET B 83 38.52 -6.38 5.92
CA MET B 83 39.44 -6.66 4.81
C MET B 83 39.53 -5.43 3.92
N ALA B 84 40.71 -5.03 3.49
CA ALA B 84 40.80 -3.82 2.70
C ALA B 84 41.83 -3.81 1.56
N ILE B 85 41.33 -3.68 0.32
CA ILE B 85 42.18 -3.52 -0.91
C ILE B 85 42.26 -2.04 -1.41
N ASP B 86 43.38 -1.67 -2.04
CA ASP B 86 43.57 -0.30 -2.54
C ASP B 86 42.54 -0.01 -3.61
N GLY B 87 41.71 0.99 -3.34
CA GLY B 87 40.90 1.64 -4.37
C GLY B 87 41.68 2.76 -5.03
N VAL B 88 41.00 3.56 -5.84
CA VAL B 88 41.65 4.64 -6.58
C VAL B 88 42.43 5.47 -5.58
N ALA B 89 43.68 5.80 -5.87
CA ALA B 89 44.53 6.53 -4.92
C ALA B 89 44.48 8.06 -5.12
N PRO B 90 44.96 8.84 -4.13
CA PRO B 90 45.05 10.28 -4.41
C PRO B 90 46.28 10.64 -5.25
N ARG B 91 46.24 11.83 -5.84
CA ARG B 91 47.25 12.26 -6.84
C ARG B 91 48.65 12.51 -6.27
N ALA B 92 48.72 12.63 -4.96
CA ALA B 92 49.99 12.75 -4.24
C ALA B 92 50.86 11.52 -4.42
N LYS B 93 50.24 10.44 -4.86
CA LYS B 93 50.90 9.14 -5.02
C LYS B 93 50.77 8.62 -6.46
N MET B 94 50.29 9.48 -7.38
CA MET B 94 50.23 9.18 -8.83
C MET B 94 51.61 8.87 -9.46
N ASN B 95 52.60 9.69 -9.15
CA ASN B 95 53.98 9.53 -9.67
C ASN B 95 54.71 8.25 -9.25
N GLN B 96 54.52 7.83 -8.00
CA GLN B 96 55.18 6.65 -7.50
C GLN B 96 54.52 5.42 -8.14
N GLN B 97 53.20 5.48 -8.26
CA GLN B 97 52.40 4.46 -8.96
C GLN B 97 52.86 4.20 -10.44
N ARG B 98 52.97 5.27 -11.22
CA ARG B 98 53.45 5.19 -12.60
C ARG B 98 54.86 4.65 -12.64
N ALA B 99 55.76 5.30 -11.90
CA ALA B 99 57.14 4.89 -11.81
C ALA B 99 57.28 3.37 -11.55
N ARG B 100 56.60 2.89 -10.50
CA ARG B 100 56.56 1.48 -10.12
C ARG B 100 56.08 0.67 -11.30
N ARG B 101 54.90 1.02 -11.80
CA ARG B 101 54.29 0.37 -12.94
C ARG B 101 55.27 0.22 -14.11
N PHE B 102 55.82 1.34 -14.54
CA PHE B 102 56.76 1.36 -15.66
C PHE B 102 57.95 0.43 -15.45
N ARG B 103 58.73 0.66 -14.40
CA ARG B 103 59.95 -0.13 -14.14
C ARG B 103 59.64 -1.61 -13.85
N THR B 104 58.37 -1.95 -13.73
CA THR B 104 57.97 -3.35 -13.55
C THR B 104 57.35 -3.93 -14.83
N ALA B 105 57.25 -3.09 -15.86
CA ALA B 105 56.86 -3.56 -17.19
C ALA B 105 58.10 -3.86 -18.05
N MET B 106 59.07 -2.93 -18.05
CA MET B 106 60.39 -3.12 -18.69
C MET B 106 61.05 -4.39 -18.16
N ASP B 107 61.56 -4.33 -16.93
CA ASP B 107 62.26 -5.44 -16.27
C ASP B 107 61.55 -6.78 -16.48
N ALA B 108 60.23 -6.77 -16.30
CA ALA B 108 59.41 -7.98 -16.49
C ALA B 108 59.59 -8.55 -17.89
N GLU B 109 59.27 -7.74 -18.90
CA GLU B 109 59.55 -8.09 -20.29
C GLU B 109 61.04 -8.42 -20.49
N LYS B 110 61.85 -7.39 -20.72
CA LYS B 110 63.31 -7.51 -20.87
C LYS B 110 63.99 -8.71 -20.16
N ALA B 111 63.79 -8.87 -18.84
CA ALA B 111 64.50 -9.95 -18.09
C ALA B 111 64.09 -11.38 -18.47
N LEU B 112 62.85 -11.76 -18.12
CA LEU B 112 62.31 -13.07 -18.46
C LEU B 112 61.72 -13.09 -19.90
N GLN B 113 62.33 -12.36 -20.82
CA GLN B 113 61.91 -12.37 -22.23
C GLN B 113 63.06 -12.70 -23.19
N LYS B 114 63.82 -11.69 -23.60
CA LYS B 114 64.89 -11.88 -24.58
C LYS B 114 66.08 -12.64 -23.97
N ALA B 115 66.31 -12.42 -22.67
CA ALA B 115 67.38 -13.09 -21.93
C ALA B 115 66.95 -14.44 -21.37
N PHE B 128 51.45 -13.80 -16.20
CA PHE B 128 50.67 -12.76 -15.53
C PHE B 128 51.40 -11.41 -15.57
N ASP B 129 50.63 -10.34 -15.78
CA ASP B 129 51.14 -8.98 -15.66
C ASP B 129 50.70 -8.32 -14.34
N SER B 130 51.68 -8.00 -13.51
CA SER B 130 51.45 -7.45 -12.17
C SER B 130 50.52 -6.23 -12.12
N ASN B 131 50.43 -5.51 -13.24
CA ASN B 131 49.69 -4.25 -13.23
C ASN B 131 48.20 -4.46 -13.39
N ALA B 132 47.77 -5.71 -13.55
CA ALA B 132 46.34 -6.01 -13.54
C ALA B 132 45.78 -5.58 -12.20
N ILE B 133 46.65 -5.62 -11.18
CA ILE B 133 46.33 -5.26 -9.80
C ILE B 133 46.47 -3.77 -9.66
N THR B 134 45.45 -3.08 -10.16
CA THR B 134 45.35 -1.64 -10.16
C THR B 134 43.87 -1.52 -10.45
N PRO B 135 43.15 -0.71 -9.67
CA PRO B 135 41.69 -0.63 -9.86
C PRO B 135 41.22 -0.40 -11.33
N GLY B 136 40.09 -1.01 -11.69
CA GLY B 136 39.38 -0.76 -12.96
C GLY B 136 39.66 -1.78 -14.04
N THR B 137 40.67 -2.61 -13.83
CA THR B 137 41.06 -3.62 -14.79
C THR B 137 40.03 -4.70 -14.86
N GLU B 138 40.09 -5.46 -15.94
CA GLU B 138 39.25 -6.66 -16.11
C GLU B 138 39.55 -7.70 -15.01
N PHE B 139 40.81 -7.76 -14.56
CA PHE B 139 41.23 -8.70 -13.52
C PHE B 139 40.74 -8.34 -12.12
N MET B 140 40.86 -7.05 -11.77
CA MET B 140 40.44 -6.60 -10.47
C MET B 140 38.94 -6.87 -10.25
N ALA B 141 38.19 -6.97 -11.34
CA ALA B 141 36.74 -7.17 -11.26
C ALA B 141 36.38 -8.61 -10.97
N LYS B 142 37.20 -9.53 -11.48
CA LYS B 142 37.00 -10.96 -11.27
C LYS B 142 37.47 -11.28 -9.85
N LEU B 143 38.52 -10.59 -9.42
CA LEU B 143 38.90 -10.60 -8.00
C LEU B 143 37.68 -10.32 -7.12
N THR B 144 37.02 -9.18 -7.31
CA THR B 144 35.89 -8.84 -6.41
C THR B 144 34.76 -9.87 -6.46
N GLU B 145 34.65 -10.55 -7.59
CA GLU B 145 33.62 -11.55 -7.82
C GLU B 145 33.98 -12.85 -7.05
N ASN B 146 35.29 -13.09 -6.98
CA ASN B 146 35.88 -14.27 -6.40
C ASN B 146 35.88 -14.27 -4.88
N LEU B 147 36.50 -13.21 -4.35
CA LEU B 147 36.52 -12.93 -2.93
C LEU B 147 35.11 -12.85 -2.34
N LYS B 148 34.16 -12.39 -3.14
CA LYS B 148 32.79 -12.29 -2.66
C LYS B 148 32.18 -13.66 -2.40
N TYR B 149 32.62 -14.65 -3.19
CA TYR B 149 32.16 -16.02 -3.02
C TYR B 149 32.91 -16.71 -1.90
N PHE B 150 34.20 -16.40 -1.75
CA PHE B 150 34.95 -16.82 -0.58
C PHE B 150 34.21 -16.52 0.72
N ILE B 151 33.85 -15.25 0.88
CA ILE B 151 33.25 -14.78 2.11
C ILE B 151 31.86 -15.37 2.33
N HIS B 152 31.04 -15.41 1.29
CA HIS B 152 29.75 -16.13 1.38
C HIS B 152 30.01 -17.60 1.81
N ASP B 153 31.00 -18.26 1.20
CA ASP B 153 31.36 -19.63 1.61
C ASP B 153 31.70 -19.76 3.12
N LYS B 154 32.66 -18.95 3.57
CA LYS B 154 33.02 -18.81 4.98
C LYS B 154 31.84 -18.48 5.92
N ILE B 155 31.19 -17.34 5.76
CA ILE B 155 30.05 -17.07 6.64
C ILE B 155 29.09 -18.25 6.75
N THR B 156 28.89 -18.98 5.66
CA THR B 156 27.97 -20.10 5.62
C THR B 156 28.47 -21.32 6.38
N ASN B 157 29.75 -21.62 6.20
CA ASN B 157 30.25 -22.90 6.67
C ASN B 157 31.09 -22.89 7.96
N ASP B 158 31.80 -21.79 8.19
CA ASP B 158 32.80 -21.61 9.24
C ASP B 158 32.15 -20.85 10.36
N THR B 159 32.10 -21.43 11.56
CA THR B 159 31.35 -20.80 12.67
C THR B 159 31.99 -19.51 13.11
N ARG B 160 33.31 -19.46 13.06
CA ARG B 160 33.95 -18.24 13.49
C ARG B 160 33.61 -17.07 12.58
N TRP B 161 33.61 -17.30 11.26
CA TRP B 161 33.26 -16.25 10.34
C TRP B 161 31.85 -15.75 10.61
N GLN B 162 30.99 -16.57 11.17
CA GLN B 162 29.64 -16.12 11.37
C GLN B 162 29.33 -15.33 12.67
N ASN B 163 30.32 -15.12 13.51
CA ASN B 163 30.03 -14.40 14.78
C ASN B 163 30.74 -13.06 14.89
N VAL B 164 31.31 -12.60 13.79
CA VAL B 164 31.89 -11.28 13.72
C VAL B 164 31.16 -10.53 12.63
N LYS B 165 31.32 -9.19 12.60
CA LYS B 165 31.01 -8.33 11.48
C LYS B 165 32.11 -8.46 10.44
N VAL B 166 31.74 -8.92 9.26
CA VAL B 166 32.71 -9.09 8.18
C VAL B 166 32.55 -7.85 7.31
N ILE B 167 33.63 -7.22 6.93
CA ILE B 167 33.50 -5.97 6.18
C ILE B 167 34.57 -5.93 5.15
N PHE B 168 34.14 -5.94 3.89
CA PHE B 168 35.02 -5.80 2.76
C PHE B 168 34.93 -4.40 2.22
N SER B 169 36.08 -3.73 2.10
CA SER B 169 36.19 -2.54 1.28
C SER B 169 37.01 -2.88 0.06
N GLY B 170 36.34 -3.07 -1.08
CA GLY B 170 37.03 -3.43 -2.35
C GLY B 170 37.87 -2.33 -2.98
N HIS B 171 38.42 -2.59 -4.18
CA HIS B 171 39.13 -1.56 -5.02
C HIS B 171 38.14 -0.56 -5.67
N GLU B 172 36.87 -0.99 -5.76
CA GLU B 172 35.70 -0.17 -6.09
C GLU B 172 35.57 1.14 -5.29
N VAL B 173 36.26 1.20 -4.15
CA VAL B 173 36.08 2.23 -3.14
C VAL B 173 37.34 3.11 -3.11
N PRO B 174 37.21 4.40 -3.48
CA PRO B 174 38.38 5.30 -3.60
C PRO B 174 39.26 5.38 -2.33
N GLY B 175 40.53 4.97 -2.43
CA GLY B 175 41.49 5.07 -1.31
C GLY B 175 42.44 3.91 -1.06
N GLU B 176 43.64 4.20 -0.55
CA GLU B 176 44.56 3.14 -0.12
C GLU B 176 43.92 2.24 0.95
N GLY B 177 44.42 1.01 1.09
CA GLY B 177 43.89 0.08 2.12
C GLY B 177 44.18 0.62 3.52
N GLN B 178 45.47 0.85 3.78
CA GLN B 178 45.94 1.57 4.95
C GLN B 178 44.98 2.69 5.33
N HIS B 179 44.82 3.67 4.45
CA HIS B 179 43.99 4.85 4.69
C HIS B 179 42.53 4.51 5.05
N LYS B 180 41.93 3.49 4.45
CA LYS B 180 40.52 3.19 4.74
C LYS B 180 40.39 2.58 6.11
N ILE B 181 41.37 1.76 6.48
CA ILE B 181 41.45 1.20 7.83
C ILE B 181 41.44 2.33 8.85
N MET B 182 42.35 3.27 8.70
CA MET B 182 42.44 4.41 9.58
C MET B 182 41.19 5.28 9.57
N ASP B 183 40.52 5.32 8.44
CA ASP B 183 39.27 6.06 8.31
C ASP B 183 38.27 5.41 9.21
N TYR B 184 38.28 4.09 9.22
CA TYR B 184 37.36 3.33 10.02
C TYR B 184 37.75 3.35 11.51
N ILE B 185 39.03 3.19 11.82
CA ILE B 185 39.41 3.27 13.22
C ILE B 185 38.89 4.61 13.78
N ARG B 186 39.29 5.75 13.19
CA ARG B 186 38.93 7.10 13.65
C ARG B 186 37.44 7.29 13.79
N ALA B 187 36.69 6.75 12.84
CA ALA B 187 35.26 6.88 12.88
C ALA B 187 34.60 6.16 14.08
N ILE B 188 34.97 4.90 14.34
CA ILE B 188 34.44 4.24 15.52
C ILE B 188 34.89 4.83 16.87
N ARG B 189 36.13 5.29 16.99
CA ARG B 189 36.57 5.88 18.27
C ARG B 189 35.93 7.21 18.64
N ALA B 190 35.37 7.86 17.61
CA ALA B 190 34.77 9.16 17.75
C ALA B 190 33.44 9.03 18.48
N GLN B 191 32.84 7.85 18.49
CA GLN B 191 31.56 7.65 19.14
C GLN B 191 31.66 7.74 20.67
N GLU B 192 30.53 8.03 21.31
CA GLU B 192 30.45 8.13 22.78
C GLU B 192 30.40 6.78 23.40
N ASP B 193 29.79 5.84 22.72
CA ASP B 193 29.63 4.48 23.27
C ASP B 193 30.82 3.59 22.91
N TYR B 194 31.87 4.21 22.38
CA TYR B 194 33.07 3.50 22.02
C TYR B 194 33.74 2.90 23.25
N ASN B 195 34.08 1.63 23.15
CA ASN B 195 34.80 0.94 24.20
C ASN B 195 36.27 1.39 24.30
N PRO B 196 36.62 2.02 25.43
CA PRO B 196 37.95 2.59 25.65
C PRO B 196 39.07 1.59 25.54
N ASN B 197 38.75 0.29 25.62
CA ASN B 197 39.82 -0.71 25.65
C ASN B 197 39.65 -1.77 24.63
N THR B 198 39.57 -1.33 23.39
CA THR B 198 39.26 -2.18 22.29
C THR B 198 40.57 -2.65 21.85
N ARG B 199 40.69 -3.97 21.65
CA ARG B 199 41.89 -4.61 21.15
C ARG B 199 41.91 -4.60 19.63
N HIS B 200 42.94 -4.00 19.02
CA HIS B 200 43.05 -3.81 17.55
C HIS B 200 44.27 -4.52 17.07
N CYS B 201 44.14 -5.13 15.88
CA CYS B 201 45.29 -5.73 15.25
C CYS B 201 45.28 -5.48 13.75
N ILE B 202 46.31 -4.87 13.21
CA ILE B 202 46.36 -4.61 11.80
C ILE B 202 47.38 -5.56 11.24
N TYR B 203 47.00 -6.31 10.18
CA TYR B 203 47.97 -7.10 9.43
C TYR B 203 48.63 -6.29 8.32
N GLY B 204 49.95 -6.22 8.28
CA GLY B 204 50.60 -5.72 7.09
C GLY B 204 52.11 -5.92 7.01
N LEU B 205 52.65 -6.14 5.82
CA LEU B 205 54.11 -6.19 5.71
C LEU B 205 54.72 -4.88 6.17
N ASP B 206 54.06 -3.78 5.80
CA ASP B 206 54.65 -2.45 5.75
C ASP B 206 54.93 -1.91 7.12
N ALA B 207 56.19 -1.59 7.40
CA ALA B 207 56.54 -0.95 8.67
C ALA B 207 55.68 0.27 9.02
N ASP B 208 55.33 1.10 8.04
CA ASP B 208 54.60 2.38 8.24
C ASP B 208 53.44 2.17 9.22
N LEU B 209 52.94 0.93 9.26
CA LEU B 209 51.77 0.62 10.07
C LEU B 209 52.04 0.73 11.57
N ILE B 210 53.26 0.35 11.98
CA ILE B 210 53.71 0.54 13.33
C ILE B 210 53.46 2.00 13.69
N ILE B 211 54.07 2.93 12.95
CA ILE B 211 53.81 4.36 13.13
C ILE B 211 52.31 4.71 13.09
N LEU B 212 51.63 4.26 12.04
CA LEU B 212 50.18 4.53 12.00
C LEU B 212 49.49 4.00 13.27
N GLY B 213 49.84 2.76 13.67
CA GLY B 213 49.38 2.18 14.94
C GLY B 213 49.58 3.15 16.10
N LEU B 214 50.83 3.50 16.41
CA LEU B 214 51.11 4.50 17.46
C LEU B 214 50.24 5.79 17.41
N SER B 215 49.93 6.30 16.22
CA SER B 215 49.19 7.58 16.09
C SER B 215 47.70 7.51 16.46
N THR B 216 47.14 6.31 16.60
CA THR B 216 45.74 6.23 17.07
C THR B 216 45.61 6.50 18.56
N HIS B 217 46.70 6.35 19.31
CA HIS B 217 46.61 6.46 20.78
C HIS B 217 45.60 5.45 21.36
N ASP B 218 45.57 4.23 20.80
CA ASP B 218 44.85 3.12 21.35
C ASP B 218 45.82 2.09 21.89
N HIS B 219 45.80 1.92 23.23
CA HIS B 219 46.84 1.16 23.91
C HIS B 219 46.89 -0.35 23.60
N HIS B 220 45.74 -0.96 23.37
CA HIS B 220 45.82 -2.38 23.06
C HIS B 220 45.78 -2.56 21.58
N PHE B 221 46.94 -2.38 20.94
CA PHE B 221 47.04 -2.41 19.51
C PHE B 221 48.14 -3.36 19.07
N CYS B 222 47.85 -4.29 18.16
CA CYS B 222 48.94 -5.08 17.60
C CYS B 222 49.08 -5.01 16.07
N LEU B 223 50.29 -5.24 15.57
CA LEU B 223 50.49 -5.31 14.17
C LEU B 223 50.85 -6.73 14.00
N LEU B 224 50.14 -7.47 13.13
CA LEU B 224 50.55 -8.84 12.77
C LEU B 224 51.51 -8.81 11.60
N ARG B 225 52.73 -9.34 11.75
CA ARG B 225 53.70 -9.19 10.65
C ARG B 225 54.32 -10.52 10.32
N GLU B 226 54.92 -10.69 9.14
CA GLU B 226 55.68 -11.90 8.83
C GLU B 226 57.05 -11.66 9.31
N GLU B 227 57.76 -12.74 9.61
CA GLU B 227 59.19 -12.70 9.86
C GLU B 227 59.94 -11.96 8.76
N VAL B 228 60.96 -11.23 9.16
CA VAL B 228 61.97 -10.69 8.25
C VAL B 228 63.36 -10.92 8.89
N THR B 229 64.38 -11.12 8.05
CA THR B 229 65.79 -11.36 8.46
C THR B 229 66.29 -10.29 9.46
N THR B 239 55.49 -23.34 3.70
CA THR B 239 54.03 -23.32 3.81
C THR B 239 53.54 -22.35 4.83
N LEU B 240 52.35 -21.83 4.56
CA LEU B 240 51.64 -21.01 5.52
C LEU B 240 51.75 -21.57 6.95
N GLU B 241 51.57 -22.89 7.09
CA GLU B 241 51.51 -23.48 8.39
C GLU B 241 52.91 -23.47 9.04
N THR B 242 53.96 -23.08 8.30
CA THR B 242 55.32 -23.04 8.90
C THR B 242 56.00 -21.67 8.87
N GLN B 243 55.51 -20.74 8.04
CA GLN B 243 55.99 -19.33 8.07
C GLN B 243 55.83 -18.79 9.47
N ASN B 244 56.86 -18.12 10.00
CA ASN B 244 56.75 -17.47 11.30
C ASN B 244 56.02 -16.14 11.24
N PHE B 245 55.08 -15.92 12.16
CA PHE B 245 54.47 -14.58 12.33
C PHE B 245 54.64 -14.00 13.71
N PHE B 246 54.60 -12.68 13.78
CA PHE B 246 54.82 -11.97 15.02
C PHE B 246 53.70 -10.98 15.30
N LEU B 247 53.44 -10.79 16.58
CA LEU B 247 52.61 -9.68 17.02
C LEU B 247 53.52 -8.61 17.56
N LEU B 248 53.58 -7.46 16.86
CA LEU B 248 54.35 -6.34 17.36
C LEU B 248 53.41 -5.63 18.30
N HIS B 249 53.85 -5.29 19.51
CA HIS B 249 52.93 -4.87 20.55
C HIS B 249 53.01 -3.40 20.90
N LEU B 250 52.11 -2.60 20.37
CA LEU B 250 52.21 -1.13 20.62
C LEU B 250 52.13 -0.76 22.10
N SER B 251 51.43 -1.55 22.87
CA SER B 251 51.28 -1.32 24.26
C SER B 251 52.63 -1.32 24.91
N ILE B 252 53.49 -2.29 24.63
CA ILE B 252 54.81 -2.27 25.26
C ILE B 252 55.74 -1.29 24.54
N LEU B 253 55.62 -1.14 23.20
CA LEU B 253 56.40 -0.12 22.43
C LEU B 253 56.11 1.22 23.11
N ARG B 254 54.83 1.53 23.29
CA ARG B 254 54.50 2.76 23.99
C ARG B 254 55.21 2.97 25.31
N GLU B 255 55.50 1.92 26.03
CA GLU B 255 56.10 2.10 27.33
C GLU B 255 57.59 2.33 27.20
N TYR B 256 58.31 1.54 26.39
CA TYR B 256 59.69 1.87 25.94
C TYR B 256 59.79 3.36 25.49
N LEU B 257 58.86 3.79 24.66
CA LEU B 257 58.85 5.15 24.23
C LEU B 257 58.75 6.15 25.39
N ALA B 258 57.95 5.84 26.40
CA ALA B 258 57.84 6.76 27.52
C ALA B 258 59.11 6.81 28.36
N LEU B 259 59.84 5.70 28.45
CA LEU B 259 61.12 5.71 29.12
C LEU B 259 62.14 6.46 28.25
N GLU B 260 61.97 6.30 26.93
CA GLU B 260 62.81 7.01 25.97
C GLU B 260 62.82 8.50 26.28
N PHE B 261 61.71 9.03 26.79
CA PHE B 261 61.59 10.48 26.87
C PHE B 261 61.58 11.12 28.26
N GLU B 262 61.02 10.44 29.25
CA GLU B 262 61.07 10.94 30.63
C GLU B 262 62.37 11.70 31.02
N GLU B 263 63.53 11.36 30.46
CA GLU B 263 64.76 12.13 30.78
C GLU B 263 64.51 13.65 30.66
N ILE B 264 63.61 14.08 29.75
CA ILE B 264 63.20 15.49 29.67
C ILE B 264 62.31 15.95 30.86
N THR B 265 61.00 16.09 30.62
CA THR B 265 59.99 16.34 31.65
C THR B 265 60.23 17.60 32.46
N ASP B 266 61.39 17.69 33.11
CA ASP B 266 61.76 18.90 33.85
C ASP B 266 62.26 19.94 32.86
N SER B 267 62.94 19.49 31.81
CA SER B 267 63.55 20.42 30.87
C SER B 267 62.53 21.11 30.02
N VAL B 268 61.59 20.35 29.46
CA VAL B 268 60.62 20.91 28.50
C VAL B 268 59.97 22.11 29.11
N GLN B 269 59.83 23.17 28.32
CA GLN B 269 59.30 24.44 28.83
C GLN B 269 57.79 24.60 28.62
N PHE B 270 57.06 23.48 28.64
CA PHE B 270 55.59 23.44 28.54
C PHE B 270 55.12 22.30 29.44
N GLU B 271 53.84 21.95 29.38
CA GLU B 271 53.36 20.74 30.08
C GLU B 271 53.80 19.48 29.35
N TYR B 272 54.60 18.65 30.03
CA TYR B 272 55.00 17.35 29.49
C TYR B 272 53.79 16.46 29.47
N ASP B 273 53.55 15.88 28.30
CA ASP B 273 52.42 14.99 28.05
C ASP B 273 52.81 13.94 26.99
N PHE B 274 52.94 12.69 27.44
CA PHE B 274 53.59 11.67 26.63
C PHE B 274 52.87 11.50 25.30
N GLU B 275 51.54 11.51 25.34
CA GLU B 275 50.79 11.39 24.12
C GLU B 275 51.21 12.44 23.07
N ARG B 276 51.52 13.64 23.53
CA ARG B 276 51.92 14.75 22.66
C ARG B 276 53.36 14.57 22.16
N VAL B 277 54.24 14.22 23.09
CA VAL B 277 55.56 13.82 22.72
C VAL B 277 55.46 12.70 21.69
N LEU B 278 54.54 11.75 21.89
CA LEU B 278 54.45 10.64 20.95
C LEU B 278 54.09 11.23 19.63
N ASP B 279 53.12 12.12 19.63
CA ASP B 279 52.63 12.71 18.40
C ASP B 279 53.73 13.49 17.63
N ASP B 280 54.61 14.16 18.37
CA ASP B 280 55.68 14.88 17.73
C ASP B 280 56.66 13.91 17.11
N PHE B 281 57.04 12.89 17.86
CA PHE B 281 57.95 11.88 17.37
C PHE B 281 57.39 11.21 16.10
N ILE B 282 56.06 11.16 15.98
CA ILE B 282 55.47 10.55 14.80
C ILE B 282 55.77 11.46 13.64
N PHE B 283 55.66 12.78 13.88
CA PHE B 283 55.97 13.81 12.91
C PHE B 283 57.43 13.81 12.51
N VAL B 284 58.31 13.60 13.49
CA VAL B 284 59.72 13.48 13.17
C VAL B 284 59.91 12.31 12.21
N LEU B 285 59.21 11.22 12.52
CA LEU B 285 59.32 9.98 11.81
C LEU B 285 58.90 10.10 10.36
N PHE B 286 57.72 10.63 10.11
CA PHE B 286 57.34 10.83 8.75
C PHE B 286 58.23 11.84 8.00
N THR B 287 58.91 12.74 8.70
CA THR B 287 59.80 13.64 7.98
C THR B 287 61.01 12.86 7.46
N ILE B 288 61.43 11.87 8.24
CA ILE B 288 62.53 11.03 7.81
C ILE B 288 62.12 10.07 6.67
N GLY B 289 60.82 9.83 6.55
CA GLY B 289 60.35 8.93 5.52
C GLY B 289 58.86 8.87 5.28
N ASN B 290 58.48 8.69 4.01
CA ASN B 290 57.09 8.48 3.59
C ASN B 290 56.99 8.10 2.12
N ASP B 291 55.75 7.88 1.67
CA ASP B 291 55.49 7.41 0.30
C ASP B 291 54.99 8.53 -0.59
N PHE B 292 54.87 9.71 0.02
CA PHE B 292 54.36 10.89 -0.64
C PHE B 292 55.45 11.94 -0.97
N LEU B 293 56.58 11.91 -0.26
CA LEU B 293 57.74 12.71 -0.65
C LEU B 293 58.93 11.83 -0.98
N PRO B 294 59.88 12.35 -1.78
CA PRO B 294 61.21 11.73 -1.85
C PRO B 294 61.89 11.98 -0.52
N ASN B 295 62.80 11.11 -0.11
CA ASN B 295 63.46 11.29 1.18
C ASN B 295 64.36 12.52 1.22
N LEU B 296 64.80 12.93 2.40
CA LEU B 296 65.87 13.92 2.52
C LEU B 296 67.23 13.31 2.12
N PRO B 297 68.32 14.08 2.28
CA PRO B 297 69.49 13.90 1.47
C PRO B 297 70.34 12.77 2.01
N ASP B 298 71.38 13.11 2.75
CA ASP B 298 72.31 12.10 3.19
C ASP B 298 72.12 11.71 4.65
N LEU B 299 70.87 11.38 5.01
CA LEU B 299 70.55 10.78 6.32
C LEU B 299 71.15 9.38 6.27
N HIS B 300 72.28 9.16 6.94
CA HIS B 300 73.00 7.89 6.76
C HIS B 300 72.41 6.73 7.59
N LEU B 301 71.10 6.55 7.43
CA LEU B 301 70.29 5.56 8.14
C LEU B 301 70.97 4.20 8.09
N LYS B 302 71.29 3.74 6.89
CA LYS B 302 71.94 2.46 6.70
C LYS B 302 73.31 2.39 7.38
N LYS B 303 73.96 3.52 7.60
CA LYS B 303 75.19 3.47 8.41
C LYS B 303 75.10 3.93 9.88
N GLY B 304 73.88 4.04 10.41
CA GLY B 304 73.70 4.30 11.85
C GLY B 304 73.19 5.66 12.30
N ALA B 305 72.70 6.46 11.35
CA ALA B 305 72.26 7.81 11.67
C ALA B 305 71.11 7.91 12.71
N PHE B 306 70.41 6.78 12.93
CA PHE B 306 69.16 6.87 13.66
C PHE B 306 69.32 7.40 15.08
N PRO B 307 70.22 6.81 15.87
CA PRO B 307 70.22 7.32 17.23
C PRO B 307 70.59 8.80 17.23
N VAL B 308 71.40 9.24 16.27
CA VAL B 308 71.60 10.69 16.11
C VAL B 308 70.30 11.47 15.71
N LEU B 309 69.68 11.20 14.55
CA LEU B 309 68.45 11.93 14.22
C LEU B 309 67.50 11.96 15.44
N LEU B 310 67.26 10.82 16.10
CA LEU B 310 66.43 10.83 17.30
C LEU B 310 66.93 11.80 18.38
N GLN B 311 68.23 11.81 18.65
CA GLN B 311 68.76 12.65 19.71
C GLN B 311 68.67 14.11 19.29
N THR B 312 68.44 14.35 18.01
CA THR B 312 68.27 15.70 17.54
C THR B 312 66.94 16.16 18.07
N PHE B 313 65.93 15.37 17.79
CA PHE B 313 64.61 15.68 18.26
C PHE B 313 64.49 15.80 19.80
N LYS B 314 65.28 15.06 20.57
CA LYS B 314 65.23 15.26 22.03
C LYS B 314 65.78 16.67 22.40
N GLU B 315 66.53 17.25 21.49
CA GLU B 315 67.05 18.54 21.76
C GLU B 315 66.03 19.61 21.37
N ALA B 316 65.67 19.68 20.11
CA ALA B 316 64.64 20.63 19.70
C ALA B 316 63.51 20.74 20.74
N LEU B 317 63.19 19.64 21.40
CA LEU B 317 61.99 19.59 22.19
C LEU B 317 62.19 20.30 23.51
N GLN B 318 63.43 20.41 23.97
CA GLN B 318 63.73 21.12 25.21
C GLN B 318 63.91 22.63 25.03
N HIS B 319 63.95 23.12 23.78
CA HIS B 319 63.97 24.56 23.46
C HIS B 319 62.78 25.05 22.61
N MET B 320 61.56 24.68 23.01
CA MET B 320 60.36 25.02 22.27
C MET B 320 59.34 25.51 23.31
N ASP B 321 58.39 26.35 22.90
CA ASP B 321 57.33 26.83 23.81
C ASP B 321 56.06 25.96 23.75
N GLY B 322 56.14 24.82 23.06
CA GLY B 322 54.98 23.95 22.80
C GLY B 322 55.32 22.70 22.02
N TYR B 323 54.44 22.27 21.14
CA TYR B 323 54.59 20.99 20.42
C TYR B 323 54.45 21.21 18.92
N ILE B 324 55.31 20.57 18.16
CA ILE B 324 55.32 20.67 16.72
C ILE B 324 54.02 20.21 16.07
N ASN B 325 53.40 19.18 16.60
CA ASN B 325 52.21 18.64 15.94
C ASN B 325 50.96 18.71 16.82
N GLU B 326 50.00 19.53 16.40
CA GLU B 326 48.75 19.66 17.13
C GLU B 326 47.73 18.91 16.36
N GLN B 327 47.66 17.62 16.63
CA GLN B 327 46.62 16.76 16.07
C GLN B 327 46.65 16.76 14.53
N GLY B 328 47.85 16.72 13.95
CA GLY B 328 48.04 16.68 12.52
C GLY B 328 48.79 17.89 12.00
N LYS B 329 48.15 19.04 12.21
CA LYS B 329 48.65 20.37 11.87
C LYS B 329 50.05 20.70 12.35
N ILE B 330 51.00 20.75 11.42
CA ILE B 330 52.36 21.09 11.78
C ILE B 330 52.44 22.55 12.19
N ASN B 331 53.16 22.81 13.26
CA ASN B 331 53.54 24.15 13.71
C ASN B 331 54.98 24.50 13.24
N LEU B 332 54.99 25.11 12.05
CA LEU B 332 56.18 25.52 11.29
C LEU B 332 57.17 26.38 12.08
N ALA B 333 56.65 27.23 12.96
CA ALA B 333 57.49 28.00 13.89
C ALA B 333 58.41 27.07 14.69
N ARG B 334 57.80 26.15 15.46
CA ARG B 334 58.53 25.17 16.31
C ARG B 334 59.27 24.11 15.45
N PHE B 335 58.72 23.82 14.27
CA PHE B 335 59.32 22.92 13.30
C PHE B 335 60.71 23.39 12.85
N SER B 336 60.91 24.70 12.85
CA SER B 336 62.17 25.28 12.39
C SER B 336 63.23 25.14 13.45
N ILE B 337 62.79 25.23 14.70
CA ILE B 337 63.71 25.00 15.79
C ILE B 337 64.37 23.63 15.66
N TRP B 338 63.59 22.63 15.22
CA TRP B 338 64.16 21.31 14.93
C TRP B 338 65.07 21.32 13.71
N LEU B 339 64.56 21.84 12.58
CA LEU B 339 65.34 21.93 11.33
C LEU B 339 66.78 22.40 11.55
N LYS B 340 66.93 23.38 12.46
CA LYS B 340 68.25 23.95 12.77
C LYS B 340 69.17 22.81 13.19
N TYR B 341 68.59 21.78 13.81
CA TYR B 341 69.39 20.71 14.38
C TYR B 341 69.75 19.72 13.31
N LEU B 342 68.82 19.48 12.39
CA LEU B 342 69.11 18.61 11.26
C LEU B 342 70.22 19.20 10.42
N SER B 343 70.20 20.52 10.30
CA SER B 343 71.17 21.23 9.47
C SER B 343 72.61 21.14 9.96
N ASP B 344 72.86 21.41 11.24
CA ASP B 344 74.22 21.23 11.80
C ASP B 344 74.74 19.84 11.40
N PHE B 345 73.80 18.89 11.32
CA PHE B 345 74.03 17.47 11.01
C PHE B 345 74.49 17.36 9.56
N GLU B 346 73.65 17.81 8.61
CA GLU B 346 73.95 17.75 7.18
C GLU B 346 75.37 18.29 6.93
N TYR B 347 75.62 19.47 7.49
CA TYR B 347 76.92 20.14 7.38
C TYR B 347 78.01 19.27 7.94
N LEU B 348 77.91 18.93 9.21
CA LEU B 348 78.95 18.13 9.84
C LEU B 348 79.35 16.86 9.07
N ASN B 349 78.43 16.30 8.28
CA ASN B 349 78.71 15.05 7.61
C ASN B 349 79.30 15.20 6.23
N PHE B 350 78.82 16.22 5.50
CA PHE B 350 79.47 16.67 4.26
C PHE B 350 81.04 16.64 4.37
N GLU B 351 81.55 17.18 5.49
CA GLU B 351 83.01 17.23 5.84
C GLU B 351 83.77 15.87 5.83
N LYS B 352 83.13 14.82 6.37
CA LYS B 352 83.75 13.50 6.60
C LYS B 352 83.94 12.66 5.33
N LYS B 353 85.08 11.98 5.20
CA LYS B 353 85.32 11.08 4.06
C LYS B 353 84.44 9.81 4.20
N ASP B 354 85.06 8.70 4.65
CA ASP B 354 84.34 7.46 4.99
C ASP B 354 83.36 7.78 6.10
N ILE B 355 82.21 7.10 6.08
CA ILE B 355 81.13 7.38 7.04
C ILE B 355 80.73 6.10 7.76
N ASP B 356 81.24 5.92 8.97
CA ASP B 356 81.02 4.67 9.70
C ASP B 356 80.15 4.79 10.96
N VAL B 357 79.71 3.64 11.48
CA VAL B 357 78.93 3.57 12.71
C VAL B 357 79.69 4.22 13.86
N GLU B 358 81.00 4.02 13.95
CA GLU B 358 81.79 4.69 14.98
C GLU B 358 81.81 6.22 14.78
N TRP B 359 81.55 6.69 13.55
CA TRP B 359 81.39 8.12 13.32
C TRP B 359 80.20 8.63 14.09
N PHE B 360 78.99 8.18 13.74
CA PHE B 360 77.74 8.65 14.39
C PHE B 360 77.61 8.40 15.90
N ASN B 361 78.22 7.33 16.39
CA ASN B 361 78.29 7.10 17.84
C ASN B 361 79.07 8.20 18.58
N GLN B 362 80.14 8.66 17.94
CA GLN B 362 80.89 9.83 18.38
C GLN B 362 80.09 11.13 18.15
N GLN B 363 79.39 11.20 17.04
CA GLN B 363 78.58 12.36 16.79
C GLN B 363 77.49 12.46 17.82
N LEU B 364 76.82 11.33 18.12
CA LEU B 364 75.77 11.32 19.15
C LEU B 364 76.26 11.83 20.50
N GLU B 365 77.48 11.47 20.90
CA GLU B 365 78.00 11.98 22.17
C GLU B 365 78.13 13.51 22.19
N ASN B 366 78.21 14.12 21.00
CA ASN B 366 78.39 15.55 20.90
C ASN B 366 77.09 16.33 21.08
N ILE B 367 76.06 16.02 20.29
CA ILE B 367 74.77 16.65 20.50
C ILE B 367 74.41 16.62 22.00
N SER B 368 74.69 15.49 22.67
CA SER B 368 74.42 15.32 24.10
C SER B 368 75.24 16.24 25.00
N LEU B 369 76.56 16.29 24.79
CA LEU B 369 77.40 17.21 25.55
C LEU B 369 77.03 18.66 25.17
N GLU B 370 76.96 18.99 23.88
CA GLU B 370 76.55 20.35 23.47
C GLU B 370 75.22 20.75 24.10
N GLY B 371 74.25 19.84 24.03
CA GLY B 371 72.95 20.10 24.60
C GLY B 371 72.95 20.32 26.10
N GLU B 372 73.81 19.61 26.81
CA GLU B 372 73.90 19.78 28.28
C GLU B 372 74.50 21.13 28.66
N ARG B 373 75.55 21.53 27.94
CA ARG B 373 76.20 22.84 28.11
C ARG B 373 75.27 23.99 27.73
N LYS B 374 74.47 23.80 26.68
CA LYS B 374 73.55 24.83 26.23
C LYS B 374 72.52 25.14 27.31
N ARG B 375 72.17 24.12 28.09
CA ARG B 375 71.14 24.27 29.12
C ARG B 375 71.71 24.88 30.38
N THR B 376 72.99 24.67 30.62
CA THR B 376 73.67 25.24 31.77
C THR B 376 73.83 26.74 31.57
N ARG B 377 74.06 27.13 30.31
CA ARG B 377 74.15 28.54 29.89
C ARG B 377 72.78 29.20 29.92
N MET B 378 71.80 28.65 29.20
CA MET B 378 70.40 29.11 29.29
C MET B 378 70.10 29.46 30.74
N GLY B 379 70.51 28.57 31.67
CA GLY B 379 70.26 28.69 33.09
C GLY B 379 71.05 29.74 33.86
N LYS B 380 72.32 29.95 33.51
CA LYS B 380 73.08 31.09 34.06
C LYS B 380 72.52 32.42 33.52
N LYS B 381 72.05 32.43 32.27
CA LYS B 381 71.51 33.65 31.69
C LYS B 381 70.28 34.07 32.47
N LEU B 382 69.31 33.19 32.62
CA LEU B 382 68.10 33.51 33.38
C LEU B 382 68.43 33.98 34.81
N LEU B 383 69.57 33.50 35.32
CA LEU B 383 69.99 33.81 36.68
C LEU B 383 70.51 35.25 36.74
N MET B 384 71.44 35.61 35.84
CA MET B 384 71.88 37.03 35.66
C MET B 384 70.69 37.95 35.44
N LYS B 385 69.68 37.50 34.68
CA LYS B 385 68.51 38.31 34.39
C LYS B 385 67.71 38.54 35.68
N GLN B 386 67.70 37.55 36.56
CA GLN B 386 66.96 37.66 37.82
C GLN B 386 67.72 38.50 38.81
N GLN B 387 69.05 38.54 38.66
CA GLN B 387 69.90 39.27 39.55
C GLN B 387 69.81 40.74 39.18
N LYS B 388 69.41 41.00 37.95
CA LYS B 388 69.14 42.37 37.49
C LYS B 388 67.80 42.86 38.00
N LYS B 389 66.72 42.19 37.61
CA LYS B 389 65.43 42.45 38.26
C LYS B 389 65.63 42.93 39.71
N LEU B 390 66.26 42.08 40.52
CA LEU B 390 66.45 42.37 41.89
C LEU B 390 67.14 43.72 42.21
N ILE B 391 68.37 43.98 41.74
CA ILE B 391 68.93 45.30 42.07
C ILE B 391 68.10 46.40 41.49
N GLY B 392 67.54 46.17 40.31
CA GLY B 392 66.71 47.17 39.67
C GLY B 392 65.64 47.64 40.62
N ALA B 393 64.93 46.67 41.21
CA ALA B 393 63.85 46.92 42.15
C ALA B 393 64.37 47.39 43.52
N VAL B 394 65.61 47.08 43.84
CA VAL B 394 66.18 47.40 45.16
C VAL B 394 66.77 48.85 45.23
N LYS B 395 67.51 49.28 44.15
CA LYS B 395 68.09 50.65 43.97
C LYS B 395 67.30 51.78 44.64
N PRO B 396 66.02 52.01 44.26
CA PRO B 396 65.26 53.15 44.84
C PRO B 396 65.11 53.13 46.35
N TRP B 397 64.41 52.12 46.86
CA TRP B 397 64.25 51.95 48.29
C TRP B 397 65.61 51.99 49.01
N LEU B 398 66.64 51.27 48.52
CA LEU B 398 67.92 51.28 49.27
C LEU B 398 68.51 52.68 49.36
N LEU B 399 68.53 53.37 48.21
CA LEU B 399 69.13 54.73 48.09
C LEU B 399 68.40 55.74 48.93
N LYS B 400 67.07 55.58 49.00
CA LYS B 400 66.25 56.39 49.88
C LYS B 400 66.63 56.08 51.34
N THR B 401 66.26 54.89 51.81
CA THR B 401 66.65 54.40 53.13
C THR B 401 68.06 54.80 53.62
N VAL B 402 69.06 54.80 52.73
CA VAL B 402 70.41 54.98 53.19
C VAL B 402 70.62 56.48 53.38
N GLN B 403 69.97 57.28 52.56
CA GLN B 403 70.13 58.73 52.70
C GLN B 403 69.35 59.20 53.93
N ARG B 404 70.04 59.13 55.07
CA ARG B 404 69.47 59.51 56.35
C ARG B 404 70.45 59.21 57.52
N LYS B 405 70.86 60.25 58.27
CA LYS B 405 71.66 60.05 59.51
C LYS B 405 70.81 59.36 60.61
N VAL B 406 71.47 58.93 61.68
CA VAL B 406 70.90 58.01 62.69
C VAL B 406 70.87 58.59 64.16
N THR B 407 70.10 57.95 65.05
CA THR B 407 69.97 58.39 66.44
C THR B 407 69.51 57.26 67.37
N SER B 408 68.39 56.62 66.97
CA SER B 408 67.82 55.39 67.58
C SER B 408 66.60 54.90 66.78
N ASP B 412 64.45 50.90 64.02
CA ASP B 412 64.24 49.78 63.12
C ASP B 412 62.89 49.87 62.33
N ALA B 413 61.76 49.95 63.04
CA ALA B 413 60.45 50.27 62.43
C ALA B 413 60.39 51.71 61.86
N ASP B 414 61.53 52.39 61.93
CA ASP B 414 61.68 53.72 61.39
C ASP B 414 62.18 53.61 59.94
N PHE B 415 62.29 52.37 59.47
CA PHE B 415 62.73 52.13 58.10
C PHE B 415 61.78 51.20 57.33
N GLU B 416 61.73 51.36 56.01
CA GLU B 416 60.81 50.56 55.20
C GLU B 416 61.39 49.15 54.97
N ILE B 417 60.56 48.15 55.20
CA ILE B 417 60.92 46.77 54.92
C ILE B 417 60.77 46.54 53.41
N PHE B 418 61.59 45.66 52.85
CA PHE B 418 61.48 45.29 51.43
C PHE B 418 61.15 43.82 51.25
N PRO B 419 59.86 43.46 51.12
CA PRO B 419 59.49 42.05 51.02
C PRO B 419 59.96 41.39 49.74
N LEU B 420 60.20 40.09 49.82
CA LEU B 420 60.66 39.30 48.68
C LEU B 420 59.59 38.29 48.36
N GLU B 421 59.04 38.43 47.16
CA GLU B 421 57.83 37.70 46.78
C GLU B 421 58.06 36.22 46.55
N ASP B 422 58.95 35.90 45.62
CA ASP B 422 59.14 34.51 45.22
C ASP B 422 59.88 33.64 46.25
N LYS B 423 59.13 33.04 47.16
CA LYS B 423 59.72 32.28 48.27
C LYS B 423 60.64 31.09 47.86
N GLU B 424 60.18 30.25 46.92
CA GLU B 424 60.98 29.19 46.30
C GLU B 424 62.30 29.72 45.73
N LEU B 425 62.22 30.80 44.95
CA LEU B 425 63.41 31.34 44.29
C LEU B 425 64.41 31.94 45.29
N VAL B 426 63.91 32.55 46.36
CA VAL B 426 64.78 33.00 47.43
C VAL B 426 65.50 31.83 48.14
N ARG B 427 64.75 30.89 48.72
CA ARG B 427 65.49 29.83 49.40
C ARG B 427 66.44 29.08 48.46
N ALA B 428 66.09 29.01 47.17
CA ALA B 428 67.02 28.54 46.10
C ALA B 428 68.31 29.35 45.96
N ASN B 429 68.32 30.59 46.47
CA ASN B 429 69.43 31.48 46.21
C ASN B 429 69.97 32.20 47.43
N LEU B 430 70.01 31.51 48.57
CA LEU B 430 70.34 32.13 49.83
C LEU B 430 71.79 32.52 49.95
N ASP B 431 72.69 31.72 49.40
CA ASP B 431 74.09 32.12 49.48
C ASP B 431 74.38 33.38 48.71
N PHE B 432 73.71 33.55 47.56
CA PHE B 432 73.74 34.83 46.82
C PHE B 432 73.14 35.98 47.61
N LEU B 433 71.87 35.83 47.97
CA LEU B 433 71.14 36.84 48.69
C LEU B 433 71.90 37.26 49.90
N LYS B 434 72.49 36.33 50.61
CA LYS B 434 73.04 36.73 51.90
C LYS B 434 74.33 37.50 51.72
N GLU B 435 75.01 37.21 50.63
CA GLU B 435 76.17 38.00 50.22
C GLU B 435 75.70 39.40 49.76
N PHE B 436 74.67 39.42 48.94
CA PHE B 436 74.08 40.62 48.39
C PHE B 436 73.64 41.52 49.53
N ALA B 437 72.89 40.97 50.48
CA ALA B 437 72.54 41.74 51.66
C ALA B 437 73.83 42.26 52.31
N PHE B 438 74.84 41.41 52.41
CA PHE B 438 76.06 41.84 53.09
C PHE B 438 76.68 43.04 52.43
N ASP B 439 76.82 43.00 51.11
CA ASP B 439 77.56 44.06 50.42
C ASP B 439 76.80 45.38 50.44
N LEU B 440 75.48 45.32 50.58
CA LEU B 440 74.68 46.53 50.57
C LEU B 440 74.33 46.99 51.99
N GLY B 441 74.91 46.35 53.00
CA GLY B 441 74.57 46.71 54.37
C GLY B 441 73.10 46.53 54.68
N LEU B 442 72.60 45.35 54.30
CA LEU B 442 71.24 44.95 54.53
C LEU B 442 71.27 43.67 55.35
N ILE B 443 70.11 43.19 55.77
CA ILE B 443 70.01 41.90 56.39
C ILE B 443 68.91 41.12 55.69
N LEU B 444 69.13 39.82 55.46
CA LEU B 444 68.12 38.97 54.90
C LEU B 444 67.30 38.36 56.04
N ALA B 445 66.18 38.99 56.38
CA ALA B 445 65.33 38.53 57.47
C ALA B 445 64.18 37.64 56.99
N HIS B 446 63.53 36.95 57.92
CA HIS B 446 62.27 36.27 57.62
C HIS B 446 61.46 36.02 58.86
N SER B 447 60.17 35.80 58.69
CA SER B 447 59.27 35.40 59.80
C SER B 447 59.64 34.09 60.50
N LYS B 448 59.33 34.01 61.79
CA LYS B 448 59.28 32.71 62.50
C LYS B 448 58.71 31.62 61.61
N SER B 449 57.66 31.95 60.87
CA SER B 449 56.91 31.00 60.04
C SER B 449 57.49 30.81 58.64
N LYS B 450 58.50 31.60 58.27
CA LYS B 450 59.09 31.59 56.92
C LYS B 450 58.08 31.77 55.74
N ASP B 451 56.99 32.52 55.99
CA ASP B 451 55.99 32.85 54.97
C ASP B 451 56.18 34.26 54.42
N LEU B 452 57.17 34.96 54.98
CA LEU B 452 57.61 36.27 54.55
C LEU B 452 59.15 36.36 54.63
N TYR B 453 59.81 36.86 53.59
CA TYR B 453 61.25 37.07 53.58
C TYR B 453 61.50 38.47 53.11
N TYR B 454 62.41 39.19 53.75
CA TYR B 454 62.62 40.57 53.33
C TYR B 454 63.98 41.08 53.63
N PHE B 455 64.53 41.96 52.82
CA PHE B 455 65.61 42.82 53.31
C PHE B 455 65.08 43.88 54.30
N LYS B 456 65.88 44.18 55.31
CA LYS B 456 65.68 45.31 56.20
C LYS B 456 67.04 45.99 56.34
N LEU B 457 67.06 47.26 56.73
CA LEU B 457 68.34 47.94 56.91
C LEU B 457 69.00 47.39 58.16
N ASP B 458 70.29 47.08 58.06
CA ASP B 458 71.11 46.54 59.16
C ASP B 458 71.55 47.72 60.01
N LEU B 459 70.68 48.08 60.93
CA LEU B 459 70.89 49.25 61.74
C LEU B 459 72.08 48.91 62.60
N ASP B 460 71.89 47.89 63.47
CA ASP B 460 72.97 47.27 64.27
C ASP B 460 74.39 47.71 63.90
N SER B 461 74.81 47.35 62.69
CA SER B 461 76.11 47.66 62.12
C SER B 461 76.53 49.15 62.09
N ILE B 462 75.57 50.07 61.95
CA ILE B 462 75.89 51.49 61.94
C ILE B 462 75.69 52.12 63.32
N UNK B 464 79.38 59.53 63.96
CA UNK B 464 80.09 60.51 63.13
C UNK B 464 79.17 61.03 62.01
N UNK B 465 79.65 61.99 61.21
CA UNK B 465 78.89 62.49 60.06
C UNK B 465 79.55 62.05 58.76
N UNK B 466 79.99 60.79 58.73
CA UNK B 466 80.53 60.13 57.53
C UNK B 466 79.41 59.69 56.54
N UNK B 467 79.17 60.53 55.54
CA UNK B 467 78.28 60.22 54.40
C UNK B 467 79.00 59.24 53.47
N UNK B 468 79.88 58.43 54.08
CA UNK B 468 80.70 57.42 53.40
C UNK B 468 79.95 56.11 53.22
N UNK B 469 79.11 55.77 54.19
CA UNK B 469 78.21 54.63 54.05
C UNK B 469 77.42 54.76 52.74
N UNK B 470 76.91 55.98 52.45
CA UNK B 470 76.18 56.27 51.20
C UNK B 470 77.13 56.21 50.03
N UNK B 471 78.35 56.69 50.24
CA UNK B 471 79.42 56.61 49.25
C UNK B 471 79.96 55.15 49.03
N UNK B 472 79.27 54.18 49.62
CA UNK B 472 79.60 52.76 49.46
C UNK B 472 78.37 51.98 48.99
N UNK B 473 77.19 52.32 49.53
CA UNK B 473 75.96 51.81 48.96
C UNK B 473 75.93 52.07 47.43
N UNK B 474 76.37 53.27 47.03
CA UNK B 474 76.47 53.67 45.62
C UNK B 474 77.49 52.80 44.88
N UNK B 475 78.58 52.50 45.58
CA UNK B 475 79.63 51.60 45.07
C UNK B 475 79.22 50.11 45.08
N UNK B 476 78.30 49.72 45.96
CA UNK B 476 77.86 48.36 46.02
C UNK B 476 76.74 48.11 45.00
N UNK B 477 75.83 49.08 44.81
CA UNK B 477 74.74 48.93 43.82
C UNK B 477 75.29 48.80 42.41
N UNK B 478 76.33 49.57 42.09
CA UNK B 478 77.02 49.52 40.80
C UNK B 478 77.60 48.12 40.51
N UNK B 479 78.23 47.51 41.51
CA UNK B 479 78.89 46.19 41.34
C UNK B 479 77.91 45.12 40.85
N UNK B 480 76.76 45.08 41.48
CA UNK B 480 75.74 44.14 41.08
C UNK B 480 75.03 44.55 39.79
N UNK B 481 75.26 45.78 39.33
CA UNK B 481 74.60 46.28 38.13
C UNK B 481 75.56 46.20 36.96
N UNK B 482 76.85 46.08 37.26
CA UNK B 482 77.91 46.12 36.23
C UNK B 482 77.46 45.61 34.86
N TYR B 484 77.63 28.99 7.41
CA TYR B 484 77.96 27.81 6.64
C TYR B 484 79.01 28.10 5.57
N SER B 485 80.08 27.29 5.57
CA SER B 485 81.26 27.50 4.72
C SER B 485 80.99 27.65 3.21
N GLU B 486 82.01 28.15 2.52
CA GLU B 486 81.98 28.44 1.07
C GLU B 486 81.89 27.20 0.18
N ARG B 487 82.76 26.21 0.44
CA ARG B 487 82.78 24.94 -0.30
C ARG B 487 81.54 24.10 -0.05
N PHE B 488 80.92 24.33 1.10
CA PHE B 488 79.66 23.69 1.49
C PHE B 488 78.48 24.20 0.64
N VAL B 489 78.38 25.50 0.46
CA VAL B 489 77.32 26.07 -0.38
C VAL B 489 77.62 25.80 -1.86
N GLU B 490 78.88 25.47 -2.16
CA GLU B 490 79.31 25.16 -3.53
C GLU B 490 78.73 23.83 -3.99
N TRP B 491 78.98 22.76 -3.21
CA TRP B 491 78.46 21.42 -3.53
C TRP B 491 76.93 21.37 -3.48
N LYS B 492 76.36 22.26 -2.67
CA LYS B 492 74.92 22.40 -2.54
C LYS B 492 74.26 22.84 -3.86
N ASP B 493 74.63 24.01 -4.38
CA ASP B 493 74.13 24.49 -5.69
C ASP B 493 74.57 23.57 -6.85
N GLN B 494 75.59 22.74 -6.60
CA GLN B 494 76.04 21.74 -7.58
C GLN B 494 75.22 20.46 -7.43
N TYR B 495 74.43 20.38 -6.36
CA TYR B 495 73.50 19.28 -6.16
C TYR B 495 72.16 19.60 -6.82
N TYR B 496 71.77 20.85 -6.79
CA TYR B 496 70.52 21.26 -7.42
C TYR B 496 70.70 21.25 -8.93
N LYS B 497 71.74 21.93 -9.39
CA LYS B 497 72.07 22.05 -10.80
C LYS B 497 72.12 20.66 -11.42
N ASP B 498 73.00 19.80 -10.88
CA ASP B 498 73.10 18.37 -11.20
C ASP B 498 71.71 17.72 -11.30
N LYS B 499 71.08 17.56 -10.13
CA LYS B 499 69.79 16.90 -9.98
C LYS B 499 68.70 17.98 -10.01
N ASP B 506 69.57 28.23 -7.07
CA ASP B 506 69.84 29.60 -6.66
C ASP B 506 68.58 30.47 -6.58
N THR B 507 67.75 30.40 -7.63
CA THR B 507 66.72 31.40 -7.92
C THR B 507 65.71 31.75 -6.76
N ASP B 508 64.44 31.60 -7.09
CA ASP B 508 63.32 31.60 -6.16
C ASP B 508 62.43 30.48 -6.70
N SER B 509 63.05 29.62 -7.50
CA SER B 509 62.48 28.33 -7.86
C SER B 509 62.83 27.39 -6.74
N LEU B 510 64.00 27.64 -6.13
CA LEU B 510 64.42 26.95 -4.92
C LEU B 510 63.46 27.35 -3.85
N LYS B 511 63.16 28.64 -3.79
CA LYS B 511 62.20 29.16 -2.83
C LYS B 511 60.78 28.69 -3.16
N GLU B 512 60.69 27.90 -4.23
CA GLU B 512 59.43 27.35 -4.70
C GLU B 512 59.39 25.83 -4.54
N MET B 513 60.57 25.20 -4.58
CA MET B 513 60.70 23.76 -4.38
C MET B 513 60.45 23.43 -2.90
N THR B 514 61.19 24.16 -2.07
CA THR B 514 61.06 24.11 -0.64
C THR B 514 59.60 24.34 -0.24
N GLU B 515 59.02 25.51 -0.49
CA GLU B 515 57.56 25.70 -0.27
C GLU B 515 56.72 24.45 -0.67
N ASN B 516 57.23 23.63 -1.59
CA ASN B 516 56.51 22.45 -2.04
C ASN B 516 56.70 21.18 -1.17
N TYR B 517 57.92 20.97 -0.65
CA TYR B 517 58.19 19.92 0.35
C TYR B 517 57.45 20.24 1.67
N VAL B 518 57.93 21.26 2.37
CA VAL B 518 57.31 21.79 3.58
C VAL B 518 55.78 21.90 3.56
N GLY B 519 55.17 21.91 2.40
CA GLY B 519 53.72 21.89 2.38
C GLY B 519 53.22 20.46 2.20
N GLY B 520 54.09 19.65 1.60
CA GLY B 520 53.86 18.22 1.45
C GLY B 520 53.83 17.62 2.83
N LEU B 521 54.86 17.94 3.62
CA LEU B 521 54.93 17.51 4.99
C LEU B 521 53.58 17.68 5.66
N GLN B 522 53.00 18.87 5.54
CA GLN B 522 51.65 19.02 6.02
C GLN B 522 50.53 18.21 5.33
N TRP B 523 50.75 17.71 4.12
CA TRP B 523 49.71 16.91 3.52
C TRP B 523 49.74 15.54 4.21
N VAL B 524 50.93 14.96 4.26
CA VAL B 524 51.17 13.68 4.90
C VAL B 524 50.47 13.68 6.23
N LEU B 525 50.91 14.58 7.11
CA LEU B 525 50.41 14.70 8.47
C LEU B 525 48.91 14.86 8.63
N TYR B 526 48.24 15.47 7.66
CA TYR B 526 46.79 15.59 7.71
C TYR B 526 46.20 14.27 7.22
N TYR B 527 46.86 13.68 6.23
CA TYR B 527 46.47 12.39 5.68
C TYR B 527 46.43 11.33 6.78
N TYR B 528 47.58 11.13 7.39
CA TYR B 528 47.72 10.16 8.40
C TYR B 528 46.90 10.46 9.69
N TYR B 529 46.76 11.73 10.04
CA TYR B 529 45.97 12.11 11.22
C TYR B 529 44.49 12.52 11.09
N ARG B 530 44.04 13.08 9.96
CA ARG B 530 42.59 13.46 9.82
C ARG B 530 41.87 12.94 8.59
N GLY B 531 42.59 12.30 7.68
CA GLY B 531 42.00 11.85 6.42
C GLY B 531 42.72 12.55 5.29
N CYS B 532 42.31 12.27 4.06
CA CYS B 532 42.83 12.98 2.89
C CYS B 532 42.48 14.47 3.01
N PRO B 533 43.45 15.39 2.78
CA PRO B 533 43.04 16.79 2.83
C PRO B 533 42.89 17.36 1.43
N SER B 534 43.37 16.62 0.42
CA SER B 534 43.36 17.08 -0.97
C SER B 534 43.58 15.87 -1.85
N TRP B 535 42.60 15.51 -2.69
CA TRP B 535 42.73 14.37 -3.62
C TRP B 535 43.56 14.77 -4.83
N SER B 536 43.95 16.05 -4.85
CA SER B 536 44.58 16.71 -5.98
C SER B 536 46.09 16.96 -5.77
N TRP B 537 46.46 17.54 -4.62
CA TRP B 537 47.85 17.88 -4.29
C TRP B 537 48.86 16.79 -4.68
N TYR B 538 50.00 17.21 -5.20
CA TYR B 538 51.12 16.31 -5.43
C TYR B 538 52.43 17.11 -5.28
N TYR B 539 53.56 16.41 -5.17
CA TYR B 539 54.87 17.06 -5.17
C TYR B 539 55.29 17.11 -6.61
N ARG B 540 55.73 18.30 -7.01
CA ARG B 540 55.97 18.68 -8.40
C ARG B 540 57.36 18.29 -8.88
N TYR B 541 58.22 17.77 -7.99
CA TYR B 541 59.63 17.48 -8.29
C TYR B 541 60.00 16.04 -8.02
N HIS B 542 61.14 15.59 -8.56
CA HIS B 542 61.60 14.19 -8.42
C HIS B 542 62.62 14.00 -7.31
N TYR B 543 63.17 15.09 -6.79
CA TYR B 543 64.11 15.01 -5.69
C TYR B 543 63.66 15.91 -4.53
N ALA B 544 64.09 15.59 -3.32
CA ALA B 544 63.82 16.48 -2.18
C ALA B 544 64.78 17.66 -2.20
N PRO B 545 64.40 18.77 -1.54
CA PRO B 545 65.34 19.83 -1.14
C PRO B 545 66.54 19.28 -0.36
N ARG B 546 67.34 20.15 0.24
CA ARG B 546 68.34 19.70 1.20
C ARG B 546 67.79 20.11 2.54
N ILE B 547 68.18 19.40 3.59
CA ILE B 547 67.78 19.79 4.95
C ILE B 547 67.91 21.34 5.20
N SER B 548 69.12 21.88 4.94
CA SER B 548 69.51 23.26 5.26
C SER B 548 68.69 24.32 4.54
N ASP B 549 68.20 23.98 3.36
CA ASP B 549 67.42 24.88 2.52
C ASP B 549 65.92 24.74 2.76
N VAL B 550 65.53 23.76 3.59
CA VAL B 550 64.11 23.49 3.90
C VAL B 550 63.42 24.71 4.53
N ILE B 551 64.19 25.62 5.15
CA ILE B 551 63.60 26.82 5.75
C ILE B 551 62.94 27.72 4.70
N LYS B 552 63.50 27.72 3.51
CA LYS B 552 63.03 28.58 2.43
C LYS B 552 61.60 28.24 1.96
N GLY B 553 60.91 27.39 2.74
CA GLY B 553 59.60 26.86 2.36
C GLY B 553 58.53 27.06 3.41
N ILE B 554 58.95 27.50 4.59
CA ILE B 554 58.04 27.75 5.73
C ILE B 554 57.24 29.06 5.65
N ASP B 555 57.79 30.11 5.02
CA ASP B 555 57.05 31.36 4.82
C ASP B 555 55.94 31.10 3.82
N GLN B 556 54.83 30.59 4.34
CA GLN B 556 53.70 30.21 3.52
C GLN B 556 52.49 29.91 4.38
N ASN B 557 51.34 30.01 3.74
CA ASN B 557 50.07 29.75 4.35
C ASN B 557 49.60 28.40 3.80
N ILE B 558 49.70 27.36 4.62
CA ILE B 558 49.50 26.02 4.10
C ILE B 558 48.01 25.61 4.12
N GLU B 559 47.31 25.85 3.00
CA GLU B 559 45.93 25.38 2.78
C GLU B 559 45.74 24.53 1.49
N PHE B 560 44.81 23.57 1.56
CA PHE B 560 44.60 22.52 0.55
C PHE B 560 43.13 22.50 0.19
N HIS B 561 42.80 22.08 -1.01
CA HIS B 561 41.40 21.90 -1.31
C HIS B 561 41.16 20.41 -1.55
N LYS B 562 40.05 19.89 -1.02
CA LYS B 562 39.80 18.46 -0.97
C LYS B 562 39.62 17.88 -2.36
N GLY B 563 38.42 18.05 -2.92
CA GLY B 563 38.14 17.60 -4.28
C GLY B 563 37.49 16.24 -4.41
N GLN B 564 37.91 15.48 -5.42
CA GLN B 564 37.34 14.19 -5.74
C GLN B 564 38.39 13.29 -6.40
N PRO B 565 38.23 11.96 -6.21
CA PRO B 565 39.12 10.97 -6.81
C PRO B 565 38.95 10.89 -8.32
N PHE B 566 39.94 10.33 -9.01
CA PHE B 566 39.72 9.92 -10.38
C PHE B 566 38.68 8.80 -10.39
N LYS B 567 38.04 8.64 -11.54
CA LYS B 567 37.34 7.41 -11.85
C LYS B 567 38.42 6.36 -12.16
N PRO B 568 38.08 5.07 -11.99
CA PRO B 568 39.05 4.04 -12.25
C PRO B 568 39.82 4.24 -13.56
N PHE B 569 39.09 4.36 -14.66
CA PHE B 569 39.62 4.53 -16.02
C PHE B 569 40.58 5.70 -16.19
N GLN B 570 40.16 6.87 -15.70
CA GLN B 570 41.03 8.05 -15.64
C GLN B 570 42.33 7.70 -14.97
N GLN B 571 42.23 7.06 -13.80
CA GLN B 571 43.36 6.53 -13.04
C GLN B 571 44.15 5.48 -13.84
N LEU B 572 43.44 4.54 -14.48
CA LEU B 572 44.09 3.56 -15.34
C LEU B 572 45.03 4.22 -16.35
N MET B 573 44.59 5.33 -16.95
CA MET B 573 45.40 6.04 -17.94
C MET B 573 46.56 6.83 -17.31
N ALA B 574 46.23 7.60 -16.26
CA ALA B 574 47.18 8.47 -15.52
C ALA B 574 48.35 7.71 -14.93
N VAL B 575 48.12 6.42 -14.73
CA VAL B 575 49.07 5.46 -14.28
C VAL B 575 48.92 4.41 -15.37
N LEU B 576 50.02 3.88 -15.85
CA LEU B 576 50.06 2.69 -16.72
C LEU B 576 50.96 2.91 -17.91
N PRO B 577 51.91 1.97 -18.13
CA PRO B 577 52.76 2.01 -19.31
C PRO B 577 52.04 1.39 -20.51
N GLU B 578 52.26 1.92 -21.69
CA GLU B 578 51.66 1.35 -22.89
C GLU B 578 52.34 0.05 -23.33
N ARG B 579 53.14 -0.55 -22.43
CA ARG B 579 53.69 -1.91 -22.59
C ARG B 579 52.72 -2.99 -22.10
N SER B 580 51.81 -2.58 -21.22
CA SER B 580 50.67 -3.42 -20.84
C SER B 580 49.37 -2.65 -21.17
N LYS B 581 49.18 -2.41 -22.46
CA LYS B 581 48.04 -1.67 -23.00
C LYS B 581 46.76 -2.50 -22.97
N ASN B 582 46.92 -3.82 -23.01
CA ASN B 582 45.81 -4.79 -23.01
C ASN B 582 44.81 -4.75 -21.81
N LEU B 583 44.94 -3.75 -20.94
CA LEU B 583 44.27 -3.73 -19.63
C LEU B 583 43.24 -2.61 -19.43
N ILE B 584 43.49 -1.45 -20.04
CA ILE B 584 42.49 -0.39 -20.23
C ILE B 584 41.44 -0.91 -21.20
N PRO B 585 40.39 -0.11 -21.50
CA PRO B 585 39.55 -0.50 -22.63
C PRO B 585 40.36 -0.29 -23.90
N VAL B 586 40.78 -1.38 -24.54
CA VAL B 586 41.71 -1.35 -25.70
C VAL B 586 41.22 -0.29 -26.72
N VAL B 587 39.93 0.04 -26.61
CA VAL B 587 39.31 1.24 -27.19
C VAL B 587 40.10 2.57 -27.01
N TYR B 588 41.10 2.57 -26.12
CA TYR B 588 41.90 3.77 -25.86
C TYR B 588 43.26 3.78 -26.57
N PHE B 602 53.35 11.64 -24.96
CA PHE B 602 53.12 11.85 -23.53
C PHE B 602 53.83 10.77 -22.66
N TYR B 603 53.65 9.49 -23.04
CA TYR B 603 54.08 8.34 -22.21
C TYR B 603 55.42 7.73 -22.69
N PRO B 604 56.55 8.07 -22.01
CA PRO B 604 57.88 7.63 -22.45
C PRO B 604 58.00 6.14 -22.77
N ASN B 605 59.10 5.75 -23.40
CA ASN B 605 59.45 4.35 -23.56
C ASN B 605 60.86 4.07 -23.10
N GLU B 606 61.43 5.04 -22.39
CA GLU B 606 62.76 4.93 -21.78
C GLU B 606 62.89 6.00 -20.69
N VAL B 607 63.70 5.71 -19.66
CA VAL B 607 64.38 6.73 -18.83
C VAL B 607 65.62 6.14 -18.13
N VAL B 621 65.76 8.25 -8.21
CA VAL B 621 64.56 7.42 -8.37
C VAL B 621 64.26 7.40 -9.88
N VAL B 622 63.15 6.79 -10.27
CA VAL B 622 62.70 6.76 -11.66
C VAL B 622 62.21 8.14 -12.13
N LYS B 623 62.69 8.56 -13.31
CA LYS B 623 62.46 9.91 -13.85
C LYS B 623 61.25 10.09 -14.79
N ILE B 624 60.17 9.35 -14.55
CA ILE B 624 58.96 9.47 -15.37
C ILE B 624 58.48 10.94 -15.40
N SER B 625 58.31 11.49 -16.59
CA SER B 625 57.71 12.81 -16.73
C SER B 625 56.44 12.80 -15.90
N PHE B 626 56.15 13.92 -15.25
CA PHE B 626 54.96 14.00 -14.42
C PHE B 626 53.69 13.87 -15.27
N VAL B 627 52.55 14.20 -14.66
CA VAL B 627 51.24 14.17 -15.34
C VAL B 627 50.39 15.39 -14.96
N ASP B 628 49.68 15.94 -15.95
CA ASP B 628 48.77 17.09 -15.75
C ASP B 628 47.30 16.65 -15.73
N GLN B 629 46.59 17.01 -14.66
CA GLN B 629 45.17 16.67 -14.47
C GLN B 629 44.28 17.08 -15.65
N LYS B 630 44.02 18.39 -15.77
CA LYS B 630 43.13 18.95 -16.79
C LYS B 630 43.40 18.39 -18.20
N ARG B 631 44.68 18.38 -18.62
CA ARG B 631 45.10 17.91 -19.95
C ARG B 631 44.80 16.42 -20.26
N LEU B 632 44.60 15.61 -19.22
CA LEU B 632 44.18 14.21 -19.37
C LEU B 632 42.67 14.03 -19.21
N VAL B 633 42.08 14.79 -18.28
CA VAL B 633 40.64 14.81 -18.08
C VAL B 633 39.98 14.96 -19.46
N GLU B 634 40.15 16.15 -20.07
CA GLU B 634 39.65 16.49 -21.42
C GLU B 634 39.96 15.39 -22.47
N ALA B 635 41.24 15.07 -22.65
CA ALA B 635 41.70 14.07 -23.63
C ALA B 635 40.96 12.71 -23.64
N MET B 636 40.26 12.40 -22.55
CA MET B 636 39.53 11.15 -22.42
C MET B 636 38.02 11.33 -22.59
N ALA B 637 37.52 12.49 -22.16
CA ALA B 637 36.09 12.84 -22.22
C ALA B 637 35.31 12.47 -23.52
N PRO B 638 35.82 12.87 -24.73
CA PRO B 638 35.06 12.44 -25.91
C PRO B 638 35.19 10.93 -26.14
N TYR B 639 36.06 10.27 -25.40
CA TYR B 639 36.15 8.83 -25.44
C TYR B 639 35.23 8.17 -24.41
N ASP B 640 34.84 8.94 -23.38
CA ASP B 640 33.98 8.47 -22.27
C ASP B 640 32.57 8.01 -22.71
N ALA B 641 32.08 8.56 -23.83
CA ALA B 641 30.80 8.15 -24.44
C ALA B 641 30.87 6.77 -25.16
N LYS B 642 32.04 6.40 -25.67
CA LYS B 642 32.25 5.10 -26.35
C LYS B 642 32.48 3.91 -25.40
N LEU B 643 31.68 3.84 -24.33
CA LEU B 643 31.80 2.78 -23.33
C LEU B 643 30.54 1.89 -23.28
N SER B 644 30.75 0.57 -23.32
CA SER B 644 29.67 -0.39 -23.04
C SER B 644 29.41 -0.32 -21.54
N PRO B 645 28.16 -0.57 -21.11
CA PRO B 645 27.90 -0.58 -19.66
C PRO B 645 28.60 -1.66 -18.79
N ASP B 646 29.42 -2.53 -19.40
CA ASP B 646 30.35 -3.41 -18.67
C ASP B 646 31.48 -2.57 -18.07
N GLU B 647 31.86 -1.53 -18.78
CA GLU B 647 33.01 -0.70 -18.43
C GLU B 647 32.55 0.60 -17.75
N LYS B 648 31.30 0.95 -17.98
CA LYS B 648 30.64 2.06 -17.33
C LYS B 648 30.31 1.70 -15.89
N LYS B 649 29.97 0.44 -15.66
CA LYS B 649 29.92 -0.15 -14.33
C LYS B 649 31.32 -0.26 -13.75
N ARG B 650 32.24 -0.80 -14.55
CA ARG B 650 33.64 -0.96 -14.14
C ARG B 650 34.40 0.36 -14.10
N ASN B 651 33.67 1.45 -13.91
CA ASN B 651 34.23 2.79 -13.85
C ASN B 651 33.61 3.63 -12.74
N SER B 652 32.42 3.24 -12.30
CA SER B 652 31.76 3.83 -11.14
C SER B 652 32.54 3.64 -9.85
N PHE B 653 32.00 4.21 -8.78
CA PHE B 653 32.47 3.88 -7.46
C PHE B 653 31.47 2.93 -6.81
N GLY B 654 32.00 1.99 -6.02
CA GLY B 654 31.19 1.07 -5.25
C GLY B 654 31.15 1.48 -3.79
N THR B 655 30.45 0.69 -2.98
CA THR B 655 30.36 0.93 -1.53
C THR B 655 31.12 -0.13 -0.68
N ASP B 656 31.35 0.18 0.59
CA ASP B 656 31.82 -0.83 1.53
C ASP B 656 30.72 -1.82 1.81
N LEU B 657 31.07 -3.08 1.97
CA LEU B 657 30.05 -4.11 2.11
C LEU B 657 30.13 -4.96 3.36
N ILE B 658 29.00 -5.17 4.01
CA ILE B 658 28.92 -6.11 5.14
C ILE B 658 28.27 -7.42 4.73
N PHE B 659 28.67 -8.52 5.37
CA PHE B 659 28.18 -9.82 4.98
C PHE B 659 27.49 -10.51 6.13
N ILE B 660 26.17 -10.60 6.09
CA ILE B 660 25.45 -11.03 7.26
C ILE B 660 25.17 -12.52 7.23
N PHE B 661 25.10 -13.15 8.39
CA PHE B 661 24.66 -14.53 8.46
C PHE B 661 23.15 -14.69 8.71
N ASN B 662 22.43 -15.35 7.79
CA ASN B 662 21.04 -15.70 8.06
C ASN B 662 20.68 -17.16 7.75
N PRO B 663 20.24 -17.90 8.79
CA PRO B 663 19.63 -19.23 8.81
C PRO B 663 18.58 -19.47 7.71
N GLN B 664 17.56 -18.61 7.60
CA GLN B 664 16.52 -18.77 6.55
C GLN B 664 17.04 -18.65 5.11
N VAL B 665 18.04 -17.79 4.90
CA VAL B 665 18.65 -17.61 3.57
C VAL B 665 19.14 -18.97 3.13
N ASP B 666 18.37 -19.66 2.31
CA ASP B 666 18.64 -21.07 2.02
C ASP B 666 18.95 -21.17 0.51
N THR B 667 19.61 -20.13 0.00
CA THR B 667 19.75 -19.93 -1.43
C THR B 667 20.81 -20.81 -2.10
N VAL B 668 21.36 -20.29 -3.20
CA VAL B 668 22.42 -20.93 -3.95
C VAL B 668 23.37 -19.87 -4.49
N TYR B 669 24.60 -19.88 -4.03
CA TYR B 669 25.61 -19.04 -4.65
C TYR B 669 26.45 -19.87 -5.60
N LYS B 670 26.89 -19.23 -6.65
CA LYS B 670 27.35 -19.87 -7.86
C LYS B 670 28.85 -19.66 -7.99
N THR B 671 29.63 -20.74 -8.01
CA THR B 671 31.07 -20.57 -8.22
C THR B 671 31.36 -19.75 -9.47
N PRO B 672 32.37 -18.86 -9.39
CA PRO B 672 32.97 -18.22 -10.55
C PRO B 672 34.36 -18.79 -10.79
N LEU B 673 34.65 -19.95 -10.20
CA LEU B 673 35.98 -20.49 -10.28
C LEU B 673 35.95 -21.96 -10.72
N ALA B 674 37.00 -22.36 -11.46
CA ALA B 674 37.17 -23.73 -11.94
C ALA B 674 37.84 -24.63 -10.89
N GLY B 675 38.05 -25.91 -11.22
CA GLY B 675 38.78 -26.84 -10.37
C GLY B 675 38.03 -27.28 -9.14
N LEU B 676 38.58 -26.99 -7.98
CA LEU B 676 38.05 -27.52 -6.72
C LEU B 676 36.88 -26.77 -6.13
N PHE B 677 36.76 -25.50 -6.49
CA PHE B 677 35.68 -24.63 -6.02
C PHE B 677 34.37 -25.05 -6.70
N ASN B 678 33.35 -25.27 -5.88
CA ASN B 678 32.01 -25.64 -6.35
C ASN B 678 31.00 -24.55 -6.03
N ASP B 679 29.75 -24.76 -6.44
CA ASP B 679 28.65 -23.87 -6.02
C ASP B 679 28.45 -24.00 -4.52
N ILE B 680 28.09 -22.91 -3.85
CA ILE B 680 27.67 -23.01 -2.48
C ILE B 680 26.27 -23.57 -2.57
N GLU B 681 26.12 -24.82 -2.12
CA GLU B 681 24.89 -25.60 -2.36
C GLU B 681 23.64 -24.94 -1.81
N HIS B 682 22.61 -25.76 -1.61
CA HIS B 682 21.38 -25.28 -0.99
C HIS B 682 21.78 -24.60 0.31
N ASN B 683 22.95 -25.03 0.84
CA ASN B 683 23.48 -24.59 2.13
C ASN B 683 23.51 -23.06 2.38
N HIS B 684 23.61 -22.27 1.31
CA HIS B 684 24.07 -20.85 1.38
C HIS B 684 23.30 -19.85 2.26
N CYS B 685 24.00 -19.07 3.09
CA CYS B 685 23.34 -18.28 4.14
C CYS B 685 23.78 -16.80 4.36
N ILE B 686 24.57 -16.26 3.43
CA ILE B 686 25.01 -14.84 3.45
C ILE B 686 24.24 -13.96 2.50
N GLU B 687 24.22 -12.66 2.80
CA GLU B 687 23.86 -11.64 1.82
C GLU B 687 24.58 -10.34 2.07
N ARG B 688 25.20 -9.84 1.01
CA ARG B 688 25.82 -8.52 1.03
C ARG B 688 24.73 -7.50 1.12
N GLU B 689 24.88 -6.60 2.07
CA GLU B 689 24.21 -5.32 2.05
C GLU B 689 25.38 -4.31 2.16
N PHE B 690 25.12 -3.00 2.24
CA PHE B 690 26.17 -1.96 2.24
C PHE B 690 26.49 -1.61 3.73
N ILE B 691 27.75 -1.34 4.10
CA ILE B 691 28.06 -0.92 5.49
C ILE B 691 27.90 0.60 5.67
N PRO B 692 27.22 1.01 6.77
CA PRO B 692 27.15 2.31 7.46
C PRO B 692 28.47 3.03 7.92
N GLU B 693 28.50 3.43 9.19
CA GLU B 693 29.49 4.36 9.70
C GLU B 693 28.80 5.15 10.83
N SER B 694 27.47 5.31 10.71
CA SER B 694 26.60 6.00 11.73
C SER B 694 27.01 7.40 12.28
N MET B 695 27.88 8.13 11.59
CA MET B 695 28.40 9.43 12.04
C MET B 695 27.34 10.54 11.86
N GLU B 696 27.65 11.77 12.35
CA GLU B 696 26.87 13.02 12.16
C GLU B 696 27.54 14.16 12.96
N ASN B 697 26.76 14.83 13.83
CA ASN B 697 27.21 15.90 14.76
C ASN B 697 28.22 15.41 15.82
N VAL B 698 29.39 14.94 15.35
CA VAL B 698 30.37 14.20 16.17
C VAL B 698 31.77 14.62 15.74
N LYS B 699 32.62 14.96 16.69
CA LYS B 699 33.97 15.33 16.37
C LYS B 699 34.90 14.18 16.71
N PHE B 700 36.06 14.21 16.06
CA PHE B 700 37.10 13.26 16.30
C PHE B 700 37.53 13.21 17.77
N LEU B 701 37.90 12.02 18.25
CA LEU B 701 38.62 11.91 19.50
C LEU B 701 40.15 11.80 19.28
N PHE B 702 40.96 12.70 19.86
CA PHE B 702 42.44 12.59 19.79
C PHE B 702 43.04 12.24 21.13
N GLY B 703 43.90 11.22 21.13
CA GLY B 703 44.51 10.75 22.34
C GLY B 703 43.62 9.74 23.04
N LEU B 704 44.06 9.35 24.22
CA LEU B 704 43.45 8.33 25.04
C LEU B 704 42.00 8.60 25.30
N PRO B 705 41.16 7.59 25.11
CA PRO B 705 39.79 7.59 25.56
C PRO B 705 39.67 7.85 27.04
N LYS B 706 38.49 8.23 27.47
CA LYS B 706 38.26 8.50 28.87
C LYS B 706 38.23 7.14 29.58
N GLY B 707 38.87 7.03 30.74
CA GLY B 707 38.87 5.79 31.48
C GLY B 707 39.45 4.59 30.74
N ALA B 708 40.36 4.86 29.80
CA ALA B 708 41.10 3.81 29.14
C ALA B 708 42.07 3.27 30.14
N LYS B 709 42.04 1.96 30.37
CA LYS B 709 43.09 1.31 31.20
C LYS B 709 44.38 1.12 30.41
N LEU B 710 45.51 1.23 31.12
CA LEU B 710 46.84 1.12 30.53
C LEU B 710 47.85 0.70 31.65
N GLY B 711 49.14 0.59 31.35
CA GLY B 711 50.14 0.09 32.32
C GLY B 711 49.70 -1.18 33.00
N ALA B 712 49.90 -1.26 34.30
CA ALA B 712 49.68 -2.51 35.01
C ALA B 712 48.23 -2.77 35.06
N SER B 713 47.45 -1.98 34.36
CA SER B 713 46.02 -2.23 34.33
C SER B 713 45.56 -2.63 32.95
N SER B 714 46.49 -2.86 32.01
CA SER B 714 46.13 -3.27 30.66
C SER B 714 45.33 -4.59 30.66
N LEU B 715 44.51 -4.80 29.65
CA LEU B 715 43.74 -6.02 29.51
C LEU B 715 44.70 -7.16 29.61
N ALA B 716 44.21 -8.35 29.96
CA ALA B 716 45.04 -9.57 30.02
C ALA B 716 45.65 -9.86 28.68
N GLY B 717 46.93 -10.14 28.64
CA GLY B 717 47.54 -10.68 27.43
C GLY B 717 48.54 -9.73 26.81
N PHE B 718 48.38 -8.44 27.10
CA PHE B 718 49.20 -7.43 26.48
C PHE B 718 50.35 -7.14 27.40
N PRO B 719 51.58 -7.03 26.87
CA PRO B 719 52.69 -7.01 27.81
C PRO B 719 52.84 -5.61 28.41
N SER B 720 53.53 -5.49 29.56
CA SER B 720 53.83 -4.18 30.15
C SER B 720 55.06 -4.26 31.03
N LEU B 721 55.81 -3.16 31.15
CA LEU B 721 56.96 -3.08 32.05
C LEU B 721 56.53 -2.53 33.41
N LYS B 722 55.30 -2.05 33.47
CA LYS B 722 54.83 -1.37 34.67
C LYS B 722 54.42 -2.32 35.80
N THR B 723 54.55 -3.63 35.67
CA THR B 723 54.08 -4.51 36.73
C THR B 723 55.21 -4.89 37.68
N LEU B 724 56.38 -4.27 37.53
CA LEU B 724 57.58 -4.67 38.30
C LEU B 724 58.48 -3.45 38.45
N PRO B 725 59.04 -3.26 39.66
CA PRO B 725 59.87 -2.07 39.93
C PRO B 725 61.15 -2.13 39.16
N LEU B 726 61.59 -1.03 38.57
CA LEU B 726 62.77 -1.09 37.71
C LEU B 726 63.30 0.27 37.41
N THR B 727 64.37 0.28 36.63
CA THR B 727 65.11 1.47 36.29
C THR B 727 65.61 1.30 34.87
N ALA B 728 65.53 2.36 34.09
CA ALA B 728 65.81 2.32 32.67
C ALA B 728 67.03 3.19 32.46
N GLU B 729 67.80 2.99 31.41
CA GLU B 729 69.07 3.69 31.25
C GLU B 729 69.49 3.22 29.87
N LEU B 730 69.66 4.17 28.92
CA LEU B 730 70.27 3.86 27.63
C LEU B 730 71.73 3.50 27.89
N ALA B 731 72.15 2.33 27.40
CA ALA B 731 73.55 1.93 27.33
C ALA B 731 73.86 1.12 26.05
N TYR B 732 75.11 1.09 25.61
CA TYR B 732 75.54 0.14 24.57
C TYR B 732 75.52 -1.27 25.19
N ASN B 733 74.62 -2.14 24.74
CA ASN B 733 74.38 -3.45 25.38
C ASN B 733 74.70 -4.65 24.51
N SER B 734 75.04 -4.38 23.27
CA SER B 734 75.32 -5.40 22.26
C SER B 734 74.19 -6.40 22.25
N SER B 735 73.01 -5.85 22.47
CA SER B 735 71.78 -6.59 22.45
C SER B 735 71.65 -7.39 21.19
N VAL B 736 71.50 -8.71 21.33
CA VAL B 736 71.35 -9.58 20.18
C VAL B 736 69.90 -9.87 19.91
N VAL B 737 69.32 -9.21 18.94
CA VAL B 737 67.91 -9.45 18.63
C VAL B 737 67.72 -10.25 17.33
N PHE B 738 68.54 -9.97 16.30
CA PHE B 738 68.60 -10.73 15.03
C PHE B 738 69.81 -11.66 15.03
N ASN B 739 70.90 -11.40 14.32
CA ASN B 739 71.99 -12.40 14.32
C ASN B 739 73.15 -11.88 15.07
N PHE B 740 73.42 -10.60 14.89
CA PHE B 740 74.69 -10.03 15.34
C PHE B 740 74.49 -9.01 16.43
N PRO B 741 75.46 -8.86 17.34
CA PRO B 741 75.18 -7.88 18.35
C PRO B 741 75.18 -6.45 17.78
N SER B 742 74.10 -5.76 18.07
CA SER B 742 73.90 -4.38 17.72
C SER B 742 75.05 -3.53 18.22
N LYS B 743 75.39 -2.48 17.46
CA LYS B 743 76.51 -1.57 17.80
C LYS B 743 76.01 -0.23 18.37
N GLN B 744 74.69 -0.06 18.25
CA GLN B 744 73.87 1.05 18.75
C GLN B 744 73.37 0.76 20.16
N GLN B 745 72.61 1.65 20.79
CA GLN B 745 72.18 1.44 22.20
C GLN B 745 70.78 0.88 22.45
N SER B 746 70.55 0.36 23.65
CA SER B 746 69.28 -0.29 23.97
C SER B 746 68.80 0.26 25.28
N MET B 747 67.50 0.20 25.50
CA MET B 747 66.93 0.66 26.74
C MET B 747 67.04 -0.47 27.73
N VAL B 748 68.07 -0.37 28.56
CA VAL B 748 68.42 -1.43 29.45
C VAL B 748 67.48 -1.28 30.67
N LEU B 749 66.94 -2.38 31.21
CA LEU B 749 66.01 -2.35 32.34
C LEU B 749 66.58 -3.02 33.58
N HIS B 750 66.85 -2.23 34.60
CA HIS B 750 67.58 -2.74 35.73
C HIS B 750 66.54 -3.17 36.72
N ILE B 751 66.31 -4.45 36.85
CA ILE B 751 65.23 -4.88 37.73
C ILE B 751 65.66 -4.97 39.18
N GLN B 752 64.80 -4.48 40.08
CA GLN B 752 65.01 -4.62 41.53
C GLN B 752 64.23 -5.80 42.13
N ASP B 753 64.76 -6.40 43.20
CA ASP B 753 63.99 -7.35 44.10
C ASP B 753 62.97 -6.61 44.99
N LEU B 754 61.66 -6.75 44.75
CA LEU B 754 60.72 -6.20 45.72
C LEU B 754 61.05 -6.78 47.13
N TYR B 755 61.89 -6.07 47.89
CA TYR B 755 62.20 -6.41 49.32
C TYR B 755 62.12 -5.22 50.28
N SER B 761 60.33 -15.23 55.62
CA SER B 761 59.99 -14.47 54.43
C SER B 761 59.97 -15.34 53.15
N LEU B 762 61.15 -15.66 52.59
CA LEU B 762 61.27 -16.47 51.38
C LEU B 762 60.52 -17.76 51.57
N SER B 763 60.31 -18.10 52.84
CA SER B 763 59.63 -19.31 53.21
C SER B 763 58.15 -19.07 53.37
N ASP B 764 57.80 -17.86 53.80
CA ASP B 764 56.40 -17.44 53.81
C ASP B 764 55.85 -17.23 52.38
N LEU B 765 56.66 -16.60 51.52
CA LEU B 765 56.41 -16.56 50.10
C LEU B 765 56.05 -17.97 49.60
N ALA B 766 56.92 -18.94 49.86
CA ALA B 766 56.63 -20.36 49.55
C ALA B 766 55.28 -20.87 50.11
N LYS B 767 54.95 -20.49 51.34
CA LYS B 767 53.65 -20.83 51.94
C LYS B 767 52.48 -20.21 51.20
N ARG B 768 52.68 -18.97 50.75
CA ARG B 768 51.68 -18.17 50.03
C ARG B 768 51.31 -18.80 48.66
N HIS B 769 52.31 -19.16 47.84
CA HIS B 769 52.05 -19.42 46.44
C HIS B 769 52.12 -20.82 45.91
N MET B 770 52.64 -21.73 46.74
CA MET B 770 52.99 -23.08 46.28
C MET B 770 51.74 -23.77 45.77
N GLY B 771 51.84 -24.40 44.59
CA GLY B 771 50.71 -25.05 43.91
C GLY B 771 49.57 -24.12 43.53
N LYS B 772 49.82 -22.82 43.64
CA LYS B 772 48.87 -21.76 43.27
C LYS B 772 49.37 -20.98 42.08
N ILE B 773 48.45 -20.29 41.40
CA ILE B 773 48.77 -19.47 40.21
C ILE B 773 49.68 -18.28 40.49
N VAL B 774 50.80 -18.20 39.79
CA VAL B 774 51.61 -16.98 39.76
C VAL B 774 51.89 -16.58 38.33
N TYR B 775 52.23 -15.33 38.11
CA TYR B 775 52.47 -14.83 36.78
C TYR B 775 53.94 -14.77 36.48
N SER B 776 54.33 -15.46 35.41
CA SER B 776 55.73 -15.59 35.00
C SER B 776 55.83 -15.20 33.56
N ARG B 777 57.00 -15.37 32.94
CA ARG B 777 57.27 -14.85 31.60
C ARG B 777 57.05 -13.35 31.61
N TRP B 778 57.85 -12.64 32.39
CA TRP B 778 57.49 -11.33 32.87
C TRP B 778 57.04 -10.50 31.81
N PRO B 779 57.93 -9.91 31.05
CA PRO B 779 57.29 -8.73 30.30
C PRO B 779 55.93 -9.15 29.72
N PHE B 780 55.85 -10.33 29.09
CA PHE B 780 54.55 -10.89 28.65
C PHE B 780 53.88 -11.88 29.66
N LEU B 781 53.42 -11.36 30.81
CA LEU B 781 52.88 -12.17 31.90
C LEU B 781 51.74 -13.10 31.54
N ARG B 782 51.63 -14.24 32.22
CA ARG B 782 50.53 -15.19 32.03
C ARG B 782 50.52 -16.13 33.22
N GLU B 783 49.39 -16.80 33.43
CA GLU B 783 49.19 -17.67 34.64
C GLU B 783 50.08 -18.92 34.66
N SER B 784 50.84 -19.12 35.72
CA SER B 784 51.52 -20.41 35.86
C SER B 784 51.33 -20.98 37.29
N LYS B 785 51.60 -22.27 37.48
CA LYS B 785 51.53 -22.88 38.81
C LYS B 785 52.93 -23.04 39.34
N LEU B 786 53.11 -22.74 40.62
CA LEU B 786 54.46 -22.75 41.28
C LEU B 786 54.76 -24.14 41.81
N LEU B 787 55.98 -24.59 41.61
CA LEU B 787 56.32 -25.96 41.84
C LEU B 787 57.37 -26.00 42.91
N SER B 788 58.20 -24.96 42.99
CA SER B 788 59.20 -24.88 44.04
C SER B 788 60.04 -23.64 43.86
N LEU B 789 60.49 -23.03 44.95
CA LEU B 789 61.54 -22.05 44.90
C LEU B 789 62.78 -22.87 45.06
N ILE B 790 63.95 -22.29 44.78
CA ILE B 790 65.22 -23.02 44.87
C ILE B 790 66.32 -22.00 45.06
N THR B 791 67.14 -22.23 46.07
CA THR B 791 68.28 -21.40 46.34
C THR B 791 69.50 -22.28 46.54
N GLU B 792 70.65 -21.62 46.66
CA GLU B 792 71.93 -22.19 47.05
C GLU B 792 71.76 -23.19 48.20
N GLU B 793 71.35 -22.67 49.37
CA GLU B 793 71.28 -23.51 50.56
C GLU B 793 69.97 -24.26 50.74
N THR B 794 68.86 -23.83 50.10
CA THR B 794 67.50 -24.46 50.32
C THR B 794 66.57 -24.66 49.11
N VAL B 795 65.86 -25.80 49.12
CA VAL B 795 64.86 -26.11 48.11
C VAL B 795 63.53 -26.16 48.84
N TYR B 796 62.58 -25.28 48.47
CA TYR B 796 61.24 -25.31 49.04
C TYR B 796 60.31 -26.02 48.08
N GLU B 797 59.81 -27.20 48.45
CA GLU B 797 59.00 -28.02 47.57
C GLU B 797 57.52 -28.02 47.95
N GLY B 798 56.70 -28.37 46.98
CA GLY B 798 55.26 -28.38 47.11
C GLY B 798 54.73 -29.76 46.81
N VAL B 799 53.79 -30.19 47.64
CA VAL B 799 53.14 -31.46 47.45
C VAL B 799 51.65 -31.34 47.72
N LYS B 800 50.87 -31.73 46.72
CA LYS B 800 49.41 -31.75 46.78
C LYS B 800 48.92 -32.77 47.82
N SER B 801 47.91 -32.37 48.57
CA SER B 801 47.37 -33.21 49.64
C SER B 801 45.86 -33.48 49.40
N GLY B 802 45.44 -33.42 48.13
CA GLY B 802 44.03 -33.15 47.78
C GLY B 802 43.62 -31.83 48.46
N LYS B 803 43.44 -31.90 49.78
CA LYS B 803 43.29 -30.75 50.70
C LYS B 803 44.49 -29.79 50.69
N LEU B 804 44.58 -28.95 49.65
CA LEU B 804 45.62 -27.90 49.51
C LEU B 804 47.01 -28.40 49.03
N THR B 805 48.04 -27.66 49.45
CA THR B 805 49.46 -27.95 49.17
C THR B 805 50.34 -27.79 50.46
N LYS B 806 51.37 -28.62 50.59
CA LYS B 806 52.28 -28.52 51.74
C LYS B 806 53.70 -28.12 51.32
N VAL B 807 54.43 -27.45 52.23
CA VAL B 807 55.79 -26.95 51.93
C VAL B 807 56.99 -27.68 52.57
N ILE B 808 57.57 -28.59 51.79
CA ILE B 808 58.71 -29.43 52.16
C ILE B 808 60.02 -28.64 52.04
N GLU B 809 60.52 -28.05 53.13
CA GLU B 809 61.81 -27.29 53.08
C GLU B 809 63.14 -28.09 53.09
N ARG B 810 63.39 -28.89 52.06
CA ARG B 810 64.51 -29.81 52.05
C ARG B 810 65.81 -29.07 51.69
N LYS B 811 66.88 -29.78 51.38
CA LYS B 811 68.19 -29.22 51.09
C LYS B 811 68.63 -29.88 49.79
N PRO B 812 69.33 -29.12 48.95
CA PRO B 812 69.46 -29.57 47.58
C PRO B 812 70.32 -30.80 47.43
N GLN B 813 69.83 -31.75 46.66
CA GLN B 813 70.70 -32.79 46.16
C GLN B 813 71.92 -32.14 45.48
N ASP B 814 72.94 -32.93 45.13
CA ASP B 814 74.10 -32.32 44.50
C ASP B 814 73.85 -31.93 43.02
N PHE B 815 73.06 -32.73 42.31
CA PHE B 815 72.73 -32.40 40.93
C PHE B 815 71.86 -31.16 40.86
N GLU B 816 71.13 -30.87 41.94
CA GLU B 816 70.36 -29.62 42.06
C GLU B 816 71.22 -28.41 42.32
N ARG B 817 72.22 -28.57 43.17
CA ARG B 817 73.15 -27.50 43.48
C ARG B 817 73.79 -27.11 42.17
N LYS B 818 74.12 -28.15 41.39
CA LYS B 818 74.85 -27.95 40.15
C LYS B 818 73.92 -27.20 39.22
N GLU B 819 72.78 -27.78 38.89
CA GLU B 819 71.89 -27.17 37.90
C GLU B 819 71.58 -25.71 38.24
N PHE B 820 71.19 -25.42 39.47
CA PHE B 820 70.99 -24.04 39.92
C PHE B 820 72.16 -23.07 39.68
N ARG B 821 73.38 -23.46 39.98
CA ARG B 821 74.55 -22.67 39.62
C ARG B 821 74.49 -22.41 38.14
N GLU B 822 74.34 -23.48 37.35
CA GLU B 822 74.36 -23.41 35.91
C GLU B 822 73.30 -22.40 35.45
N LEU B 823 72.05 -22.61 35.83
CA LEU B 823 70.92 -21.73 35.46
C LEU B 823 71.07 -20.28 35.92
N LYS B 824 71.56 -20.07 37.12
CA LYS B 824 71.88 -18.74 37.62
C LYS B 824 72.60 -17.96 36.52
N MET B 825 73.73 -18.52 36.05
CA MET B 825 74.54 -18.04 34.95
C MET B 825 73.78 -17.89 33.62
N THR B 826 73.17 -18.99 33.15
CA THR B 826 72.59 -18.99 31.81
C THR B 826 71.51 -17.88 31.63
N LEU B 827 70.61 -17.80 32.61
CA LEU B 827 69.53 -16.82 32.61
C LEU B 827 70.00 -15.38 32.68
N LYS B 828 70.85 -15.05 33.63
CA LYS B 828 71.36 -13.70 33.74
C LYS B 828 71.88 -13.29 32.38
N SER B 829 72.67 -14.15 31.77
CA SER B 829 73.30 -13.82 30.50
C SER B 829 72.23 -13.64 29.40
N ASN B 830 71.22 -14.48 29.44
CA ASN B 830 70.23 -14.40 28.40
C ASN B 830 69.42 -13.14 28.54
N TYR B 831 69.06 -12.86 29.77
CA TYR B 831 68.35 -11.63 29.99
C TYR B 831 69.07 -10.36 29.48
N GLN B 832 70.39 -10.25 29.59
CA GLN B 832 70.98 -9.05 29.09
C GLN B 832 71.23 -9.15 27.57
N ARG B 833 71.86 -10.23 27.11
CA ARG B 833 72.24 -10.32 25.72
C ARG B 833 70.94 -10.12 24.94
N THR B 834 69.92 -10.87 25.33
CA THR B 834 68.78 -11.06 24.42
C THR B 834 67.63 -10.06 24.54
N LYS B 835 67.54 -9.41 25.70
CA LYS B 835 66.39 -8.63 26.05
C LYS B 835 66.75 -7.33 26.79
N ALA B 836 68.03 -7.05 26.93
CA ALA B 836 68.45 -5.82 27.59
C ALA B 836 67.83 -5.72 28.98
N ILE B 837 67.56 -6.85 29.61
CA ILE B 837 67.19 -6.84 31.04
C ILE B 837 68.36 -7.19 31.96
N LEU B 838 68.74 -6.27 32.84
CA LEU B 838 69.83 -6.50 33.78
C LEU B 838 69.36 -6.94 35.14
N LEU B 839 69.50 -8.24 35.43
CA LEU B 839 69.20 -8.79 36.78
C LEU B 839 70.28 -8.50 37.85
N ASP B 840 69.83 -8.03 39.03
CA ASP B 840 70.72 -7.79 40.20
C ASP B 840 71.78 -8.92 40.32
N ASP B 841 71.25 -10.08 40.73
CA ASP B 841 71.99 -11.29 41.00
C ASP B 841 70.93 -12.23 41.53
N ILE B 842 70.84 -13.42 40.94
CA ILE B 842 69.69 -14.27 41.21
C ILE B 842 69.75 -14.96 42.57
N SER B 843 69.00 -14.42 43.52
CA SER B 843 68.84 -15.06 44.84
C SER B 843 68.04 -16.38 44.73
N ALA B 844 66.87 -16.36 44.08
CA ALA B 844 66.00 -17.55 44.03
C ALA B 844 65.37 -17.80 42.64
N LEU B 845 65.45 -19.03 42.14
CA LEU B 845 64.77 -19.36 40.90
C LEU B 845 63.37 -19.84 41.32
N ALA B 846 62.37 -19.65 40.43
CA ALA B 846 61.04 -20.28 40.63
C ALA B 846 60.81 -21.27 39.52
N LYS B 847 60.34 -22.47 39.87
CA LYS B 847 60.15 -23.51 38.87
C LYS B 847 58.69 -23.58 38.56
N VAL B 848 58.23 -23.14 37.40
CA VAL B 848 56.78 -23.14 37.17
C VAL B 848 56.35 -23.97 36.00
N VAL B 849 55.04 -24.14 35.87
CA VAL B 849 54.44 -24.68 34.67
C VAL B 849 53.26 -23.80 34.21
N PRO B 850 53.21 -23.46 32.92
CA PRO B 850 52.19 -22.53 32.49
C PRO B 850 50.86 -23.20 32.24
N VAL B 851 49.77 -22.44 32.46
CA VAL B 851 48.42 -22.87 32.12
C VAL B 851 48.25 -22.93 30.61
N ASN B 852 47.72 -24.04 30.11
CA ASN B 852 47.54 -24.15 28.68
C ASN B 852 46.13 -24.56 28.29
N GLY B 853 45.13 -24.09 29.02
CA GLY B 853 43.72 -24.31 28.68
C GLY B 853 42.90 -24.75 29.86
N LEU B 854 41.61 -25.04 29.65
CA LEU B 854 40.72 -25.77 30.63
C LEU B 854 40.54 -27.21 30.20
N VAL B 855 40.13 -28.06 31.12
CA VAL B 855 39.95 -29.44 30.78
C VAL B 855 38.76 -29.90 31.59
N ARG B 856 37.88 -30.62 30.91
CA ARG B 856 36.64 -31.11 31.55
C ARG B 856 36.99 -32.21 32.50
N ASN B 857 36.44 -32.13 33.71
CA ASN B 857 36.68 -33.12 34.80
C ASN B 857 35.63 -34.20 34.82
N SER B 858 35.99 -35.36 35.35
CA SER B 858 35.06 -36.51 35.56
C SER B 858 33.61 -36.09 35.91
N ASP B 859 33.48 -35.00 36.67
CA ASP B 859 32.18 -34.48 37.15
C ASP B 859 31.54 -33.25 36.43
N GLY B 860 32.02 -32.89 35.25
CA GLY B 860 31.39 -31.83 34.48
C GLY B 860 31.91 -30.42 34.76
N SER B 861 32.77 -30.27 35.77
CA SER B 861 33.49 -29.01 36.01
C SER B 861 34.68 -28.86 35.06
N TYR B 862 35.11 -27.62 34.82
CA TYR B 862 36.28 -27.36 33.99
C TYR B 862 37.29 -26.63 34.84
N SER B 863 38.55 -27.03 34.76
CA SER B 863 39.65 -26.38 35.50
C SER B 863 40.99 -26.31 34.75
N LYS B 864 41.92 -25.57 35.32
CA LYS B 864 43.10 -25.16 34.59
C LYS B 864 43.91 -26.36 34.20
N SER B 865 44.30 -26.43 32.94
CA SER B 865 45.20 -27.48 32.52
C SER B 865 46.59 -26.90 32.42
N PHE B 866 47.59 -27.70 32.75
CA PHE B 866 48.95 -27.21 32.69
C PHE B 866 49.84 -27.96 31.73
N ASN B 867 50.91 -27.31 31.35
CA ASN B 867 51.81 -27.81 30.37
C ASN B 867 52.80 -28.66 31.12
N GLU B 868 53.17 -29.79 30.54
CA GLU B 868 54.14 -30.67 31.19
C GLU B 868 55.56 -30.08 31.25
N THR B 869 55.97 -29.30 30.26
CA THR B 869 57.33 -28.74 30.26
C THR B 869 57.54 -27.76 31.39
N ILE B 870 58.60 -27.92 32.14
CA ILE B 870 58.94 -27.08 33.29
C ILE B 870 59.69 -25.83 32.84
N GLU B 871 59.45 -24.72 33.51
CA GLU B 871 60.17 -23.48 33.19
C GLU B 871 60.75 -22.90 34.48
N TYR B 872 61.91 -22.27 34.38
CA TYR B 872 62.53 -21.62 35.51
C TYR B 872 62.51 -20.08 35.31
N TYR B 873 62.39 -19.30 36.38
CA TYR B 873 62.47 -17.85 36.30
C TYR B 873 63.18 -17.28 37.52
N PRO B 874 64.04 -16.26 37.35
CA PRO B 874 64.50 -15.58 38.57
C PRO B 874 63.32 -15.12 39.36
N LEU B 875 63.38 -15.30 40.67
CA LEU B 875 62.24 -15.04 41.53
C LEU B 875 61.83 -13.56 41.45
N GLN B 876 62.81 -12.66 41.26
CA GLN B 876 62.48 -11.24 41.00
C GLN B 876 61.64 -10.97 39.76
N LEU B 877 61.54 -11.93 38.84
CA LEU B 877 60.75 -11.72 37.64
C LEU B 877 59.38 -12.26 37.78
N ILE B 878 59.07 -12.85 38.91
CA ILE B 878 57.74 -13.40 39.09
C ILE B 878 56.82 -12.30 39.57
N VAL B 879 55.62 -12.20 39.01
CA VAL B 879 54.63 -11.26 39.55
C VAL B 879 53.53 -12.03 40.24
N GLU B 880 53.04 -11.53 41.37
CA GLU B 880 52.13 -12.30 42.18
C GLU B 880 50.70 -12.25 41.66
N ASP B 881 50.14 -11.08 41.44
CA ASP B 881 48.82 -11.02 40.80
C ASP B 881 48.75 -9.96 39.67
N VAL B 882 47.55 -9.76 39.16
CA VAL B 882 47.34 -9.14 37.87
C VAL B 882 45.92 -8.60 37.95
N LYS B 883 45.74 -7.38 37.50
CA LYS B 883 44.46 -6.71 37.63
C LYS B 883 43.41 -7.29 36.65
N ASN B 884 43.69 -7.53 35.36
CA ASN B 884 42.71 -8.22 34.50
C ASN B 884 43.07 -9.64 34.04
N LYS B 885 42.15 -10.57 34.28
CA LYS B 885 42.48 -11.98 34.06
C LYS B 885 41.92 -12.57 32.78
N ASP B 886 42.69 -13.43 32.13
CA ASP B 886 42.24 -14.12 30.94
C ASP B 886 40.98 -14.91 31.27
N GLU B 887 39.87 -14.48 30.69
CA GLU B 887 38.65 -15.22 30.82
C GLU B 887 38.73 -16.63 30.26
N ARG B 888 39.50 -16.83 29.19
CA ARG B 888 39.67 -18.19 28.60
C ARG B 888 40.08 -19.27 29.64
N TYR B 889 40.77 -18.84 30.71
CA TYR B 889 41.21 -19.73 31.77
C TYR B 889 40.38 -19.76 33.06
N ILE B 890 39.35 -18.91 33.19
CA ILE B 890 38.45 -18.96 34.36
C ILE B 890 37.75 -20.34 34.52
N GLU B 891 38.02 -21.02 35.63
CA GLU B 891 37.42 -22.33 35.90
C GLU B 891 35.91 -22.28 35.91
N LYS B 892 35.25 -23.22 35.25
CA LYS B 892 33.79 -23.19 35.16
C LYS B 892 33.20 -24.28 36.06
N GLU B 893 32.09 -24.00 36.73
CA GLU B 893 31.34 -25.03 37.49
C GLU B 893 30.66 -26.09 36.60
N PRO B 894 30.30 -27.28 37.15
CA PRO B 894 29.52 -28.26 36.35
C PRO B 894 28.16 -27.71 35.95
N LEU B 895 27.57 -28.23 34.90
CA LEU B 895 26.34 -27.64 34.40
C LEU B 895 25.17 -28.63 34.29
N PRO B 896 23.94 -28.12 34.10
CA PRO B 896 22.88 -29.01 33.69
C PRO B 896 23.10 -29.48 32.25
N ILE B 897 22.74 -30.74 32.03
CA ILE B 897 22.70 -31.42 30.74
C ILE B 897 22.10 -30.56 29.60
N ASN B 898 20.95 -29.94 29.85
CA ASN B 898 20.30 -29.18 28.80
C ASN B 898 21.10 -27.92 28.46
N LYS B 899 22.01 -27.57 29.37
CA LYS B 899 22.83 -26.36 29.26
C LYS B 899 24.14 -26.63 28.58
N GLU B 900 24.79 -27.71 28.97
CA GLU B 900 26.05 -28.11 28.37
C GLU B 900 25.84 -28.64 26.96
N PHE B 901 24.68 -29.21 26.71
CA PHE B 901 24.38 -29.77 25.41
C PHE B 901 22.98 -29.37 24.96
N PRO B 902 22.84 -28.12 24.51
CA PRO B 902 21.54 -27.58 24.14
C PRO B 902 20.72 -28.46 23.13
N LYS B 903 19.42 -28.61 23.39
CA LYS B 903 18.48 -29.20 22.44
C LYS B 903 18.78 -28.65 21.02
N GLY B 904 18.99 -29.53 20.05
CA GLY B 904 19.26 -29.09 18.67
C GLY B 904 20.69 -28.66 18.33
N SER B 905 21.60 -28.81 19.29
CA SER B 905 22.98 -28.50 19.00
C SER B 905 23.66 -29.70 18.39
N LYS B 906 24.71 -29.45 17.61
CA LYS B 906 25.48 -30.49 16.92
C LYS B 906 26.74 -30.78 17.72
N VAL B 907 26.94 -32.04 18.08
CA VAL B 907 28.13 -32.47 18.81
C VAL B 907 28.99 -33.45 18.03
N VAL B 908 29.99 -34.04 18.70
CA VAL B 908 30.83 -35.06 18.08
C VAL B 908 30.52 -36.38 18.77
N PHE B 909 30.08 -37.35 17.98
CA PHE B 909 29.69 -38.64 18.54
C PHE B 909 30.88 -39.58 18.70
N LEU B 910 31.21 -39.83 19.96
CA LEU B 910 32.26 -40.79 20.27
C LEU B 910 31.47 -42.07 20.35
N GLY B 911 32.01 -43.19 20.81
CA GLY B 911 31.08 -44.31 20.83
C GLY B 911 30.95 -45.05 19.50
N ASP B 912 30.68 -46.35 19.66
CA ASP B 912 30.95 -47.38 18.66
C ASP B 912 30.20 -47.27 17.34
N TYR B 913 28.89 -47.04 17.35
CA TYR B 913 28.17 -46.92 16.04
C TYR B 913 28.90 -46.09 14.97
N ALA B 914 29.12 -44.78 15.21
CA ALA B 914 29.95 -43.95 14.31
C ALA B 914 30.94 -42.96 14.97
N TYR B 915 32.12 -43.47 15.38
CA TYR B 915 33.19 -42.67 15.99
C TYR B 915 33.55 -41.43 15.18
N GLY B 916 33.42 -40.24 15.78
CA GLY B 916 33.57 -39.03 14.99
C GLY B 916 32.33 -38.57 14.21
N GLY B 917 31.20 -39.24 14.43
CA GLY B 917 29.94 -38.89 13.78
C GLY B 917 29.33 -37.57 14.24
N GLU B 918 28.70 -36.86 13.31
CA GLU B 918 28.00 -35.63 13.58
C GLU B 918 26.67 -35.99 14.20
N ALA B 919 26.48 -35.67 15.48
CA ALA B 919 25.23 -36.01 16.21
C ALA B 919 24.42 -34.75 16.64
N THR B 920 23.10 -34.75 16.41
CA THR B 920 22.24 -33.65 16.87
C THR B 920 21.68 -34.01 18.25
N VAL B 921 21.47 -33.03 19.10
CA VAL B 921 20.86 -33.36 20.35
C VAL B 921 19.38 -33.24 20.10
N ASP B 922 18.64 -34.21 20.63
CA ASP B 922 17.19 -34.31 20.42
C ASP B 922 16.41 -34.08 21.71
N GLY B 923 16.97 -34.48 22.85
CA GLY B 923 16.21 -34.42 24.06
C GLY B 923 16.92 -35.23 25.11
N TYR B 924 16.36 -35.26 26.28
CA TYR B 924 17.05 -35.86 27.40
C TYR B 924 16.14 -36.95 27.95
N ASN B 925 16.70 -38.15 28.09
CA ASN B 925 16.00 -39.32 28.65
C ASN B 925 16.18 -39.39 30.17
N SER B 926 16.62 -38.28 30.76
CA SER B 926 17.01 -38.19 32.17
C SER B 926 18.02 -37.04 32.41
N GLU B 927 18.30 -36.82 33.70
CA GLU B 927 19.38 -35.96 34.16
C GLU B 927 20.77 -36.37 33.63
N THR B 928 20.94 -37.62 33.22
CA THR B 928 22.27 -38.13 32.96
C THR B 928 22.37 -38.87 31.63
N ARG B 929 21.21 -39.15 31.05
CA ARG B 929 21.17 -39.75 29.73
C ARG B 929 20.47 -38.85 28.72
N LEU B 930 20.87 -38.91 27.46
CA LEU B 930 20.23 -38.08 26.44
C LEU B 930 20.02 -38.78 25.09
N LYS B 931 19.03 -38.31 24.33
CA LYS B 931 18.66 -38.96 23.08
C LYS B 931 19.12 -38.13 21.91
N LEU B 932 19.73 -38.77 20.92
CA LEU B 932 20.24 -38.04 19.76
C LEU B 932 20.19 -38.74 18.40
N THR B 933 20.49 -38.00 17.34
CA THR B 933 20.47 -38.52 15.99
C THR B 933 21.90 -38.46 15.45
N VAL B 934 22.48 -39.63 15.24
CA VAL B 934 23.86 -39.75 14.79
C VAL B 934 23.97 -40.03 13.31
N LYS B 935 24.71 -39.22 12.57
CA LYS B 935 25.00 -39.51 11.18
C LYS B 935 26.35 -40.20 11.05
N LYS B 936 26.45 -41.23 10.20
CA LYS B 936 27.76 -41.74 9.75
C LYS B 936 27.92 -41.28 8.34
N GLY B 937 29.12 -40.86 7.97
CA GLY B 937 29.32 -40.20 6.69
C GLY B 937 29.84 -41.10 5.60
N SER B 938 30.28 -42.30 5.99
CA SER B 938 30.87 -43.23 5.05
C SER B 938 30.63 -44.66 5.54
N LEU B 939 30.09 -45.49 4.65
CA LEU B 939 29.73 -46.85 4.99
C LEU B 939 30.90 -47.76 4.66
N ARG B 940 31.79 -47.27 3.84
CA ARG B 940 32.91 -48.06 3.37
C ARG B 940 34.04 -48.14 4.40
N ALA B 941 34.41 -49.35 4.84
CA ALA B 941 35.55 -49.51 5.79
C ALA B 941 36.74 -48.61 5.42
N GLU B 942 37.53 -48.27 6.43
CA GLU B 942 38.60 -47.27 6.31
C GLU B 942 39.79 -47.77 5.47
N PRO B 943 40.34 -46.96 4.54
CA PRO B 943 41.51 -47.44 3.80
C PRO B 943 42.63 -47.76 4.74
N ASN B 944 43.61 -48.55 4.27
CA ASN B 944 44.54 -49.22 5.15
C ASN B 944 45.97 -48.98 4.78
N ILE B 945 46.21 -48.43 3.59
CA ILE B 945 47.58 -48.17 3.10
C ILE B 945 48.41 -47.47 4.16
N GLY B 946 47.87 -46.39 4.73
CA GLY B 946 48.48 -45.76 5.88
C GLY B 946 49.27 -46.75 6.73
N LYS B 947 48.60 -47.77 7.30
CA LYS B 947 49.27 -48.68 8.25
C LYS B 947 50.27 -49.60 7.57
N VAL B 948 49.94 -50.01 6.35
CA VAL B 948 50.76 -50.91 5.58
C VAL B 948 52.07 -50.19 5.28
N ARG B 949 51.97 -49.01 4.66
CA ARG B 949 53.15 -48.25 4.25
C ARG B 949 54.01 -47.77 5.39
N ALA B 950 53.43 -47.70 6.57
CA ALA B 950 54.16 -47.32 7.74
C ALA B 950 54.94 -48.52 8.23
N LYS B 951 54.26 -49.68 8.27
CA LYS B 951 54.91 -50.92 8.76
C LYS B 951 56.07 -51.27 7.88
N LEU B 952 55.90 -51.04 6.59
CA LEU B 952 56.91 -51.28 5.61
C LEU B 952 58.16 -50.53 6.05
N ASP B 953 58.17 -49.22 5.81
CA ASP B 953 59.17 -48.23 6.33
C ASP B 953 59.89 -48.59 7.63
N SER B 954 59.10 -48.98 8.63
CA SER B 954 59.56 -49.33 9.96
C SER B 954 60.43 -50.58 10.04
N GLN B 955 60.25 -51.50 9.10
CA GLN B 955 61.03 -52.73 9.08
C GLN B 955 62.15 -52.67 8.03
N ALA B 956 61.99 -51.80 7.03
CA ALA B 956 62.98 -51.62 5.94
C ALA B 956 64.26 -50.96 6.40
N LEU B 957 64.14 -49.93 7.21
CA LEU B 957 65.27 -49.32 7.88
C LEU B 957 64.86 -49.32 9.33
N ARG B 958 65.67 -49.94 10.18
CA ARG B 958 65.28 -50.19 11.56
C ARG B 958 66.31 -49.68 12.55
N PHE B 959 65.83 -49.07 13.64
CA PHE B 959 66.76 -48.59 14.68
C PHE B 959 66.86 -49.48 15.90
N TYR B 960 68.10 -49.84 16.24
CA TYR B 960 68.49 -50.59 17.42
C TYR B 960 69.07 -49.55 18.38
N PRO B 961 68.58 -49.51 19.64
CA PRO B 961 69.25 -48.61 20.61
C PRO B 961 69.86 -49.31 21.83
N THR B 962 71.18 -49.22 22.02
CA THR B 962 71.82 -49.82 23.21
C THR B 962 72.64 -48.81 24.03
N GLN B 963 72.33 -48.69 25.32
CA GLN B 963 73.05 -47.82 26.27
C GLN B 963 73.95 -48.63 27.22
N UNK B 965 70.81 -41.62 22.35
CA UNK B 965 69.43 -41.72 21.88
C UNK B 965 69.05 -43.16 21.34
N UNK B 966 69.22 -43.36 20.02
CA UNK B 966 69.15 -44.69 19.34
C UNK B 966 70.01 -44.76 18.04
N UNK B 967 70.12 -45.90 17.36
CA UNK B 967 70.94 -45.93 16.13
C UNK B 967 70.45 -46.95 15.11
N UNK B 968 70.58 -46.62 13.84
CA UNK B 968 69.94 -47.43 12.81
C UNK B 968 70.94 -48.36 12.09
N UNK B 969 70.45 -49.31 11.28
CA UNK B 969 71.36 -50.07 10.43
C UNK B 969 72.34 -49.12 9.63
N UNK B 970 71.83 -48.06 8.99
CA UNK B 970 72.75 -47.14 8.26
C UNK B 970 73.82 -46.63 9.27
N UNK B 971 73.37 -46.19 10.47
CA UNK B 971 74.36 -45.84 11.56
C UNK B 971 75.39 -46.97 11.68
N UNK B 972 75.00 -48.20 12.04
CA UNK B 972 75.99 -49.33 12.18
C UNK B 972 76.98 -49.44 10.99
N UNK B 973 76.45 -49.22 9.78
CA UNK B 973 77.28 -49.16 8.56
C UNK B 973 78.36 -48.10 8.65
N UNK B 974 77.98 -46.87 9.01
CA UNK B 974 78.96 -45.81 9.21
C UNK B 974 80.02 -46.15 10.31
N UNK B 975 79.59 -46.68 11.46
CA UNK B 975 80.56 -47.06 12.49
C UNK B 975 81.47 -48.23 12.04
N UNK B 976 80.89 -49.28 11.42
CA UNK B 976 81.62 -50.38 10.77
C UNK B 976 82.68 -49.93 9.71
N UNK B 977 82.29 -49.00 8.83
CA UNK B 977 83.18 -48.35 7.84
C UNK B 977 84.35 -47.52 8.42
N UNK B 978 84.07 -46.70 9.44
CA UNK B 978 85.13 -45.92 10.11
C UNK B 978 86.20 -46.85 10.69
N UNK B 979 85.79 -47.75 11.58
CA UNK B 979 86.70 -48.69 12.25
C UNK B 979 87.58 -49.42 11.23
N UNK B 980 86.95 -50.18 10.31
CA UNK B 980 87.63 -50.86 9.19
C UNK B 980 88.32 -49.90 8.22
N UNK B 981 88.31 -48.60 8.54
CA UNK B 981 88.92 -47.50 7.75
C UNK B 981 88.35 -47.29 6.34
N VAL B 995 93.57 -35.15 9.35
CA VAL B 995 93.71 -36.61 9.26
C VAL B 995 92.43 -37.27 8.67
N ALA B 996 91.29 -37.08 9.34
CA ALA B 996 89.98 -37.47 8.82
C ALA B 996 89.28 -36.30 8.07
N ASP B 997 89.42 -36.32 6.74
CA ASP B 997 88.60 -35.58 5.75
C ASP B 997 87.47 -36.51 5.29
N TRP B 998 87.78 -37.80 5.24
CA TRP B 998 86.85 -38.87 4.93
C TRP B 998 85.58 -38.80 5.78
N LEU B 999 85.68 -38.23 6.97
CA LEU B 999 84.49 -38.10 7.82
C LEU B 999 83.61 -36.90 7.47
N SER B 1000 84.17 -35.96 6.72
CA SER B 1000 83.42 -34.78 6.22
C SER B 1000 82.63 -35.10 4.95
N GLU B 1001 83.26 -35.79 4.02
CA GLU B 1001 82.67 -36.19 2.75
C GLU B 1001 81.63 -37.29 2.96
N ALA B 1002 81.72 -38.00 4.09
CA ALA B 1002 80.72 -38.99 4.47
C ALA B 1002 79.55 -38.32 5.22
N ARG B 1003 79.75 -37.06 5.63
CA ARG B 1003 78.71 -36.28 6.32
C ARG B 1003 77.78 -35.43 5.43
N LYS B 1004 77.95 -35.52 4.11
CA LYS B 1004 77.18 -34.71 3.15
C LYS B 1004 75.66 -34.99 3.15
N PRO B 1005 75.22 -36.21 2.80
CA PRO B 1005 73.80 -36.51 3.05
C PRO B 1005 73.36 -36.12 4.48
N PHE B 1006 72.30 -35.31 4.59
CA PHE B 1006 71.89 -34.83 5.92
C PHE B 1006 70.40 -34.94 6.39
N VAL B 1007 70.23 -35.66 7.50
CA VAL B 1007 68.94 -35.80 8.21
C VAL B 1007 68.85 -34.74 9.36
N VAL B 1008 69.12 -33.47 9.05
CA VAL B 1008 69.04 -32.39 10.10
C VAL B 1008 67.59 -32.07 10.43
N VAL B 1009 67.07 -32.69 11.47
CA VAL B 1009 65.64 -32.76 11.62
C VAL B 1009 65.37 -32.54 13.10
N SER B 1010 64.18 -32.01 13.39
CA SER B 1010 63.65 -31.88 14.76
C SER B 1010 63.72 -33.20 15.51
N LEU B 1011 63.61 -33.12 16.81
CA LEU B 1011 64.13 -34.18 17.64
C LEU B 1011 63.01 -35.02 18.28
N GLU B 1012 61.83 -35.01 17.66
CA GLU B 1012 60.81 -36.06 17.91
C GLU B 1012 59.79 -36.06 16.74
N SER B 1013 60.12 -36.73 15.63
CA SER B 1013 59.39 -36.44 14.38
C SER B 1013 59.76 -37.24 13.14
N ASP B 1014 58.95 -38.23 12.77
CA ASP B 1014 59.27 -38.90 11.49
C ASP B 1014 58.26 -38.57 10.46
N SER B 1015 58.22 -39.41 9.44
CA SER B 1015 57.33 -39.30 8.32
C SER B 1015 57.56 -40.53 7.43
N LEU B 1016 56.61 -40.78 6.52
CA LEU B 1016 56.79 -41.85 5.55
C LEU B 1016 57.89 -41.44 4.62
N THR B 1017 58.62 -42.43 4.11
CA THR B 1017 59.53 -42.21 3.02
C THR B 1017 58.85 -41.41 1.90
N LYS B 1018 59.62 -40.68 1.11
CA LYS B 1018 59.08 -40.07 -0.10
C LYS B 1018 58.20 -41.07 -0.91
N ALA B 1019 58.61 -42.36 -0.96
CA ALA B 1019 57.88 -43.41 -1.69
C ALA B 1019 56.62 -43.80 -0.92
N SER B 1020 56.80 -44.20 0.35
CA SER B 1020 55.68 -44.56 1.20
C SER B 1020 54.55 -43.54 1.13
N MET B 1021 54.90 -42.30 0.82
CA MET B 1021 53.94 -41.22 0.72
C MET B 1021 53.21 -41.30 -0.60
N ALA B 1022 53.96 -41.34 -1.70
CA ALA B 1022 53.35 -41.41 -3.04
C ALA B 1022 52.38 -42.60 -3.15
N ALA B 1023 52.72 -43.70 -2.48
CA ALA B 1023 51.86 -44.87 -2.40
C ALA B 1023 50.53 -44.54 -1.74
N VAL B 1024 50.57 -43.76 -0.66
CA VAL B 1024 49.33 -43.37 0.08
C VAL B 1024 48.39 -42.53 -0.80
N GLU B 1025 48.96 -41.52 -1.43
CA GLU B 1025 48.25 -40.69 -2.36
C GLU B 1025 47.66 -41.46 -3.55
N SER B 1026 48.50 -42.27 -4.18
CA SER B 1026 48.08 -43.02 -5.35
C SER B 1026 46.91 -43.94 -4.98
N GLU B 1027 47.05 -44.66 -3.89
CA GLU B 1027 45.99 -45.54 -3.39
C GLU B 1027 44.74 -44.76 -3.01
N ILE B 1028 44.91 -43.70 -2.23
CA ILE B 1028 43.79 -42.87 -1.78
C ILE B 1028 42.93 -42.30 -2.92
N ILE B 1029 43.55 -41.74 -3.97
CA ILE B 1029 42.80 -41.21 -5.12
C ILE B 1029 41.82 -42.24 -5.63
N LYS B 1030 42.35 -43.45 -5.78
CA LYS B 1030 41.57 -44.59 -6.22
C LYS B 1030 40.42 -44.84 -5.21
N TYR B 1031 40.72 -44.91 -3.92
CA TYR B 1031 39.71 -45.18 -2.86
C TYR B 1031 38.57 -44.20 -2.81
N VAL B 1032 38.92 -42.95 -3.00
CA VAL B 1032 37.99 -41.88 -2.73
C VAL B 1032 37.01 -41.76 -3.91
N SER B 1033 37.32 -42.48 -4.99
CA SER B 1033 36.50 -42.54 -6.21
C SER B 1033 35.57 -43.76 -6.26
N LEU B 1034 35.64 -44.62 -5.26
CA LEU B 1034 34.67 -45.70 -5.13
C LEU B 1034 33.29 -45.22 -4.65
N PRO B 1035 32.19 -45.92 -5.03
CA PRO B 1035 30.91 -45.53 -4.42
C PRO B 1035 30.89 -45.66 -2.87
N ASP B 1036 30.21 -44.71 -2.24
CA ASP B 1036 30.01 -44.66 -0.80
C ASP B 1036 28.69 -43.90 -0.59
N SER B 1037 28.15 -43.95 0.63
CA SER B 1037 26.87 -43.31 0.97
C SER B 1037 26.85 -43.03 2.48
N SER B 1038 25.67 -42.82 3.07
CA SER B 1038 25.60 -42.63 4.51
C SER B 1038 24.43 -43.34 5.18
N GLU B 1039 24.50 -43.45 6.50
CA GLU B 1039 23.43 -44.03 7.32
C GLU B 1039 23.08 -42.95 8.36
N GLN B 1040 22.17 -43.22 9.31
CA GLN B 1040 21.70 -42.20 10.27
C GLN B 1040 20.83 -42.67 11.45
N LYS B 1041 21.29 -43.68 12.18
CA LYS B 1041 20.59 -44.21 13.38
C LYS B 1041 20.02 -43.13 14.34
N LYS B 1042 18.99 -43.50 15.12
CA LYS B 1042 18.29 -42.57 16.02
C LYS B 1042 18.45 -43.05 17.46
N LEU B 1043 19.69 -43.08 17.92
CA LEU B 1043 20.06 -43.42 19.32
C LEU B 1043 19.32 -42.75 20.49
N ALA B 1044 19.24 -43.47 21.60
CA ALA B 1044 18.67 -42.93 22.83
C ALA B 1044 19.34 -43.54 24.06
N LYS B 1045 19.05 -42.98 25.22
CA LYS B 1045 19.63 -43.42 26.49
C LYS B 1045 21.17 -43.31 26.49
N VAL B 1046 21.70 -42.31 25.76
CA VAL B 1046 23.15 -42.05 25.63
C VAL B 1046 23.66 -41.21 26.79
N PRO B 1047 24.67 -41.71 27.53
CA PRO B 1047 25.28 -40.97 28.66
C PRO B 1047 26.15 -39.83 28.14
N ARG B 1048 26.49 -38.84 28.98
CA ARG B 1048 27.25 -37.67 28.54
C ARG B 1048 28.63 -37.98 28.00
N GLU B 1049 29.23 -39.06 28.51
CA GLU B 1049 30.61 -39.50 28.15
C GLU B 1049 30.77 -40.13 26.76
N ALA B 1050 29.66 -40.27 26.06
CA ALA B 1050 29.68 -40.72 24.68
C ALA B 1050 29.72 -39.53 23.74
N ILE B 1051 29.71 -38.36 24.34
CA ILE B 1051 29.51 -37.14 23.60
C ILE B 1051 30.63 -36.13 23.92
N LEU B 1052 30.96 -35.26 22.96
CA LEU B 1052 31.80 -34.08 23.25
C LEU B 1052 31.59 -32.84 22.35
N ASN B 1053 31.75 -31.64 22.93
CA ASN B 1053 31.83 -30.38 22.16
C ASN B 1053 33.26 -30.07 21.75
N ALA B 1054 33.55 -30.11 20.45
CA ALA B 1054 34.92 -30.05 20.03
C ALA B 1054 35.48 -28.65 20.30
N GLU B 1055 34.69 -27.59 20.06
CA GLU B 1055 35.13 -26.19 20.46
C GLU B 1055 35.81 -26.18 21.83
N SER B 1056 35.34 -27.03 22.74
CA SER B 1056 35.77 -26.91 24.11
C SER B 1056 36.58 -28.08 24.67
N SER B 1057 37.27 -28.77 23.77
CA SER B 1057 38.00 -29.98 24.05
C SER B 1057 39.41 -30.02 23.46
N TYR B 1058 39.96 -28.83 23.23
CA TYR B 1058 41.32 -28.62 22.78
C TYR B 1058 42.37 -29.43 23.59
N VAL B 1059 42.27 -29.44 24.90
CA VAL B 1059 43.32 -30.12 25.64
C VAL B 1059 43.16 -31.64 25.58
N LEU B 1060 41.91 -32.07 25.54
CA LEU B 1060 41.63 -33.47 25.47
C LEU B 1060 42.08 -33.99 24.11
N LEU B 1061 41.73 -33.28 23.05
CA LEU B 1061 42.15 -33.71 21.74
C LEU B 1061 43.69 -33.76 21.53
N ARG B 1062 44.42 -32.91 22.23
CA ARG B 1062 45.90 -32.91 22.12
C ARG B 1062 46.56 -33.99 22.98
N SER B 1063 45.74 -34.68 23.78
CA SER B 1063 46.28 -35.74 24.61
C SER B 1063 46.30 -37.05 23.85
N GLN B 1064 45.58 -37.14 22.73
CA GLN B 1064 45.70 -38.34 21.87
C GLN B 1064 47.18 -38.48 21.45
N ARG B 1065 47.65 -39.73 21.34
CA ARG B 1065 48.87 -40.00 20.58
C ARG B 1065 48.53 -40.07 19.07
N PHE B 1066 49.50 -39.79 18.21
CA PHE B 1066 49.27 -39.97 16.78
C PHE B 1066 50.43 -40.77 16.18
N HIS B 1067 50.16 -41.77 15.35
CA HIS B 1067 51.23 -42.47 14.67
C HIS B 1067 51.20 -42.33 13.14
N LEU B 1068 52.37 -42.44 12.53
CA LEU B 1068 52.49 -42.68 11.11
C LEU B 1068 51.45 -43.73 10.68
N GLY B 1069 50.81 -43.46 9.55
CA GLY B 1069 49.74 -44.29 9.04
C GLY B 1069 48.37 -43.99 9.63
N ASP B 1070 48.28 -43.75 10.93
CA ASP B 1070 47.00 -43.54 11.61
C ASP B 1070 45.94 -42.77 10.83
N ARG B 1071 44.72 -43.30 10.81
CA ARG B 1071 43.58 -42.56 10.25
C ARG B 1071 43.02 -41.40 11.13
N VAL B 1072 42.87 -40.23 10.52
CA VAL B 1072 42.29 -39.10 11.28
C VAL B 1072 41.14 -38.39 10.61
N MET B 1073 40.29 -37.78 11.46
CA MET B 1073 39.22 -36.88 11.06
C MET B 1073 39.41 -35.45 11.58
N TYR B 1074 39.07 -34.46 10.76
CA TYR B 1074 38.95 -33.06 11.17
C TYR B 1074 37.57 -32.83 11.85
N ILE B 1075 37.57 -32.27 13.05
CA ILE B 1075 36.42 -32.34 13.99
C ILE B 1075 35.76 -30.99 14.37
N GLN B 1076 36.43 -29.89 14.03
CA GLN B 1076 35.98 -28.54 14.42
C GLN B 1076 35.06 -27.82 13.37
N ASP B 1077 34.10 -27.06 13.91
CA ASP B 1077 33.15 -26.23 13.14
C ASP B 1077 33.80 -25.23 12.19
N SER B 1078 35.05 -24.85 12.44
CA SER B 1078 35.70 -23.80 11.69
C SER B 1078 37.14 -24.19 11.34
N GLY B 1079 37.79 -23.38 10.51
CA GLY B 1079 39.19 -23.61 10.17
C GLY B 1079 39.48 -23.83 8.71
N LYS B 1080 40.64 -24.40 8.40
CA LYS B 1080 41.12 -24.51 7.03
C LYS B 1080 40.51 -25.70 6.33
N VAL B 1081 39.64 -26.42 7.01
CA VAL B 1081 39.26 -27.70 6.45
C VAL B 1081 37.79 -28.05 6.72
N PRO B 1082 37.08 -28.56 5.67
CA PRO B 1082 35.67 -29.00 5.83
C PRO B 1082 35.45 -30.05 6.95
N LEU B 1083 34.52 -29.73 7.86
CA LEU B 1083 34.17 -30.61 8.95
C LEU B 1083 34.06 -32.03 8.43
N HIS B 1084 34.74 -32.94 9.12
CA HIS B 1084 34.70 -34.37 8.79
C HIS B 1084 35.77 -34.85 7.80
N SER B 1085 36.36 -33.95 7.01
CA SER B 1085 37.42 -34.46 6.17
C SER B 1085 38.26 -35.45 6.97
N LYS B 1086 38.39 -36.68 6.45
CA LYS B 1086 39.36 -37.63 7.00
C LYS B 1086 40.62 -37.72 6.16
N GLY B 1087 41.60 -38.37 6.76
CA GLY B 1087 42.96 -38.40 6.23
C GLY B 1087 43.84 -39.36 6.99
N THR B 1088 45.10 -39.42 6.56
CA THR B 1088 46.01 -40.38 7.10
C THR B 1088 47.21 -39.58 7.58
N VAL B 1089 47.76 -39.93 8.76
CA VAL B 1089 48.91 -39.19 9.27
C VAL B 1089 50.12 -39.56 8.43
N VAL B 1090 50.78 -38.58 7.81
CA VAL B 1090 51.94 -38.93 7.00
C VAL B 1090 53.19 -38.38 7.58
N GLY B 1091 53.11 -37.91 8.82
CA GLY B 1091 54.27 -37.36 9.53
C GLY B 1091 53.82 -36.47 10.66
N TYR B 1092 54.73 -36.16 11.56
CA TYR B 1092 54.48 -35.17 12.59
C TYR B 1092 55.73 -34.37 12.89
N THR B 1093 55.53 -33.10 13.22
CA THR B 1093 56.56 -32.11 13.56
C THR B 1093 56.26 -31.61 14.99
N SER B 1094 57.14 -31.89 15.94
CA SER B 1094 56.88 -31.49 17.34
C SER B 1094 57.67 -30.20 17.75
N ILE B 1095 57.70 -29.16 16.89
CA ILE B 1095 58.43 -27.85 17.14
C ILE B 1095 58.22 -27.11 18.51
N GLY B 1096 58.88 -27.62 19.56
CA GLY B 1096 58.67 -27.17 20.94
C GLY B 1096 57.27 -27.40 21.50
N LYS B 1097 56.32 -26.53 21.09
CA LYS B 1097 55.01 -26.31 21.77
C LYS B 1097 53.97 -27.43 21.65
N ASN B 1098 53.03 -27.15 20.75
CA ASN B 1098 52.05 -28.11 20.30
C ASN B 1098 52.60 -28.97 19.13
N VAL B 1099 52.27 -30.25 19.15
CA VAL B 1099 52.55 -31.13 18.05
C VAL B 1099 51.78 -30.67 16.83
N SER B 1100 52.42 -30.73 15.68
CA SER B 1100 51.74 -30.48 14.43
C SER B 1100 51.73 -31.67 13.41
N ILE B 1101 50.57 -32.32 13.28
CA ILE B 1101 50.42 -33.51 12.47
C ILE B 1101 50.28 -33.23 10.96
N GLN B 1102 51.09 -33.89 10.14
CA GLN B 1102 50.94 -33.77 8.67
C GLN B 1102 49.87 -34.75 8.20
N VAL B 1103 48.79 -34.21 7.66
CA VAL B 1103 47.66 -35.05 7.32
C VAL B 1103 47.50 -35.08 5.81
N LEU B 1104 47.66 -36.25 5.21
CA LEU B 1104 47.41 -36.40 3.81
C LEU B 1104 45.93 -36.64 3.77
N PHE B 1105 45.20 -35.62 3.33
CA PHE B 1105 43.73 -35.68 3.26
C PHE B 1105 43.18 -36.60 2.14
N ASP B 1106 42.08 -37.30 2.44
CA ASP B 1106 41.40 -38.13 1.43
C ASP B 1106 40.99 -37.21 0.26
N ASN B 1107 40.38 -36.09 0.58
CA ASN B 1107 39.99 -35.15 -0.47
C ASN B 1107 41.06 -34.11 -0.70
N GLU B 1108 41.16 -33.60 -1.92
CA GLU B 1108 42.02 -32.47 -2.17
C GLU B 1108 41.48 -31.25 -1.44
N ILE B 1109 42.34 -30.53 -0.73
CA ILE B 1109 41.95 -29.50 0.22
C ILE B 1109 42.30 -28.13 -0.34
N ILE B 1110 41.36 -27.18 -0.33
CA ILE B 1110 41.67 -25.88 -0.91
C ILE B 1110 42.89 -25.31 -0.24
N ALA B 1111 42.98 -25.49 1.06
CA ALA B 1111 44.08 -24.93 1.83
C ALA B 1111 45.41 -25.74 1.76
N GLY B 1112 45.40 -26.89 1.09
CA GLY B 1112 46.46 -27.88 1.22
C GLY B 1112 47.68 -27.61 0.39
N ASN B 1113 48.58 -28.57 0.30
CA ASN B 1113 49.75 -28.42 -0.54
C ASN B 1113 50.40 -29.76 -0.74
N ASN B 1114 51.34 -29.82 -1.67
CA ASN B 1114 51.95 -31.04 -2.09
C ASN B 1114 53.29 -31.26 -1.36
N PHE B 1115 53.22 -31.29 -0.03
CA PHE B 1115 54.39 -31.49 0.83
C PHE B 1115 55.74 -31.25 0.16
N GLY B 1116 55.89 -30.08 -0.45
CA GLY B 1116 57.15 -29.70 -1.10
C GLY B 1116 57.50 -30.50 -2.34
N GLY B 1117 56.50 -30.80 -3.16
CA GLY B 1117 56.71 -31.49 -4.43
C GLY B 1117 56.55 -33.01 -4.33
N ARG B 1118 56.43 -33.51 -3.10
CA ARG B 1118 56.42 -34.95 -2.87
C ARG B 1118 55.02 -35.58 -2.88
N LEU B 1119 54.22 -35.23 -3.89
CA LEU B 1119 52.79 -35.48 -3.87
C LEU B 1119 52.19 -34.87 -5.13
N GLN B 1120 51.44 -35.67 -5.87
CA GLN B 1120 50.87 -35.18 -7.12
C GLN B 1120 49.76 -34.13 -6.93
N THR B 1121 49.09 -34.15 -5.77
CA THR B 1121 47.89 -33.36 -5.51
C THR B 1121 47.95 -32.42 -4.28
N ARG B 1122 46.94 -31.55 -4.15
CA ARG B 1122 46.82 -30.64 -2.99
C ARG B 1122 46.13 -31.30 -1.77
N ARG B 1123 46.78 -32.32 -1.20
CA ARG B 1123 46.17 -33.13 -0.15
C ARG B 1123 46.87 -33.00 1.19
N GLY B 1124 47.90 -32.17 1.21
CA GLY B 1124 48.76 -32.03 2.40
C GLY B 1124 48.44 -30.84 3.31
N LEU B 1125 48.49 -31.10 4.63
CA LEU B 1125 48.28 -30.07 5.62
C LEU B 1125 48.79 -30.41 7.00
N GLY B 1126 49.57 -29.49 7.58
CA GLY B 1126 50.03 -29.61 8.95
C GLY B 1126 48.96 -28.98 9.83
N LEU B 1127 48.54 -29.69 10.88
CA LEU B 1127 47.51 -29.20 11.77
C LEU B 1127 47.85 -29.50 13.21
N ASP B 1128 47.30 -28.71 14.08
CA ASP B 1128 47.42 -28.95 15.45
C ASP B 1128 46.49 -30.10 15.87
N SER B 1129 46.93 -30.93 16.79
CA SER B 1129 46.16 -32.09 17.09
C SER B 1129 44.82 -31.78 17.76
N SER B 1130 44.63 -30.57 18.27
CA SER B 1130 43.31 -30.15 18.78
C SER B 1130 42.20 -30.27 17.69
N PHE B 1131 42.61 -30.38 16.44
CA PHE B 1131 41.67 -30.49 15.33
C PHE B 1131 41.26 -31.91 14.97
N LEU B 1132 42.04 -32.91 15.32
CA LEU B 1132 41.83 -34.20 14.79
C LEU B 1132 41.33 -35.20 15.81
N LEU B 1133 40.52 -36.13 15.34
CA LEU B 1133 40.20 -37.35 16.10
C LEU B 1133 40.93 -38.52 15.45
N ASN B 1134 41.65 -39.28 16.27
CA ASN B 1134 42.41 -40.45 15.80
C ASN B 1134 41.41 -41.58 15.60
N LEU B 1135 41.08 -41.87 14.34
CA LEU B 1135 40.03 -42.86 14.04
C LEU B 1135 40.49 -44.32 14.12
N SER B 1136 41.80 -44.53 14.04
CA SER B 1136 42.37 -45.85 14.00
C SER B 1136 43.37 -45.99 15.12
N ASP B 1137 42.91 -46.06 16.37
CA ASP B 1137 43.71 -45.90 17.64
C ASP B 1137 42.89 -44.96 18.44
N ARG B 1138 41.78 -45.51 18.90
CA ARG B 1138 40.62 -44.74 19.29
C ARG B 1138 40.68 -44.41 20.78
N GLN B 1139 41.19 -43.23 21.11
CA GLN B 1139 41.57 -43.02 22.49
C GLN B 1139 40.50 -42.36 23.31
N LEU B 1140 39.34 -42.10 22.71
CA LEU B 1140 38.21 -41.47 23.45
C LEU B 1140 36.87 -42.20 23.26
N VAL B 1141 36.95 -43.52 22.96
CA VAL B 1141 35.79 -44.36 22.60
C VAL B 1141 34.78 -44.75 23.66
N TYR B 1142 33.57 -44.98 23.17
CA TYR B 1142 32.51 -45.80 23.76
C TYR B 1142 31.82 -45.02 24.85
N ILE C 3 -61.89 -25.83 -12.99
CA ILE C 3 -62.82 -24.66 -12.76
C ILE C 3 -64.20 -25.07 -13.29
N PRO C 4 -65.23 -25.06 -12.42
CA PRO C 4 -66.53 -25.68 -12.71
C PRO C 4 -67.11 -25.63 -14.14
N LYS C 5 -67.41 -24.46 -14.71
CA LYS C 5 -67.95 -24.41 -16.09
C LYS C 5 -67.05 -23.58 -16.96
N PHE C 6 -65.75 -23.75 -16.74
CA PHE C 6 -64.79 -22.88 -17.36
C PHE C 6 -64.71 -23.02 -18.88
N PHE C 7 -64.49 -24.25 -19.36
CA PHE C 7 -64.48 -24.49 -20.79
C PHE C 7 -65.83 -24.03 -21.43
N HIS C 8 -66.94 -24.40 -20.78
CA HIS C 8 -68.27 -24.14 -21.30
C HIS C 8 -68.49 -22.64 -21.43
N PHE C 9 -68.08 -21.89 -20.40
CA PHE C 9 -68.09 -20.41 -20.42
C PHE C 9 -67.20 -19.83 -21.53
N ILE C 10 -65.89 -20.01 -21.42
CA ILE C 10 -64.94 -19.62 -22.46
C ILE C 10 -65.45 -19.90 -23.88
N SER C 11 -65.91 -21.12 -24.16
CA SER C 11 -66.29 -21.52 -25.50
C SER C 11 -67.45 -20.70 -26.00
N GLU C 12 -68.46 -20.53 -25.17
CA GLU C 12 -69.64 -19.77 -25.59
C GLU C 12 -69.31 -18.29 -25.84
N ARG C 13 -68.53 -17.69 -24.94
CA ARG C 13 -68.18 -16.29 -25.06
C ARG C 13 -67.36 -15.97 -26.31
N TRP C 14 -66.38 -16.82 -26.56
CA TRP C 14 -65.41 -16.64 -27.63
C TRP C 14 -65.54 -17.83 -28.56
N PRO C 15 -66.59 -17.83 -29.41
CA PRO C 15 -67.12 -19.01 -30.04
C PRO C 15 -66.34 -19.54 -31.21
N GLN C 16 -65.05 -19.25 -31.30
CA GLN C 16 -64.27 -19.71 -32.42
C GLN C 16 -62.91 -20.31 -32.01
N ILE C 17 -62.74 -20.62 -30.72
CA ILE C 17 -61.51 -21.24 -30.24
C ILE C 17 -61.22 -22.72 -30.58
N SER C 18 -62.19 -23.54 -31.00
CA SER C 18 -61.93 -24.97 -31.27
C SER C 18 -62.07 -25.39 -32.72
N GLN C 19 -61.28 -26.42 -33.11
CA GLN C 19 -61.30 -27.03 -34.45
C GLN C 19 -61.46 -28.54 -34.30
N LEU C 20 -62.56 -29.09 -34.80
CA LEU C 20 -62.79 -30.51 -34.87
C LEU C 20 -61.69 -31.18 -35.66
N ILE C 21 -61.37 -32.42 -35.32
CA ILE C 21 -60.39 -33.13 -36.13
C ILE C 21 -61.11 -34.16 -36.94
N ASP C 22 -61.31 -33.80 -38.20
CA ASP C 22 -62.19 -34.60 -39.08
C ASP C 22 -61.40 -35.23 -40.25
N GLY C 23 -60.07 -35.22 -40.12
CA GLY C 23 -59.21 -35.83 -41.12
C GLY C 23 -58.92 -34.87 -42.27
N SER C 24 -59.56 -33.70 -42.28
CA SER C 24 -59.05 -32.62 -43.12
C SER C 24 -57.70 -32.17 -42.49
N GLN C 25 -57.10 -31.12 -43.01
CA GLN C 25 -55.71 -30.83 -42.68
C GLN C 25 -55.60 -30.03 -41.39
N ILE C 26 -54.67 -30.40 -40.52
CA ILE C 26 -54.35 -29.54 -39.38
C ILE C 26 -52.94 -28.89 -39.41
N PRO C 27 -52.71 -27.87 -38.58
CA PRO C 27 -51.37 -27.27 -38.63
C PRO C 27 -50.26 -28.29 -38.34
N GLU C 28 -49.05 -28.04 -38.78
CA GLU C 28 -47.95 -28.89 -38.33
C GLU C 28 -47.44 -28.39 -36.96
N PHE C 29 -46.86 -29.29 -36.16
CA PHE C 29 -46.35 -28.94 -34.82
C PHE C 29 -44.92 -29.39 -34.63
N ASP C 30 -44.21 -28.65 -33.81
CA ASP C 30 -42.87 -29.05 -33.40
C ASP C 30 -42.87 -29.89 -32.16
N ASN C 31 -43.58 -29.45 -31.13
CA ASN C 31 -43.62 -30.14 -29.88
C ASN C 31 -44.99 -30.65 -29.56
N LEU C 32 -45.03 -31.93 -29.20
CA LEU C 32 -46.21 -32.60 -28.63
C LEU C 32 -45.86 -33.14 -27.24
N TYR C 33 -46.68 -32.78 -26.26
CA TYR C 33 -46.54 -33.21 -24.86
C TYR C 33 -47.80 -33.95 -24.39
N LEU C 34 -47.65 -35.14 -23.80
CA LEU C 34 -48.79 -35.87 -23.23
C LEU C 34 -48.81 -35.84 -21.72
N ASP C 35 -50.00 -35.58 -21.21
CA ASP C 35 -50.33 -35.82 -19.81
C ASP C 35 -51.04 -37.20 -19.70
N MET C 36 -50.34 -38.22 -19.19
CA MET C 36 -50.75 -39.60 -19.43
C MET C 36 -51.69 -40.27 -18.44
N ASN C 37 -51.66 -39.83 -17.19
CA ASN C 37 -52.50 -40.42 -16.14
C ASN C 37 -53.97 -40.58 -16.50
N SER C 38 -54.51 -39.72 -17.36
CA SER C 38 -55.86 -39.95 -17.85
C SER C 38 -55.86 -41.23 -18.69
N ILE C 39 -54.88 -41.36 -19.58
CA ILE C 39 -54.81 -42.51 -20.43
C ILE C 39 -54.79 -43.72 -19.50
N LEU C 40 -53.86 -43.72 -18.53
CA LEU C 40 -53.66 -44.81 -17.58
C LEU C 40 -54.96 -45.33 -16.93
N HIS C 41 -55.71 -44.42 -16.35
CA HIS C 41 -57.01 -44.74 -15.75
C HIS C 41 -58.06 -45.25 -16.73
N ASN C 42 -57.90 -44.88 -17.99
CA ASN C 42 -58.86 -45.25 -18.99
C ASN C 42 -58.81 -46.65 -19.50
N CYS C 43 -57.63 -47.08 -19.92
CA CYS C 43 -57.43 -48.41 -20.48
C CYS C 43 -57.55 -49.51 -19.41
N THR C 44 -57.18 -49.13 -18.20
CA THR C 44 -57.27 -49.92 -17.00
C THR C 44 -58.67 -50.20 -16.38
N HIS C 45 -59.62 -49.25 -16.39
CA HIS C 45 -61.00 -49.56 -15.88
C HIS C 45 -61.99 -50.15 -16.93
N GLY C 46 -62.85 -49.26 -17.44
CA GLY C 46 -63.78 -49.60 -18.53
C GLY C 46 -63.49 -48.71 -19.73
N ARG C 54 -61.65 -58.04 -15.00
CA ARG C 54 -60.30 -57.51 -15.19
C ARG C 54 -59.65 -58.05 -16.44
N LEU C 55 -58.78 -57.22 -17.04
CA LEU C 55 -58.25 -57.50 -18.37
C LEU C 55 -56.85 -58.01 -18.28
N SER C 56 -56.51 -58.97 -19.14
CA SER C 56 -55.15 -59.48 -19.18
C SER C 56 -54.16 -58.34 -19.45
N GLU C 57 -52.90 -58.56 -19.10
CA GLU C 57 -51.92 -57.53 -19.18
C GLU C 57 -51.57 -57.21 -20.62
N GLU C 58 -51.61 -58.21 -21.51
CA GLU C 58 -51.42 -57.91 -22.93
C GLU C 58 -52.54 -56.99 -23.42
N GLU C 59 -53.69 -57.06 -22.78
CA GLU C 59 -54.88 -56.29 -23.14
C GLU C 59 -54.82 -54.81 -22.74
N VAL C 60 -54.47 -54.56 -21.48
CA VAL C 60 -54.44 -53.22 -20.96
C VAL C 60 -53.31 -52.43 -21.64
N TYR C 61 -52.16 -53.06 -21.82
CA TYR C 61 -51.05 -52.45 -22.56
C TYR C 61 -51.28 -52.52 -24.06
N SER C 62 -52.24 -53.32 -24.50
CA SER C 62 -52.68 -53.21 -25.88
C SER C 62 -53.43 -51.90 -26.06
N LYS C 63 -54.22 -51.49 -25.08
CA LYS C 63 -54.98 -50.23 -25.13
C LYS C 63 -54.17 -48.97 -24.82
N ILE C 64 -53.43 -48.96 -23.71
CA ILE C 64 -52.50 -47.85 -23.46
C ILE C 64 -51.62 -47.60 -24.69
N PHE C 65 -50.79 -48.57 -25.08
CA PHE C 65 -49.92 -48.44 -26.23
C PHE C 65 -50.71 -47.81 -27.37
N SER C 66 -51.95 -48.27 -27.57
CA SER C 66 -52.71 -47.79 -28.71
C SER C 66 -53.22 -46.35 -28.64
N TYR C 67 -53.52 -45.89 -27.44
CA TYR C 67 -53.84 -44.49 -27.26
C TYR C 67 -52.63 -43.67 -27.65
N ILE C 68 -51.55 -43.80 -26.89
CA ILE C 68 -50.35 -43.06 -27.12
C ILE C 68 -50.06 -42.99 -28.61
N ASP C 69 -49.87 -44.15 -29.23
CA ASP C 69 -49.63 -44.18 -30.66
C ASP C 69 -50.63 -43.33 -31.40
N HIS C 70 -51.90 -43.45 -31.09
CA HIS C 70 -52.93 -42.77 -31.86
C HIS C 70 -52.79 -41.26 -31.82
N LEU C 71 -52.57 -40.72 -30.61
CA LEU C 71 -52.33 -39.28 -30.46
C LEU C 71 -51.07 -38.88 -31.23
N PHE C 72 -49.98 -39.65 -31.08
CA PHE C 72 -48.80 -39.29 -31.83
C PHE C 72 -49.12 -39.07 -33.30
N HIS C 73 -50.00 -39.91 -33.85
CA HIS C 73 -50.21 -39.85 -35.30
C HIS C 73 -51.08 -38.72 -35.77
N THR C 74 -52.10 -38.40 -34.99
CA THR C 74 -52.89 -37.19 -35.19
C THR C 74 -52.07 -35.89 -35.27
N ILE C 75 -50.99 -35.77 -34.51
CA ILE C 75 -50.26 -34.50 -34.47
C ILE C 75 -48.98 -34.51 -35.34
N LYS C 76 -48.28 -35.65 -35.35
CA LYS C 76 -47.04 -35.82 -36.07
C LYS C 76 -46.01 -34.78 -35.71
N PRO C 77 -45.64 -34.67 -34.41
CA PRO C 77 -44.66 -33.60 -34.11
C PRO C 77 -43.39 -33.80 -34.93
N LYS C 78 -42.65 -32.71 -35.17
CA LYS C 78 -41.46 -32.78 -36.01
C LYS C 78 -40.15 -32.74 -35.25
N GLN C 79 -40.13 -32.26 -34.00
CA GLN C 79 -38.89 -32.27 -33.17
C GLN C 79 -38.95 -32.99 -31.78
N THR C 80 -40.02 -32.77 -31.00
CA THR C 80 -40.09 -33.29 -29.64
C THR C 80 -41.41 -33.94 -29.28
N PHE C 81 -41.38 -35.23 -28.99
CA PHE C 81 -42.51 -35.93 -28.42
C PHE C 81 -42.13 -36.20 -27.01
N TYR C 82 -42.89 -35.63 -26.08
CA TYR C 82 -42.59 -35.67 -24.64
C TYR C 82 -43.72 -36.35 -23.86
N MET C 83 -43.47 -37.53 -23.26
CA MET C 83 -44.49 -38.21 -22.44
C MET C 83 -44.22 -38.12 -20.97
N ALA C 84 -45.24 -37.74 -20.21
CA ALA C 84 -45.12 -37.56 -18.75
C ALA C 84 -46.18 -38.33 -17.89
N ILE C 85 -45.72 -38.94 -16.80
CA ILE C 85 -46.59 -39.65 -15.89
C ILE C 85 -46.39 -38.95 -14.58
N ASP C 86 -47.35 -39.02 -13.69
CA ASP C 86 -47.17 -38.42 -12.36
C ASP C 86 -46.14 -39.16 -11.54
N GLY C 87 -45.25 -38.40 -10.92
CA GLY C 87 -44.30 -38.91 -9.94
C GLY C 87 -44.77 -38.32 -8.64
N VAL C 88 -43.88 -38.21 -7.66
CA VAL C 88 -44.33 -37.81 -6.33
C VAL C 88 -44.84 -36.39 -6.35
N ALA C 89 -46.08 -36.21 -5.94
CA ALA C 89 -46.68 -34.89 -5.87
C ALA C 89 -46.07 -34.13 -4.70
N PRO C 90 -46.10 -32.78 -4.75
CA PRO C 90 -45.77 -32.00 -3.54
C PRO C 90 -46.85 -32.15 -2.45
N ARG C 91 -46.50 -31.74 -1.24
CA ARG C 91 -47.44 -31.82 -0.13
C ARG C 91 -48.79 -31.12 -0.42
N ALA C 92 -48.74 -30.00 -1.14
CA ALA C 92 -49.93 -29.21 -1.43
C ALA C 92 -51.08 -30.02 -2.04
N LYS C 93 -50.76 -31.17 -2.62
CA LYS C 93 -51.76 -32.00 -3.31
C LYS C 93 -52.21 -33.24 -2.51
N MET C 94 -51.43 -33.61 -1.48
CA MET C 94 -51.54 -34.95 -0.85
C MET C 94 -52.92 -35.29 -0.23
N ASN C 95 -53.55 -34.33 0.45
CA ASN C 95 -54.85 -34.62 1.03
C ASN C 95 -55.93 -34.89 -0.04
N GLN C 96 -55.80 -34.21 -1.19
CA GLN C 96 -56.70 -34.42 -2.30
C GLN C 96 -56.49 -35.81 -2.87
N GLN C 97 -55.22 -36.20 -3.09
CA GLN C 97 -54.89 -37.52 -3.64
C GLN C 97 -55.48 -38.56 -2.70
N ARG C 98 -55.48 -38.23 -1.42
CA ARG C 98 -55.90 -39.11 -0.35
C ARG C 98 -57.41 -39.36 -0.32
N ALA C 99 -58.20 -38.29 -0.26
CA ALA C 99 -59.63 -38.43 -0.30
C ALA C 99 -60.04 -39.21 -1.53
N ARG C 100 -59.55 -38.80 -2.69
CA ARG C 100 -59.80 -39.50 -3.95
C ARG C 100 -59.54 -41.00 -3.81
N ARG C 101 -58.30 -41.31 -3.45
CA ARG C 101 -57.80 -42.67 -3.27
C ARG C 101 -58.60 -43.44 -2.21
N PHE C 102 -59.07 -42.73 -1.20
CA PHE C 102 -59.85 -43.39 -0.17
C PHE C 102 -61.20 -43.78 -0.73
N ARG C 103 -61.79 -42.86 -1.48
CA ARG C 103 -63.09 -43.01 -2.09
C ARG C 103 -63.12 -44.13 -3.16
N THR C 104 -61.95 -44.51 -3.65
CA THR C 104 -61.88 -45.52 -4.70
C THR C 104 -61.82 -46.91 -4.09
N ALA C 105 -61.65 -47.00 -2.77
CA ALA C 105 -61.60 -48.28 -2.10
C ALA C 105 -62.91 -48.38 -1.37
N MET C 106 -63.33 -47.23 -0.83
CA MET C 106 -64.64 -47.08 -0.22
C MET C 106 -65.70 -47.55 -1.20
N ASP C 107 -65.62 -47.05 -2.43
CA ASP C 107 -66.56 -47.43 -3.46
C ASP C 107 -66.24 -48.76 -4.13
N ALA C 108 -65.04 -49.30 -3.94
CA ALA C 108 -64.73 -50.63 -4.49
C ALA C 108 -65.45 -51.72 -3.68
N GLU C 109 -65.48 -51.51 -2.38
CA GLU C 109 -66.15 -52.36 -1.45
C GLU C 109 -67.65 -52.12 -1.58
N LYS C 110 -68.07 -50.88 -1.28
CA LYS C 110 -69.48 -50.51 -1.26
C LYS C 110 -70.16 -51.06 -2.50
N ALA C 111 -69.70 -50.63 -3.68
CA ALA C 111 -70.31 -51.04 -4.95
C ALA C 111 -70.06 -52.52 -5.26
N LEU C 112 -69.49 -52.79 -6.44
CA LEU C 112 -69.26 -54.16 -6.92
C LEU C 112 -68.86 -55.04 -5.71
N GLN C 113 -69.87 -55.58 -5.05
CA GLN C 113 -69.70 -56.52 -3.92
C GLN C 113 -71.07 -56.69 -3.25
N LYS C 114 -71.37 -55.85 -2.26
CA LYS C 114 -72.66 -55.91 -1.59
C LYS C 114 -73.77 -56.27 -2.58
N ALA C 115 -73.75 -55.57 -3.71
CA ALA C 115 -74.61 -55.85 -4.84
C ALA C 115 -73.85 -56.69 -5.86
N PHE C 128 -58.97 -55.37 -10.41
CA PHE C 128 -57.85 -54.41 -10.42
C PHE C 128 -58.06 -53.26 -9.43
N ASP C 129 -57.05 -52.97 -8.60
CA ASP C 129 -57.14 -51.88 -7.64
C ASP C 129 -56.54 -50.68 -8.35
N SER C 130 -57.41 -49.82 -8.87
CA SER C 130 -56.97 -48.61 -9.59
C SER C 130 -56.18 -47.61 -8.72
N ASN C 131 -55.91 -47.97 -7.47
CA ASN C 131 -55.01 -47.22 -6.63
C ASN C 131 -53.55 -47.58 -6.94
N ALA C 132 -53.35 -48.53 -7.84
CA ALA C 132 -52.03 -49.01 -8.19
C ALA C 132 -51.32 -48.00 -9.07
N ILE C 133 -52.11 -47.21 -9.81
CA ILE C 133 -51.63 -46.03 -10.56
C ILE C 133 -51.28 -44.93 -9.56
N THR C 134 -50.19 -45.15 -8.84
CA THR C 134 -49.60 -44.21 -7.91
C THR C 134 -48.17 -44.63 -8.13
N PRO C 135 -47.21 -43.70 -7.95
CA PRO C 135 -45.80 -44.17 -8.06
C PRO C 135 -45.35 -45.04 -6.84
N GLY C 136 -44.43 -45.97 -7.09
CA GLY C 136 -43.78 -46.76 -6.03
C GLY C 136 -44.47 -48.10 -5.93
N THR C 137 -44.91 -48.57 -7.07
CA THR C 137 -45.92 -49.58 -7.03
C THR C 137 -45.62 -50.67 -8.02
N GLU C 138 -45.87 -51.89 -7.58
CA GLU C 138 -45.67 -53.10 -8.35
C GLU C 138 -46.06 -52.89 -9.80
N PHE C 139 -47.22 -52.28 -9.99
CA PHE C 139 -47.83 -51.98 -11.30
C PHE C 139 -47.06 -50.94 -12.13
N MET C 140 -46.63 -49.87 -11.46
CA MET C 140 -45.89 -48.83 -12.13
C MET C 140 -44.45 -49.24 -12.41
N ALA C 141 -43.94 -50.25 -11.72
CA ALA C 141 -42.63 -50.76 -12.05
C ALA C 141 -42.74 -51.43 -13.40
N LYS C 142 -43.86 -52.14 -13.58
CA LYS C 142 -44.09 -52.99 -14.75
C LYS C 142 -44.49 -52.11 -15.91
N LEU C 143 -45.30 -51.10 -15.62
CA LEU C 143 -45.59 -50.06 -16.59
C LEU C 143 -44.33 -49.52 -17.27
N THR C 144 -43.38 -49.00 -16.49
CA THR C 144 -42.19 -48.39 -17.07
C THR C 144 -41.49 -49.40 -17.96
N GLU C 145 -41.35 -50.64 -17.45
CA GLU C 145 -40.60 -51.67 -18.12
C GLU C 145 -41.30 -51.97 -19.45
N ASN C 146 -42.64 -51.96 -19.41
CA ASN C 146 -43.52 -52.11 -20.59
C ASN C 146 -43.45 -50.99 -21.66
N LEU C 147 -43.65 -49.74 -21.23
CA LEU C 147 -43.61 -48.59 -22.14
C LEU C 147 -42.26 -48.45 -22.82
N LYS C 148 -41.17 -48.52 -22.06
CA LYS C 148 -39.86 -48.59 -22.67
C LYS C 148 -39.89 -49.56 -23.85
N TYR C 149 -40.56 -50.69 -23.70
CA TYR C 149 -40.57 -51.69 -24.77
C TYR C 149 -41.35 -51.16 -25.97
N PHE C 150 -42.45 -50.48 -25.69
CA PHE C 150 -43.27 -49.85 -26.71
C PHE C 150 -42.47 -48.77 -27.49
N ILE C 151 -41.81 -47.90 -26.75
CA ILE C 151 -40.96 -46.90 -27.37
C ILE C 151 -39.90 -47.49 -28.32
N HIS C 152 -39.23 -48.58 -27.90
CA HIS C 152 -38.18 -49.22 -28.72
C HIS C 152 -38.84 -49.84 -29.95
N ASP C 153 -40.07 -50.33 -29.78
CA ASP C 153 -40.70 -51.07 -30.87
C ASP C 153 -41.21 -50.06 -31.87
N LYS C 154 -41.50 -48.88 -31.35
CA LYS C 154 -42.06 -47.79 -32.12
C LYS C 154 -40.98 -47.06 -32.91
N ILE C 155 -39.81 -46.85 -32.33
CA ILE C 155 -38.75 -46.21 -33.09
C ILE C 155 -38.10 -47.15 -34.16
N THR C 156 -38.13 -48.46 -33.92
CA THR C 156 -37.61 -49.41 -34.90
C THR C 156 -38.47 -49.56 -36.18
N ASN C 157 -39.79 -49.67 -36.01
CA ASN C 157 -40.69 -49.95 -37.17
C ASN C 157 -41.68 -48.88 -37.63
N ASP C 158 -41.46 -47.64 -37.20
CA ASP C 158 -42.37 -46.56 -37.54
C ASP C 158 -41.50 -45.37 -37.88
N THR C 159 -41.49 -45.03 -39.17
CA THR C 159 -40.72 -43.88 -39.67
C THR C 159 -41.06 -42.56 -38.95
N ARG C 160 -42.35 -42.30 -38.72
CA ARG C 160 -42.76 -41.04 -38.11
C ARG C 160 -42.28 -40.84 -36.68
N TRP C 161 -41.79 -41.92 -36.09
CA TRP C 161 -41.23 -41.92 -34.75
C TRP C 161 -39.73 -41.79 -34.79
N GLN C 162 -39.18 -42.05 -35.98
CA GLN C 162 -37.75 -42.06 -36.23
C GLN C 162 -37.08 -40.68 -36.29
N ASN C 163 -37.85 -39.67 -36.64
CA ASN C 163 -37.26 -38.34 -36.83
C ASN C 163 -37.35 -37.35 -35.63
N VAL C 164 -37.85 -37.85 -34.51
CA VAL C 164 -38.20 -37.00 -33.40
C VAL C 164 -37.44 -37.44 -32.16
N LYS C 165 -36.98 -36.46 -31.40
CA LYS C 165 -36.46 -36.72 -30.06
C LYS C 165 -37.57 -37.26 -29.14
N VAL C 166 -37.41 -38.48 -28.62
CA VAL C 166 -38.47 -38.98 -27.76
C VAL C 166 -38.05 -38.86 -26.32
N ILE C 167 -38.83 -38.11 -25.53
CA ILE C 167 -38.55 -37.94 -24.11
C ILE C 167 -39.65 -38.52 -23.21
N PHE C 168 -39.23 -39.36 -22.25
CA PHE C 168 -40.12 -40.04 -21.29
C PHE C 168 -39.74 -39.69 -19.85
N SER C 169 -40.72 -39.19 -19.11
CA SER C 169 -40.50 -38.68 -17.77
C SER C 169 -41.46 -39.41 -16.81
N GLY C 170 -41.13 -40.67 -16.52
CA GLY C 170 -42.00 -41.57 -15.75
C GLY C 170 -42.15 -41.26 -14.28
N HIS C 171 -42.85 -42.16 -13.60
CA HIS C 171 -43.27 -42.01 -12.21
C HIS C 171 -42.10 -41.99 -11.22
N GLU C 172 -41.01 -42.70 -11.58
CA GLU C 172 -39.72 -42.49 -10.94
C GLU C 172 -39.45 -41.00 -10.64
N VAL C 173 -39.68 -40.09 -11.61
CA VAL C 173 -39.22 -38.70 -11.49
C VAL C 173 -40.27 -37.89 -10.79
N PRO C 174 -39.94 -37.32 -9.62
CA PRO C 174 -40.83 -36.53 -8.77
C PRO C 174 -41.57 -35.48 -9.57
N GLY C 175 -42.81 -35.18 -9.17
CA GLY C 175 -43.69 -34.21 -9.87
C GLY C 175 -44.85 -34.72 -10.77
N GLU C 176 -45.81 -33.85 -11.05
CA GLU C 176 -46.94 -34.23 -11.92
C GLU C 176 -46.65 -34.02 -13.40
N GLY C 177 -47.41 -34.72 -14.22
CA GLY C 177 -47.17 -34.65 -15.64
C GLY C 177 -47.07 -33.20 -16.03
N GLN C 178 -48.17 -32.47 -15.81
CA GLN C 178 -48.33 -31.07 -16.17
C GLN C 178 -47.13 -30.26 -15.77
N HIS C 179 -46.83 -30.26 -14.47
CA HIS C 179 -45.71 -29.55 -13.94
C HIS C 179 -44.35 -29.88 -14.56
N LYS C 180 -44.12 -31.15 -14.86
CA LYS C 180 -42.90 -31.58 -15.49
C LYS C 180 -42.90 -31.16 -16.95
N ILE C 181 -44.09 -31.03 -17.53
CA ILE C 181 -44.23 -30.49 -18.87
C ILE C 181 -43.97 -28.97 -18.89
N MET C 182 -44.54 -28.25 -17.92
CA MET C 182 -44.34 -26.83 -17.77
C MET C 182 -42.91 -26.52 -17.46
N ASP C 183 -42.30 -27.33 -16.61
CA ASP C 183 -40.89 -27.21 -16.31
C ASP C 183 -40.06 -27.35 -17.59
N TYR C 184 -40.43 -28.29 -18.46
CA TYR C 184 -39.70 -28.51 -19.71
C TYR C 184 -39.81 -27.35 -20.70
N ILE C 185 -41.01 -26.79 -20.82
CA ILE C 185 -41.28 -25.77 -21.79
C ILE C 185 -40.61 -24.50 -21.33
N ARG C 186 -40.83 -24.13 -20.07
CA ARG C 186 -40.16 -23.00 -19.52
C ARG C 186 -38.72 -23.13 -19.85
N ALA C 187 -38.20 -24.32 -19.64
CA ALA C 187 -36.76 -24.55 -19.74
C ALA C 187 -36.19 -24.21 -21.12
N ILE C 188 -36.69 -24.92 -22.15
CA ILE C 188 -36.27 -24.79 -23.55
C ILE C 188 -36.52 -23.40 -24.14
N ARG C 189 -37.51 -22.71 -23.61
CA ARG C 189 -37.71 -21.34 -24.04
C ARG C 189 -36.81 -20.32 -23.37
N ALA C 190 -36.10 -20.69 -22.29
CA ALA C 190 -35.21 -19.71 -21.63
C ALA C 190 -33.88 -19.60 -22.33
N GLN C 191 -33.44 -20.72 -22.93
CA GLN C 191 -32.27 -20.75 -23.83
C GLN C 191 -32.38 -19.61 -24.85
N GLU C 192 -31.28 -18.98 -25.17
CA GLU C 192 -31.37 -17.81 -26.00
C GLU C 192 -31.36 -18.17 -27.47
N ASP C 193 -31.24 -19.46 -27.79
CA ASP C 193 -31.44 -19.88 -29.20
C ASP C 193 -32.76 -20.63 -29.48
N TYR C 194 -33.72 -20.45 -28.58
CA TYR C 194 -35.10 -20.90 -28.72
C TYR C 194 -35.76 -20.29 -29.90
N ASN C 195 -36.26 -21.15 -30.78
CA ASN C 195 -37.10 -20.78 -31.93
C ASN C 195 -38.32 -20.11 -31.35
N PRO C 196 -38.43 -18.80 -31.55
CA PRO C 196 -39.51 -17.98 -31.01
C PRO C 196 -40.92 -18.36 -31.50
N ASN C 197 -41.02 -19.16 -32.55
CA ASN C 197 -42.29 -19.56 -33.09
C ASN C 197 -42.39 -21.07 -33.10
N THR C 198 -42.09 -21.66 -31.96
CA THR C 198 -42.15 -23.08 -31.82
C THR C 198 -43.62 -23.39 -31.79
N ARG C 199 -44.02 -24.49 -32.41
CA ARG C 199 -45.42 -24.84 -32.36
C ARG C 199 -45.58 -26.01 -31.43
N HIS C 200 -46.30 -25.76 -30.33
CA HIS C 200 -46.47 -26.70 -29.20
C HIS C 200 -47.86 -27.26 -29.23
N CYS C 201 -48.03 -28.49 -28.72
CA CYS C 201 -49.35 -29.03 -28.48
C CYS C 201 -49.37 -29.93 -27.23
N ILE C 202 -50.40 -29.76 -26.39
CA ILE C 202 -50.50 -30.55 -25.17
C ILE C 202 -51.81 -31.34 -25.09
N TYR C 203 -51.71 -32.66 -24.94
CA TYR C 203 -52.90 -33.49 -24.80
C TYR C 203 -53.38 -33.56 -23.35
N GLY C 204 -54.66 -33.53 -23.12
CA GLY C 204 -55.10 -33.88 -21.80
C GLY C 204 -56.45 -33.30 -21.47
N LEU C 205 -57.14 -33.97 -20.54
CA LEU C 205 -58.51 -33.66 -20.19
C LEU C 205 -58.66 -32.31 -19.49
N ASP C 206 -57.81 -32.08 -18.48
CA ASP C 206 -57.94 -30.95 -17.54
C ASP C 206 -57.98 -29.60 -18.28
N ALA C 207 -59.08 -28.87 -18.11
CA ALA C 207 -59.19 -27.55 -18.70
C ALA C 207 -58.18 -26.56 -18.09
N ASP C 208 -57.76 -26.82 -16.84
CA ASP C 208 -56.60 -26.11 -16.25
C ASP C 208 -55.55 -25.93 -17.35
N LEU C 209 -55.42 -26.94 -18.21
CA LEU C 209 -54.36 -26.94 -19.18
C LEU C 209 -54.38 -25.70 -20.01
N ILE C 210 -55.57 -25.17 -20.28
CA ILE C 210 -55.73 -24.04 -21.18
C ILE C 210 -55.01 -22.85 -20.56
N ILE C 211 -55.27 -22.59 -19.29
CA ILE C 211 -54.72 -21.45 -18.60
C ILE C 211 -53.22 -21.59 -18.55
N LEU C 212 -52.76 -22.78 -18.22
CA LEU C 212 -51.35 -23.11 -18.30
C LEU C 212 -50.83 -22.90 -19.71
N GLY C 213 -51.61 -23.35 -20.71
CA GLY C 213 -51.30 -23.08 -22.10
C GLY C 213 -51.02 -21.59 -22.24
N LEU C 214 -51.95 -20.78 -21.75
CA LEU C 214 -51.86 -19.35 -21.95
C LEU C 214 -50.66 -18.73 -21.22
N SER C 215 -50.28 -19.32 -20.07
CA SER C 215 -49.23 -18.74 -19.21
C SER C 215 -47.86 -18.73 -19.86
N THR C 216 -47.68 -19.57 -20.86
CA THR C 216 -46.38 -19.61 -21.48
C THR C 216 -46.14 -18.37 -22.32
N HIS C 217 -47.20 -17.73 -22.78
CA HIS C 217 -47.12 -16.62 -23.76
C HIS C 217 -46.43 -17.01 -25.07
N ASP C 218 -46.60 -18.27 -25.47
CA ASP C 218 -46.17 -18.74 -26.77
C ASP C 218 -47.39 -18.78 -27.70
N HIS C 219 -47.34 -18.04 -28.81
CA HIS C 219 -48.55 -17.81 -29.64
C HIS C 219 -49.11 -19.04 -30.35
N HIS C 220 -48.26 -19.80 -31.02
CA HIS C 220 -48.75 -20.97 -31.78
C HIS C 220 -48.81 -22.13 -30.84
N PHE C 221 -49.88 -22.15 -30.06
CA PHE C 221 -50.03 -23.13 -29.01
C PHE C 221 -51.41 -23.70 -29.13
N CYS C 222 -51.49 -25.02 -29.02
CA CYS C 222 -52.75 -25.71 -28.99
C CYS C 222 -52.90 -26.67 -27.86
N LEU C 223 -54.15 -26.93 -27.49
CA LEU C 223 -54.47 -28.07 -26.62
C LEU C 223 -55.20 -29.21 -27.37
N LEU C 224 -54.65 -30.41 -27.39
CA LEU C 224 -55.38 -31.53 -27.98
C LEU C 224 -56.39 -32.09 -26.95
N ARG C 225 -57.67 -32.05 -27.29
CA ARG C 225 -58.74 -32.49 -26.38
C ARG C 225 -59.77 -33.41 -27.01
N GLU C 226 -60.36 -34.28 -26.17
CA GLU C 226 -61.50 -35.10 -26.57
C GLU C 226 -62.83 -34.36 -26.32
N GLU C 227 -63.88 -34.71 -27.05
CA GLU C 227 -65.20 -34.05 -26.97
C GLU C 227 -65.78 -34.02 -25.56
N VAL C 228 -66.60 -33.00 -25.28
CA VAL C 228 -67.44 -32.89 -24.04
C VAL C 228 -68.95 -32.55 -24.40
N THR C 229 -69.55 -33.39 -25.26
CA THR C 229 -70.85 -33.16 -25.97
C THR C 229 -71.36 -31.72 -25.88
N THR C 239 -65.09 -46.79 -30.97
CA THR C 239 -63.66 -47.05 -31.17
C THR C 239 -62.83 -45.76 -30.92
N LEU C 240 -61.52 -45.88 -30.78
CA LEU C 240 -60.64 -44.72 -30.69
C LEU C 240 -60.55 -44.02 -32.05
N GLU C 241 -60.71 -44.78 -33.14
CA GLU C 241 -60.77 -44.21 -34.49
C GLU C 241 -62.08 -43.47 -34.84
N THR C 242 -63.11 -43.60 -34.01
CA THR C 242 -64.32 -42.80 -34.22
C THR C 242 -64.60 -41.80 -33.11
N GLN C 243 -63.82 -41.82 -32.03
CA GLN C 243 -63.88 -40.73 -31.05
C GLN C 243 -63.61 -39.41 -31.75
N ASN C 244 -64.11 -38.33 -31.19
CA ASN C 244 -63.89 -37.01 -31.74
C ASN C 244 -62.79 -36.30 -30.95
N PHE C 245 -61.83 -35.73 -31.67
CA PHE C 245 -60.77 -34.92 -31.06
C PHE C 245 -60.83 -33.49 -31.60
N PHE C 246 -60.41 -32.54 -30.77
CA PHE C 246 -60.46 -31.11 -31.05
C PHE C 246 -59.14 -30.45 -30.72
N LEU C 247 -58.64 -29.59 -31.61
CA LEU C 247 -57.56 -28.66 -31.26
C LEU C 247 -58.13 -27.37 -30.70
N LEU C 248 -57.86 -27.06 -29.43
CA LEU C 248 -58.21 -25.75 -28.92
C LEU C 248 -57.05 -24.80 -29.24
N HIS C 249 -57.37 -23.66 -29.87
CA HIS C 249 -56.35 -22.78 -30.44
C HIS C 249 -55.99 -21.54 -29.64
N LEU C 250 -54.78 -21.51 -29.10
CA LEU C 250 -54.40 -20.41 -28.24
C LEU C 250 -54.18 -19.13 -29.07
N SER C 251 -53.65 -19.25 -30.28
CA SER C 251 -53.43 -18.08 -31.11
C SER C 251 -54.68 -17.23 -31.17
N ILE C 252 -55.84 -17.86 -31.38
CA ILE C 252 -57.10 -17.09 -31.56
C ILE C 252 -57.73 -16.74 -30.22
N LEU C 253 -57.63 -17.63 -29.24
CA LEU C 253 -58.16 -17.30 -27.91
C LEU C 253 -57.41 -16.06 -27.39
N ARG C 254 -56.08 -16.03 -27.56
CA ARG C 254 -55.31 -14.82 -27.24
C ARG C 254 -55.94 -13.54 -27.86
N GLU C 255 -56.26 -13.60 -29.15
CA GLU C 255 -56.96 -12.53 -29.82
C GLU C 255 -58.30 -12.14 -29.15
N TYR C 256 -59.23 -13.09 -29.05
CA TYR C 256 -60.50 -12.83 -28.32
C TYR C 256 -60.25 -12.17 -26.97
N LEU C 257 -59.25 -12.67 -26.25
CA LEU C 257 -58.89 -12.11 -24.98
C LEU C 257 -58.43 -10.69 -25.11
N ALA C 258 -57.78 -10.35 -26.24
CA ALA C 258 -57.30 -8.99 -26.45
C ALA C 258 -58.48 -8.04 -26.68
N LEU C 259 -59.41 -8.45 -27.53
CA LEU C 259 -60.61 -7.67 -27.74
C LEU C 259 -61.33 -7.46 -26.43
N GLU C 260 -61.26 -8.48 -25.58
CA GLU C 260 -62.07 -8.53 -24.38
C GLU C 260 -61.65 -7.48 -23.40
N PHE C 261 -60.36 -7.19 -23.34
CA PHE C 261 -59.86 -6.20 -22.41
C PHE C 261 -59.47 -4.92 -23.14
N GLU C 262 -59.66 -4.85 -24.44
CA GLU C 262 -59.13 -3.67 -25.14
C GLU C 262 -59.73 -2.38 -24.57
N GLU C 263 -61.04 -2.39 -24.31
CA GLU C 263 -61.71 -1.22 -23.80
C GLU C 263 -60.95 -0.49 -22.65
N ILE C 264 -60.33 -1.25 -21.74
CA ILE C 264 -59.59 -0.64 -20.64
C ILE C 264 -58.59 0.40 -21.06
N THR C 265 -58.00 0.23 -22.26
CA THR C 265 -56.70 0.84 -22.64
C THR C 265 -56.50 2.29 -22.19
N ASP C 266 -57.55 3.10 -22.29
CA ASP C 266 -57.46 4.52 -21.99
C ASP C 266 -57.71 4.92 -20.53
N SER C 267 -58.43 4.08 -19.79
CA SER C 267 -58.68 4.31 -18.35
C SER C 267 -57.63 3.77 -17.36
N VAL C 268 -56.84 2.75 -17.72
CA VAL C 268 -55.75 2.28 -16.86
C VAL C 268 -54.70 3.36 -16.53
N GLN C 269 -54.22 3.35 -15.28
CA GLN C 269 -53.37 4.39 -14.71
C GLN C 269 -51.90 4.04 -14.79
N PHE C 270 -51.57 3.28 -15.84
CA PHE C 270 -50.26 2.69 -16.06
C PHE C 270 -50.23 2.32 -17.53
N GLU C 271 -49.15 1.77 -18.06
CA GLU C 271 -49.21 1.45 -19.48
C GLU C 271 -49.90 0.12 -19.75
N TYR C 272 -50.95 0.16 -20.57
CA TYR C 272 -51.71 -1.03 -20.92
C TYR C 272 -50.78 -1.94 -21.67
N ASP C 273 -50.71 -3.20 -21.26
CA ASP C 273 -49.91 -4.22 -21.95
C ASP C 273 -50.71 -5.49 -22.00
N PHE C 274 -50.86 -6.05 -23.19
CA PHE C 274 -51.69 -7.22 -23.28
C PHE C 274 -51.15 -8.38 -22.46
N GLU C 275 -49.91 -8.79 -22.71
CA GLU C 275 -49.32 -9.92 -21.99
C GLU C 275 -49.51 -9.76 -20.47
N ARG C 276 -49.20 -8.56 -19.97
CA ARG C 276 -49.38 -8.26 -18.55
C ARG C 276 -50.84 -8.38 -18.11
N VAL C 277 -51.78 -7.87 -18.88
CA VAL C 277 -53.20 -8.07 -18.53
C VAL C 277 -53.58 -9.53 -18.61
N LEU C 278 -53.05 -10.26 -19.57
CA LEU C 278 -53.34 -11.67 -19.70
C LEU C 278 -52.84 -12.38 -18.47
N ASP C 279 -51.75 -11.87 -17.90
CA ASP C 279 -51.18 -12.49 -16.71
C ASP C 279 -52.10 -12.32 -15.54
N ASP C 280 -52.61 -11.12 -15.35
CA ASP C 280 -53.51 -10.86 -14.23
C ASP C 280 -54.77 -11.73 -14.31
N PHE C 281 -55.23 -11.94 -15.54
CA PHE C 281 -56.39 -12.78 -15.81
C PHE C 281 -56.13 -14.20 -15.39
N ILE C 282 -54.92 -14.67 -15.67
CA ILE C 282 -54.55 -16.02 -15.31
C ILE C 282 -54.61 -16.15 -13.80
N PHE C 283 -54.03 -15.17 -13.09
CA PHE C 283 -54.11 -15.14 -11.63
C PHE C 283 -55.54 -15.19 -11.14
N VAL C 284 -56.41 -14.40 -11.80
CA VAL C 284 -57.81 -14.30 -11.41
C VAL C 284 -58.43 -15.66 -11.50
N LEU C 285 -58.34 -16.26 -12.70
CA LEU C 285 -58.86 -17.63 -12.94
C LEU C 285 -58.37 -18.60 -11.88
N PHE C 286 -57.06 -18.56 -11.65
CA PHE C 286 -56.46 -19.35 -10.59
C PHE C 286 -57.09 -19.10 -9.25
N THR C 287 -57.42 -17.85 -8.90
CA THR C 287 -58.11 -17.57 -7.65
C THR C 287 -59.54 -18.18 -7.63
N ILE C 288 -60.21 -18.16 -8.79
CA ILE C 288 -61.57 -18.73 -8.89
C ILE C 288 -61.55 -20.26 -8.67
N GLY C 289 -60.47 -20.89 -9.09
CA GLY C 289 -60.34 -22.31 -8.95
C GLY C 289 -58.92 -22.72 -9.25
N ASN C 290 -58.41 -23.65 -8.44
CA ASN C 290 -57.13 -24.32 -8.62
C ASN C 290 -57.15 -25.67 -7.87
N ASP C 291 -56.24 -26.58 -8.18
CA ASP C 291 -56.36 -27.91 -7.63
C ASP C 291 -55.77 -28.02 -6.24
N PHE C 292 -55.18 -26.94 -5.73
CA PHE C 292 -54.47 -26.94 -4.42
C PHE C 292 -55.15 -26.11 -3.27
N LEU C 293 -56.40 -25.73 -3.41
CA LEU C 293 -57.08 -24.91 -2.39
C LEU C 293 -58.56 -25.18 -2.59
N PRO C 294 -59.34 -25.20 -1.50
CA PRO C 294 -60.77 -25.48 -1.75
C PRO C 294 -61.45 -24.22 -2.24
N ASN C 295 -62.39 -24.36 -3.15
CA ASN C 295 -62.98 -23.19 -3.81
C ASN C 295 -63.61 -22.17 -2.86
N LEU C 296 -63.30 -20.90 -3.03
CA LEU C 296 -64.05 -19.85 -2.33
C LEU C 296 -65.55 -20.11 -2.51
N PRO C 297 -66.34 -19.94 -1.42
CA PRO C 297 -67.72 -20.41 -1.44
C PRO C 297 -68.68 -19.43 -2.10
N ASP C 298 -69.82 -19.96 -2.52
CA ASP C 298 -70.91 -19.16 -3.09
C ASP C 298 -70.53 -18.25 -4.26
N LEU C 299 -69.52 -18.66 -5.03
CA LEU C 299 -69.32 -18.16 -6.40
C LEU C 299 -70.24 -19.08 -7.20
N HIS C 300 -71.34 -18.53 -7.70
CA HIS C 300 -72.31 -19.39 -8.34
C HIS C 300 -71.93 -19.59 -9.82
N LEU C 301 -70.81 -20.29 -10.03
CA LEU C 301 -70.31 -20.43 -11.37
C LEU C 301 -71.25 -21.21 -12.29
N LYS C 302 -71.98 -22.17 -11.75
CA LYS C 302 -72.95 -22.89 -12.54
C LYS C 302 -74.27 -22.13 -12.61
N LYS C 303 -74.38 -21.05 -11.84
CA LYS C 303 -75.57 -20.20 -11.88
C LYS C 303 -75.33 -18.90 -12.65
N GLY C 304 -74.24 -18.88 -13.44
CA GLY C 304 -73.95 -17.82 -14.42
C GLY C 304 -73.23 -16.58 -13.93
N ALA C 305 -72.61 -16.69 -12.77
CA ALA C 305 -71.85 -15.58 -12.18
C ALA C 305 -70.55 -15.24 -12.92
N PHE C 306 -70.10 -16.12 -13.82
CA PHE C 306 -68.83 -15.90 -14.53
C PHE C 306 -68.62 -14.52 -15.12
N PRO C 307 -69.55 -14.04 -15.97
CA PRO C 307 -69.34 -12.72 -16.57
C PRO C 307 -69.21 -11.65 -15.50
N VAL C 308 -70.01 -11.71 -14.44
CA VAL C 308 -69.88 -10.77 -13.33
C VAL C 308 -68.47 -10.77 -12.73
N LEU C 309 -67.94 -11.95 -12.40
CA LEU C 309 -66.60 -12.06 -11.84
C LEU C 309 -65.59 -11.51 -12.84
N LEU C 310 -65.82 -11.81 -14.12
CA LEU C 310 -64.99 -11.27 -15.16
C LEU C 310 -65.02 -9.75 -15.13
N GLN C 311 -66.20 -9.19 -15.01
CA GLN C 311 -66.33 -7.74 -15.05
C GLN C 311 -65.66 -7.11 -13.82
N THR C 312 -65.85 -7.76 -12.68
CA THR C 312 -65.13 -7.43 -11.46
C THR C 312 -63.65 -7.14 -11.74
N PHE C 313 -62.92 -8.11 -12.26
CA PHE C 313 -61.54 -7.93 -12.66
C PHE C 313 -61.35 -6.70 -13.57
N LYS C 314 -62.17 -6.60 -14.63
CA LYS C 314 -62.01 -5.55 -15.63
C LYS C 314 -62.09 -4.21 -14.91
N GLU C 315 -63.09 -4.13 -14.06
CA GLU C 315 -63.37 -2.92 -13.31
C GLU C 315 -62.20 -2.63 -12.37
N ALA C 316 -61.70 -3.69 -11.73
CA ALA C 316 -60.68 -3.56 -10.70
C ALA C 316 -59.37 -3.15 -11.31
N LEU C 317 -59.21 -3.48 -12.57
CA LEU C 317 -57.97 -3.19 -13.24
C LEU C 317 -57.86 -1.69 -13.49
N GLN C 318 -59.00 -1.01 -13.57
CA GLN C 318 -59.03 0.40 -13.88
C GLN C 318 -58.73 1.32 -12.69
N HIS C 319 -58.81 0.83 -11.45
CA HIS C 319 -58.44 1.68 -10.30
C HIS C 319 -57.20 1.24 -9.51
N MET C 320 -56.09 1.02 -10.20
CA MET C 320 -54.82 0.64 -9.53
C MET C 320 -53.63 1.20 -10.30
N ASP C 321 -52.44 1.09 -9.70
CA ASP C 321 -51.23 1.76 -10.20
C ASP C 321 -50.39 0.85 -11.08
N GLY C 322 -50.52 -0.45 -10.91
CA GLY C 322 -49.88 -1.36 -11.83
C GLY C 322 -50.63 -2.67 -11.73
N TYR C 323 -50.06 -3.73 -12.29
CA TYR C 323 -50.71 -5.02 -12.32
C TYR C 323 -50.64 -5.80 -11.02
N ILE C 324 -51.55 -6.76 -10.88
CA ILE C 324 -51.59 -7.61 -9.71
C ILE C 324 -50.49 -8.65 -9.75
N ASN C 325 -50.26 -9.25 -10.93
CA ASN C 325 -49.43 -10.46 -11.08
C ASN C 325 -48.11 -10.16 -11.77
N GLU C 326 -47.05 -10.11 -10.97
CA GLU C 326 -45.75 -9.74 -11.49
C GLU C 326 -44.92 -10.97 -11.69
N GLN C 327 -45.15 -11.62 -12.82
CA GLN C 327 -44.40 -12.83 -13.23
C GLN C 327 -44.49 -13.96 -12.18
N GLY C 328 -45.61 -14.01 -11.48
CA GLY C 328 -45.74 -14.97 -10.42
C GLY C 328 -45.97 -14.31 -9.07
N LYS C 329 -45.17 -13.30 -8.73
CA LYS C 329 -45.28 -12.63 -7.43
C LYS C 329 -46.55 -11.77 -7.35
N ILE C 330 -47.39 -12.05 -6.36
CA ILE C 330 -48.68 -11.38 -6.28
C ILE C 330 -48.56 -10.11 -5.46
N ASN C 331 -48.96 -8.98 -6.03
CA ASN C 331 -49.04 -7.71 -5.29
C ASN C 331 -50.29 -7.68 -4.39
N LEU C 332 -50.09 -7.90 -3.08
CA LEU C 332 -51.21 -7.99 -2.12
C LEU C 332 -52.07 -6.73 -2.05
N ALA C 333 -51.42 -5.56 -2.10
CA ALA C 333 -52.08 -4.24 -2.10
C ALA C 333 -53.02 -4.02 -3.28
N ARG C 334 -52.71 -4.68 -4.39
CA ARG C 334 -53.49 -4.56 -5.61
C ARG C 334 -54.57 -5.59 -5.60
N PHE C 335 -54.20 -6.81 -5.17
CA PHE C 335 -55.18 -7.83 -4.88
C PHE C 335 -56.32 -7.26 -4.02
N SER C 336 -55.98 -6.41 -3.04
CA SER C 336 -56.97 -5.72 -2.20
C SER C 336 -58.13 -5.06 -2.97
N ILE C 337 -57.79 -4.28 -3.99
CA ILE C 337 -58.80 -3.53 -4.71
C ILE C 337 -59.86 -4.53 -5.22
N TRP C 338 -59.39 -5.51 -5.99
CA TRP C 338 -60.22 -6.54 -6.61
C TRP C 338 -61.01 -7.36 -5.60
N LEU C 339 -60.45 -7.53 -4.42
CA LEU C 339 -61.12 -8.32 -3.41
C LEU C 339 -62.43 -7.63 -2.96
N LYS C 340 -62.42 -6.30 -2.96
CA LYS C 340 -63.57 -5.56 -2.49
C LYS C 340 -64.75 -5.87 -3.36
N TYR C 341 -64.54 -5.92 -4.68
CA TYR C 341 -65.63 -6.20 -5.63
C TYR C 341 -66.15 -7.59 -5.41
N LEU C 342 -65.23 -8.51 -5.10
CA LEU C 342 -65.60 -9.87 -4.65
C LEU C 342 -66.42 -9.91 -3.33
N SER C 343 -66.07 -9.04 -2.39
CA SER C 343 -66.79 -8.90 -1.12
C SER C 343 -68.20 -8.41 -1.35
N ASP C 344 -68.32 -7.29 -2.05
CA ASP C 344 -69.63 -6.81 -2.43
C ASP C 344 -70.37 -7.94 -3.13
N PHE C 345 -69.80 -8.46 -4.21
CA PHE C 345 -70.36 -9.61 -4.87
C PHE C 345 -70.93 -10.63 -3.86
N GLU C 346 -70.20 -10.93 -2.78
CA GLU C 346 -70.69 -11.89 -1.79
C GLU C 346 -71.85 -11.35 -0.99
N TYR C 347 -71.78 -10.08 -0.63
CA TYR C 347 -72.87 -9.43 0.14
C TYR C 347 -74.22 -9.47 -0.60
N LEU C 348 -74.25 -8.92 -1.81
CA LEU C 348 -75.48 -8.87 -2.57
C LEU C 348 -76.04 -10.26 -2.81
N ASN C 349 -75.16 -11.22 -3.00
CA ASN C 349 -75.61 -12.57 -3.30
C ASN C 349 -76.22 -13.25 -2.12
N PHE C 350 -76.09 -12.61 -0.97
CA PHE C 350 -76.66 -13.16 0.26
C PHE C 350 -78.12 -12.68 0.40
N GLU C 351 -78.47 -11.61 -0.34
CA GLU C 351 -79.86 -11.08 -0.43
C GLU C 351 -80.79 -11.83 -1.41
N LYS C 352 -80.20 -12.75 -2.20
CA LYS C 352 -80.96 -13.60 -3.11
C LYS C 352 -80.88 -15.06 -2.67
N LYS C 353 -82.03 -15.71 -2.61
CA LYS C 353 -82.10 -17.17 -2.47
C LYS C 353 -82.39 -17.74 -3.86
N ASP C 354 -83.26 -17.03 -4.58
CA ASP C 354 -83.55 -17.30 -5.97
C ASP C 354 -82.45 -16.59 -6.74
N ILE C 355 -81.28 -17.25 -6.85
CA ILE C 355 -80.07 -16.73 -7.54
C ILE C 355 -79.85 -17.40 -8.89
N ASP C 356 -80.40 -16.80 -9.94
CA ASP C 356 -80.26 -17.40 -11.26
C ASP C 356 -79.55 -16.49 -12.24
N VAL C 357 -79.61 -16.89 -13.50
CA VAL C 357 -78.96 -16.19 -14.58
C VAL C 357 -79.52 -14.79 -14.62
N GLU C 358 -80.85 -14.70 -14.61
CA GLU C 358 -81.53 -13.42 -14.64
C GLU C 358 -80.83 -12.48 -13.67
N TRP C 359 -80.67 -12.93 -12.43
CA TRP C 359 -80.06 -12.15 -11.36
C TRP C 359 -78.70 -11.56 -11.72
N PHE C 360 -77.79 -12.42 -12.17
CA PHE C 360 -76.45 -11.99 -12.44
C PHE C 360 -76.40 -11.15 -13.68
N ASN C 361 -77.38 -11.32 -14.56
CA ASN C 361 -77.41 -10.48 -15.76
C ASN C 361 -77.64 -9.03 -15.34
N GLN C 362 -78.45 -8.82 -14.30
CA GLN C 362 -78.72 -7.48 -13.78
C GLN C 362 -77.48 -6.90 -13.10
N GLN C 363 -76.92 -7.63 -12.13
CA GLN C 363 -75.73 -7.16 -11.42
C GLN C 363 -74.62 -6.63 -12.36
N LEU C 364 -74.27 -7.41 -13.39
CA LEU C 364 -73.33 -6.98 -14.42
C LEU C 364 -73.61 -5.60 -14.95
N GLU C 365 -74.89 -5.33 -15.19
CA GLU C 365 -75.39 -4.02 -15.61
C GLU C 365 -75.16 -2.97 -14.51
N ASN C 366 -75.40 -3.36 -13.25
CA ASN C 366 -75.12 -2.52 -12.09
C ASN C 366 -73.63 -2.22 -11.99
N ILE C 367 -72.83 -3.29 -11.93
CA ILE C 367 -71.34 -3.22 -11.82
C ILE C 367 -70.72 -2.37 -12.95
N SER C 368 -71.18 -2.60 -14.18
CA SER C 368 -70.71 -1.79 -15.30
C SER C 368 -71.03 -0.31 -15.02
N LEU C 369 -72.29 -0.01 -14.67
CA LEU C 369 -72.74 1.36 -14.41
C LEU C 369 -72.05 2.02 -13.21
N GLU C 370 -71.94 1.31 -12.09
CA GLU C 370 -71.24 1.85 -10.92
C GLU C 370 -69.80 2.16 -11.32
N GLY C 371 -69.27 1.45 -12.30
CA GLY C 371 -67.90 1.71 -12.73
C GLY C 371 -67.84 2.98 -13.55
N GLU C 372 -68.76 3.10 -14.48
CA GLU C 372 -68.87 4.30 -15.28
C GLU C 372 -69.03 5.52 -14.37
N ARG C 373 -69.95 5.40 -13.40
CA ARG C 373 -70.26 6.45 -12.44
C ARG C 373 -69.05 6.84 -11.59
N LYS C 374 -68.38 5.87 -10.95
CA LYS C 374 -67.14 6.08 -10.14
C LYS C 374 -65.99 6.77 -10.90
N ARG C 375 -65.89 6.43 -12.19
CA ARG C 375 -64.87 6.99 -13.06
C ARG C 375 -65.17 8.42 -13.49
N THR C 376 -66.45 8.79 -13.51
CA THR C 376 -66.85 10.16 -13.87
C THR C 376 -66.73 11.06 -12.65
N ARG C 377 -67.08 10.51 -11.50
CA ARG C 377 -67.02 11.23 -10.23
C ARG C 377 -65.58 11.36 -9.79
N MET C 378 -64.68 11.26 -10.77
CA MET C 378 -63.25 11.30 -10.57
C MET C 378 -62.57 12.20 -11.60
N GLY C 379 -63.22 12.32 -12.76
CA GLY C 379 -62.95 13.41 -13.67
C GLY C 379 -63.39 14.66 -12.93
N LYS C 380 -64.45 14.52 -12.11
CA LYS C 380 -64.93 15.58 -11.24
C LYS C 380 -63.87 16.00 -10.21
N LYS C 381 -63.50 15.08 -9.32
CA LYS C 381 -62.55 15.36 -8.24
C LYS C 381 -61.23 15.95 -8.76
N LEU C 382 -60.73 15.42 -9.87
CA LEU C 382 -59.52 15.91 -10.48
C LEU C 382 -59.72 17.31 -11.05
N LEU C 383 -60.84 17.55 -11.74
CA LEU C 383 -61.12 18.86 -12.31
C LEU C 383 -61.17 19.90 -11.20
N MET C 384 -61.70 19.46 -10.06
CA MET C 384 -61.69 20.23 -8.81
C MET C 384 -60.29 20.67 -8.38
N LYS C 385 -59.37 19.71 -8.31
CA LYS C 385 -57.99 19.92 -7.86
C LYS C 385 -57.28 20.85 -8.84
N GLN C 386 -57.58 20.64 -10.12
CA GLN C 386 -56.93 21.41 -11.16
C GLN C 386 -57.44 22.85 -11.09
N GLN C 387 -58.58 23.05 -10.42
CA GLN C 387 -59.13 24.39 -10.20
C GLN C 387 -58.64 25.03 -8.92
N LYS C 388 -58.35 24.22 -7.90
CA LYS C 388 -57.90 24.78 -6.62
C LYS C 388 -56.42 25.13 -6.68
N LYS C 389 -55.74 24.64 -7.73
CA LYS C 389 -54.38 25.06 -8.03
C LYS C 389 -54.43 26.39 -8.81
N LEU C 390 -55.26 26.40 -9.84
CA LEU C 390 -55.32 27.53 -10.72
C LEU C 390 -55.40 28.86 -9.97
N ILE C 391 -56.30 28.98 -8.99
CA ILE C 391 -56.42 30.23 -8.21
C ILE C 391 -55.22 30.39 -7.30
N GLY C 392 -54.84 29.32 -6.60
CA GLY C 392 -53.64 29.29 -5.74
C GLY C 392 -52.41 29.84 -6.46
N ALA C 393 -52.28 29.47 -7.72
CA ALA C 393 -51.36 30.12 -8.63
C ALA C 393 -51.80 31.56 -8.89
N VAL C 394 -53.01 31.75 -9.39
CA VAL C 394 -53.45 33.04 -9.90
C VAL C 394 -53.55 34.15 -8.83
N LYS C 395 -54.06 33.79 -7.65
CA LYS C 395 -54.26 34.71 -6.49
C LYS C 395 -53.09 35.73 -6.31
N PRO C 396 -51.89 35.26 -5.92
CA PRO C 396 -50.78 36.15 -5.58
C PRO C 396 -50.31 37.00 -6.75
N TRP C 397 -50.38 36.46 -7.96
CA TRP C 397 -50.12 37.24 -9.18
C TRP C 397 -51.15 38.34 -9.41
N LEU C 398 -52.43 37.97 -9.36
CA LEU C 398 -53.52 38.84 -9.77
C LEU C 398 -53.57 40.03 -8.83
N LEU C 399 -53.23 39.79 -7.56
CA LEU C 399 -53.25 40.83 -6.53
C LEU C 399 -52.21 41.92 -6.76
N LYS C 400 -50.94 41.52 -6.88
CA LYS C 400 -49.86 42.46 -7.24
C LYS C 400 -50.15 43.19 -8.57
N THR C 401 -50.57 42.44 -9.59
CA THR C 401 -50.92 43.06 -10.85
C THR C 401 -51.99 44.08 -10.56
N VAL C 402 -52.92 43.70 -9.71
CA VAL C 402 -54.01 44.58 -9.33
C VAL C 402 -53.57 45.79 -8.46
N GLN C 403 -52.56 45.58 -7.61
CA GLN C 403 -52.06 46.58 -6.66
C GLN C 403 -51.52 47.86 -7.27
N ARG C 404 -51.73 48.07 -8.57
CA ARG C 404 -51.34 49.32 -9.24
C ARG C 404 -52.53 50.20 -9.66
N LYS C 405 -52.32 51.51 -9.74
CA LYS C 405 -53.29 52.41 -10.35
C LYS C 405 -52.93 52.53 -11.82
N VAL C 406 -53.93 52.63 -12.70
CA VAL C 406 -53.67 52.76 -14.15
C VAL C 406 -53.67 54.21 -14.61
N THR C 407 -52.89 54.50 -15.64
CA THR C 407 -52.88 55.83 -16.25
C THR C 407 -53.09 55.75 -17.78
N SER C 408 -52.01 55.89 -18.54
CA SER C 408 -52.07 55.67 -19.98
C SER C 408 -50.69 55.35 -20.56
N ASP C 412 -50.11 47.19 -20.96
CA ASP C 412 -50.07 45.72 -21.14
C ASP C 412 -48.72 45.14 -20.78
N ALA C 413 -47.75 45.38 -21.65
CA ALA C 413 -46.35 45.15 -21.33
C ALA C 413 -45.88 45.85 -20.02
N ASP C 414 -46.71 46.74 -19.46
CA ASP C 414 -46.43 47.36 -18.18
C ASP C 414 -46.82 46.45 -17.02
N PHE C 415 -47.33 45.25 -17.35
CA PHE C 415 -47.84 44.29 -16.39
C PHE C 415 -47.25 42.92 -16.68
N GLU C 416 -47.21 42.05 -15.68
CA GLU C 416 -46.82 40.66 -15.91
C GLU C 416 -48.05 39.80 -16.30
N ILE C 417 -47.73 38.70 -16.96
CA ILE C 417 -48.64 37.91 -17.73
C ILE C 417 -48.61 36.51 -17.08
N PHE C 418 -49.70 35.74 -17.09
CA PHE C 418 -49.70 34.48 -16.33
C PHE C 418 -49.76 33.21 -17.20
N PRO C 419 -48.61 32.73 -17.70
CA PRO C 419 -48.56 31.62 -18.65
C PRO C 419 -49.28 30.39 -18.21
N LEU C 420 -50.02 29.80 -19.13
CA LEU C 420 -50.66 28.52 -18.92
C LEU C 420 -49.84 27.50 -19.70
N GLU C 421 -49.41 26.45 -19.01
CA GLU C 421 -48.46 25.51 -19.57
C GLU C 421 -49.15 24.41 -20.36
N ASP C 422 -50.06 23.69 -19.70
CA ASP C 422 -50.68 22.54 -20.32
C ASP C 422 -51.74 22.93 -21.33
N LYS C 423 -51.36 22.97 -22.59
CA LYS C 423 -52.21 23.51 -23.63
C LYS C 423 -53.51 22.70 -23.83
N GLU C 424 -53.41 21.37 -23.89
CA GLU C 424 -54.59 20.54 -24.14
C GLU C 424 -55.64 20.64 -23.02
N LEU C 425 -55.18 20.71 -21.77
CA LEU C 425 -56.07 20.85 -20.62
C LEU C 425 -56.68 22.23 -20.63
N VAL C 426 -55.89 23.19 -21.07
CA VAL C 426 -56.39 24.50 -21.35
C VAL C 426 -57.53 24.41 -22.35
N ARG C 427 -57.28 24.07 -23.61
CA ARG C 427 -58.41 24.01 -24.58
C ARG C 427 -59.29 22.78 -24.35
N ALA C 428 -60.19 22.88 -23.38
CA ALA C 428 -60.92 21.71 -22.87
C ALA C 428 -61.64 22.15 -21.62
N ASN C 429 -61.24 23.33 -21.14
CA ASN C 429 -61.95 24.04 -20.10
C ASN C 429 -62.04 25.53 -20.42
N LEU C 430 -61.82 25.89 -21.70
CA LEU C 430 -61.92 27.30 -22.15
C LEU C 430 -63.09 28.01 -21.48
N ASP C 431 -64.27 27.41 -21.59
CA ASP C 431 -65.48 28.02 -21.10
C ASP C 431 -65.30 28.39 -19.65
N PHE C 432 -64.76 27.46 -18.85
CA PHE C 432 -64.48 27.77 -17.46
C PHE C 432 -63.47 28.92 -17.36
N LEU C 433 -62.35 28.80 -18.08
CA LEU C 433 -61.30 29.84 -18.11
C LEU C 433 -61.79 31.23 -18.57
N LYS C 434 -62.52 31.29 -19.68
CA LYS C 434 -63.06 32.57 -20.18
C LYS C 434 -64.05 33.22 -19.19
N GLU C 435 -64.61 32.41 -18.29
CA GLU C 435 -65.50 32.85 -17.20
C GLU C 435 -64.67 33.26 -15.97
N PHE C 436 -63.63 32.48 -15.73
CA PHE C 436 -62.60 32.79 -14.76
C PHE C 436 -61.94 34.12 -15.14
N ALA C 437 -61.63 34.28 -16.43
CA ALA C 437 -61.14 35.55 -16.95
C ALA C 437 -62.08 36.70 -16.62
N PHE C 438 -63.28 36.70 -17.22
CA PHE C 438 -64.32 37.70 -16.95
C PHE C 438 -64.42 38.01 -15.45
N ASP C 439 -64.85 37.02 -14.65
CA ASP C 439 -65.04 37.19 -13.19
C ASP C 439 -63.88 37.87 -12.46
N LEU C 440 -62.67 37.58 -12.92
CA LEU C 440 -61.45 38.06 -12.26
C LEU C 440 -60.83 39.28 -12.88
N GLY C 441 -61.32 39.64 -14.06
CA GLY C 441 -60.98 40.93 -14.66
C GLY C 441 -59.74 40.77 -15.47
N LEU C 442 -59.54 39.53 -15.93
CA LEU C 442 -58.49 39.15 -16.88
C LEU C 442 -58.97 38.98 -18.31
N ILE C 443 -58.07 38.45 -19.13
CA ILE C 443 -58.29 38.10 -20.52
C ILE C 443 -57.46 36.84 -20.82
N LEU C 444 -58.13 35.79 -21.28
CA LEU C 444 -57.42 34.59 -21.69
C LEU C 444 -56.93 34.74 -23.13
N ALA C 445 -55.67 35.13 -23.30
CA ALA C 445 -55.06 35.31 -24.61
C ALA C 445 -54.17 34.15 -25.06
N HIS C 446 -53.75 34.22 -26.32
CA HIS C 446 -52.83 33.25 -26.91
C HIS C 446 -52.14 33.78 -28.15
N SER C 447 -50.97 33.23 -28.40
CA SER C 447 -50.15 33.58 -29.53
C SER C 447 -50.76 33.20 -30.89
N LYS C 448 -50.29 33.88 -31.94
CA LYS C 448 -50.66 33.55 -33.31
C LYS C 448 -50.48 32.05 -33.54
N SER C 449 -49.29 31.54 -33.20
CA SER C 449 -48.95 30.12 -33.41
C SER C 449 -49.68 29.15 -32.50
N LYS C 450 -50.51 29.69 -31.62
CA LYS C 450 -51.08 28.96 -30.46
C LYS C 450 -50.05 28.18 -29.65
N ASP C 451 -48.79 28.61 -29.68
CA ASP C 451 -47.72 27.95 -28.93
C ASP C 451 -47.55 28.47 -27.51
N LEU C 452 -48.45 29.35 -27.07
CA LEU C 452 -48.36 29.94 -25.75
C LEU C 452 -49.69 30.53 -25.30
N TYR C 453 -50.28 29.97 -24.26
CA TYR C 453 -51.56 30.50 -23.73
C TYR C 453 -51.38 31.17 -22.38
N TYR C 454 -52.05 32.33 -22.18
CA TYR C 454 -51.91 33.11 -20.94
C TYR C 454 -53.07 34.00 -20.53
N PHE C 455 -53.12 34.31 -19.24
CA PHE C 455 -53.94 35.40 -18.69
C PHE C 455 -53.19 36.70 -18.69
N LYS C 456 -53.91 37.78 -18.36
CA LYS C 456 -53.38 39.15 -18.19
C LYS C 456 -54.55 40.04 -17.82
N LEU C 457 -54.27 41.21 -17.24
CA LEU C 457 -55.27 42.22 -16.88
C LEU C 457 -55.93 42.86 -18.11
N ASP C 458 -57.26 42.97 -18.04
CA ASP C 458 -58.06 43.54 -19.12
C ASP C 458 -57.91 45.05 -19.19
N LEU C 459 -57.10 45.51 -20.14
CA LEU C 459 -56.73 46.93 -20.21
C LEU C 459 -57.78 47.77 -20.92
N ASP C 460 -58.31 47.28 -22.04
CA ASP C 460 -59.39 47.97 -22.77
C ASP C 460 -60.73 47.94 -22.00
N SER C 461 -60.61 48.04 -20.67
CA SER C 461 -61.71 47.85 -19.71
C SER C 461 -61.64 48.87 -18.56
N ILE C 462 -60.50 48.92 -17.85
CA ILE C 462 -60.34 49.78 -16.65
C ILE C 462 -60.28 51.30 -16.93
N UNK C 464 -58.63 56.89 -10.97
CA UNK C 464 -59.83 57.37 -10.29
C UNK C 464 -59.80 57.18 -8.76
N UNK C 465 -60.97 57.19 -8.14
CA UNK C 465 -61.10 56.90 -6.70
C UNK C 465 -60.92 55.40 -6.39
N UNK C 466 -61.14 54.56 -7.42
CA UNK C 466 -61.13 53.08 -7.32
C UNK C 466 -59.83 52.43 -6.82
N UNK C 467 -59.62 52.57 -5.51
CA UNK C 467 -58.81 51.66 -4.71
C UNK C 467 -59.71 50.46 -4.34
N UNK C 468 -60.92 50.50 -4.89
CA UNK C 468 -61.96 49.48 -4.72
C UNK C 468 -62.05 48.52 -5.92
N UNK C 469 -61.28 48.80 -6.98
CA UNK C 469 -61.01 47.80 -8.04
C UNK C 469 -60.28 46.61 -7.44
N UNK C 470 -59.40 46.90 -6.47
CA UNK C 470 -58.76 45.86 -5.65
C UNK C 470 -59.76 45.15 -4.74
N UNK C 471 -60.60 45.91 -4.03
CA UNK C 471 -61.68 45.31 -3.23
C UNK C 471 -62.54 44.38 -4.09
N UNK C 472 -63.13 44.92 -5.16
CA UNK C 472 -64.05 44.17 -6.02
C UNK C 472 -63.30 43.17 -6.89
N UNK C 473 -62.25 42.57 -6.31
CA UNK C 473 -61.46 41.47 -6.92
C UNK C 473 -60.95 40.52 -5.85
N UNK C 474 -60.53 41.05 -4.69
CA UNK C 474 -60.17 40.24 -3.50
C UNK C 474 -61.38 39.45 -2.99
N UNK C 475 -62.57 39.98 -3.24
CA UNK C 475 -63.83 39.24 -3.08
C UNK C 475 -64.09 38.24 -4.23
N UNK C 476 -63.83 38.64 -5.48
CA UNK C 476 -64.04 37.76 -6.64
C UNK C 476 -63.21 36.44 -6.61
N UNK C 477 -62.00 36.47 -6.06
CA UNK C 477 -61.15 35.29 -5.96
C UNK C 477 -61.34 34.50 -4.64
N UNK C 478 -62.24 34.98 -3.79
CA UNK C 478 -62.65 34.25 -2.57
C UNK C 478 -63.79 33.28 -2.89
N UNK C 479 -64.48 33.57 -4.01
CA UNK C 479 -65.68 32.84 -4.46
C UNK C 479 -65.37 31.53 -5.16
N UNK C 480 -64.34 31.52 -6.01
CA UNK C 480 -63.90 30.31 -6.69
C UNK C 480 -63.33 29.38 -5.66
N UNK C 481 -62.79 29.96 -4.58
CA UNK C 481 -62.27 29.20 -3.44
C UNK C 481 -63.38 28.51 -2.60
N UNK C 482 -64.64 28.91 -2.84
CA UNK C 482 -65.81 28.25 -2.22
C UNK C 482 -66.60 27.37 -3.21
N TYR C 484 -70.21 -4.21 6.86
CA TYR C 484 -71.20 -4.15 5.79
C TYR C 484 -72.53 -4.03 6.48
N SER C 485 -72.76 -4.94 7.44
CA SER C 485 -73.99 -4.99 8.23
C SER C 485 -73.77 -5.76 9.55
N GLU C 486 -74.84 -6.44 10.01
CA GLU C 486 -74.85 -7.16 11.27
C GLU C 486 -75.55 -8.52 11.09
N ARG C 487 -76.69 -8.53 10.40
CA ARG C 487 -77.49 -9.74 10.17
C ARG C 487 -76.74 -10.70 9.25
N PHE C 488 -75.85 -10.10 8.45
CA PHE C 488 -74.96 -10.79 7.52
C PHE C 488 -73.64 -11.23 8.17
N VAL C 489 -73.07 -10.38 9.04
CA VAL C 489 -71.93 -10.79 9.85
C VAL C 489 -72.28 -12.01 10.69
N GLU C 490 -73.51 -12.07 11.20
CA GLU C 490 -74.00 -13.25 11.93
C GLU C 490 -73.96 -14.54 11.07
N TRP C 491 -74.19 -14.39 9.75
CA TRP C 491 -74.29 -15.50 8.76
C TRP C 491 -72.91 -16.00 8.31
N LYS C 492 -71.93 -15.13 8.49
CA LYS C 492 -70.52 -15.46 8.36
C LYS C 492 -70.03 -16.27 9.58
N ASP C 493 -69.86 -15.62 10.74
CA ASP C 493 -69.46 -16.32 11.98
C ASP C 493 -70.55 -17.32 12.42
N GLN C 494 -71.13 -18.00 11.43
CA GLN C 494 -72.11 -19.09 11.56
C GLN C 494 -71.63 -20.28 10.72
N TYR C 495 -70.97 -19.97 9.61
CA TYR C 495 -70.30 -20.92 8.70
C TYR C 495 -69.01 -21.50 9.33
N TYR C 496 -68.22 -20.64 9.94
CA TYR C 496 -67.04 -21.09 10.66
C TYR C 496 -67.43 -21.97 11.84
N LYS C 497 -68.66 -21.78 12.35
CA LYS C 497 -69.26 -22.72 13.30
C LYS C 497 -69.09 -24.13 12.77
N ASP C 498 -69.70 -24.38 11.61
CA ASP C 498 -69.74 -25.71 10.98
C ASP C 498 -68.39 -26.26 10.49
N LYS C 499 -67.33 -25.45 10.47
CA LYS C 499 -66.07 -25.86 9.84
C LYS C 499 -64.88 -26.01 10.78
N ASP C 506 -65.08 -16.28 15.60
CA ASP C 506 -64.88 -14.84 15.80
C ASP C 506 -63.59 -14.44 16.60
N THR C 507 -62.47 -15.13 16.35
CA THR C 507 -61.16 -14.89 17.00
C THR C 507 -60.10 -14.20 16.11
N ASP C 508 -59.20 -15.05 15.63
CA ASP C 508 -57.98 -14.71 14.87
C ASP C 508 -57.36 -16.05 14.37
N SER C 509 -57.95 -17.16 14.82
CA SER C 509 -57.92 -18.42 14.07
C SER C 509 -58.28 -18.15 12.61
N LEU C 510 -59.35 -17.39 12.40
CA LEU C 510 -59.69 -16.87 11.08
C LEU C 510 -58.53 -16.02 10.54
N LYS C 511 -57.95 -15.18 11.39
CA LYS C 511 -56.79 -14.40 10.98
C LYS C 511 -55.57 -15.29 10.85
N GLU C 512 -55.80 -16.61 10.79
CA GLU C 512 -54.71 -17.59 10.60
C GLU C 512 -55.04 -18.60 9.51
N MET C 513 -56.30 -19.02 9.44
CA MET C 513 -56.80 -19.72 8.26
C MET C 513 -56.59 -18.79 7.07
N THR C 514 -57.24 -17.64 7.13
CA THR C 514 -57.05 -16.63 6.13
C THR C 514 -55.61 -16.54 5.62
N GLU C 515 -54.64 -16.28 6.49
CA GLU C 515 -53.25 -16.13 6.05
C GLU C 515 -52.74 -17.37 5.33
N ASN C 516 -53.27 -18.53 5.69
CA ASN C 516 -52.96 -19.78 5.00
C ASN C 516 -53.45 -19.74 3.58
N TYR C 517 -54.77 -19.52 3.42
CA TYR C 517 -55.40 -19.41 2.09
C TYR C 517 -54.58 -18.55 1.12
N VAL C 518 -54.42 -17.27 1.49
CA VAL C 518 -53.63 -16.29 0.74
C VAL C 518 -52.26 -16.84 0.35
N GLY C 519 -51.48 -17.24 1.36
CA GLY C 519 -50.26 -18.00 1.14
C GLY C 519 -50.52 -19.00 0.02
N GLY C 520 -51.47 -19.90 0.27
CA GLY C 520 -51.95 -20.81 -0.75
C GLY C 520 -51.92 -20.23 -2.14
N LEU C 521 -52.65 -19.13 -2.32
CA LEU C 521 -52.71 -18.47 -3.63
C LEU C 521 -51.31 -18.27 -4.20
N GLN C 522 -50.43 -17.65 -3.40
CA GLN C 522 -49.06 -17.42 -3.80
C GLN C 522 -48.36 -18.73 -4.19
N TRP C 523 -48.50 -19.76 -3.37
CA TRP C 523 -47.86 -21.04 -3.70
C TRP C 523 -48.24 -21.39 -5.15
N VAL C 524 -49.54 -21.30 -5.45
CA VAL C 524 -50.14 -21.71 -6.72
C VAL C 524 -49.53 -20.91 -7.87
N LEU C 525 -49.49 -19.59 -7.68
CA LEU C 525 -48.88 -18.71 -8.67
C LEU C 525 -47.43 -19.06 -8.95
N TYR C 526 -46.65 -19.26 -7.89
CA TYR C 526 -45.28 -19.66 -8.06
C TYR C 526 -45.25 -21.02 -8.72
N TYR C 527 -46.20 -21.88 -8.33
CA TYR C 527 -46.21 -23.28 -8.79
C TYR C 527 -46.20 -23.27 -10.30
N TYR C 528 -47.17 -22.56 -10.85
CA TYR C 528 -47.40 -22.59 -12.28
C TYR C 528 -46.53 -21.67 -13.09
N TYR C 529 -45.97 -20.63 -12.47
CA TYR C 529 -45.07 -19.69 -13.15
C TYR C 529 -43.58 -19.92 -13.02
N ARG C 530 -43.14 -20.66 -12.01
CA ARG C 530 -41.74 -20.67 -11.68
C ARG C 530 -41.21 -22.08 -11.49
N GLY C 531 -42.15 -23.00 -11.28
CA GLY C 531 -41.84 -24.29 -10.68
C GLY C 531 -42.26 -24.28 -9.21
N CYS C 532 -42.21 -25.45 -8.60
CA CYS C 532 -42.69 -25.63 -7.25
C CYS C 532 -41.87 -24.83 -6.23
N PRO C 533 -42.51 -23.90 -5.50
CA PRO C 533 -41.83 -23.12 -4.49
C PRO C 533 -41.57 -23.89 -3.18
N SER C 534 -42.29 -25.00 -2.97
CA SER C 534 -42.16 -25.76 -1.73
C SER C 534 -42.84 -27.14 -1.82
N TRP C 535 -42.07 -28.20 -1.51
CA TRP C 535 -42.56 -29.58 -1.54
C TRP C 535 -43.31 -29.98 -0.24
N SER C 536 -43.30 -29.10 0.76
CA SER C 536 -43.87 -29.43 2.06
C SER C 536 -45.09 -28.61 2.46
N TRP C 537 -45.30 -27.47 1.80
CA TRP C 537 -46.40 -26.55 2.11
C TRP C 537 -47.80 -27.16 1.84
N TYR C 538 -48.80 -26.70 2.60
CA TYR C 538 -50.19 -27.09 2.35
C TYR C 538 -51.19 -26.22 3.08
N TYR C 539 -52.37 -26.11 2.49
CA TYR C 539 -53.51 -25.43 3.11
C TYR C 539 -54.13 -26.38 4.09
N ARG C 540 -54.22 -25.95 5.35
CA ARG C 540 -54.48 -26.87 6.47
C ARG C 540 -55.91 -27.25 6.83
N TYR C 541 -56.89 -26.65 6.16
CA TYR C 541 -58.30 -26.89 6.45
C TYR C 541 -59.01 -27.55 5.28
N HIS C 542 -60.30 -27.84 5.39
CA HIS C 542 -61.04 -28.35 4.22
C HIS C 542 -61.92 -27.27 3.59
N TYR C 543 -61.92 -26.10 4.22
CA TYR C 543 -62.82 -24.99 3.88
C TYR C 543 -62.08 -23.66 3.75
N ALA C 544 -62.38 -22.94 2.67
CA ALA C 544 -61.82 -21.63 2.44
C ALA C 544 -62.62 -20.62 3.24
N PRO C 545 -62.00 -19.47 3.61
CA PRO C 545 -62.77 -18.44 4.32
C PRO C 545 -63.78 -17.84 3.37
N ARG C 546 -64.80 -17.15 3.86
CA ARG C 546 -65.63 -16.35 2.95
C ARG C 546 -64.76 -15.27 2.29
N ILE C 547 -65.18 -14.83 1.09
CA ILE C 547 -64.44 -13.83 0.30
C ILE C 547 -64.17 -12.59 1.15
N SER C 548 -65.18 -12.21 1.92
CA SER C 548 -65.18 -10.97 2.72
C SER C 548 -64.18 -10.94 3.85
N ASP C 549 -63.53 -12.09 4.08
CA ASP C 549 -62.57 -12.29 5.18
C ASP C 549 -61.17 -12.57 4.66
N VAL C 550 -61.10 -12.94 3.38
CA VAL C 550 -59.84 -13.22 2.74
C VAL C 550 -58.95 -12.04 3.01
N ILE C 551 -59.54 -10.86 2.93
CA ILE C 551 -58.86 -9.62 3.27
C ILE C 551 -58.00 -9.76 4.54
N LYS C 552 -58.52 -10.41 5.59
CA LYS C 552 -57.84 -10.37 6.90
C LYS C 552 -56.51 -11.14 6.94
N GLY C 553 -55.96 -11.44 5.75
CA GLY C 553 -54.66 -12.14 5.63
C GLY C 553 -53.69 -11.67 4.56
N ILE C 554 -53.78 -10.42 4.12
CA ILE C 554 -52.80 -9.83 3.24
C ILE C 554 -51.67 -9.17 4.03
N ASP C 555 -51.64 -9.44 5.32
CA ASP C 555 -50.55 -8.96 6.16
C ASP C 555 -49.42 -9.97 6.36
N GLN C 556 -48.44 -9.95 5.44
CA GLN C 556 -47.27 -10.85 5.50
C GLN C 556 -46.38 -10.73 4.25
N ASN C 557 -45.08 -10.99 4.46
CA ASN C 557 -44.26 -11.47 3.36
C ASN C 557 -44.43 -12.98 3.36
N ILE C 558 -44.95 -13.50 2.24
CA ILE C 558 -45.09 -14.91 2.03
C ILE C 558 -43.71 -15.39 1.59
N GLU C 559 -43.22 -16.46 2.23
CA GLU C 559 -41.98 -17.16 1.80
C GLU C 559 -41.92 -18.65 2.10
N PHE C 560 -41.39 -19.39 1.12
CA PHE C 560 -41.36 -20.84 1.14
C PHE C 560 -39.92 -21.36 1.18
N HIS C 561 -39.74 -22.57 1.68
CA HIS C 561 -38.46 -23.24 1.55
C HIS C 561 -38.67 -24.40 0.58
N LYS C 562 -37.73 -24.58 -0.35
CA LYS C 562 -37.93 -25.53 -1.43
C LYS C 562 -38.23 -26.95 -0.92
N GLY C 563 -37.45 -27.46 0.05
CA GLY C 563 -37.72 -28.80 0.61
C GLY C 563 -37.51 -29.92 -0.41
N GLN C 564 -37.70 -31.16 0.02
CA GLN C 564 -37.43 -32.33 -0.85
C GLN C 564 -38.77 -33.05 -1.14
N PRO C 565 -38.83 -33.87 -2.21
CA PRO C 565 -40.02 -34.73 -2.30
C PRO C 565 -39.94 -35.91 -1.34
N PHE C 566 -41.08 -36.44 -0.94
CA PHE C 566 -41.13 -37.71 -0.21
C PHE C 566 -40.51 -38.79 -1.07
N LYS C 567 -40.14 -39.89 -0.42
CA LYS C 567 -39.73 -41.09 -1.14
C LYS C 567 -40.99 -41.88 -1.55
N PRO C 568 -40.92 -42.60 -2.67
CA PRO C 568 -42.10 -43.28 -3.17
C PRO C 568 -42.93 -43.97 -2.06
N PHE C 569 -42.31 -44.90 -1.30
CA PHE C 569 -43.03 -45.56 -0.21
C PHE C 569 -43.55 -44.56 0.81
N GLN C 570 -42.73 -43.61 1.23
CA GLN C 570 -43.18 -42.61 2.20
C GLN C 570 -44.50 -42.01 1.78
N GLN C 571 -44.71 -41.91 0.48
CA GLN C 571 -45.93 -41.29 -0.07
C GLN C 571 -47.10 -42.26 -0.26
N LEU C 572 -46.82 -43.54 -0.44
CA LEU C 572 -47.90 -44.53 -0.44
C LEU C 572 -48.62 -44.50 0.92
N MET C 573 -47.89 -44.74 2.01
CA MET C 573 -48.36 -44.52 3.36
C MET C 573 -49.16 -43.24 3.52
N ALA C 574 -48.75 -42.20 2.79
CA ALA C 574 -49.32 -40.87 2.93
C ALA C 574 -50.59 -40.74 2.13
N VAL C 575 -50.88 -41.74 1.31
CA VAL C 575 -51.94 -41.57 0.32
C VAL C 575 -52.87 -42.77 0.16
N LEU C 576 -52.42 -43.96 0.52
CA LEU C 576 -53.29 -45.12 0.37
C LEU C 576 -54.16 -45.30 1.61
N PRO C 577 -55.37 -45.83 1.44
CA PRO C 577 -56.16 -46.21 2.59
C PRO C 577 -55.84 -47.66 2.92
N GLU C 578 -55.87 -48.06 4.18
CA GLU C 578 -55.50 -49.44 4.50
C GLU C 578 -56.66 -50.39 4.15
N ARG C 579 -57.24 -50.09 2.99
CA ARG C 579 -58.12 -50.98 2.24
C ARG C 579 -57.38 -51.36 0.98
N SER C 580 -56.29 -50.67 0.76
CA SER C 580 -55.45 -50.81 -0.43
C SER C 580 -54.03 -51.17 0.04
N LYS C 581 -53.98 -51.77 1.22
CA LYS C 581 -52.75 -52.21 1.88
C LYS C 581 -51.89 -53.18 1.02
N ASN C 582 -52.53 -54.07 0.29
CA ASN C 582 -51.79 -55.05 -0.50
C ASN C 582 -50.84 -54.47 -1.61
N LEU C 583 -50.94 -53.16 -1.87
CA LEU C 583 -50.14 -52.45 -2.90
C LEU C 583 -48.84 -51.84 -2.38
N ILE C 584 -48.78 -51.63 -1.06
CA ILE C 584 -47.57 -51.20 -0.35
C ILE C 584 -46.84 -52.48 0.13
N PRO C 585 -45.49 -52.46 0.22
CA PRO C 585 -44.78 -53.72 0.54
C PRO C 585 -45.11 -54.30 1.91
N VAL C 586 -45.67 -55.51 1.89
CA VAL C 586 -45.87 -56.36 3.07
C VAL C 586 -45.52 -55.61 4.39
N VAL C 587 -44.28 -55.80 4.82
CA VAL C 587 -43.58 -55.07 5.90
C VAL C 587 -44.30 -53.94 6.66
N TYR C 588 -45.18 -53.19 6.01
CA TYR C 588 -45.84 -52.07 6.69
C TYR C 588 -47.28 -52.31 7.23
N ASP C 601 -53.81 -44.49 13.03
CA ASP C 601 -54.81 -43.38 13.00
C ASP C 601 -54.80 -42.41 11.76
N PHE C 602 -53.95 -42.71 10.78
CA PHE C 602 -54.04 -42.05 9.48
C PHE C 602 -54.81 -42.96 8.55
N TYR C 603 -55.65 -43.83 9.08
CA TYR C 603 -56.38 -44.76 8.24
C TYR C 603 -57.81 -45.03 8.79
N PRO C 604 -58.73 -44.03 8.67
CA PRO C 604 -60.08 -44.27 9.22
C PRO C 604 -60.69 -45.43 8.44
N ASN C 605 -61.80 -45.98 8.89
CA ASN C 605 -62.43 -47.01 8.09
C ASN C 605 -63.63 -46.56 7.25
N GLU C 606 -64.35 -45.58 7.78
CA GLU C 606 -65.52 -45.05 7.14
C GLU C 606 -65.41 -43.54 7.20
N VAL C 607 -66.11 -42.87 6.29
CA VAL C 607 -66.38 -41.42 6.37
C VAL C 607 -67.18 -40.86 5.18
N VAL C 621 -65.93 -33.35 -1.57
CA VAL C 621 -66.99 -33.37 -0.57
C VAL C 621 -66.41 -33.88 0.74
N VAL C 622 -65.54 -34.88 0.64
CA VAL C 622 -65.09 -35.73 1.75
C VAL C 622 -63.94 -35.20 2.59
N LYS C 623 -64.27 -34.88 3.83
CA LYS C 623 -63.30 -34.52 4.88
C LYS C 623 -62.56 -35.75 5.48
N ILE C 624 -61.26 -35.82 5.19
CA ILE C 624 -60.41 -36.89 5.67
C ILE C 624 -59.31 -36.28 6.57
N SER C 625 -58.81 -37.08 7.51
CA SER C 625 -57.83 -36.62 8.48
C SER C 625 -56.53 -36.17 7.82
N PHE C 626 -55.91 -35.14 8.38
CA PHE C 626 -54.58 -34.74 7.94
C PHE C 626 -53.45 -35.67 8.43
N VAL C 627 -52.52 -35.94 7.51
CA VAL C 627 -51.36 -36.80 7.77
C VAL C 627 -50.22 -35.91 8.26
N ASP C 628 -49.89 -36.06 9.53
CA ASP C 628 -48.72 -35.43 10.16
C ASP C 628 -47.45 -35.95 9.51
N GLN C 629 -46.74 -35.05 8.83
CA GLN C 629 -45.55 -35.39 8.08
C GLN C 629 -44.44 -36.04 8.96
N LYS C 630 -43.93 -35.29 9.94
CA LYS C 630 -42.85 -35.73 10.84
C LYS C 630 -43.07 -37.16 11.43
N ARG C 631 -44.24 -37.36 12.02
CA ARG C 631 -44.68 -38.65 12.55
C ARG C 631 -44.57 -39.82 11.55
N LEU C 632 -45.08 -39.62 10.32
CA LEU C 632 -45.10 -40.67 9.29
C LEU C 632 -43.74 -41.26 8.95
N VAL C 633 -42.69 -40.43 9.00
CA VAL C 633 -41.32 -40.92 8.73
C VAL C 633 -40.77 -41.72 9.92
N GLU C 634 -40.94 -41.19 11.14
CA GLU C 634 -40.52 -41.84 12.39
C GLU C 634 -41.07 -43.26 12.56
N ALA C 635 -42.32 -43.45 12.15
CA ALA C 635 -42.95 -44.76 12.12
C ALA C 635 -42.26 -45.67 11.09
N MET C 636 -41.99 -45.11 9.91
CA MET C 636 -41.53 -45.90 8.77
C MET C 636 -40.05 -46.26 8.77
N ALA C 637 -39.26 -45.55 9.56
CA ALA C 637 -37.80 -45.68 9.49
C ALA C 637 -37.23 -47.00 10.01
N PRO C 638 -37.74 -47.52 11.15
CA PRO C 638 -37.37 -48.88 11.58
C PRO C 638 -37.72 -49.94 10.53
N TYR C 639 -38.82 -49.69 9.80
CA TYR C 639 -39.23 -50.55 8.69
C TYR C 639 -38.35 -50.30 7.45
N ASP C 640 -37.82 -49.08 7.32
CA ASP C 640 -36.94 -48.74 6.21
C ASP C 640 -35.76 -49.71 6.06
N ALA C 641 -35.22 -50.18 7.19
CA ALA C 641 -34.02 -51.01 7.18
C ALA C 641 -34.25 -52.38 6.54
N LYS C 642 -35.42 -52.95 6.80
CA LYS C 642 -35.67 -54.33 6.40
C LYS C 642 -36.38 -54.42 5.05
N LEU C 643 -35.63 -54.12 3.98
CA LEU C 643 -36.12 -54.10 2.59
C LEU C 643 -35.06 -54.60 1.64
N SER C 644 -35.47 -55.40 0.66
CA SER C 644 -34.55 -55.94 -0.36
C SER C 644 -33.97 -54.85 -1.27
N PRO C 645 -32.77 -55.09 -1.85
CA PRO C 645 -32.16 -54.11 -2.77
C PRO C 645 -33.06 -53.80 -3.98
N ASP C 646 -33.75 -54.83 -4.42
CA ASP C 646 -34.78 -54.76 -5.44
C ASP C 646 -35.97 -53.89 -4.95
N GLU C 647 -36.38 -54.01 -3.69
CA GLU C 647 -37.39 -53.08 -3.20
C GLU C 647 -36.80 -51.68 -3.00
N LYS C 648 -35.51 -51.62 -2.67
CA LYS C 648 -34.81 -50.35 -2.43
C LYS C 648 -34.62 -49.50 -3.69
N LYS C 649 -34.49 -50.14 -4.86
CA LYS C 649 -34.41 -49.40 -6.11
C LYS C 649 -35.72 -48.64 -6.35
N ARG C 650 -36.83 -49.33 -6.19
CA ARG C 650 -38.13 -48.68 -6.26
C ARG C 650 -38.32 -47.46 -5.34
N ASN C 651 -37.74 -47.45 -4.15
CA ASN C 651 -37.97 -46.33 -3.22
C ASN C 651 -36.97 -45.25 -3.50
N SER C 652 -36.29 -45.41 -4.64
CA SER C 652 -35.38 -44.41 -5.15
C SER C 652 -36.05 -43.57 -6.24
N PHE C 653 -35.41 -42.42 -6.50
CA PHE C 653 -35.80 -41.52 -7.58
C PHE C 653 -35.00 -41.76 -8.86
N GLY C 654 -35.72 -41.82 -9.99
CA GLY C 654 -35.09 -42.07 -11.29
C GLY C 654 -34.66 -40.81 -12.03
N THR C 655 -34.64 -40.88 -13.37
CA THR C 655 -34.28 -39.74 -14.22
C THR C 655 -35.29 -39.56 -15.35
N ASP C 656 -35.03 -38.60 -16.24
CA ASP C 656 -35.78 -38.49 -17.49
C ASP C 656 -35.04 -39.26 -18.60
N LEU C 657 -35.79 -39.86 -19.52
CA LEU C 657 -35.16 -40.65 -20.57
C LEU C 657 -35.43 -40.11 -21.98
N ILE C 658 -34.46 -40.27 -22.86
CA ILE C 658 -34.53 -39.84 -24.26
C ILE C 658 -34.24 -41.11 -25.06
N PHE C 659 -35.00 -41.30 -26.14
CA PHE C 659 -34.90 -42.51 -26.97
C PHE C 659 -34.64 -42.12 -28.41
N ILE C 660 -33.49 -42.52 -28.97
CA ILE C 660 -33.08 -42.04 -30.31
C ILE C 660 -33.09 -43.17 -31.36
N PHE C 661 -33.25 -42.83 -32.64
CA PHE C 661 -33.04 -43.80 -33.70
C PHE C 661 -31.56 -43.81 -34.14
N ASN C 662 -31.05 -44.98 -34.54
CA ASN C 662 -29.68 -45.13 -35.00
C ASN C 662 -29.50 -46.40 -35.85
N PRO C 663 -29.38 -46.24 -37.17
CA PRO C 663 -29.34 -47.43 -38.07
C PRO C 663 -28.12 -48.38 -37.88
N GLN C 664 -26.99 -47.89 -37.34
CA GLN C 664 -25.82 -48.75 -37.03
C GLN C 664 -26.09 -49.77 -35.93
N VAL C 665 -26.99 -49.40 -35.01
CA VAL C 665 -27.40 -50.23 -33.88
C VAL C 665 -28.37 -51.30 -34.36
N ASP C 666 -28.06 -52.56 -33.98
CA ASP C 666 -28.90 -53.72 -34.24
C ASP C 666 -28.78 -54.74 -33.10
N THR C 667 -29.41 -54.41 -31.97
CA THR C 667 -29.40 -55.30 -30.80
C THR C 667 -30.72 -56.09 -30.66
N VAL C 668 -30.87 -56.84 -29.57
CA VAL C 668 -32.02 -57.70 -29.41
C VAL C 668 -32.80 -57.30 -28.16
N TYR C 669 -33.93 -56.63 -28.33
CA TYR C 669 -34.71 -56.17 -27.17
C TYR C 669 -35.73 -57.19 -26.72
N LYS C 670 -35.49 -57.79 -25.56
CA LYS C 670 -36.37 -58.84 -25.05
C LYS C 670 -37.68 -58.19 -24.55
N THR C 671 -38.77 -58.95 -24.55
CA THR C 671 -40.08 -58.36 -24.20
C THR C 671 -40.60 -58.64 -22.78
N PRO C 672 -41.19 -57.62 -22.14
CA PRO C 672 -41.76 -57.86 -20.83
C PRO C 672 -43.27 -58.19 -20.91
N LEU C 673 -43.77 -58.49 -22.11
CA LEU C 673 -45.18 -58.86 -22.24
C LEU C 673 -45.36 -60.15 -23.07
N ALA C 674 -46.41 -60.89 -22.77
CA ALA C 674 -46.84 -62.05 -23.57
C ALA C 674 -47.92 -61.62 -24.56
N GLY C 675 -48.12 -62.39 -25.63
CA GLY C 675 -49.30 -62.26 -26.48
C GLY C 675 -48.89 -62.06 -27.91
N LEU C 676 -49.51 -61.08 -28.56
CA LEU C 676 -49.08 -60.64 -29.90
C LEU C 676 -47.73 -59.96 -29.82
N PHE C 677 -47.26 -59.73 -28.58
CA PHE C 677 -46.05 -58.94 -28.29
C PHE C 677 -44.72 -59.69 -28.39
N ASN C 678 -44.27 -59.94 -29.62
CA ASN C 678 -43.05 -60.73 -29.86
C ASN C 678 -41.79 -60.03 -29.36
N ASP C 679 -40.63 -60.42 -29.90
CA ASP C 679 -39.35 -59.74 -29.63
C ASP C 679 -38.97 -58.79 -30.77
N ILE C 680 -37.95 -57.98 -30.54
CA ILE C 680 -37.37 -57.14 -31.58
C ILE C 680 -35.94 -57.64 -31.82
N GLU C 681 -35.77 -58.55 -32.79
CA GLU C 681 -34.49 -59.25 -32.92
C GLU C 681 -33.48 -58.46 -33.75
N HIS C 682 -32.55 -59.16 -34.42
CA HIS C 682 -31.70 -58.64 -35.54
C HIS C 682 -32.46 -57.66 -36.41
N ASN C 683 -33.12 -56.73 -35.74
CA ASN C 683 -33.98 -55.73 -36.34
C ASN C 683 -33.85 -54.45 -35.53
N HIS C 684 -33.76 -54.58 -34.20
CA HIS C 684 -33.90 -53.45 -33.30
C HIS C 684 -32.93 -52.22 -33.43
N CYS C 685 -33.50 -51.02 -33.38
CA CYS C 685 -32.80 -49.81 -33.83
C CYS C 685 -32.74 -48.59 -32.83
N ILE C 686 -33.43 -48.69 -31.69
CA ILE C 686 -33.38 -47.68 -30.63
C ILE C 686 -32.22 -48.00 -29.68
N GLU C 687 -32.05 -47.11 -28.71
CA GLU C 687 -31.34 -47.33 -27.44
C GLU C 687 -31.67 -46.12 -26.57
N ARG C 688 -32.09 -46.40 -25.34
CA ARG C 688 -32.45 -45.37 -24.40
C ARG C 688 -31.19 -44.66 -24.00
N GLU C 689 -31.37 -43.57 -23.26
CA GLU C 689 -30.31 -42.77 -22.69
C GLU C 689 -30.91 -41.85 -21.64
N PHE C 690 -30.10 -41.45 -20.67
CA PHE C 690 -30.35 -40.37 -19.71
C PHE C 690 -30.57 -39.03 -20.49
N ILE C 691 -31.55 -38.19 -20.12
CA ILE C 691 -31.69 -36.81 -20.74
C ILE C 691 -31.27 -35.67 -19.79
N PRO C 692 -30.38 -34.74 -20.24
CA PRO C 692 -29.85 -33.65 -19.39
C PRO C 692 -30.75 -32.38 -19.18
N GLU C 693 -30.37 -31.25 -19.79
CA GLU C 693 -31.04 -29.92 -19.58
C GLU C 693 -30.14 -28.75 -19.95
N SER C 694 -28.84 -28.88 -19.72
CA SER C 694 -27.84 -27.78 -19.95
C SER C 694 -27.92 -26.42 -19.16
N MET C 695 -29.10 -26.01 -18.63
CA MET C 695 -29.31 -24.77 -17.79
C MET C 695 -28.12 -24.39 -16.88
N GLU C 696 -27.96 -23.08 -16.64
CA GLU C 696 -26.67 -22.49 -16.16
C GLU C 696 -26.94 -21.12 -15.49
N ASN C 697 -26.30 -20.07 -16.02
CA ASN C 697 -26.62 -18.67 -15.67
C ASN C 697 -27.75 -18.17 -16.62
N VAL C 698 -28.92 -18.79 -16.51
CA VAL C 698 -30.04 -18.47 -17.40
C VAL C 698 -31.24 -18.00 -16.60
N LYS C 699 -31.89 -16.94 -17.07
CA LYS C 699 -33.15 -16.46 -16.52
C LYS C 699 -34.33 -17.02 -17.31
N PHE C 700 -35.47 -17.15 -16.64
CA PHE C 700 -36.68 -17.60 -17.31
C PHE C 700 -37.09 -16.45 -18.22
N LEU C 701 -37.53 -16.75 -19.43
CA LEU C 701 -38.12 -15.74 -20.33
C LEU C 701 -39.60 -15.57 -20.05
N PHE C 702 -39.98 -14.44 -19.49
CA PHE C 702 -41.41 -14.19 -19.21
C PHE C 702 -41.99 -13.42 -20.38
N GLY C 703 -43.20 -13.80 -20.81
CA GLY C 703 -43.85 -13.18 -21.96
C GLY C 703 -43.31 -13.60 -23.33
N LEU C 704 -43.83 -12.96 -24.37
CA LEU C 704 -43.47 -13.26 -25.76
C LEU C 704 -42.00 -13.12 -25.97
N PRO C 705 -41.40 -14.03 -26.77
CA PRO C 705 -40.00 -13.96 -27.17
C PRO C 705 -39.77 -12.88 -28.20
N LYS C 706 -38.63 -12.18 -28.08
CA LYS C 706 -38.30 -11.12 -29.03
C LYS C 706 -38.24 -11.74 -30.40
N GLY C 707 -39.08 -11.23 -31.31
CA GLY C 707 -39.11 -11.63 -32.72
C GLY C 707 -40.16 -12.68 -33.02
N ALA C 708 -41.19 -12.69 -32.17
CA ALA C 708 -42.26 -13.69 -32.23
C ALA C 708 -43.25 -13.24 -33.27
N LYS C 709 -43.45 -14.01 -34.33
CA LYS C 709 -44.44 -13.56 -35.30
C LYS C 709 -45.79 -13.96 -34.83
N LEU C 710 -46.78 -13.12 -35.10
CA LEU C 710 -48.12 -13.32 -34.60
C LEU C 710 -49.18 -12.60 -35.46
N GLY C 711 -50.39 -12.41 -34.92
CA GLY C 711 -51.49 -11.86 -35.70
C GLY C 711 -51.45 -12.34 -37.14
N ALA C 712 -51.57 -11.40 -38.07
CA ALA C 712 -51.61 -11.73 -39.51
C ALA C 712 -50.31 -12.31 -40.06
N SER C 713 -49.23 -12.26 -39.26
CA SER C 713 -47.90 -12.82 -39.58
C SER C 713 -47.70 -14.26 -39.08
N SER C 714 -48.68 -14.78 -38.31
CA SER C 714 -48.66 -16.18 -37.78
C SER C 714 -48.43 -17.26 -38.82
N LEU C 715 -47.84 -18.38 -38.40
CA LEU C 715 -47.48 -19.46 -39.30
C LEU C 715 -48.73 -20.01 -40.03
N ALA C 716 -48.52 -20.69 -41.15
CA ALA C 716 -49.62 -21.37 -41.85
C ALA C 716 -50.38 -22.20 -40.85
N GLY C 717 -51.69 -22.31 -41.05
CA GLY C 717 -52.52 -23.22 -40.27
C GLY C 717 -53.13 -22.65 -39.00
N PHE C 718 -52.50 -21.62 -38.43
CA PHE C 718 -52.95 -21.12 -37.14
C PHE C 718 -54.05 -20.06 -37.21
N PRO C 719 -55.18 -20.26 -36.51
CA PRO C 719 -56.25 -19.29 -36.80
C PRO C 719 -55.81 -17.89 -36.47
N SER C 720 -56.52 -16.90 -36.97
CA SER C 720 -56.30 -15.48 -36.59
C SER C 720 -57.48 -14.63 -36.99
N LEU C 721 -57.92 -13.78 -36.07
CA LEU C 721 -58.96 -12.73 -36.32
C LEU C 721 -58.44 -11.52 -37.11
N LYS C 722 -57.14 -11.31 -37.05
CA LYS C 722 -56.49 -10.09 -37.52
C LYS C 722 -56.20 -9.99 -39.02
N THR C 723 -56.72 -10.92 -39.83
CA THR C 723 -56.45 -10.91 -41.28
C THR C 723 -57.51 -10.11 -42.05
N LEU C 724 -58.56 -9.65 -41.37
CA LEU C 724 -59.74 -9.04 -42.01
C LEU C 724 -60.22 -7.87 -41.14
N PRO C 725 -60.76 -6.78 -41.77
CA PRO C 725 -61.16 -5.61 -40.98
C PRO C 725 -62.49 -5.84 -40.25
N LEU C 726 -62.57 -5.50 -38.97
CA LEU C 726 -63.79 -5.77 -38.25
C LEU C 726 -63.93 -4.88 -37.06
N THR C 727 -65.08 -5.06 -36.40
CA THR C 727 -65.43 -4.41 -35.17
C THR C 727 -65.98 -5.48 -34.18
N ALA C 728 -65.57 -5.39 -32.93
CA ALA C 728 -65.98 -6.35 -31.91
C ALA C 728 -66.75 -5.61 -30.86
N GLU C 729 -67.80 -6.24 -30.36
CA GLU C 729 -68.66 -5.69 -29.29
C GLU C 729 -69.18 -6.89 -28.51
N LEU C 730 -69.18 -6.79 -27.18
CA LEU C 730 -69.85 -7.77 -26.37
C LEU C 730 -71.38 -7.55 -26.44
N ALA C 731 -72.12 -8.60 -26.81
CA ALA C 731 -73.60 -8.52 -26.79
C ALA C 731 -74.28 -9.86 -26.46
N TYR C 732 -75.57 -9.80 -26.14
CA TYR C 732 -76.34 -11.00 -25.86
C TYR C 732 -76.80 -11.60 -27.19
N ASN C 733 -75.92 -12.41 -27.77
CA ASN C 733 -76.07 -12.93 -29.12
C ASN C 733 -76.83 -14.25 -29.21
N SER C 734 -77.20 -14.82 -28.07
CA SER C 734 -77.75 -16.19 -28.01
C SER C 734 -76.92 -17.27 -28.74
N SER C 735 -75.59 -17.21 -28.66
CA SER C 735 -74.73 -18.11 -29.46
C SER C 735 -75.04 -19.60 -29.27
N VAL C 736 -74.83 -20.42 -30.31
CA VAL C 736 -75.01 -21.87 -30.18
C VAL C 736 -73.71 -22.60 -30.53
N VAL C 737 -72.96 -22.82 -29.47
CA VAL C 737 -71.74 -23.56 -29.58
C VAL C 737 -71.96 -25.03 -29.19
N PHE C 738 -72.79 -25.29 -28.19
CA PHE C 738 -73.01 -26.67 -27.74
C PHE C 738 -74.33 -27.32 -28.18
N ASN C 739 -75.43 -27.02 -27.46
CA ASN C 739 -76.71 -27.64 -27.76
C ASN C 739 -77.87 -26.71 -27.61
N PHE C 740 -77.81 -25.83 -26.60
CA PHE C 740 -78.85 -24.84 -26.37
C PHE C 740 -78.25 -23.48 -26.53
N PRO C 741 -79.05 -22.49 -26.93
CA PRO C 741 -78.49 -21.14 -26.95
C PRO C 741 -77.92 -20.73 -25.58
N SER C 742 -76.85 -19.93 -25.62
CA SER C 742 -76.20 -19.37 -24.45
C SER C 742 -77.09 -18.26 -23.97
N LYS C 743 -77.01 -17.96 -22.68
CA LYS C 743 -77.82 -16.89 -22.13
C LYS C 743 -76.89 -15.74 -21.71
N GLN C 744 -75.59 -15.90 -22.01
CA GLN C 744 -74.56 -14.90 -21.66
C GLN C 744 -73.94 -14.24 -22.88
N GLN C 745 -73.31 -13.09 -22.68
CA GLN C 745 -72.77 -12.34 -23.80
C GLN C 745 -71.76 -13.15 -24.60
N SER C 746 -71.67 -12.81 -25.88
CA SER C 746 -70.66 -13.31 -26.78
C SER C 746 -69.93 -12.15 -27.50
N MET C 747 -68.66 -12.36 -27.83
CA MET C 747 -67.85 -11.35 -28.49
C MET C 747 -68.22 -11.31 -29.97
N VAL C 748 -69.08 -10.39 -30.33
CA VAL C 748 -69.67 -10.44 -31.63
C VAL C 748 -68.79 -9.72 -32.66
N LEU C 749 -68.57 -10.30 -33.83
CA LEU C 749 -67.66 -9.64 -34.79
C LEU C 749 -68.32 -9.03 -36.02
N HIS C 750 -68.35 -7.69 -36.06
CA HIS C 750 -68.91 -6.94 -37.18
C HIS C 750 -67.89 -6.78 -38.31
N ILE C 751 -68.09 -7.52 -39.39
CA ILE C 751 -67.15 -7.53 -40.50
C ILE C 751 -67.42 -6.33 -41.40
N GLN C 752 -66.38 -5.86 -42.10
CA GLN C 752 -66.52 -4.77 -43.08
C GLN C 752 -66.09 -5.21 -44.49
N ASP C 753 -66.13 -4.32 -45.47
CA ASP C 753 -65.51 -4.60 -46.77
C ASP C 753 -64.10 -4.06 -46.92
N LEU C 754 -63.43 -4.51 -47.98
CA LEU C 754 -62.16 -3.93 -48.43
C LEU C 754 -62.42 -2.89 -49.58
N TYR C 755 -63.52 -2.13 -49.46
CA TYR C 755 -64.02 -1.19 -50.50
C TYR C 755 -63.36 0.19 -50.67
N SER C 761 -64.33 -2.97 -60.16
CA SER C 761 -63.78 -3.70 -59.01
C SER C 761 -64.25 -5.15 -59.10
N LEU C 762 -65.55 -5.37 -58.91
CA LEU C 762 -66.12 -6.74 -58.86
C LEU C 762 -65.87 -7.53 -60.14
N SER C 763 -65.72 -6.80 -61.25
CA SER C 763 -65.41 -7.39 -62.54
C SER C 763 -63.91 -7.64 -62.63
N ASP C 764 -63.16 -6.69 -62.11
CA ASP C 764 -61.71 -6.80 -62.05
C ASP C 764 -61.28 -7.90 -61.07
N LEU C 765 -61.97 -7.98 -59.93
CA LEU C 765 -61.67 -9.01 -58.94
C LEU C 765 -61.68 -10.40 -59.61
N ALA C 766 -62.74 -10.64 -60.37
CA ALA C 766 -62.93 -11.91 -61.02
C ALA C 766 -61.75 -12.25 -61.90
N LYS C 767 -61.20 -11.24 -62.58
CA LYS C 767 -60.09 -11.46 -63.54
C LYS C 767 -58.80 -11.91 -62.87
N ARG C 768 -58.38 -11.17 -61.83
CA ARG C 768 -57.13 -11.47 -61.16
C ARG C 768 -57.21 -12.57 -60.10
N HIS C 769 -58.31 -13.31 -60.03
CA HIS C 769 -58.42 -14.41 -59.08
C HIS C 769 -59.02 -15.69 -59.61
N MET C 770 -59.92 -15.58 -60.59
CA MET C 770 -60.58 -16.77 -61.14
C MET C 770 -59.58 -17.87 -61.47
N GLY C 771 -59.87 -19.08 -60.97
CA GLY C 771 -59.05 -20.24 -61.22
C GLY C 771 -57.76 -20.25 -60.42
N LYS C 772 -57.50 -19.18 -59.67
CA LYS C 772 -56.29 -19.09 -58.87
C LYS C 772 -56.58 -19.29 -57.38
N ILE C 773 -55.54 -19.42 -56.54
CA ILE C 773 -55.69 -19.74 -55.11
C ILE C 773 -56.14 -18.57 -54.26
N VAL C 774 -57.23 -18.74 -53.56
CA VAL C 774 -57.67 -17.73 -52.60
C VAL C 774 -57.84 -18.33 -51.19
N TYR C 775 -57.95 -17.48 -50.19
CA TYR C 775 -58.02 -17.96 -48.84
C TYR C 775 -59.43 -17.89 -48.24
N SER C 776 -60.04 -19.06 -48.18
CA SER C 776 -61.36 -19.29 -47.63
C SER C 776 -61.33 -19.96 -46.23
N ARG C 777 -62.48 -19.91 -45.53
CA ARG C 777 -62.72 -20.50 -44.19
C ARG C 777 -62.25 -19.61 -43.01
N TRP C 778 -62.68 -18.36 -43.06
CA TRP C 778 -61.92 -17.25 -42.51
C TRP C 778 -61.04 -17.48 -41.29
N PRO C 779 -61.60 -17.44 -40.07
CA PRO C 779 -60.53 -17.41 -39.03
C PRO C 779 -59.45 -18.51 -39.25
N PHE C 780 -59.83 -19.66 -39.80
CA PHE C 780 -58.91 -20.77 -40.07
C PHE C 780 -58.58 -20.86 -41.55
N LEU C 781 -58.00 -19.79 -42.12
CA LEU C 781 -57.71 -19.71 -43.58
C LEU C 781 -57.01 -20.97 -44.13
N ARG C 782 -57.38 -21.38 -45.34
CA ARG C 782 -56.61 -22.37 -46.12
C ARG C 782 -56.77 -22.04 -47.59
N GLU C 783 -55.81 -22.50 -48.38
CA GLU C 783 -55.82 -22.30 -49.81
C GLU C 783 -57.05 -22.91 -50.49
N SER C 784 -57.66 -22.17 -51.40
CA SER C 784 -58.76 -22.68 -52.23
C SER C 784 -58.81 -22.02 -53.65
N LYS C 785 -59.40 -22.72 -54.62
CA LYS C 785 -59.43 -22.26 -55.99
C LYS C 785 -60.73 -21.54 -56.18
N LEU C 786 -60.67 -20.33 -56.73
CA LEU C 786 -61.85 -19.53 -56.96
C LEU C 786 -62.64 -20.07 -58.15
N LEU C 787 -63.75 -20.78 -57.92
CA LEU C 787 -64.48 -21.34 -59.05
C LEU C 787 -65.40 -20.34 -59.74
N SER C 788 -66.21 -19.62 -58.96
CA SER C 788 -66.95 -18.46 -59.51
C SER C 788 -67.31 -17.35 -58.49
N LEU C 789 -67.51 -16.12 -58.97
CA LEU C 789 -68.10 -15.03 -58.18
C LEU C 789 -69.57 -14.99 -58.50
N ILE C 790 -70.41 -14.54 -57.58
CA ILE C 790 -71.86 -14.58 -57.82
C ILE C 790 -72.59 -13.37 -57.17
N THR C 791 -73.51 -12.76 -57.90
CA THR C 791 -74.39 -11.74 -57.32
C THR C 791 -75.89 -12.03 -57.61
N GLU C 792 -76.72 -11.08 -57.17
CA GLU C 792 -78.15 -10.96 -57.55
C GLU C 792 -78.38 -11.13 -59.07
N GLU C 793 -77.69 -10.31 -59.86
CA GLU C 793 -77.97 -10.14 -61.28
C GLU C 793 -76.78 -10.50 -62.20
N THR C 794 -75.74 -11.11 -61.64
CA THR C 794 -74.57 -11.40 -62.46
C THR C 794 -73.75 -12.56 -61.92
N VAL C 795 -73.28 -13.44 -62.81
CA VAL C 795 -72.36 -14.53 -62.45
C VAL C 795 -71.10 -14.45 -63.31
N TYR C 796 -69.94 -14.43 -62.68
CA TYR C 796 -68.70 -14.51 -63.42
C TYR C 796 -68.18 -15.93 -63.23
N GLU C 797 -68.07 -16.68 -64.31
CA GLU C 797 -67.51 -18.03 -64.21
C GLU C 797 -66.15 -18.07 -64.86
N GLY C 798 -65.54 -19.25 -64.92
CA GLY C 798 -64.21 -19.39 -65.50
C GLY C 798 -64.15 -20.49 -66.52
N VAL C 799 -63.49 -20.21 -67.65
CA VAL C 799 -63.03 -21.27 -68.57
C VAL C 799 -61.51 -21.16 -68.78
N LYS C 800 -60.83 -22.30 -68.75
CA LYS C 800 -59.39 -22.36 -68.93
C LYS C 800 -59.00 -22.11 -70.38
N SER C 801 -58.08 -21.18 -70.60
CA SER C 801 -57.57 -20.90 -71.95
C SER C 801 -56.26 -21.67 -72.23
N GLY C 802 -55.87 -22.51 -71.27
CA GLY C 802 -54.59 -23.23 -71.33
C GLY C 802 -53.41 -22.34 -70.96
N LYS C 803 -53.42 -21.11 -71.48
CA LYS C 803 -52.43 -20.09 -71.14
C LYS C 803 -52.96 -19.12 -70.07
N LEU C 804 -53.99 -18.32 -70.39
CA LEU C 804 -54.65 -17.51 -69.35
C LEU C 804 -55.93 -18.19 -68.79
N THR C 805 -56.66 -17.47 -67.93
CA THR C 805 -58.04 -17.84 -67.51
C THR C 805 -59.01 -16.69 -67.86
N LYS C 806 -59.98 -17.02 -68.72
CA LYS C 806 -60.97 -16.10 -69.26
C LYS C 806 -62.11 -15.99 -68.26
N VAL C 807 -62.61 -14.76 -68.06
CA VAL C 807 -63.78 -14.50 -67.21
C VAL C 807 -65.05 -14.36 -68.04
N ILE C 808 -65.92 -15.36 -67.99
CA ILE C 808 -67.21 -15.27 -68.67
C ILE C 808 -68.27 -14.76 -67.71
N GLU C 809 -68.98 -13.70 -68.14
CA GLU C 809 -69.97 -13.01 -67.30
C GLU C 809 -71.36 -13.21 -67.89
N ARG C 810 -72.21 -13.94 -67.17
CA ARG C 810 -73.54 -14.33 -67.66
C ARG C 810 -74.69 -13.73 -66.81
N LYS C 811 -75.91 -14.23 -66.96
CA LYS C 811 -77.05 -13.81 -66.12
C LYS C 811 -77.56 -14.97 -65.26
N PRO C 812 -77.82 -14.72 -63.96
CA PRO C 812 -78.16 -15.73 -62.96
C PRO C 812 -79.29 -16.67 -63.33
N GLN C 813 -79.34 -17.10 -64.59
CA GLN C 813 -80.18 -18.21 -65.05
C GLN C 813 -81.04 -18.82 -63.92
N ASP C 814 -82.27 -18.33 -63.80
CA ASP C 814 -83.17 -18.54 -62.62
C ASP C 814 -83.01 -19.79 -61.73
N PHE C 815 -82.75 -20.93 -62.37
CA PHE C 815 -82.33 -22.19 -61.72
C PHE C 815 -81.54 -21.99 -60.40
N GLU C 816 -80.57 -21.06 -60.43
CA GLU C 816 -79.71 -20.78 -59.30
C GLU C 816 -80.01 -19.47 -58.60
N ARG C 817 -80.54 -18.49 -59.32
CA ARG C 817 -81.10 -17.27 -58.72
C ARG C 817 -81.75 -17.55 -57.36
N LYS C 818 -82.47 -18.66 -57.25
CA LYS C 818 -83.06 -19.13 -55.99
C LYS C 818 -81.98 -19.43 -54.94
N GLU C 819 -81.08 -20.32 -55.34
CA GLU C 819 -79.98 -20.85 -54.53
C GLU C 819 -79.12 -19.74 -53.93
N PHE C 820 -79.01 -18.62 -54.65
CA PHE C 820 -78.25 -17.49 -54.19
C PHE C 820 -78.87 -16.85 -52.95
N ARG C 821 -80.20 -16.76 -52.90
CA ARG C 821 -80.86 -16.15 -51.74
C ARG C 821 -80.87 -17.14 -50.61
N GLU C 822 -81.12 -18.41 -50.95
CA GLU C 822 -81.21 -19.49 -49.97
C GLU C 822 -79.91 -19.54 -49.15
N LEU C 823 -78.80 -19.69 -49.87
CA LEU C 823 -77.49 -19.71 -49.26
C LEU C 823 -77.28 -18.41 -48.51
N LYS C 824 -77.19 -17.30 -49.23
CA LYS C 824 -77.12 -15.99 -48.63
C LYS C 824 -77.84 -15.92 -47.25
N MET C 825 -79.10 -16.34 -47.15
CA MET C 825 -79.81 -16.27 -45.84
C MET C 825 -79.43 -17.38 -44.83
N THR C 826 -79.00 -18.52 -45.36
CA THR C 826 -78.42 -19.61 -44.56
C THR C 826 -77.06 -19.21 -43.97
N LEU C 827 -76.16 -18.72 -44.83
CA LEU C 827 -74.85 -18.33 -44.36
C LEU C 827 -74.94 -17.16 -43.41
N LYS C 828 -75.59 -16.06 -43.79
CA LYS C 828 -75.78 -14.95 -42.85
C LYS C 828 -76.20 -15.54 -41.50
N SER C 829 -77.14 -16.50 -41.55
CA SER C 829 -77.72 -17.10 -40.36
C SER C 829 -76.71 -17.89 -39.49
N ASN C 830 -75.93 -18.78 -40.12
CA ASN C 830 -75.12 -19.70 -39.36
C ASN C 830 -73.88 -19.01 -38.84
N TYR C 831 -73.43 -17.97 -39.54
CA TYR C 831 -72.30 -17.18 -39.04
C TYR C 831 -72.59 -16.41 -37.76
N GLN C 832 -73.83 -15.99 -37.55
CA GLN C 832 -74.14 -15.25 -36.34
C GLN C 832 -74.51 -16.13 -35.13
N ARG C 833 -75.14 -17.27 -35.43
CA ARG C 833 -75.68 -18.21 -34.44
C ARG C 833 -74.55 -19.07 -33.84
N THR C 834 -73.73 -19.65 -34.73
CA THR C 834 -72.61 -20.55 -34.41
C THR C 834 -71.32 -19.82 -34.05
N LYS C 835 -71.08 -18.66 -34.65
CA LYS C 835 -69.77 -18.06 -34.54
C LYS C 835 -69.74 -16.60 -34.04
N ALA C 836 -70.89 -16.08 -33.61
CA ALA C 836 -71.02 -14.65 -33.27
C ALA C 836 -70.34 -13.70 -34.31
N ILE C 837 -70.62 -13.96 -35.60
CA ILE C 837 -70.15 -13.15 -36.73
C ILE C 837 -71.28 -12.41 -37.43
N LEU C 838 -71.15 -11.10 -37.44
CA LEU C 838 -72.14 -10.26 -38.02
C LEU C 838 -71.59 -9.77 -39.33
N LEU C 839 -72.17 -10.24 -40.43
CA LEU C 839 -71.80 -9.75 -41.76
C LEU C 839 -72.71 -8.58 -42.10
N ASP C 840 -72.18 -7.68 -42.94
CA ASP C 840 -72.94 -6.55 -43.53
C ASP C 840 -74.28 -7.01 -44.11
N ASP C 841 -74.21 -7.31 -45.42
CA ASP C 841 -75.17 -8.15 -46.14
C ASP C 841 -74.36 -8.65 -47.31
N ILE C 842 -74.51 -9.94 -47.59
CA ILE C 842 -73.73 -10.57 -48.64
C ILE C 842 -74.04 -9.90 -49.98
N SER C 843 -73.17 -8.99 -50.39
CA SER C 843 -73.33 -8.34 -51.68
C SER C 843 -72.71 -9.16 -52.83
N ALA C 844 -72.10 -10.31 -52.51
CA ALA C 844 -71.47 -11.24 -53.50
C ALA C 844 -71.01 -12.58 -52.86
N LEU C 845 -71.14 -13.69 -53.57
CA LEU C 845 -70.63 -14.97 -53.07
C LEU C 845 -69.43 -15.55 -53.84
N ALA C 846 -68.56 -16.26 -53.15
CA ALA C 846 -67.47 -16.92 -53.84
C ALA C 846 -67.67 -18.44 -53.75
N LYS C 847 -67.76 -19.09 -54.92
CA LYS C 847 -67.87 -20.54 -55.03
C LYS C 847 -66.45 -20.97 -55.19
N VAL C 848 -65.93 -21.72 -54.21
CA VAL C 848 -64.51 -22.17 -54.22
C VAL C 848 -64.35 -23.67 -53.95
N VAL C 849 -63.11 -24.14 -53.92
CA VAL C 849 -62.80 -25.53 -53.59
C VAL C 849 -61.45 -25.60 -52.91
N PRO C 850 -61.32 -26.43 -51.90
CA PRO C 850 -60.12 -26.22 -51.14
C PRO C 850 -59.02 -27.18 -51.56
N VAL C 851 -57.77 -26.78 -51.31
CA VAL C 851 -56.61 -27.61 -51.62
C VAL C 851 -56.56 -28.75 -50.61
N ASN C 852 -56.32 -29.98 -51.07
CA ASN C 852 -56.32 -31.10 -50.13
C ASN C 852 -55.08 -31.95 -50.26
N GLY C 853 -54.07 -31.39 -50.91
CA GLY C 853 -52.79 -32.10 -51.00
C GLY C 853 -52.19 -32.03 -52.38
N LEU C 854 -51.07 -32.72 -52.58
CA LEU C 854 -50.43 -32.81 -53.88
C LEU C 854 -50.69 -34.13 -54.59
N VAL C 855 -50.75 -34.07 -55.92
CA VAL C 855 -50.97 -35.24 -56.79
C VAL C 855 -49.85 -35.34 -57.81
N ARG C 856 -49.28 -36.53 -58.00
CA ARG C 856 -48.24 -36.65 -59.03
C ARG C 856 -48.85 -36.61 -60.47
N ASN C 857 -48.19 -35.83 -61.33
CA ASN C 857 -48.49 -35.80 -62.77
C ASN C 857 -47.70 -36.89 -63.55
N SER C 858 -47.99 -37.06 -64.84
CA SER C 858 -47.28 -38.09 -65.64
C SER C 858 -45.84 -37.73 -65.99
N ASP C 859 -45.50 -36.43 -66.03
CA ASP C 859 -44.08 -36.01 -66.06
C ASP C 859 -43.35 -36.28 -64.72
N GLY C 860 -44.01 -36.10 -63.57
CA GLY C 860 -43.42 -36.44 -62.26
C GLY C 860 -43.33 -35.24 -61.34
N SER C 861 -43.94 -34.15 -61.80
CA SER C 861 -44.22 -32.97 -60.97
C SER C 861 -45.42 -33.25 -60.07
N TYR C 862 -45.45 -32.56 -58.93
CA TYR C 862 -46.63 -32.57 -58.07
C TYR C 862 -47.29 -31.20 -58.08
N SER C 863 -48.61 -31.22 -58.08
CA SER C 863 -49.38 -29.96 -58.03
C SER C 863 -50.59 -30.02 -57.08
N LYS C 864 -51.11 -28.86 -56.73
CA LYS C 864 -52.22 -28.79 -55.83
C LYS C 864 -53.32 -29.67 -56.38
N SER C 865 -53.73 -30.64 -55.57
CA SER C 865 -54.98 -31.38 -55.78
C SER C 865 -56.14 -30.67 -55.11
N PHE C 866 -57.36 -30.93 -55.55
CA PHE C 866 -58.47 -30.21 -54.97
C PHE C 866 -59.64 -31.06 -54.57
N ASN C 867 -60.37 -30.60 -53.57
CA ASN C 867 -61.57 -31.32 -53.16
C ASN C 867 -62.74 -31.28 -54.18
N GLU C 868 -63.54 -32.35 -54.24
CA GLU C 868 -64.68 -32.37 -55.18
C GLU C 868 -65.83 -31.46 -54.73
N THR C 869 -66.11 -31.42 -53.42
CA THR C 869 -67.34 -30.79 -52.93
C THR C 869 -67.22 -29.27 -52.98
N ILE C 870 -68.15 -28.63 -53.70
CA ILE C 870 -68.17 -27.15 -53.88
C ILE C 870 -68.46 -26.42 -52.57
N GLU C 871 -67.93 -25.19 -52.45
CA GLU C 871 -67.97 -24.44 -51.20
C GLU C 871 -68.27 -22.98 -51.45
N TYR C 872 -69.18 -22.41 -50.67
CA TYR C 872 -69.60 -21.02 -50.83
C TYR C 872 -69.13 -20.09 -49.70
N TYR C 873 -68.82 -18.84 -50.01
CA TYR C 873 -68.34 -17.92 -48.99
C TYR C 873 -68.71 -16.50 -49.31
N PRO C 874 -69.29 -15.76 -48.33
CA PRO C 874 -69.52 -14.35 -48.56
C PRO C 874 -68.20 -13.75 -48.90
N LEU C 875 -68.19 -12.89 -49.92
CA LEU C 875 -66.93 -12.38 -50.47
C LEU C 875 -66.23 -11.45 -49.48
N GLN C 876 -66.94 -10.91 -48.50
CA GLN C 876 -66.23 -10.11 -47.52
C GLN C 876 -65.35 -10.98 -46.59
N LEU C 877 -65.49 -12.32 -46.64
CA LEU C 877 -64.73 -13.22 -45.79
C LEU C 877 -63.61 -13.92 -46.53
N ILE C 878 -63.15 -13.30 -47.62
CA ILE C 878 -62.13 -13.94 -48.48
C ILE C 878 -60.84 -13.14 -48.42
N VAL C 879 -59.75 -13.84 -48.22
CA VAL C 879 -58.50 -13.17 -48.04
C VAL C 879 -57.68 -13.55 -49.24
N GLU C 880 -57.03 -12.55 -49.82
CA GLU C 880 -56.26 -12.71 -51.04
C GLU C 880 -54.97 -13.47 -50.81
N ASP C 881 -54.21 -13.07 -49.81
CA ASP C 881 -52.90 -13.67 -49.61
C ASP C 881 -52.58 -13.65 -48.14
N VAL C 882 -51.45 -14.24 -47.80
CA VAL C 882 -51.13 -14.60 -46.45
C VAL C 882 -49.59 -14.63 -46.39
N LYS C 883 -49.01 -14.26 -45.26
CA LYS C 883 -47.53 -14.21 -45.17
C LYS C 883 -46.91 -15.58 -45.22
N ASN C 884 -47.24 -16.42 -44.24
CA ASN C 884 -46.67 -17.74 -44.15
C ASN C 884 -47.60 -18.72 -44.84
N LYS C 885 -47.11 -19.45 -45.82
CA LYS C 885 -47.92 -20.39 -46.62
C LYS C 885 -47.56 -21.75 -46.10
N ASP C 886 -48.24 -22.81 -46.56
CA ASP C 886 -48.06 -24.17 -46.02
C ASP C 886 -47.06 -24.97 -46.86
N GLU C 887 -45.90 -25.35 -46.29
CA GLU C 887 -44.88 -26.13 -47.04
C GLU C 887 -45.49 -27.33 -47.76
N ARG C 888 -46.38 -28.02 -47.05
CA ARG C 888 -46.99 -29.27 -47.51
C ARG C 888 -47.66 -29.16 -48.88
N TYR C 889 -48.05 -27.94 -49.27
CA TYR C 889 -48.75 -27.72 -50.55
C TYR C 889 -47.93 -27.08 -51.68
N ILE C 890 -46.76 -26.58 -51.36
CA ILE C 890 -45.87 -26.02 -52.37
C ILE C 890 -45.64 -27.05 -53.48
N GLU C 891 -46.01 -26.70 -54.72
CA GLU C 891 -45.87 -27.60 -55.89
C GLU C 891 -44.39 -27.90 -56.14
N LYS C 892 -44.06 -29.06 -56.67
CA LYS C 892 -42.67 -29.45 -56.75
C LYS C 892 -42.43 -29.85 -58.19
N GLU C 893 -41.22 -29.56 -58.70
CA GLU C 893 -40.87 -29.83 -60.11
C GLU C 893 -40.34 -31.27 -60.30
N PRO C 894 -40.39 -31.81 -61.53
CA PRO C 894 -39.89 -33.22 -61.61
C PRO C 894 -38.46 -33.39 -61.08
N LEU C 895 -38.17 -34.61 -60.62
CA LEU C 895 -36.87 -35.02 -60.04
C LEU C 895 -36.21 -36.15 -60.86
N PRO C 896 -34.88 -36.35 -60.73
CA PRO C 896 -34.32 -37.53 -61.41
C PRO C 896 -34.63 -38.85 -60.71
N ILE C 897 -34.94 -39.86 -61.49
CA ILE C 897 -35.09 -41.24 -61.01
C ILE C 897 -34.30 -41.57 -59.73
N ASN C 898 -32.98 -41.33 -59.73
CA ASN C 898 -32.16 -41.58 -58.53
C ASN C 898 -32.42 -40.68 -57.30
N LYS C 899 -33.37 -39.77 -57.37
CA LYS C 899 -33.70 -38.87 -56.26
C LYS C 899 -35.12 -39.06 -55.79
N GLU C 900 -36.03 -39.21 -56.73
CA GLU C 900 -37.35 -39.64 -56.40
C GLU C 900 -37.39 -41.10 -55.93
N PHE C 901 -36.55 -41.97 -56.50
CA PHE C 901 -36.41 -43.35 -55.99
C PHE C 901 -34.94 -43.75 -55.76
N PRO C 902 -34.35 -43.24 -54.66
CA PRO C 902 -32.94 -43.38 -54.32
C PRO C 902 -32.48 -44.83 -54.20
N LYS C 903 -31.31 -45.14 -54.77
CA LYS C 903 -30.74 -46.49 -54.58
C LYS C 903 -31.02 -46.87 -53.09
N GLY C 904 -31.49 -48.09 -52.85
CA GLY C 904 -31.57 -48.56 -51.47
C GLY C 904 -32.87 -48.35 -50.72
N SER C 905 -33.64 -47.34 -51.11
CA SER C 905 -34.94 -47.11 -50.48
C SER C 905 -35.95 -48.19 -50.88
N LYS C 906 -36.98 -48.33 -50.06
CA LYS C 906 -37.99 -49.38 -50.25
C LYS C 906 -39.31 -48.79 -50.74
N VAL C 907 -39.82 -49.32 -51.85
CA VAL C 907 -41.02 -48.74 -52.43
C VAL C 907 -42.10 -49.78 -52.65
N VAL C 908 -43.32 -49.31 -52.92
CA VAL C 908 -44.45 -50.21 -53.12
C VAL C 908 -44.58 -50.54 -54.59
N PHE C 909 -44.55 -51.84 -54.89
CA PHE C 909 -44.57 -52.33 -56.27
C PHE C 909 -45.98 -52.55 -56.78
N LEU C 910 -46.43 -51.63 -57.63
CA LEU C 910 -47.59 -51.89 -58.49
C LEU C 910 -47.05 -52.76 -59.60
N GLY C 911 -47.90 -53.56 -60.23
CA GLY C 911 -47.40 -54.41 -61.30
C GLY C 911 -47.76 -55.84 -61.04
N ASP C 912 -48.23 -56.48 -62.11
CA ASP C 912 -48.78 -57.82 -62.06
C ASP C 912 -48.03 -58.86 -61.27
N TYR C 913 -46.70 -58.88 -61.36
CA TYR C 913 -45.94 -59.97 -60.74
C TYR C 913 -46.36 -60.13 -59.28
N ALA C 914 -46.36 -59.00 -58.56
CA ALA C 914 -46.69 -58.96 -57.14
C ALA C 914 -47.25 -57.60 -56.74
N TYR C 915 -48.40 -57.26 -57.30
CA TYR C 915 -49.06 -55.97 -57.05
C TYR C 915 -49.25 -55.67 -55.57
N GLY C 916 -48.47 -54.71 -55.06
CA GLY C 916 -48.46 -54.41 -53.63
C GLY C 916 -47.28 -54.99 -52.90
N GLY C 917 -46.32 -55.51 -53.65
CA GLY C 917 -45.15 -56.12 -53.04
C GLY C 917 -44.09 -55.11 -52.62
N GLU C 918 -43.37 -55.46 -51.56
CA GLU C 918 -42.18 -54.73 -51.14
C GLU C 918 -41.08 -54.86 -52.19
N ALA C 919 -40.67 -53.68 -52.66
CA ALA C 919 -39.65 -53.56 -53.69
C ALA C 919 -38.42 -52.94 -53.04
N THR C 920 -37.24 -53.28 -53.55
CA THR C 920 -36.00 -52.62 -53.15
C THR C 920 -35.25 -52.09 -54.39
N VAL C 921 -35.06 -50.77 -54.48
CA VAL C 921 -34.32 -50.15 -55.60
C VAL C 921 -32.82 -50.53 -55.54
N ASP C 922 -32.39 -51.35 -56.51
CA ASP C 922 -31.00 -51.84 -56.55
C ASP C 922 -30.11 -50.95 -57.42
N GLY C 923 -30.74 -50.25 -58.36
CA GLY C 923 -30.01 -49.46 -59.34
C GLY C 923 -30.95 -48.93 -60.38
N TYR C 924 -30.40 -48.42 -61.49
CA TYR C 924 -31.20 -47.82 -62.56
C TYR C 924 -30.66 -48.26 -63.93
N ASN C 925 -31.55 -48.74 -64.80
CA ASN C 925 -31.13 -49.07 -66.17
C ASN C 925 -30.93 -47.85 -67.08
N SER C 926 -31.63 -46.77 -66.79
CA SER C 926 -31.44 -45.51 -67.50
C SER C 926 -32.26 -44.43 -66.84
N GLU C 927 -32.25 -43.23 -67.44
CA GLU C 927 -33.03 -42.13 -66.93
C GLU C 927 -34.49 -42.44 -66.58
N THR C 928 -35.08 -43.47 -67.19
CA THR C 928 -36.54 -43.63 -67.06
C THR C 928 -37.02 -45.03 -66.75
N ARG C 929 -36.09 -45.96 -66.61
CA ARG C 929 -36.43 -47.30 -66.20
C ARG C 929 -35.48 -47.58 -65.07
N LEU C 930 -35.83 -48.48 -64.14
CA LEU C 930 -34.89 -48.90 -63.09
C LEU C 930 -34.98 -50.38 -62.72
N LYS C 931 -34.07 -50.82 -61.85
CA LYS C 931 -34.06 -52.22 -61.44
C LYS C 931 -34.21 -52.41 -59.93
N LEU C 932 -34.92 -53.46 -59.56
CA LEU C 932 -35.27 -53.71 -58.17
C LEU C 932 -35.42 -55.20 -57.84
N THR C 933 -35.25 -55.52 -56.56
CA THR C 933 -35.62 -56.80 -56.00
C THR C 933 -37.11 -56.70 -55.63
N VAL C 934 -37.95 -57.56 -56.18
CA VAL C 934 -39.35 -57.55 -55.77
C VAL C 934 -39.68 -58.75 -54.86
N LYS C 935 -40.20 -58.44 -53.65
CA LYS C 935 -40.65 -59.48 -52.70
C LYS C 935 -42.13 -59.77 -52.86
N LYS C 936 -42.51 -61.04 -53.03
CA LYS C 936 -43.92 -61.43 -53.29
C LYS C 936 -44.64 -61.92 -52.04
N GLY C 937 -45.45 -61.02 -51.46
CA GLY C 937 -46.20 -61.23 -50.23
C GLY C 937 -46.34 -62.68 -49.77
N SER C 938 -47.26 -63.40 -50.43
CA SER C 938 -47.55 -64.82 -50.21
C SER C 938 -47.75 -65.51 -51.56
N LEU C 939 -47.59 -66.84 -51.57
CA LEU C 939 -47.70 -67.63 -52.81
C LEU C 939 -49.07 -68.26 -53.00
N ARG C 940 -49.69 -68.63 -51.87
CA ARG C 940 -51.08 -69.09 -51.83
C ARG C 940 -51.98 -68.01 -52.44
N ALA C 941 -53.07 -68.40 -53.11
CA ALA C 941 -53.96 -67.41 -53.73
C ALA C 941 -54.72 -66.52 -52.71
N GLU C 942 -55.35 -65.44 -53.20
CA GLU C 942 -56.09 -64.50 -52.36
C GLU C 942 -57.52 -64.99 -52.02
N PRO C 943 -57.90 -65.00 -50.72
CA PRO C 943 -59.20 -65.52 -50.24
C PRO C 943 -60.48 -64.86 -50.79
N ASN C 944 -61.51 -65.69 -50.97
CA ASN C 944 -62.73 -65.34 -51.69
C ASN C 944 -63.79 -64.83 -50.75
N ILE C 945 -63.54 -65.09 -49.46
CA ILE C 945 -64.56 -65.18 -48.41
C ILE C 945 -65.37 -63.90 -48.16
N GLY C 946 -64.69 -62.76 -48.17
CA GLY C 946 -65.31 -61.44 -48.04
C GLY C 946 -66.42 -61.19 -49.03
N LYS C 947 -66.08 -61.14 -50.32
CA LYS C 947 -67.09 -60.83 -51.38
C LYS C 947 -68.28 -61.77 -51.43
N VAL C 948 -68.05 -63.08 -51.34
CA VAL C 948 -69.15 -64.04 -51.37
C VAL C 948 -70.18 -63.66 -50.34
N ARG C 949 -69.70 -63.29 -49.15
CA ARG C 949 -70.52 -62.80 -48.05
C ARG C 949 -71.20 -61.45 -48.36
N ALA C 950 -70.48 -60.59 -49.09
CA ALA C 950 -71.03 -59.31 -49.52
C ALA C 950 -72.07 -59.50 -50.62
N LYS C 951 -71.94 -60.60 -51.38
CA LYS C 951 -72.97 -61.03 -52.33
C LYS C 951 -74.26 -61.40 -51.58
N LEU C 952 -74.10 -62.09 -50.45
CA LEU C 952 -75.20 -62.50 -49.59
C LEU C 952 -76.07 -61.35 -49.03
N ASP C 953 -75.45 -60.37 -48.37
CA ASP C 953 -76.16 -59.18 -47.92
C ASP C 953 -77.06 -58.61 -49.03
N SER C 954 -76.43 -58.20 -50.15
CA SER C 954 -77.07 -57.66 -51.38
C SER C 954 -78.51 -58.10 -51.71
N GLN C 955 -78.73 -59.40 -51.83
CA GLN C 955 -80.01 -59.94 -52.27
C GLN C 955 -80.81 -60.54 -51.10
N ALA C 956 -80.14 -60.69 -49.95
CA ALA C 956 -80.85 -61.11 -48.76
C ALA C 956 -81.37 -59.92 -47.92
N LEU C 957 -81.32 -58.72 -48.52
CA LEU C 957 -81.97 -57.50 -47.97
C LEU C 957 -82.19 -56.45 -49.07
N ARG C 958 -83.43 -56.29 -49.53
CA ARG C 958 -83.72 -55.37 -50.62
C ARG C 958 -84.13 -53.95 -50.15
N PHE C 959 -83.93 -52.96 -51.02
CA PHE C 959 -84.43 -51.60 -50.81
C PHE C 959 -85.41 -51.17 -51.91
N TYR C 960 -86.23 -50.13 -51.63
CA TYR C 960 -87.36 -49.82 -52.52
C TYR C 960 -87.66 -48.35 -52.94
N PRO C 961 -87.24 -47.33 -52.15
CA PRO C 961 -88.05 -46.08 -51.96
C PRO C 961 -88.86 -45.55 -53.17
N THR C 962 -90.20 -45.61 -53.11
CA THR C 962 -91.06 -45.00 -54.16
C THR C 962 -91.08 -43.49 -53.97
N UNK C 967 -88.14 -44.37 -46.44
CA UNK C 967 -87.82 -45.73 -45.99
C UNK C 967 -86.98 -46.50 -47.02
N UNK C 968 -87.31 -47.78 -47.23
CA UNK C 968 -86.59 -48.60 -48.21
C UNK C 968 -86.53 -50.09 -47.86
N UNK C 969 -85.81 -50.43 -46.78
CA UNK C 969 -85.49 -51.85 -46.41
C UNK C 969 -86.69 -52.84 -46.31
N UNK C 970 -86.50 -54.06 -46.85
CA UNK C 970 -87.44 -55.17 -46.61
C UNK C 970 -87.63 -55.24 -45.11
N UNK C 971 -86.52 -55.05 -44.39
CA UNK C 971 -86.55 -54.86 -42.95
C UNK C 971 -87.56 -53.74 -42.63
N UNK C 972 -87.14 -52.48 -42.75
CA UNK C 972 -87.98 -51.30 -42.38
C UNK C 972 -89.49 -51.44 -42.60
N UNK C 973 -89.89 -51.97 -43.77
CA UNK C 973 -91.33 -52.29 -44.08
C UNK C 973 -91.99 -53.04 -42.96
N UNK C 974 -91.22 -53.91 -42.31
CA UNK C 974 -91.72 -54.79 -41.25
C UNK C 974 -91.96 -54.00 -39.99
N UNK C 975 -91.02 -53.12 -39.64
CA UNK C 975 -91.18 -52.24 -38.46
C UNK C 975 -92.51 -51.46 -38.54
N UNK C 976 -92.67 -50.65 -39.60
CA UNK C 976 -93.97 -49.99 -39.86
C UNK C 976 -95.13 -50.99 -39.75
N UNK C 977 -95.00 -52.17 -40.35
CA UNK C 977 -96.10 -53.18 -40.39
C UNK C 977 -96.53 -53.62 -38.98
N UNK C 978 -95.55 -53.86 -38.11
CA UNK C 978 -95.82 -54.12 -36.70
C UNK C 978 -96.39 -52.86 -35.99
N UNK C 979 -95.72 -51.69 -36.11
CA UNK C 979 -96.28 -50.42 -35.58
C UNK C 979 -97.80 -50.39 -35.78
N UNK C 980 -98.27 -50.57 -37.02
CA UNK C 980 -99.71 -50.57 -37.32
C UNK C 980 -100.55 -51.74 -36.79
N UNK C 981 -100.08 -52.99 -36.93
CA UNK C 981 -100.89 -54.19 -36.59
C UNK C 981 -101.37 -54.20 -35.11
N UNK C 982 -100.50 -53.72 -34.22
CA UNK C 982 -100.75 -53.67 -32.79
C UNK C 982 -100.20 -52.32 -32.39
N UNK C 983 -101.11 -51.33 -32.29
CA UNK C 983 -100.75 -49.89 -32.24
C UNK C 983 -100.35 -49.34 -30.85
N SER C 985 -108.12 -37.03 -20.50
CA SER C 985 -106.82 -36.29 -20.46
C SER C 985 -105.82 -37.08 -19.60
N ALA C 986 -106.22 -38.30 -19.21
CA ALA C 986 -105.28 -39.22 -18.49
C ALA C 986 -105.13 -40.45 -19.38
N GLU C 987 -106.20 -41.23 -19.52
CA GLU C 987 -106.13 -42.40 -20.43
C GLU C 987 -105.31 -42.01 -21.70
N ALA C 988 -105.71 -40.93 -22.40
CA ALA C 988 -104.93 -40.57 -23.62
C ALA C 988 -103.40 -40.51 -23.30
N ASP C 989 -103.08 -39.71 -22.26
CA ASP C 989 -101.68 -39.58 -21.86
C ASP C 989 -101.09 -40.98 -21.77
N SER C 990 -101.73 -41.83 -20.94
CA SER C 990 -101.22 -43.15 -20.62
C SER C 990 -100.90 -43.84 -21.93
N ILE C 991 -101.82 -43.66 -22.89
CA ILE C 991 -101.67 -44.33 -24.19
C ILE C 991 -100.35 -43.82 -24.77
N LEU C 992 -100.34 -42.48 -25.04
CA LEU C 992 -99.16 -41.84 -25.68
C LEU C 992 -97.94 -42.52 -25.02
N LYS C 993 -97.81 -42.37 -23.69
CA LYS C 993 -96.67 -42.91 -22.92
C LYS C 993 -96.32 -44.33 -23.44
N THR C 994 -97.32 -45.25 -23.31
CA THR C 994 -97.21 -46.60 -23.88
C THR C 994 -96.53 -46.59 -25.31
N VAL C 995 -97.16 -45.83 -26.25
CA VAL C 995 -96.66 -45.68 -27.69
C VAL C 995 -95.19 -45.29 -27.89
N ALA C 996 -94.74 -44.19 -27.28
CA ALA C 996 -93.30 -43.89 -27.26
C ALA C 996 -92.49 -45.10 -26.67
N ASP C 997 -92.95 -45.69 -25.53
CA ASP C 997 -92.21 -46.82 -24.92
C ASP C 997 -91.97 -48.03 -25.86
N TRP C 998 -92.93 -48.30 -26.75
CA TRP C 998 -92.89 -49.49 -27.61
C TRP C 998 -91.88 -49.24 -28.72
N LEU C 999 -91.97 -48.06 -29.31
CA LEU C 999 -91.16 -47.65 -30.46
C LEU C 999 -89.71 -47.41 -30.02
N SER C 1000 -89.48 -47.55 -28.72
CA SER C 1000 -88.14 -47.49 -28.14
C SER C 1000 -87.51 -48.88 -27.94
N GLU C 1001 -88.33 -49.91 -27.76
CA GLU C 1001 -87.87 -51.30 -27.57
C GLU C 1001 -87.35 -51.92 -28.88
N ALA C 1002 -87.81 -51.39 -30.01
CA ALA C 1002 -87.38 -51.89 -31.32
C ALA C 1002 -86.33 -51.00 -32.02
N ARG C 1003 -86.15 -49.77 -31.52
CA ARG C 1003 -85.04 -48.91 -31.95
C ARG C 1003 -83.76 -49.18 -31.14
N LYS C 1004 -83.69 -50.35 -30.49
CA LYS C 1004 -82.52 -50.74 -29.71
C LYS C 1004 -81.28 -50.99 -30.58
N PRO C 1005 -81.31 -52.03 -31.44
CA PRO C 1005 -80.20 -52.26 -32.38
C PRO C 1005 -79.88 -51.04 -33.29
N PHE C 1006 -79.29 -50.00 -32.68
CA PHE C 1006 -79.02 -48.69 -33.33
C PHE C 1006 -78.09 -48.72 -34.57
N VAL C 1007 -78.71 -48.93 -35.73
CA VAL C 1007 -78.00 -48.89 -37.01
C VAL C 1007 -77.59 -47.44 -37.37
N VAL C 1008 -78.46 -46.73 -38.10
CA VAL C 1008 -78.12 -45.48 -38.84
C VAL C 1008 -77.14 -44.50 -38.18
N VAL C 1009 -76.24 -44.04 -39.05
CA VAL C 1009 -75.04 -43.29 -38.75
C VAL C 1009 -74.84 -42.38 -39.98
N SER C 1010 -73.63 -42.26 -40.49
CA SER C 1010 -73.41 -41.41 -41.68
C SER C 1010 -74.19 -41.89 -42.93
N LEU C 1011 -74.28 -41.02 -43.94
CA LEU C 1011 -75.11 -41.25 -45.13
C LEU C 1011 -74.41 -41.97 -46.29
N GLU C 1012 -73.08 -41.88 -46.35
CA GLU C 1012 -72.33 -42.54 -47.42
C GLU C 1012 -71.57 -43.75 -46.87
N SER C 1013 -72.22 -44.58 -46.06
CA SER C 1013 -71.45 -45.54 -45.29
C SER C 1013 -72.11 -46.88 -45.11
N ASP C 1014 -71.46 -47.94 -45.58
CA ASP C 1014 -72.05 -49.29 -45.51
C ASP C 1014 -71.35 -50.20 -44.47
N SER C 1015 -71.72 -51.48 -44.45
CA SER C 1015 -71.22 -52.45 -43.48
C SER C 1015 -71.79 -53.87 -43.71
N LEU C 1016 -71.01 -54.89 -43.35
CA LEU C 1016 -71.52 -56.24 -43.42
C LEU C 1016 -72.43 -56.53 -42.22
N THR C 1017 -73.34 -57.48 -42.40
CA THR C 1017 -74.19 -57.95 -41.32
C THR C 1017 -73.31 -58.51 -40.21
N LYS C 1018 -73.72 -58.31 -38.96
CA LYS C 1018 -73.10 -58.98 -37.81
C LYS C 1018 -72.71 -60.45 -38.08
N ALA C 1019 -73.61 -61.16 -38.77
CA ALA C 1019 -73.43 -62.56 -39.16
C ALA C 1019 -72.34 -62.74 -40.22
N SER C 1020 -72.42 -61.94 -41.30
CA SER C 1020 -71.47 -62.00 -42.42
C SER C 1020 -70.03 -61.73 -41.98
N MET C 1021 -69.91 -60.95 -40.90
CA MET C 1021 -68.63 -60.56 -40.32
C MET C 1021 -67.96 -61.70 -39.55
N ALA C 1022 -68.71 -62.36 -38.64
CA ALA C 1022 -68.15 -63.47 -37.85
C ALA C 1022 -67.76 -64.69 -38.70
N ALA C 1023 -68.31 -64.70 -39.92
CA ALA C 1023 -68.01 -65.70 -40.94
C ALA C 1023 -66.67 -65.47 -41.64
N VAL C 1024 -66.42 -64.21 -42.01
CA VAL C 1024 -65.12 -63.79 -42.53
C VAL C 1024 -64.06 -64.20 -41.52
N GLU C 1025 -64.29 -63.83 -40.26
CA GLU C 1025 -63.32 -64.15 -39.18
C GLU C 1025 -62.87 -65.62 -39.14
N SER C 1026 -63.83 -66.51 -38.96
CA SER C 1026 -63.54 -67.94 -38.78
C SER C 1026 -62.95 -68.66 -40.01
N GLU C 1027 -63.05 -68.07 -41.21
CA GLU C 1027 -62.44 -68.67 -42.43
C GLU C 1027 -61.04 -68.10 -42.75
N ILE C 1028 -60.76 -66.88 -42.28
CA ILE C 1028 -59.42 -66.27 -42.34
C ILE C 1028 -58.48 -66.80 -41.25
N ILE C 1029 -59.03 -67.08 -40.05
CA ILE C 1029 -58.29 -67.72 -38.96
C ILE C 1029 -57.68 -69.01 -39.51
N LYS C 1030 -58.52 -69.79 -40.18
CA LYS C 1030 -58.10 -71.01 -40.88
C LYS C 1030 -57.09 -70.73 -42.02
N TYR C 1031 -57.38 -69.71 -42.84
CA TYR C 1031 -56.56 -69.32 -44.00
C TYR C 1031 -55.08 -69.02 -43.65
N VAL C 1032 -54.83 -68.33 -42.53
CA VAL C 1032 -53.45 -67.99 -42.09
C VAL C 1032 -52.72 -69.18 -41.43
N SER C 1033 -53.49 -70.21 -41.09
CA SER C 1033 -52.95 -71.44 -40.51
C SER C 1033 -52.27 -72.32 -41.56
N LEU C 1034 -52.84 -72.35 -42.78
CA LEU C 1034 -52.36 -73.19 -43.88
C LEU C 1034 -50.98 -72.77 -44.42
N PRO C 1035 -50.14 -73.76 -44.85
CA PRO C 1035 -48.75 -73.46 -45.25
C PRO C 1035 -48.63 -72.40 -46.31
N ASP C 1036 -47.57 -71.61 -46.22
CA ASP C 1036 -47.26 -70.55 -47.16
C ASP C 1036 -45.79 -70.19 -47.07
N SER C 1037 -45.35 -69.38 -48.02
CA SER C 1037 -44.08 -68.67 -47.92
C SER C 1037 -44.19 -67.56 -48.92
N SER C 1038 -43.04 -67.06 -49.37
CA SER C 1038 -42.97 -65.95 -50.30
C SER C 1038 -41.90 -66.19 -51.41
N GLU C 1039 -41.50 -65.13 -52.12
CA GLU C 1039 -40.49 -65.19 -53.16
C GLU C 1039 -39.61 -63.97 -53.02
N GLN C 1040 -38.96 -63.59 -54.12
CA GLN C 1040 -38.02 -62.48 -54.16
C GLN C 1040 -37.39 -62.40 -55.54
N LYS C 1041 -38.20 -62.11 -56.56
CA LYS C 1041 -37.72 -62.06 -57.94
C LYS C 1041 -36.80 -60.85 -58.18
N LYS C 1042 -35.98 -60.91 -59.22
CA LYS C 1042 -35.23 -59.73 -59.67
C LYS C 1042 -35.73 -59.28 -61.04
N LEU C 1043 -36.06 -57.99 -61.16
CA LEU C 1043 -36.66 -57.42 -62.37
C LEU C 1043 -35.88 -56.23 -62.89
N ALA C 1044 -36.01 -55.96 -64.18
CA ALA C 1044 -35.23 -54.89 -64.83
C ALA C 1044 -36.04 -54.21 -65.90
N LYS C 1045 -35.50 -53.12 -66.45
CA LYS C 1045 -36.24 -52.32 -67.41
C LYS C 1045 -37.58 -51.82 -66.81
N VAL C 1046 -37.71 -51.87 -65.49
CA VAL C 1046 -38.95 -51.47 -64.78
C VAL C 1046 -39.20 -49.95 -64.90
N PRO C 1047 -40.36 -49.53 -65.46
CA PRO C 1047 -40.66 -48.08 -65.46
C PRO C 1047 -41.24 -47.53 -64.13
N ARG C 1048 -41.44 -46.21 -64.06
CA ARG C 1048 -41.79 -45.55 -62.79
C ARG C 1048 -43.26 -45.66 -62.38
N GLU C 1049 -44.14 -45.66 -63.38
CA GLU C 1049 -45.58 -45.97 -63.21
C GLU C 1049 -45.76 -47.30 -62.50
N ALA C 1050 -44.73 -48.14 -62.60
CA ALA C 1050 -44.78 -49.45 -62.02
C ALA C 1050 -44.44 -49.44 -60.52
N ILE C 1051 -44.22 -48.26 -59.97
CA ILE C 1051 -43.75 -48.16 -58.59
C ILE C 1051 -44.37 -46.96 -57.85
N LEU C 1052 -44.42 -46.99 -56.54
CA LEU C 1052 -44.75 -45.71 -55.84
C LEU C 1052 -44.30 -45.55 -54.38
N ASN C 1053 -43.92 -44.32 -54.05
CA ASN C 1053 -43.67 -43.93 -52.66
C ASN C 1053 -45.00 -43.74 -51.92
N ALA C 1054 -45.33 -44.70 -51.08
CA ALA C 1054 -46.54 -44.63 -50.31
C ALA C 1054 -46.76 -43.25 -49.67
N GLU C 1055 -45.75 -42.67 -48.98
CA GLU C 1055 -45.98 -41.43 -48.21
C GLU C 1055 -46.36 -40.23 -49.08
N SER C 1056 -45.99 -40.28 -50.35
CA SER C 1056 -46.38 -39.25 -51.30
C SER C 1056 -47.78 -39.45 -51.88
N SER C 1057 -48.21 -40.68 -52.20
CA SER C 1057 -49.45 -40.88 -52.99
C SER C 1057 -50.79 -40.85 -52.26
N TYR C 1058 -50.91 -40.18 -51.09
CA TYR C 1058 -52.14 -40.28 -50.27
C TYR C 1058 -53.40 -40.01 -51.08
N VAL C 1059 -53.40 -38.88 -51.77
CA VAL C 1059 -54.51 -38.48 -52.66
C VAL C 1059 -54.81 -39.55 -53.71
N LEU C 1060 -53.78 -40.09 -54.34
CA LEU C 1060 -54.04 -41.08 -55.33
C LEU C 1060 -54.72 -42.23 -54.64
N LEU C 1061 -54.13 -42.68 -53.54
CA LEU C 1061 -54.65 -43.82 -52.80
C LEU C 1061 -56.04 -43.51 -52.23
N ARG C 1062 -56.23 -42.35 -51.65
CA ARG C 1062 -57.52 -42.04 -51.07
C ARG C 1062 -58.57 -41.99 -52.18
N SER C 1063 -58.11 -41.90 -53.42
CA SER C 1063 -59.04 -41.79 -54.57
C SER C 1063 -59.49 -43.15 -55.14
N GLN C 1064 -59.12 -44.25 -54.50
CA GLN C 1064 -59.63 -45.56 -54.91
C GLN C 1064 -61.09 -45.69 -54.47
N ARG C 1065 -61.88 -46.46 -55.20
CA ARG C 1065 -63.18 -46.87 -54.68
C ARG C 1065 -62.93 -48.17 -53.91
N PHE C 1066 -63.72 -48.36 -52.85
CA PHE C 1066 -63.62 -49.55 -52.01
C PHE C 1066 -65.05 -50.11 -51.87
N HIS C 1067 -65.17 -51.42 -52.02
CA HIS C 1067 -66.47 -52.09 -52.05
C HIS C 1067 -66.50 -53.21 -50.99
N LEU C 1068 -67.64 -53.36 -50.30
CA LEU C 1068 -67.73 -54.33 -49.19
C LEU C 1068 -67.16 -55.68 -49.60
N GLY C 1069 -66.16 -56.17 -48.87
CA GLY C 1069 -65.51 -57.43 -49.20
C GLY C 1069 -64.19 -57.37 -49.98
N ASP C 1070 -63.81 -56.20 -50.50
CA ASP C 1070 -62.57 -56.10 -51.25
C ASP C 1070 -61.37 -56.61 -50.40
N ARG C 1071 -60.39 -57.25 -51.05
CA ARG C 1071 -59.11 -57.56 -50.40
C ARG C 1071 -58.20 -56.32 -50.41
N VAL C 1072 -57.55 -56.02 -49.28
CA VAL C 1072 -56.77 -54.76 -49.18
C VAL C 1072 -55.45 -54.92 -48.44
N MET C 1073 -54.47 -54.08 -48.80
CA MET C 1073 -53.19 -54.09 -48.08
C MET C 1073 -52.79 -52.76 -47.47
N TYR C 1074 -52.35 -52.82 -46.20
CA TYR C 1074 -51.75 -51.67 -45.51
C TYR C 1074 -50.44 -51.36 -46.17
N ILE C 1075 -50.27 -50.09 -46.54
CA ILE C 1075 -49.24 -49.66 -47.47
C ILE C 1075 -48.19 -48.66 -46.88
N GLN C 1076 -48.38 -48.20 -45.64
CA GLN C 1076 -47.48 -47.21 -45.09
C GLN C 1076 -46.44 -47.77 -44.12
N ASP C 1077 -45.20 -47.25 -44.20
CA ASP C 1077 -44.08 -47.66 -43.30
C ASP C 1077 -44.15 -47.01 -41.94
N SER C 1078 -45.28 -46.36 -41.70
CA SER C 1078 -45.68 -45.86 -40.39
C SER C 1078 -47.19 -46.00 -40.10
N GLY C 1079 -47.59 -45.80 -38.85
CA GLY C 1079 -49.01 -45.89 -38.46
C GLY C 1079 -49.35 -47.03 -37.52
N LYS C 1080 -50.64 -47.40 -37.46
CA LYS C 1080 -50.99 -48.40 -36.42
C LYS C 1080 -50.88 -49.87 -36.81
N VAL C 1081 -50.73 -50.15 -38.09
CA VAL C 1081 -50.57 -51.52 -38.51
C VAL C 1081 -49.17 -51.76 -39.09
N PRO C 1082 -48.66 -52.99 -38.98
CA PRO C 1082 -47.44 -53.37 -39.70
C PRO C 1082 -47.57 -53.22 -41.22
N LEU C 1083 -46.48 -52.77 -41.85
CA LEU C 1083 -46.35 -52.67 -43.31
C LEU C 1083 -46.72 -54.02 -43.98
N HIS C 1084 -47.60 -53.98 -44.97
CA HIS C 1084 -47.86 -55.17 -45.80
C HIS C 1084 -48.98 -56.10 -45.31
N SER C 1085 -49.42 -55.90 -44.05
CA SER C 1085 -50.60 -56.59 -43.49
C SER C 1085 -51.73 -56.73 -44.50
N LYS C 1086 -52.24 -57.95 -44.65
CA LYS C 1086 -53.31 -58.17 -45.60
C LYS C 1086 -54.62 -58.31 -44.82
N GLY C 1087 -55.69 -57.78 -45.39
CA GLY C 1087 -57.01 -57.75 -44.76
C GLY C 1087 -58.23 -57.68 -45.69
N THR C 1088 -59.42 -57.54 -45.10
CA THR C 1088 -60.65 -57.56 -45.84
C THR C 1088 -61.58 -56.43 -45.39
N VAL C 1089 -62.27 -55.83 -46.35
CA VAL C 1089 -63.17 -54.74 -46.04
C VAL C 1089 -64.52 -55.27 -45.57
N VAL C 1090 -64.79 -55.07 -44.29
CA VAL C 1090 -66.03 -55.52 -43.66
C VAL C 1090 -67.04 -54.38 -43.59
N GLY C 1091 -66.55 -53.15 -43.62
CA GLY C 1091 -67.43 -51.98 -43.53
C GLY C 1091 -66.65 -50.72 -43.84
N TYR C 1092 -67.37 -49.63 -44.14
CA TYR C 1092 -66.74 -48.34 -44.37
C TYR C 1092 -67.69 -47.20 -43.97
N THR C 1093 -67.13 -46.14 -43.38
CA THR C 1093 -67.97 -45.10 -42.78
C THR C 1093 -67.38 -43.71 -42.97
N SER C 1094 -67.99 -42.91 -43.84
CA SER C 1094 -67.41 -41.63 -44.23
C SER C 1094 -67.65 -40.47 -43.22
N ILE C 1095 -66.67 -39.55 -43.12
CA ILE C 1095 -66.74 -38.32 -42.27
C ILE C 1095 -66.81 -37.06 -43.17
N GLY C 1096 -67.93 -36.90 -43.88
CA GLY C 1096 -68.08 -35.92 -44.96
C GLY C 1096 -67.12 -36.08 -46.15
N LYS C 1097 -65.89 -35.59 -45.98
CA LYS C 1097 -64.86 -35.63 -47.03
C LYS C 1097 -64.06 -36.96 -46.99
N ASN C 1098 -63.47 -37.26 -45.83
CA ASN C 1098 -62.60 -38.44 -45.68
C ASN C 1098 -63.40 -39.70 -45.51
N VAL C 1099 -62.92 -40.77 -46.12
CA VAL C 1099 -63.55 -42.07 -46.05
C VAL C 1099 -62.69 -42.99 -45.18
N SER C 1100 -63.25 -43.37 -44.05
CA SER C 1100 -62.60 -44.33 -43.12
C SER C 1100 -62.98 -45.79 -43.46
N ILE C 1101 -62.09 -46.54 -44.12
CA ILE C 1101 -62.36 -47.95 -44.42
C ILE C 1101 -62.23 -48.79 -43.17
N GLN C 1102 -63.00 -49.86 -43.09
CA GLN C 1102 -63.03 -50.67 -41.90
C GLN C 1102 -62.47 -52.04 -42.26
N VAL C 1103 -61.35 -52.42 -41.66
CA VAL C 1103 -60.69 -53.67 -42.04
C VAL C 1103 -60.82 -54.78 -40.97
N LEU C 1104 -60.96 -56.00 -41.47
CA LEU C 1104 -60.69 -57.20 -40.71
C LEU C 1104 -59.35 -57.66 -41.24
N PHE C 1105 -58.30 -57.51 -40.44
CA PHE C 1105 -56.96 -57.93 -40.86
C PHE C 1105 -56.77 -59.41 -40.61
N ASP C 1106 -55.84 -59.98 -41.35
CA ASP C 1106 -55.53 -61.39 -41.20
C ASP C 1106 -54.98 -61.76 -39.84
N ASN C 1107 -53.89 -61.15 -39.42
CA ASN C 1107 -53.39 -61.41 -38.08
C ASN C 1107 -54.14 -60.58 -37.05
N GLU C 1108 -54.00 -60.96 -35.79
CA GLU C 1108 -54.57 -60.17 -34.72
C GLU C 1108 -53.60 -59.00 -34.68
N ILE C 1109 -54.14 -57.79 -34.50
CA ILE C 1109 -53.37 -56.54 -34.51
C ILE C 1109 -53.48 -55.86 -33.15
N ILE C 1110 -52.35 -55.69 -32.46
CA ILE C 1110 -52.26 -54.93 -31.19
C ILE C 1110 -53.15 -53.68 -31.11
N ALA C 1111 -53.34 -52.96 -32.22
CA ALA C 1111 -54.24 -51.76 -32.26
C ALA C 1111 -55.73 -52.05 -32.52
N GLY C 1112 -56.00 -53.27 -33.00
CA GLY C 1112 -57.32 -53.68 -33.44
C GLY C 1112 -58.36 -53.70 -32.33
N ASN C 1113 -59.61 -53.47 -32.72
CA ASN C 1113 -60.75 -53.68 -31.86
C ASN C 1113 -61.62 -54.77 -32.47
N ASN C 1114 -62.81 -54.97 -31.91
CA ASN C 1114 -63.66 -56.10 -32.27
C ASN C 1114 -65.02 -55.64 -32.77
N PHE C 1115 -65.09 -54.39 -33.21
CA PHE C 1115 -66.36 -53.80 -33.64
C PHE C 1115 -67.51 -54.05 -32.65
N GLY C 1116 -67.22 -53.83 -31.36
CA GLY C 1116 -68.19 -53.96 -30.26
C GLY C 1116 -68.83 -55.33 -30.04
N GLY C 1117 -68.02 -56.39 -30.05
CA GLY C 1117 -68.53 -57.76 -29.84
C GLY C 1117 -68.85 -58.54 -31.10
N ARG C 1118 -68.73 -57.91 -32.28
CA ARG C 1118 -68.95 -58.56 -33.58
C ARG C 1118 -67.88 -59.61 -33.90
N LEU C 1119 -66.71 -59.43 -33.31
CA LEU C 1119 -65.59 -60.32 -33.57
C LEU C 1119 -65.05 -61.04 -32.33
N GLN C 1120 -64.65 -62.29 -32.57
CA GLN C 1120 -64.04 -63.12 -31.55
C GLN C 1120 -62.65 -62.61 -31.17
N THR C 1121 -61.91 -62.08 -32.15
CA THR C 1121 -60.54 -61.58 -31.92
C THR C 1121 -60.38 -60.07 -32.18
N ARG C 1122 -59.16 -59.56 -31.94
CA ARG C 1122 -58.84 -58.16 -32.23
C ARG C 1122 -58.19 -58.01 -33.63
N ARG C 1123 -59.02 -58.07 -34.67
CA ARG C 1123 -58.55 -57.99 -36.05
C ARG C 1123 -59.13 -56.77 -36.74
N GLY C 1124 -59.92 -55.99 -36.00
CA GLY C 1124 -60.66 -54.90 -36.62
C GLY C 1124 -60.02 -53.52 -36.50
N LEU C 1125 -59.98 -52.80 -37.60
CA LEU C 1125 -59.48 -51.45 -37.53
C LEU C 1125 -60.13 -50.58 -38.58
N GLY C 1126 -60.41 -49.34 -38.17
CA GLY C 1126 -60.86 -48.28 -39.05
C GLY C 1126 -59.63 -47.45 -39.34
N LEU C 1127 -59.36 -47.29 -40.65
CA LEU C 1127 -58.14 -46.72 -41.21
C LEU C 1127 -58.52 -45.90 -42.41
N ASP C 1128 -57.83 -44.78 -42.64
CA ASP C 1128 -58.14 -43.92 -43.76
C ASP C 1128 -57.71 -44.60 -45.07
N SER C 1129 -58.55 -44.40 -46.08
CA SER C 1129 -58.31 -44.90 -47.44
C SER C 1129 -56.90 -44.64 -47.97
N SER C 1130 -56.22 -43.63 -47.44
CA SER C 1130 -54.83 -43.37 -47.82
C SER C 1130 -53.78 -44.33 -47.19
N PHE C 1131 -54.22 -45.36 -46.45
CA PHE C 1131 -53.23 -46.30 -45.87
C PHE C 1131 -53.26 -47.60 -46.67
N LEU C 1132 -54.15 -47.63 -47.65
CA LEU C 1132 -54.65 -48.88 -48.17
C LEU C 1132 -54.59 -48.99 -49.66
N LEU C 1133 -54.23 -50.19 -50.09
CA LEU C 1133 -54.17 -50.56 -51.49
C LEU C 1133 -55.15 -51.71 -51.76
N ASN C 1134 -56.10 -51.43 -52.65
CA ASN C 1134 -57.11 -52.42 -53.07
C ASN C 1134 -56.51 -53.55 -53.94
N LEU C 1135 -56.47 -54.78 -53.39
CA LEU C 1135 -55.82 -55.91 -54.06
C LEU C 1135 -56.77 -56.67 -54.94
N SER C 1136 -58.04 -56.29 -54.89
CA SER C 1136 -59.10 -56.92 -55.68
C SER C 1136 -59.94 -55.80 -56.22
N ASP C 1137 -60.00 -55.66 -57.56
CA ASP C 1137 -60.42 -54.41 -58.22
C ASP C 1137 -59.20 -53.48 -58.11
N ARG C 1138 -58.14 -53.89 -58.80
CA ARG C 1138 -56.86 -53.20 -58.76
C ARG C 1138 -56.89 -51.94 -59.66
N GLN C 1139 -56.78 -50.74 -59.08
CA GLN C 1139 -56.95 -49.53 -59.87
C GLN C 1139 -55.64 -48.80 -60.20
N LEU C 1140 -54.50 -49.50 -60.06
CA LEU C 1140 -53.20 -48.88 -60.32
C LEU C 1140 -52.17 -49.86 -60.91
N VAL C 1141 -52.60 -50.86 -61.68
CA VAL C 1141 -51.69 -51.94 -62.10
C VAL C 1141 -50.84 -51.51 -63.28
N TYR C 1142 -49.80 -52.30 -63.60
CA TYR C 1142 -48.98 -52.14 -64.83
C TYR C 1142 -48.14 -50.83 -64.82
N ILE D 3 -0.33 28.17 36.80
CA ILE D 3 -1.50 27.24 36.98
C ILE D 3 -2.30 27.59 38.25
N PRO D 4 -3.61 27.88 38.11
CA PRO D 4 -4.47 28.36 39.16
C PRO D 4 -4.10 28.12 40.63
N LYS D 5 -3.79 26.88 41.05
CA LYS D 5 -3.34 26.70 42.46
C LYS D 5 -2.14 25.78 42.57
N PHE D 6 -1.18 26.00 41.69
CA PHE D 6 -0.10 25.09 41.50
C PHE D 6 0.89 25.18 42.64
N PHE D 7 1.41 26.38 42.90
CA PHE D 7 2.36 26.56 44.01
C PHE D 7 1.79 26.16 45.39
N HIS D 8 0.59 26.68 45.75
CA HIS D 8 -0.13 26.31 47.01
C HIS D 8 -0.13 24.79 47.14
N PHE D 9 -0.51 24.11 46.06
CA PHE D 9 -0.77 22.67 46.07
C PHE D 9 0.48 21.86 46.24
N ILE D 10 1.52 22.32 45.59
CA ILE D 10 2.82 21.66 45.61
C ILE D 10 3.58 21.88 46.91
N SER D 11 3.33 23.03 47.52
CA SER D 11 3.95 23.36 48.77
C SER D 11 3.33 22.61 49.92
N GLU D 12 2.01 22.41 49.92
CA GLU D 12 1.37 21.71 51.05
C GLU D 12 1.50 20.19 50.93
N ARG D 13 2.19 19.72 49.90
CA ARG D 13 2.29 18.27 49.68
C ARG D 13 3.72 17.80 49.91
N TRP D 14 4.66 18.63 49.47
CA TRP D 14 6.05 18.36 49.73
C TRP D 14 6.62 19.50 50.59
N PRO D 15 6.19 19.57 51.87
CA PRO D 15 6.16 20.78 52.65
C PRO D 15 7.52 21.32 53.16
N GLN D 16 8.59 21.15 52.41
CA GLN D 16 9.86 21.64 52.90
C GLN D 16 10.69 22.12 51.76
N ILE D 17 10.04 22.67 50.75
CA ILE D 17 10.76 22.98 49.54
C ILE D 17 11.23 24.43 49.47
N SER D 18 10.58 25.33 50.22
CA SER D 18 10.99 26.73 50.25
C SER D 18 11.80 27.04 51.51
N GLN D 19 12.62 28.08 51.42
CA GLN D 19 13.43 28.58 52.54
C GLN D 19 13.47 30.13 52.54
N LEU D 20 12.91 30.76 53.57
CA LEU D 20 12.83 32.20 53.60
C LEU D 20 14.26 32.75 53.66
N ILE D 21 14.56 33.74 52.83
CA ILE D 21 15.78 34.53 53.01
C ILE D 21 15.47 35.51 54.13
N ASP D 22 16.28 35.47 55.18
CA ASP D 22 16.06 36.27 56.36
C ASP D 22 17.37 36.71 57.03
N GLY D 23 18.39 36.98 56.23
CA GLY D 23 19.66 37.42 56.80
C GLY D 23 20.56 36.22 57.09
N SER D 24 19.97 35.17 57.63
CA SER D 24 20.66 33.89 57.73
C SER D 24 21.31 33.52 56.37
N GLN D 25 22.45 32.83 56.46
CA GLN D 25 23.23 32.33 55.29
C GLN D 25 22.50 31.44 54.30
N ILE D 26 22.47 31.86 53.05
CA ILE D 26 21.99 31.02 51.94
C ILE D 26 23.21 30.48 51.20
N PRO D 27 23.03 29.48 50.34
CA PRO D 27 24.23 28.87 49.82
C PRO D 27 24.72 29.61 48.61
N GLU D 28 25.96 29.36 48.18
CA GLU D 28 26.55 30.09 47.08
C GLU D 28 25.98 29.70 45.73
N PHE D 29 25.90 30.64 44.79
CA PHE D 29 25.36 30.28 43.50
C PHE D 29 26.35 30.56 42.39
N ASP D 30 26.26 29.76 41.35
CA ASP D 30 27.11 30.05 40.20
C ASP D 30 26.45 31.11 39.31
N ASN D 31 25.27 30.81 38.72
CA ASN D 31 24.54 31.82 37.94
C ASN D 31 23.23 32.30 38.54
N LEU D 32 22.91 33.56 38.27
CA LEU D 32 21.58 34.12 38.52
C LEU D 32 21.00 34.55 37.18
N TYR D 33 19.70 34.35 36.95
CA TYR D 33 19.02 34.77 35.71
C TYR D 33 17.76 35.56 36.04
N LEU D 34 17.70 36.81 35.57
CA LEU D 34 16.50 37.62 35.81
C LEU D 34 15.53 37.70 34.63
N ASP D 35 14.31 37.22 34.86
CA ASP D 35 13.15 37.49 34.03
C ASP D 35 12.53 38.82 34.54
N MET D 36 12.58 39.86 33.71
CA MET D 36 12.45 41.23 34.20
C MET D 36 11.27 42.08 33.75
N ASN D 37 10.45 41.62 32.82
CA ASN D 37 9.32 42.45 32.43
C ASN D 37 8.44 42.75 33.63
N SER D 38 8.40 41.80 34.59
CA SER D 38 7.64 41.93 35.85
C SER D 38 8.09 43.10 36.72
N ILE D 39 9.36 43.45 36.57
CA ILE D 39 9.91 44.59 37.28
C ILE D 39 9.52 45.89 36.62
N LEU D 40 9.54 45.89 35.29
CA LEU D 40 9.19 47.08 34.53
C LEU D 40 7.71 47.52 34.74
N HIS D 41 6.81 46.55 34.82
CA HIS D 41 5.38 46.79 35.07
C HIS D 41 5.16 47.27 36.52
N ASN D 42 5.90 46.66 37.45
CA ASN D 42 5.92 47.02 38.87
C ASN D 42 6.38 48.45 39.17
N CYS D 43 7.48 48.83 38.53
CA CYS D 43 8.11 50.12 38.74
C CYS D 43 7.44 51.32 38.04
N THR D 44 6.85 51.06 36.87
CA THR D 44 5.95 51.98 36.16
C THR D 44 5.02 52.80 37.05
N HIS D 45 4.23 52.14 37.91
CA HIS D 45 3.34 52.87 38.82
C HIS D 45 3.65 52.70 40.32
N GLY D 46 2.99 53.51 41.14
CA GLY D 46 3.23 53.56 42.58
C GLY D 46 3.71 54.93 43.03
N ARG D 54 1.75 60.31 37.69
CA ARG D 54 2.86 59.59 37.07
C ARG D 54 4.21 59.99 37.65
N LEU D 55 5.02 58.97 37.86
CA LEU D 55 6.35 59.10 38.45
C LEU D 55 7.33 59.70 37.48
N SER D 56 8.28 60.42 38.04
CA SER D 56 9.44 60.97 37.32
C SER D 56 10.24 59.85 36.65
N GLU D 57 10.89 60.11 35.52
CA GLU D 57 11.66 59.09 34.80
C GLU D 57 12.72 58.48 35.73
N GLU D 58 13.36 59.35 36.52
CA GLU D 58 14.33 58.91 37.53
C GLU D 58 13.63 58.23 38.72
N GLU D 59 12.52 58.79 39.17
CA GLU D 59 11.75 58.14 40.21
C GLU D 59 11.58 56.69 39.79
N VAL D 60 11.19 56.45 38.52
CA VAL D 60 10.98 55.10 38.05
C VAL D 60 12.31 54.39 37.93
N TYR D 61 13.23 54.86 37.12
CA TYR D 61 14.42 54.05 36.92
C TYR D 61 15.28 53.85 38.17
N SER D 62 15.07 54.68 39.19
CA SER D 62 15.67 54.42 40.48
C SER D 62 15.09 53.16 41.09
N LYS D 63 13.77 53.02 41.09
CA LYS D 63 13.12 51.78 41.50
C LYS D 63 13.63 50.56 40.71
N ILE D 64 13.73 50.68 39.38
CA ILE D 64 14.10 49.54 38.58
C ILE D 64 15.49 49.13 39.00
N PHE D 65 16.38 50.11 39.05
CA PHE D 65 17.76 49.83 39.40
C PHE D 65 17.93 49.19 40.76
N SER D 66 17.23 49.66 41.78
CA SER D 66 17.41 49.10 43.10
C SER D 66 16.87 47.68 43.15
N TYR D 67 15.81 47.41 42.43
CA TYR D 67 15.26 46.08 42.40
C TYR D 67 16.28 45.12 41.84
N ILE D 68 16.78 45.41 40.65
CA ILE D 68 17.75 44.53 40.01
C ILE D 68 18.86 44.24 41.00
N ASP D 69 19.44 45.31 41.52
CA ASP D 69 20.62 45.32 42.39
C ASP D 69 20.39 44.63 43.72
N HIS D 70 19.19 44.80 44.25
CA HIS D 70 18.77 44.07 45.44
C HIS D 70 18.70 42.54 45.26
N LEU D 71 18.24 42.07 44.10
CA LEU D 71 18.27 40.65 43.78
C LEU D 71 19.70 40.16 43.60
N PHE D 72 20.48 40.90 42.84
CA PHE D 72 21.84 40.47 42.59
C PHE D 72 22.60 40.42 43.90
N HIS D 73 22.38 41.37 44.79
CA HIS D 73 23.06 41.23 46.07
C HIS D 73 22.51 40.18 46.99
N THR D 74 21.20 39.89 46.87
CA THR D 74 20.61 38.78 47.55
C THR D 74 21.39 37.53 47.24
N ILE D 75 21.46 37.12 45.97
CA ILE D 75 22.13 35.88 45.57
C ILE D 75 23.67 35.86 45.55
N LYS D 76 24.29 36.96 45.13
CA LYS D 76 25.75 37.06 44.92
C LYS D 76 26.26 36.00 43.98
N PRO D 77 25.93 36.11 42.68
CA PRO D 77 26.43 35.08 41.76
C PRO D 77 27.94 35.09 41.67
N LYS D 78 28.55 33.91 41.69
CA LYS D 78 30.02 33.80 41.51
C LYS D 78 30.52 33.74 40.06
N GLN D 79 29.74 33.20 39.10
CA GLN D 79 30.25 33.09 37.73
C GLN D 79 29.46 33.84 36.66
N THR D 80 28.14 33.65 36.62
CA THR D 80 27.31 34.40 35.65
C THR D 80 26.14 35.24 36.22
N PHE D 81 25.91 36.39 35.60
CA PHE D 81 24.71 37.17 35.81
C PHE D 81 24.13 37.50 34.45
N TYR D 82 22.92 37.01 34.22
CA TYR D 82 22.21 37.09 32.96
C TYR D 82 20.82 37.74 33.15
N MET D 83 20.64 38.93 32.56
CA MET D 83 19.35 39.63 32.62
C MET D 83 18.63 39.52 31.29
N ALA D 84 17.32 39.29 31.35
CA ALA D 84 16.53 39.08 30.15
C ALA D 84 15.21 39.90 30.13
N ILE D 85 14.91 40.60 29.00
CA ILE D 85 13.62 41.30 28.77
C ILE D 85 12.90 40.68 27.56
N ASP D 86 11.57 40.55 27.61
CA ASP D 86 10.78 40.08 26.45
C ASP D 86 11.06 40.88 25.17
N GLY D 87 11.64 40.20 24.18
CA GLY D 87 11.66 40.71 22.82
C GLY D 87 10.34 40.43 22.11
N VAL D 88 10.34 40.48 20.79
CA VAL D 88 9.14 40.10 20.04
C VAL D 88 8.81 38.67 20.45
N ALA D 89 7.53 38.35 20.57
CA ALA D 89 7.11 36.97 20.87
C ALA D 89 6.81 36.20 19.58
N PRO D 90 6.76 34.86 19.65
CA PRO D 90 6.17 34.13 18.51
C PRO D 90 4.66 34.47 18.37
N ARG D 91 4.06 34.18 17.21
CA ARG D 91 2.64 34.52 17.00
C ARG D 91 1.73 33.75 17.98
N ALA D 92 2.20 32.58 18.41
CA ALA D 92 1.52 31.72 19.38
C ALA D 92 0.98 32.43 20.62
N LYS D 93 1.48 33.64 20.86
CA LYS D 93 1.15 34.39 22.08
C LYS D 93 0.56 35.74 21.72
N MET D 94 0.60 36.10 20.43
CA MET D 94 0.12 37.38 19.93
C MET D 94 -1.30 37.69 20.40
N ASN D 95 -2.17 36.68 20.35
CA ASN D 95 -3.56 36.87 20.77
C ASN D 95 -3.66 37.31 22.21
N GLN D 96 -2.85 36.72 23.09
CA GLN D 96 -2.84 37.10 24.51
C GLN D 96 -2.27 38.48 24.75
N GLN D 97 -1.12 38.79 24.12
CA GLN D 97 -0.53 40.13 24.13
C GLN D 97 -1.51 41.18 23.59
N ARG D 98 -2.16 40.83 22.48
CA ARG D 98 -3.17 41.68 21.88
C ARG D 98 -4.34 41.84 22.86
N ALA D 99 -4.77 40.74 23.48
CA ALA D 99 -5.91 40.70 24.40
C ALA D 99 -5.69 41.53 25.68
N ARG D 100 -4.50 41.41 26.26
CA ARG D 100 -4.18 42.17 27.46
C ARG D 100 -3.91 43.67 27.20
N ARG D 101 -3.19 43.99 26.13
CA ARG D 101 -2.95 45.39 25.81
C ARG D 101 -4.29 46.10 25.58
N PHE D 102 -5.22 45.39 24.94
CA PHE D 102 -6.52 45.91 24.61
C PHE D 102 -7.36 46.24 25.86
N ARG D 103 -7.48 45.28 26.79
CA ARG D 103 -8.27 45.48 28.04
C ARG D 103 -7.63 46.54 28.96
N THR D 104 -6.33 46.75 28.78
CA THR D 104 -5.57 47.78 29.52
C THR D 104 -6.03 49.18 29.14
N ALA D 105 -6.25 49.38 27.84
CA ALA D 105 -6.84 50.62 27.35
C ALA D 105 -8.33 50.71 27.70
N MET D 106 -8.99 49.56 27.95
CA MET D 106 -10.33 49.59 28.55
C MET D 106 -10.21 50.30 29.90
N ASP D 107 -9.81 49.55 30.95
CA ASP D 107 -9.87 50.03 32.33
C ASP D 107 -9.32 51.45 32.52
N ALA D 108 -8.31 51.79 31.71
CA ALA D 108 -7.63 53.08 31.73
C ALA D 108 -8.57 54.27 31.53
N GLU D 109 -9.16 54.33 30.34
CA GLU D 109 -10.16 55.32 29.97
C GLU D 109 -11.26 55.46 31.03
N LYS D 110 -11.79 54.32 31.48
CA LYS D 110 -12.90 54.29 32.45
C LYS D 110 -12.57 55.04 33.74
N ALA D 111 -11.43 54.70 34.34
CA ALA D 111 -11.01 55.27 35.63
C ALA D 111 -10.71 56.75 35.50
N LEU D 112 -9.86 57.07 34.53
CA LEU D 112 -9.41 58.45 34.29
C LEU D 112 -10.48 59.28 33.58
N GLN D 113 -10.66 59.01 32.29
CA GLN D 113 -11.54 59.80 31.40
C GLN D 113 -12.98 59.98 31.90
N LYS D 114 -13.49 59.00 32.66
CA LYS D 114 -14.90 59.01 33.05
C LYS D 114 -15.12 59.15 34.57
N ALA D 115 -14.71 58.15 35.34
CA ALA D 115 -14.86 58.20 36.81
C ALA D 115 -13.76 59.05 37.47
N PHE D 128 1.04 57.91 31.64
CA PHE D 128 1.88 56.83 31.10
C PHE D 128 1.09 55.62 30.64
N ASP D 129 1.18 55.31 29.34
CA ASP D 129 0.55 54.10 28.85
C ASP D 129 1.45 52.91 29.10
N SER D 130 0.94 51.99 29.92
CA SER D 130 1.61 50.76 30.31
C SER D 130 1.84 49.80 29.14
N ASN D 131 1.10 49.98 28.05
CA ASN D 131 1.30 49.18 26.84
C ASN D 131 2.60 49.53 26.13
N ALA D 132 3.25 50.60 26.61
CA ALA D 132 4.51 51.07 26.03
C ALA D 132 5.65 50.08 26.20
N ILE D 133 5.51 49.20 27.21
CA ILE D 133 6.47 48.11 27.47
C ILE D 133 6.25 47.03 26.40
N THR D 134 6.64 47.34 25.19
CA THR D 134 6.53 46.36 24.14
C THR D 134 7.77 46.51 23.28
N PRO D 135 8.33 45.39 22.78
CA PRO D 135 9.56 45.46 21.98
C PRO D 135 9.47 46.45 20.81
N GLY D 136 10.37 47.42 20.80
CA GLY D 136 10.40 48.39 19.72
C GLY D 136 9.67 49.70 19.96
N THR D 137 9.18 49.95 21.17
CA THR D 137 8.61 51.26 21.47
C THR D 137 9.70 52.34 21.66
N GLU D 138 9.26 53.58 21.86
CA GLU D 138 10.18 54.68 22.18
C GLU D 138 10.67 54.57 23.61
N PHE D 139 9.81 54.03 24.47
CA PHE D 139 10.12 53.82 25.89
C PHE D 139 11.18 52.74 26.05
N MET D 140 10.97 51.60 25.41
CA MET D 140 11.92 50.50 25.50
C MET D 140 13.26 50.89 24.91
N ALA D 141 13.26 51.92 24.08
CA ALA D 141 14.50 52.45 23.50
C ALA D 141 15.29 53.17 24.56
N LYS D 142 14.59 54.01 25.32
CA LYS D 142 15.21 54.79 26.40
C LYS D 142 15.54 53.90 27.59
N LEU D 143 14.74 52.84 27.76
CA LEU D 143 15.02 51.77 28.70
C LEU D 143 16.42 51.19 28.48
N THR D 144 16.67 50.64 27.32
CA THR D 144 17.94 49.98 27.13
C THR D 144 19.07 50.94 27.36
N GLU D 145 18.91 52.18 26.91
CA GLU D 145 19.93 53.22 27.10
C GLU D 145 20.26 53.48 28.61
N ASN D 146 19.21 53.57 29.42
CA ASN D 146 19.36 53.56 30.86
C ASN D 146 20.10 52.33 31.44
N LEU D 147 19.61 51.11 31.17
CA LEU D 147 20.19 49.90 31.79
C LEU D 147 21.65 49.67 31.42
N LYS D 148 22.02 49.97 30.19
CA LYS D 148 23.44 49.97 29.81
C LYS D 148 24.25 50.84 30.78
N TYR D 149 23.70 52.00 31.11
CA TYR D 149 24.29 52.96 32.06
C TYR D 149 24.47 52.38 33.47
N PHE D 150 23.35 51.95 34.05
CA PHE D 150 23.30 51.26 35.35
C PHE D 150 24.31 50.12 35.44
N ILE D 151 24.42 49.32 34.37
CA ILE D 151 25.38 48.23 34.33
C ILE D 151 26.80 48.79 34.39
N HIS D 152 27.18 49.59 33.40
CA HIS D 152 28.50 50.23 33.40
C HIS D 152 28.84 50.85 34.78
N ASP D 153 27.84 51.44 35.42
CA ASP D 153 27.99 52.10 36.71
C ASP D 153 28.23 51.05 37.76
N LYS D 154 27.27 50.14 37.90
CA LYS D 154 27.40 49.06 38.86
C LYS D 154 28.71 48.25 38.71
N ILE D 155 29.07 47.85 37.49
CA ILE D 155 30.37 47.22 37.35
C ILE D 155 31.54 48.13 37.81
N THR D 156 31.58 49.39 37.38
CA THR D 156 32.65 50.30 37.79
C THR D 156 32.82 50.50 39.34
N ASN D 157 31.72 50.64 40.08
CA ASN D 157 31.83 51.03 41.50
C ASN D 157 31.65 49.96 42.58
N ASP D 158 31.25 48.75 42.21
CA ASP D 158 30.77 47.75 43.17
C ASP D 158 31.49 46.43 42.87
N THR D 159 32.23 45.90 43.84
CA THR D 159 33.18 44.82 43.60
C THR D 159 32.54 43.45 43.36
N ARG D 160 31.40 43.24 43.98
CA ARG D 160 30.59 42.06 43.73
C ARG D 160 30.20 42.03 42.27
N TRP D 161 29.83 43.17 41.67
CA TRP D 161 29.62 43.27 40.22
C TRP D 161 30.89 43.10 39.36
N GLN D 162 32.05 43.10 39.98
CA GLN D 162 33.31 43.06 39.21
C GLN D 162 33.88 41.68 38.95
N ASN D 163 33.11 40.64 39.25
CA ASN D 163 33.66 39.31 39.14
C ASN D 163 32.81 38.33 38.31
N VAL D 164 31.96 38.89 37.47
CA VAL D 164 30.90 38.12 36.88
C VAL D 164 30.82 38.51 35.43
N LYS D 165 30.47 37.55 34.59
CA LYS D 165 30.02 37.88 33.26
C LYS D 165 28.62 38.36 33.48
N VAL D 166 28.35 39.54 32.94
CA VAL D 166 27.03 40.09 33.01
C VAL D 166 26.56 39.97 31.57
N ILE D 167 25.55 39.15 31.35
CA ILE D 167 25.02 39.04 30.02
C ILE D 167 23.67 39.74 30.00
N PHE D 168 23.55 40.74 29.16
CA PHE D 168 22.30 41.44 29.00
C PHE D 168 21.64 41.01 27.70
N SER D 169 20.41 40.51 27.78
CA SER D 169 19.71 40.08 26.60
C SER D 169 18.43 40.88 26.57
N GLY D 170 18.51 42.10 26.05
CA GLY D 170 17.36 43.02 26.02
C GLY D 170 16.30 42.60 25.03
N HIS D 171 15.25 43.42 24.90
CA HIS D 171 14.10 43.08 24.04
C HIS D 171 14.45 43.11 22.54
N GLU D 172 15.53 43.84 22.22
CA GLU D 172 16.08 43.92 20.84
C GLU D 172 16.28 42.53 20.24
N VAL D 173 16.54 41.59 21.12
CA VAL D 173 16.69 40.20 20.79
C VAL D 173 15.29 39.59 20.93
N PRO D 174 14.76 39.06 19.83
CA PRO D 174 13.37 38.62 19.88
C PRO D 174 13.24 37.32 20.68
N GLY D 175 12.04 37.07 21.21
CA GLY D 175 11.76 35.93 22.08
C GLY D 175 11.34 36.36 23.50
N GLU D 176 10.75 35.42 24.23
CA GLU D 176 10.44 35.62 25.65
C GLU D 176 11.70 35.65 26.48
N GLY D 177 11.67 36.39 27.59
CA GLY D 177 12.73 36.35 28.59
C GLY D 177 12.95 34.96 29.14
N GLN D 178 11.86 34.29 29.53
CA GLN D 178 11.89 32.91 30.07
C GLN D 178 12.53 31.93 29.13
N HIS D 179 12.21 32.07 27.85
CA HIS D 179 12.69 31.20 26.77
C HIS D 179 14.17 31.44 26.52
N LYS D 180 14.55 32.70 26.26
CA LYS D 180 15.95 33.14 26.23
C LYS D 180 16.86 32.55 27.32
N ILE D 181 16.42 32.59 28.57
CA ILE D 181 17.19 32.00 29.68
C ILE D 181 17.31 30.50 29.49
N MET D 182 16.20 29.86 29.08
CA MET D 182 16.18 28.42 28.90
C MET D 182 16.94 28.07 27.67
N ASP D 183 16.99 29.03 26.77
CA ASP D 183 17.77 28.98 25.54
C ASP D 183 19.25 29.08 25.88
N TYR D 184 19.62 30.09 26.68
CA TYR D 184 20.96 30.14 27.28
C TYR D 184 21.39 28.98 28.17
N ILE D 185 20.59 28.61 29.18
CA ILE D 185 20.97 27.51 30.07
C ILE D 185 21.29 26.23 29.33
N ARG D 186 20.49 25.87 28.31
CA ARG D 186 20.70 24.57 27.65
C ARG D 186 21.94 24.60 26.78
N ALA D 187 22.12 25.66 25.99
CA ALA D 187 23.38 25.91 25.25
C ALA D 187 24.66 25.74 26.11
N ILE D 188 24.69 26.27 27.34
CA ILE D 188 25.87 26.04 28.19
C ILE D 188 26.05 24.64 28.70
N ARG D 189 24.97 23.86 28.88
CA ARG D 189 25.14 22.46 29.36
C ARG D 189 25.57 21.45 28.28
N ALA D 190 25.34 21.84 27.02
CA ALA D 190 25.75 21.14 25.83
C ALA D 190 27.25 20.92 25.83
N GLN D 191 28.01 21.94 26.25
CA GLN D 191 29.48 21.86 26.24
C GLN D 191 29.99 20.64 26.99
N GLU D 192 31.23 20.27 26.66
CA GLU D 192 31.85 19.05 27.18
C GLU D 192 32.55 19.22 28.51
N ASP D 193 33.14 20.38 28.75
CA ASP D 193 33.66 20.71 30.10
C ASP D 193 32.66 21.51 30.99
N TYR D 194 31.38 21.21 30.81
CA TYR D 194 30.32 21.84 31.58
C TYR D 194 30.46 21.39 32.97
N ASN D 195 30.43 22.35 33.88
CA ASN D 195 30.42 22.07 35.28
C ASN D 195 29.16 21.27 35.62
N PRO D 196 29.32 19.96 35.89
CA PRO D 196 28.14 19.11 36.10
C PRO D 196 27.38 19.54 37.33
N ASN D 197 27.99 20.40 38.14
CA ASN D 197 27.46 20.79 39.43
C ASN D 197 27.28 22.31 39.54
N THR D 198 27.06 22.91 38.38
CA THR D 198 26.77 24.32 38.30
C THR D 198 25.53 24.64 39.11
N ARG D 199 25.61 25.69 39.93
CA ARG D 199 24.49 26.09 40.80
C ARG D 199 23.68 27.22 40.18
N HIS D 200 22.42 26.95 39.84
CA HIS D 200 21.59 27.95 39.16
C HIS D 200 20.63 28.67 40.07
N CYS D 201 20.28 29.90 39.72
CA CYS D 201 19.10 30.51 40.29
C CYS D 201 18.39 31.39 39.27
N ILE D 202 17.12 31.14 39.02
CA ILE D 202 16.30 32.03 38.21
C ILE D 202 15.33 32.73 39.13
N TYR D 203 15.03 34.00 38.86
CA TYR D 203 14.11 34.74 39.68
C TYR D 203 12.93 35.04 38.81
N GLY D 204 11.75 35.05 39.44
CA GLY D 204 10.53 35.48 38.79
C GLY D 204 9.32 35.16 39.61
N LEU D 205 8.20 35.75 39.18
CA LEU D 205 6.90 35.58 39.82
C LEU D 205 6.14 34.35 39.24
N ASP D 206 6.10 34.27 37.92
CA ASP D 206 5.51 33.17 37.16
C ASP D 206 5.89 31.87 37.85
N ALA D 207 4.90 31.13 38.30
CA ALA D 207 5.21 29.84 38.91
C ALA D 207 5.77 28.85 37.91
N ASP D 208 5.64 29.14 36.62
CA ASP D 208 6.01 28.17 35.57
C ASP D 208 7.49 27.83 35.68
N LEU D 209 8.27 28.77 36.17
CA LEU D 209 9.71 28.55 36.30
C LEU D 209 10.06 27.41 37.23
N ILE D 210 9.12 26.94 38.03
CA ILE D 210 9.38 25.77 38.83
C ILE D 210 9.56 24.63 37.85
N ILE D 211 8.57 24.46 36.96
CA ILE D 211 8.55 23.34 36.05
C ILE D 211 9.67 23.50 35.06
N LEU D 212 9.85 24.71 34.52
CA LEU D 212 10.99 25.02 33.64
C LEU D 212 12.34 24.70 34.26
N GLY D 213 12.48 25.04 35.54
CA GLY D 213 13.62 24.60 36.34
C GLY D 213 13.79 23.09 36.34
N LEU D 214 12.81 22.39 36.94
CA LEU D 214 12.82 20.93 37.01
C LEU D 214 13.26 20.26 35.72
N SER D 215 12.88 20.86 34.58
CA SER D 215 13.20 20.31 33.26
C SER D 215 14.66 20.45 32.83
N THR D 216 15.46 21.31 33.46
CA THR D 216 16.88 21.32 33.07
C THR D 216 17.58 20.04 33.51
N HIS D 217 16.95 19.24 34.36
CA HIS D 217 17.69 18.17 35.07
C HIS D 217 19.03 18.59 35.66
N ASP D 218 19.10 19.81 36.20
CA ASP D 218 20.22 20.26 37.00
C ASP D 218 19.80 20.31 38.47
N HIS D 219 20.53 19.58 39.30
CA HIS D 219 20.06 19.30 40.65
C HIS D 219 20.07 20.57 41.50
N HIS D 220 21.14 21.34 41.37
CA HIS D 220 21.36 22.53 42.19
C HIS D 220 20.76 23.74 41.53
N PHE D 221 19.45 23.78 41.58
CA PHE D 221 18.64 24.82 41.00
C PHE D 221 17.83 25.40 42.14
N CYS D 222 17.70 26.72 42.14
CA CYS D 222 16.77 27.38 43.03
C CYS D 222 16.06 28.43 42.26
N LEU D 223 14.82 28.69 42.66
CA LEU D 223 14.01 29.71 42.08
C LEU D 223 13.91 30.84 43.11
N LEU D 224 14.45 32.01 42.79
CA LEU D 224 14.31 33.16 43.68
C LEU D 224 12.89 33.77 43.60
N ARG D 225 12.03 33.53 44.59
CA ARG D 225 10.65 33.99 44.49
C ARG D 225 10.33 34.88 45.65
N GLU D 226 9.44 35.85 45.42
CA GLU D 226 8.80 36.64 46.47
C GLU D 226 7.49 36.02 47.00
N GLU D 227 7.14 36.39 48.22
CA GLU D 227 6.03 35.78 48.94
C GLU D 227 4.72 36.05 48.19
N VAL D 228 3.81 35.09 48.17
CA VAL D 228 2.41 35.34 47.81
C VAL D 228 1.59 34.82 49.02
N THR D 229 0.72 35.67 49.61
CA THR D 229 0.05 35.33 50.93
C THR D 229 -0.40 33.86 51.09
N THR D 239 8.37 47.89 51.88
CA THR D 239 9.49 48.40 51.08
C THR D 239 10.46 47.28 50.70
N LEU D 240 11.18 47.50 49.60
CA LEU D 240 12.12 46.53 49.04
C LEU D 240 12.91 45.77 50.10
N GLU D 241 13.28 46.45 51.19
CA GLU D 241 14.21 45.89 52.19
C GLU D 241 13.55 45.06 53.27
N THR D 242 12.22 45.14 53.35
CA THR D 242 11.41 44.38 54.31
C THR D 242 10.47 43.36 53.63
N GLN D 243 10.23 43.52 52.31
CA GLN D 243 9.61 42.47 51.45
C GLN D 243 10.28 41.11 51.59
N ASN D 244 9.52 40.09 51.94
CA ASN D 244 10.05 38.75 52.07
C ASN D 244 10.39 38.02 50.74
N PHE D 245 11.51 37.31 50.71
CA PHE D 245 11.89 36.49 49.54
C PHE D 245 12.31 35.08 49.91
N PHE D 246 11.81 34.11 49.15
CA PHE D 246 12.07 32.71 49.38
C PHE D 246 12.99 32.14 48.30
N LEU D 247 13.70 31.05 48.60
CA LEU D 247 14.32 30.24 47.52
C LEU D 247 13.65 28.88 47.47
N LEU D 248 12.97 28.58 46.36
CA LEU D 248 12.42 27.24 46.14
C LEU D 248 13.56 26.34 45.69
N HIS D 249 13.77 25.26 46.41
CA HIS D 249 14.85 24.32 46.03
C HIS D 249 14.34 23.13 45.22
N LEU D 250 14.74 23.01 43.97
CA LEU D 250 14.41 21.83 43.17
C LEU D 250 15.15 20.55 43.64
N SER D 251 16.35 20.74 44.23
CA SER D 251 17.13 19.66 44.81
C SER D 251 16.38 18.88 45.85
N ILE D 252 15.43 19.49 46.52
CA ILE D 252 14.65 18.75 47.47
C ILE D 252 13.31 18.44 46.83
N LEU D 253 12.82 19.33 45.98
CA LEU D 253 11.58 19.05 45.30
C LEU D 253 11.76 17.84 44.39
N ARG D 254 12.98 17.59 43.90
CA ARG D 254 13.25 16.41 43.05
C ARG D 254 13.20 15.17 43.89
N GLU D 255 13.69 15.32 45.11
CA GLU D 255 13.67 14.22 46.03
C GLU D 255 12.26 13.94 46.44
N TYR D 256 11.47 14.96 46.79
CA TYR D 256 10.09 14.68 47.12
C TYR D 256 9.43 13.98 45.90
N LEU D 257 9.70 14.49 44.69
CA LEU D 257 9.04 14.00 43.48
C LEU D 257 9.35 12.56 43.19
N ALA D 258 10.61 12.19 43.40
CA ALA D 258 11.05 10.81 43.24
C ALA D 258 10.52 9.85 44.34
N LEU D 259 10.03 10.37 45.48
CA LEU D 259 9.30 9.55 46.45
C LEU D 259 7.86 9.39 45.98
N GLU D 260 7.23 10.48 45.53
CA GLU D 260 5.90 10.42 44.93
C GLU D 260 5.81 9.19 44.08
N PHE D 261 6.54 9.24 42.99
CA PHE D 261 6.60 8.18 42.01
C PHE D 261 7.46 6.92 42.31
N GLU D 262 7.92 6.74 43.56
CA GLU D 262 8.58 5.48 44.00
C GLU D 262 7.63 4.31 43.71
N GLU D 263 6.35 4.52 44.02
CA GLU D 263 5.37 3.43 44.09
C GLU D 263 5.36 2.55 42.86
N ILE D 264 5.68 3.11 41.70
CA ILE D 264 5.84 2.30 40.49
C ILE D 264 7.12 1.43 40.56
N THR D 265 8.11 1.79 39.73
CA THR D 265 9.37 1.06 39.55
C THR D 265 9.18 -0.40 39.08
N ASP D 266 8.60 -1.22 39.95
CA ASP D 266 8.24 -2.61 39.65
C ASP D 266 6.77 -2.62 39.26
N SER D 267 6.50 -2.46 37.96
CA SER D 267 5.15 -2.48 37.38
C SER D 267 5.06 -1.54 36.19
N VAL D 268 6.13 -1.46 35.42
CA VAL D 268 6.05 -0.72 34.17
C VAL D 268 6.56 -1.57 33.02
N GLN D 269 5.84 -1.53 31.89
CA GLN D 269 6.28 -2.12 30.61
C GLN D 269 7.65 -1.55 30.06
N PHE D 270 8.42 -0.88 30.91
CA PHE D 270 9.76 -0.38 30.58
C PHE D 270 10.70 -0.34 31.78
N GLU D 271 11.86 0.30 31.59
CA GLU D 271 12.90 0.44 32.64
C GLU D 271 12.68 1.72 33.47
N TYR D 272 12.70 1.60 34.80
CA TYR D 272 12.40 2.77 35.63
C TYR D 272 13.54 3.74 35.63
N ASP D 273 13.21 4.99 35.35
CA ASP D 273 14.17 6.08 35.33
C ASP D 273 13.51 7.33 35.93
N PHE D 274 13.90 7.72 37.15
CA PHE D 274 13.26 8.89 37.76
C PHE D 274 13.20 10.08 36.80
N GLU D 275 14.31 10.31 36.14
CA GLU D 275 14.47 11.44 35.24
C GLU D 275 13.48 11.46 34.07
N ARG D 276 13.12 10.29 33.58
CA ARG D 276 12.21 10.25 32.46
C ARG D 276 10.80 10.45 32.97
N VAL D 277 10.52 9.92 34.15
CA VAL D 277 9.23 10.14 34.76
C VAL D 277 9.04 11.64 34.85
N LEU D 278 10.06 12.32 35.41
CA LEU D 278 10.05 13.77 35.58
C LEU D 278 9.67 14.52 34.32
N ASP D 279 10.26 14.11 33.21
CA ASP D 279 9.83 14.67 31.94
C ASP D 279 8.36 14.27 31.65
N ASP D 280 7.93 13.12 32.13
CA ASP D 280 6.54 12.78 31.87
C ASP D 280 5.55 13.62 32.70
N PHE D 281 5.87 13.82 33.99
CA PHE D 281 5.21 14.79 34.89
C PHE D 281 5.22 16.23 34.33
N ILE D 282 6.36 16.66 33.79
CA ILE D 282 6.46 17.98 33.20
C ILE D 282 5.40 18.20 32.13
N PHE D 283 5.19 17.15 31.34
CA PHE D 283 4.20 17.13 30.27
C PHE D 283 2.74 17.22 30.74
N VAL D 284 2.39 16.44 31.75
CA VAL D 284 1.09 16.56 32.44
C VAL D 284 0.85 18.04 32.80
N LEU D 285 1.82 18.62 33.50
CA LEU D 285 1.65 19.94 34.02
C LEU D 285 1.42 20.95 32.90
N PHE D 286 2.08 20.74 31.77
CA PHE D 286 1.90 21.60 30.61
C PHE D 286 0.59 21.49 29.83
N THR D 287 -0.12 20.37 29.99
CA THR D 287 -1.45 20.16 29.42
C THR D 287 -2.44 20.84 30.32
N ILE D 288 -2.22 20.68 31.62
CA ILE D 288 -3.04 21.29 32.65
C ILE D 288 -2.96 22.81 32.50
N GLY D 289 -1.77 23.33 32.20
CA GLY D 289 -1.64 24.75 31.98
C GLY D 289 -0.42 25.13 31.19
N ASN D 290 -0.51 26.33 30.61
CA ASN D 290 0.51 26.95 29.79
C ASN D 290 -0.14 28.22 29.32
N ASP D 291 0.64 29.20 28.87
CA ASP D 291 0.02 30.48 28.52
C ASP D 291 -0.11 30.59 27.01
N PHE D 292 -0.28 29.47 26.35
CA PHE D 292 -0.53 29.47 24.88
C PHE D 292 -1.94 28.95 24.52
N LEU D 293 -2.28 27.75 24.97
CA LEU D 293 -3.61 27.21 24.77
C LEU D 293 -4.45 27.49 25.99
N PRO D 294 -5.74 27.80 25.81
CA PRO D 294 -6.69 27.94 26.93
C PRO D 294 -6.85 26.66 27.75
N ASN D 295 -7.14 26.83 29.04
CA ASN D 295 -7.33 25.72 29.96
C ASN D 295 -8.39 24.75 29.41
N LEU D 296 -8.09 23.46 29.46
CA LEU D 296 -9.11 22.45 29.39
C LEU D 296 -10.19 22.78 30.44
N PRO D 297 -11.47 22.76 30.04
CA PRO D 297 -12.63 23.40 30.68
C PRO D 297 -13.01 23.06 32.12
N ASP D 298 -12.93 21.79 32.52
CA ASP D 298 -13.40 21.47 33.87
C ASP D 298 -12.46 20.64 34.70
N LEU D 299 -11.23 21.11 34.81
CA LEU D 299 -10.38 20.72 35.90
C LEU D 299 -10.87 21.57 37.03
N HIS D 300 -11.02 21.00 38.19
CA HIS D 300 -11.49 21.81 39.28
C HIS D 300 -10.32 22.06 40.23
N LEU D 301 -9.33 22.82 39.72
CA LEU D 301 -8.13 23.09 40.50
C LEU D 301 -8.47 23.94 41.74
N LYS D 302 -9.39 24.89 41.57
CA LYS D 302 -9.80 25.77 42.66
C LYS D 302 -10.86 25.10 43.55
N LYS D 303 -10.76 23.79 43.65
CA LYS D 303 -11.76 22.97 44.33
C LYS D 303 -11.21 21.56 44.50
N GLY D 304 -9.93 21.48 44.87
CA GLY D 304 -9.25 20.27 45.36
C GLY D 304 -9.06 19.08 44.44
N ALA D 305 -9.16 19.30 43.14
CA ALA D 305 -9.13 18.23 42.14
C ALA D 305 -7.74 17.79 41.77
N PHE D 306 -6.75 18.50 42.30
CA PHE D 306 -5.38 18.31 41.84
C PHE D 306 -4.76 16.94 42.14
N PRO D 307 -4.97 16.39 43.36
CA PRO D 307 -4.38 15.07 43.60
C PRO D 307 -4.98 14.00 42.71
N VAL D 308 -6.22 14.21 42.30
CA VAL D 308 -6.86 13.28 41.41
C VAL D 308 -6.10 13.33 40.09
N LEU D 309 -6.01 14.51 39.48
CA LEU D 309 -5.34 14.67 38.18
C LEU D 309 -3.95 14.08 38.16
N LEU D 310 -3.21 14.31 39.23
CA LEU D 310 -1.93 13.65 39.37
C LEU D 310 -2.07 12.15 39.37
N GLN D 311 -3.13 11.64 40.01
CA GLN D 311 -3.35 10.23 40.10
C GLN D 311 -3.58 9.66 38.72
N THR D 312 -4.26 10.45 37.91
CA THR D 312 -4.56 10.20 36.52
C THR D 312 -3.29 9.98 35.70
N PHE D 313 -2.27 10.79 35.94
CA PHE D 313 -0.98 10.56 35.28
C PHE D 313 -0.18 9.44 35.92
N LYS D 314 -0.42 9.19 37.19
CA LYS D 314 0.34 8.19 37.88
C LYS D 314 -0.13 6.82 37.44
N GLU D 315 -1.45 6.61 37.36
CA GLU D 315 -1.94 5.32 36.87
C GLU D 315 -1.62 5.12 35.38
N ALA D 316 -2.07 6.03 34.51
CA ALA D 316 -1.84 5.93 33.05
C ALA D 316 -0.39 5.56 32.77
N LEU D 317 0.52 6.02 33.60
CA LEU D 317 1.90 5.71 33.42
C LEU D 317 2.29 4.26 33.80
N GLN D 318 1.30 3.41 34.11
CA GLN D 318 1.57 1.97 34.34
C GLN D 318 0.95 1.03 33.27
N HIS D 319 0.47 1.64 32.19
CA HIS D 319 -0.26 0.95 31.14
C HIS D 319 0.14 1.54 29.78
N MET D 320 1.44 1.76 29.63
CA MET D 320 2.04 2.12 28.36
C MET D 320 3.39 1.41 28.36
N ASP D 321 3.98 1.31 27.18
CA ASP D 321 5.30 0.70 26.98
C ASP D 321 6.38 1.71 26.55
N GLY D 322 6.09 2.99 26.69
CA GLY D 322 7.10 4.03 26.51
C GLY D 322 6.64 5.24 27.28
N TYR D 323 7.59 6.09 27.67
CA TYR D 323 7.33 7.32 28.39
C TYR D 323 6.67 8.31 27.46
N ILE D 324 5.56 8.91 27.87
CA ILE D 324 4.82 9.81 26.98
C ILE D 324 5.75 10.86 26.39
N ASN D 325 6.74 11.27 27.17
CA ASN D 325 7.63 12.34 26.74
C ASN D 325 9.08 11.93 26.61
N GLU D 326 9.52 11.74 25.36
CA GLU D 326 10.93 11.48 25.05
C GLU D 326 11.62 12.70 24.41
N GLN D 327 12.35 13.42 25.28
CA GLN D 327 13.11 14.63 24.94
C GLN D 327 12.24 15.81 24.43
N GLY D 328 10.94 15.80 24.73
CA GLY D 328 10.05 16.86 24.25
C GLY D 328 9.06 16.49 23.14
N LYS D 329 9.28 15.34 22.51
CA LYS D 329 8.39 14.86 21.46
C LYS D 329 7.34 14.03 22.11
N ILE D 330 6.09 14.48 21.99
CA ILE D 330 4.97 13.76 22.55
C ILE D 330 4.67 12.55 21.67
N ASN D 331 4.62 11.39 22.29
CA ASN D 331 4.15 10.18 21.64
C ASN D 331 2.63 10.13 21.79
N LEU D 332 1.94 10.64 20.77
CA LEU D 332 0.50 10.86 20.75
C LEU D 332 -0.34 9.61 20.99
N ALA D 333 0.30 8.45 21.01
CA ALA D 333 -0.41 7.20 21.26
C ALA D 333 -0.51 6.90 22.76
N ARG D 334 0.53 7.23 23.49
CA ARG D 334 0.51 7.25 24.96
C ARG D 334 -0.41 8.33 25.52
N PHE D 335 -0.41 9.49 24.86
CA PHE D 335 -1.23 10.60 25.30
C PHE D 335 -2.71 10.28 25.20
N SER D 336 -3.08 9.44 24.22
CA SER D 336 -4.47 8.96 24.10
C SER D 336 -4.83 8.04 25.28
N ILE D 337 -3.82 7.29 25.71
CA ILE D 337 -3.93 6.37 26.85
C ILE D 337 -4.13 7.16 28.14
N TRP D 338 -3.38 8.24 28.32
CA TRP D 338 -3.53 9.05 29.53
C TRP D 338 -4.80 9.88 29.42
N LEU D 339 -5.10 10.33 28.20
CA LEU D 339 -6.29 11.10 27.92
C LEU D 339 -7.57 10.40 28.40
N LYS D 340 -7.48 9.08 28.57
CA LYS D 340 -8.65 8.28 28.96
C LYS D 340 -9.10 8.55 30.37
N TYR D 341 -8.16 8.56 31.31
CA TYR D 341 -8.48 8.92 32.70
C TYR D 341 -8.99 10.35 32.81
N LEU D 342 -8.46 11.23 31.97
CA LEU D 342 -8.95 12.60 31.91
C LEU D 342 -10.40 12.57 31.42
N SER D 343 -10.60 11.85 30.33
CA SER D 343 -11.91 11.72 29.71
C SER D 343 -12.95 11.16 30.69
N ASP D 344 -12.61 10.12 31.44
CA ASP D 344 -13.53 9.61 32.45
C ASP D 344 -13.68 10.55 33.64
N PHE D 345 -12.69 11.42 33.83
CA PHE D 345 -12.69 12.46 34.85
C PHE D 345 -13.81 13.43 34.56
N GLU D 346 -13.95 13.79 33.28
CA GLU D 346 -14.99 14.73 32.85
C GLU D 346 -16.39 14.13 33.02
N TYR D 347 -16.51 12.81 32.88
CA TYR D 347 -17.79 12.13 33.12
C TYR D 347 -18.09 12.13 34.61
N LEU D 348 -17.35 11.34 35.39
CA LEU D 348 -17.67 11.24 36.79
C LEU D 348 -18.08 12.58 37.42
N ASN D 349 -17.39 13.66 37.01
CA ASN D 349 -17.60 15.03 37.50
C ASN D 349 -18.78 15.75 36.84
N PHE D 350 -19.83 15.02 36.54
CA PHE D 350 -20.97 15.58 35.84
C PHE D 350 -22.19 14.77 36.31
N GLU D 351 -21.89 13.57 36.79
CA GLU D 351 -22.77 12.76 37.63
C GLU D 351 -23.13 13.59 38.86
N LYS D 352 -22.08 14.14 39.48
CA LYS D 352 -22.21 15.10 40.56
C LYS D 352 -22.18 16.52 40.02
N LYS D 353 -23.13 17.35 40.43
CA LYS D 353 -23.08 18.80 40.21
C LYS D 353 -22.53 19.54 41.46
N ASP D 354 -22.65 18.93 42.65
CA ASP D 354 -21.97 19.40 43.89
C ASP D 354 -20.46 19.11 43.74
N ILE D 355 -19.64 20.17 43.64
CA ILE D 355 -18.26 19.97 43.18
C ILE D 355 -17.17 19.93 44.24
N ASP D 356 -17.54 19.87 45.53
CA ASP D 356 -16.60 20.02 46.66
C ASP D 356 -15.26 19.23 46.66
N VAL D 357 -14.38 19.57 47.62
CA VAL D 357 -13.18 18.79 47.94
C VAL D 357 -13.53 17.35 48.36
N GLU D 358 -14.43 17.18 49.30
CA GLU D 358 -14.80 15.86 49.79
C GLU D 358 -15.10 14.87 48.63
N TRP D 359 -15.71 15.40 47.56
CA TRP D 359 -15.97 14.63 46.34
C TRP D 359 -14.67 14.06 45.78
N PHE D 360 -13.69 14.93 45.55
CA PHE D 360 -12.44 14.52 44.91
C PHE D 360 -11.62 13.62 45.76
N ASN D 361 -11.81 13.70 47.06
CA ASN D 361 -11.12 12.82 47.99
C ASN D 361 -11.52 11.35 47.85
N GLN D 362 -12.81 11.13 47.67
CA GLN D 362 -13.34 9.77 47.47
C GLN D 362 -13.02 9.35 46.05
N GLN D 363 -13.28 10.26 45.12
CA GLN D 363 -12.81 10.14 43.77
C GLN D 363 -11.33 9.69 43.69
N LEU D 364 -10.47 10.22 44.55
CA LEU D 364 -9.08 9.75 44.56
C LEU D 364 -8.94 8.33 45.07
N GLU D 365 -9.58 7.96 46.17
CA GLU D 365 -9.61 6.53 46.57
C GLU D 365 -10.29 5.60 45.52
N ASN D 366 -11.34 6.09 44.83
CA ASN D 366 -11.91 5.39 43.66
C ASN D 366 -10.83 5.08 42.60
N ILE D 367 -10.33 6.12 41.92
CA ILE D 367 -9.25 6.00 40.90
C ILE D 367 -8.09 5.10 41.34
N SER D 368 -7.77 5.10 42.62
CA SER D 368 -6.71 4.29 43.12
C SER D 368 -7.05 2.84 43.09
N LEU D 369 -8.20 2.47 43.65
CA LEU D 369 -8.57 1.08 43.75
C LEU D 369 -8.90 0.45 42.40
N GLU D 370 -9.47 1.22 41.48
CA GLU D 370 -9.66 0.73 40.12
C GLU D 370 -8.36 0.14 39.62
N GLY D 371 -7.28 0.93 39.66
CA GLY D 371 -5.95 0.50 39.21
C GLY D 371 -5.35 -0.67 39.97
N GLU D 372 -5.58 -0.73 41.28
CA GLU D 372 -5.01 -1.80 42.12
C GLU D 372 -5.76 -3.13 41.90
N ARG D 373 -7.06 -3.05 41.59
CA ARG D 373 -7.83 -4.24 41.21
C ARG D 373 -7.44 -4.64 39.78
N LYS D 374 -7.50 -3.68 38.85
CA LYS D 374 -7.11 -3.89 37.44
C LYS D 374 -5.68 -4.43 37.22
N ARG D 375 -4.84 -4.27 38.22
CA ARG D 375 -3.47 -4.80 38.16
C ARG D 375 -3.45 -6.26 38.58
N THR D 376 -4.45 -6.70 39.36
CA THR D 376 -4.69 -8.13 39.63
C THR D 376 -5.29 -8.81 38.39
N ARG D 377 -6.31 -8.18 37.79
CA ARG D 377 -6.92 -8.67 36.55
C ARG D 377 -5.99 -8.69 35.32
N MET D 378 -4.84 -8.05 35.40
CA MET D 378 -3.90 -8.14 34.30
C MET D 378 -2.83 -9.16 34.67
N GLY D 379 -2.77 -9.45 35.97
CA GLY D 379 -1.78 -10.38 36.53
C GLY D 379 -2.46 -11.70 36.81
N LYS D 380 -3.33 -12.04 35.86
CA LYS D 380 -4.12 -13.26 35.86
C LYS D 380 -4.41 -13.52 34.40
N LYS D 381 -4.43 -12.45 33.61
CA LYS D 381 -4.47 -12.52 32.13
C LYS D 381 -3.10 -12.86 31.51
N LEU D 382 -2.04 -12.26 32.03
CA LEU D 382 -0.69 -12.65 31.67
C LEU D 382 -0.29 -14.03 32.26
N LEU D 383 -1.25 -14.68 32.92
CA LEU D 383 -1.02 -16.02 33.47
C LEU D 383 -1.66 -17.12 32.60
N MET D 384 -2.93 -16.93 32.24
CA MET D 384 -3.68 -17.88 31.43
C MET D 384 -3.30 -17.80 29.95
N LYS D 385 -2.52 -16.79 29.57
CA LYS D 385 -1.88 -16.79 28.26
C LYS D 385 -0.57 -17.57 28.42
N GLN D 386 -0.19 -17.85 29.66
CA GLN D 386 1.01 -18.65 29.97
C GLN D 386 0.67 -20.09 30.31
N GLN D 387 -0.44 -20.30 31.02
CA GLN D 387 -1.02 -21.64 31.22
C GLN D 387 -1.45 -22.26 29.88
N LYS D 388 -1.62 -21.43 28.87
CA LYS D 388 -1.86 -21.88 27.49
C LYS D 388 -0.58 -22.41 26.83
N LYS D 389 0.57 -21.78 27.11
CA LYS D 389 1.84 -22.22 26.52
C LYS D 389 2.39 -23.51 27.14
N LEU D 390 2.31 -23.65 28.47
CA LEU D 390 2.74 -24.87 29.14
C LEU D 390 2.04 -26.09 28.53
N ILE D 391 0.73 -26.22 28.75
CA ILE D 391 -0.02 -27.38 28.22
C ILE D 391 0.16 -27.61 26.71
N GLY D 392 0.21 -26.52 25.95
CA GLY D 392 0.34 -26.57 24.51
C GLY D 392 1.61 -27.23 24.03
N ALA D 393 2.73 -26.95 24.68
CA ALA D 393 3.97 -27.63 24.31
C ALA D 393 4.12 -28.95 25.05
N VAL D 394 3.42 -29.12 26.17
CA VAL D 394 3.31 -30.43 26.84
C VAL D 394 2.44 -31.35 25.97
N LYS D 395 1.68 -30.76 25.05
CA LYS D 395 0.74 -31.51 24.19
C LYS D 395 1.46 -32.48 23.24
N PRO D 396 2.03 -31.99 22.11
CA PRO D 396 2.75 -32.92 21.25
C PRO D 396 3.51 -33.99 22.05
N TRP D 397 4.37 -33.54 22.96
CA TRP D 397 5.13 -34.43 23.87
C TRP D 397 4.24 -35.46 24.57
N LEU D 398 3.17 -35.03 25.23
CA LEU D 398 2.36 -35.99 25.97
C LEU D 398 1.56 -36.92 25.05
N LEU D 399 1.39 -36.53 23.79
CA LEU D 399 0.61 -37.31 22.83
C LEU D 399 1.38 -38.55 22.36
N LYS D 400 2.69 -38.40 22.19
CA LYS D 400 3.55 -39.53 21.89
C LYS D 400 3.83 -40.37 23.15
N THR D 401 3.97 -39.70 24.29
CA THR D 401 4.44 -40.33 25.52
C THR D 401 3.67 -41.53 25.97
N VAL D 402 2.35 -41.41 26.05
CA VAL D 402 1.53 -42.44 26.71
C VAL D 402 1.21 -43.64 25.79
N GLN D 403 1.18 -43.40 24.48
CA GLN D 403 0.91 -44.45 23.49
C GLN D 403 1.44 -45.81 23.93
N ARG D 404 2.78 -45.91 24.04
CA ARG D 404 3.45 -47.13 24.54
C ARG D 404 3.18 -47.31 26.05
N LYS D 405 2.75 -48.51 26.45
CA LYS D 405 2.47 -48.80 27.88
C LYS D 405 3.53 -49.70 28.52
N VAL D 406 3.75 -49.47 29.82
CA VAL D 406 4.88 -50.04 30.59
C VAL D 406 5.03 -51.56 30.49
N THR D 407 6.26 -52.07 30.66
CA THR D 407 6.47 -53.53 30.77
C THR D 407 7.22 -53.96 32.03
N SER D 408 8.43 -54.51 31.90
CA SER D 408 9.23 -54.95 33.05
C SER D 408 9.79 -53.77 33.86
N ASP D 412 12.32 -46.40 32.63
CA ASP D 412 12.09 -44.99 32.94
C ASP D 412 12.97 -44.03 32.11
N ALA D 413 14.27 -44.33 32.07
CA ALA D 413 15.15 -43.71 31.11
C ALA D 413 14.63 -44.00 29.70
N ASP D 414 13.68 -44.94 29.61
CA ASP D 414 13.08 -45.31 28.34
C ASP D 414 12.12 -44.23 27.89
N PHE D 415 11.84 -43.30 28.79
CA PHE D 415 10.90 -42.22 28.50
C PHE D 415 11.61 -40.86 28.47
N GLU D 416 11.14 -40.00 27.57
CA GLU D 416 11.67 -38.67 27.40
C GLU D 416 11.20 -37.75 28.54
N ILE D 417 12.08 -36.83 28.91
CA ILE D 417 11.93 -35.90 30.01
C ILE D 417 11.56 -34.54 29.43
N PHE D 418 10.77 -33.75 30.16
CA PHE D 418 10.30 -32.46 29.63
C PHE D 418 10.96 -31.27 30.32
N PRO D 419 11.96 -30.62 29.67
CA PRO D 419 12.73 -29.57 30.32
C PRO D 419 11.90 -28.31 30.50
N LEU D 420 11.92 -27.78 31.72
CA LEU D 420 11.22 -26.53 32.03
C LEU D 420 12.22 -25.37 32.18
N GLU D 421 12.00 -24.36 31.34
CA GLU D 421 12.96 -23.27 31.11
C GLU D 421 13.28 -22.37 32.33
N ASP D 422 12.24 -21.89 33.01
CA ASP D 422 12.41 -20.86 34.03
C ASP D 422 12.36 -21.36 35.48
N LYS D 423 13.52 -21.50 36.11
CA LYS D 423 13.57 -21.91 37.53
C LYS D 423 12.73 -21.04 38.52
N GLU D 424 12.96 -19.72 38.52
CA GLU D 424 12.28 -18.84 39.48
C GLU D 424 10.76 -18.86 39.34
N LEU D 425 10.25 -18.88 38.12
CA LEU D 425 8.80 -19.00 37.90
C LEU D 425 8.24 -20.37 38.31
N VAL D 426 9.07 -21.40 38.23
CA VAL D 426 8.65 -22.70 38.70
C VAL D 426 8.41 -22.67 40.21
N ARG D 427 9.35 -22.10 40.97
CA ARG D 427 9.20 -22.04 42.44
C ARG D 427 7.98 -21.24 42.86
N ALA D 428 7.61 -20.23 42.07
CA ALA D 428 6.43 -19.42 42.38
C ALA D 428 5.14 -20.17 42.05
N ASN D 429 5.23 -21.49 41.94
CA ASN D 429 4.14 -22.28 41.40
C ASN D 429 4.16 -23.75 41.75
N LEU D 430 4.83 -24.11 42.84
CA LEU D 430 4.85 -25.52 43.29
C LEU D 430 3.43 -26.11 43.29
N ASP D 431 2.50 -25.38 43.90
CA ASP D 431 1.07 -25.75 43.99
C ASP D 431 0.40 -26.01 42.63
N PHE D 432 0.30 -24.97 41.79
CA PHE D 432 -0.28 -25.13 40.46
C PHE D 432 0.39 -26.19 39.62
N LEU D 433 1.70 -26.34 39.74
CA LEU D 433 2.45 -27.29 38.91
C LEU D 433 2.30 -28.74 39.39
N LYS D 434 2.52 -28.99 40.68
CA LYS D 434 2.27 -30.33 41.24
C LYS D 434 0.86 -30.83 40.87
N GLU D 435 -0.10 -29.91 40.82
CA GLU D 435 -1.49 -30.20 40.39
C GLU D 435 -1.62 -30.44 38.87
N PHE D 436 -0.72 -29.82 38.10
CA PHE D 436 -0.56 -30.13 36.68
C PHE D 436 0.17 -31.47 36.57
N ALA D 437 0.97 -31.80 37.58
CA ALA D 437 1.72 -33.06 37.61
C ALA D 437 0.92 -34.22 38.20
N PHE D 438 0.98 -34.38 39.53
CA PHE D 438 0.31 -35.47 40.27
C PHE D 438 -1.09 -35.86 39.71
N ASP D 439 -1.75 -34.93 39.03
CA ASP D 439 -3.07 -35.21 38.41
C ASP D 439 -3.04 -35.41 36.89
N LEU D 440 -1.86 -35.65 36.34
CA LEU D 440 -1.72 -35.89 34.92
C LEU D 440 -0.74 -37.05 34.69
N GLY D 441 -0.39 -37.73 35.79
CA GLY D 441 0.51 -38.88 35.73
C GLY D 441 1.99 -38.53 35.68
N LEU D 442 2.27 -37.31 35.22
CA LEU D 442 3.59 -36.73 35.22
C LEU D 442 4.08 -36.54 36.65
N ILE D 443 5.39 -36.48 36.84
CA ILE D 443 5.95 -35.96 38.08
C ILE D 443 6.71 -34.66 37.73
N LEU D 444 6.67 -33.71 38.66
CA LEU D 444 7.51 -32.53 38.61
C LEU D 444 8.75 -32.79 39.47
N ALA D 445 9.87 -33.07 38.81
CA ALA D 445 11.07 -33.44 39.53
C ALA D 445 12.11 -32.35 39.42
N HIS D 446 13.00 -32.32 40.40
CA HIS D 446 14.12 -31.41 40.38
C HIS D 446 15.45 -32.12 40.61
N SER D 447 16.53 -31.52 40.11
CA SER D 447 17.87 -32.04 40.33
C SER D 447 18.35 -31.75 41.75
N LYS D 448 19.51 -32.30 42.09
CA LYS D 448 20.07 -32.19 43.43
C LYS D 448 20.24 -30.73 43.72
N SER D 449 20.93 -30.06 42.81
CA SER D 449 21.37 -28.66 42.95
C SER D 449 20.22 -27.68 42.69
N LYS D 450 19.06 -28.24 42.32
CA LYS D 450 17.88 -27.49 41.90
C LYS D 450 18.19 -26.55 40.74
N ASP D 451 19.21 -26.92 39.96
CA ASP D 451 19.56 -26.21 38.72
C ASP D 451 18.74 -26.70 37.50
N LEU D 452 17.94 -27.76 37.69
CA LEU D 452 17.10 -28.29 36.63
C LEU D 452 15.76 -28.82 37.10
N TYR D 453 14.71 -28.43 36.38
CA TYR D 453 13.32 -28.87 36.63
C TYR D 453 12.65 -29.45 35.38
N TYR D 454 12.10 -30.64 35.52
CA TYR D 454 11.53 -31.35 34.38
C TYR D 454 10.27 -32.09 34.75
N PHE D 455 9.43 -32.33 33.73
CA PHE D 455 8.29 -33.27 33.79
C PHE D 455 8.74 -34.68 33.35
N LYS D 456 7.93 -35.70 33.66
CA LYS D 456 8.24 -37.11 33.35
C LYS D 456 7.00 -38.08 33.42
N LEU D 457 7.21 -39.30 33.91
CA LEU D 457 6.12 -40.27 34.23
C LEU D 457 6.25 -40.82 35.66
N ASP D 458 5.16 -41.32 36.23
CA ASP D 458 5.22 -42.00 37.53
C ASP D 458 5.18 -43.51 37.33
N LEU D 459 6.34 -44.16 37.46
CA LEU D 459 6.42 -45.61 37.25
C LEU D 459 5.95 -46.45 38.46
N ASP D 460 5.91 -45.84 39.65
CA ASP D 460 5.37 -46.47 40.88
C ASP D 460 4.07 -47.26 40.63
N SER D 461 2.99 -46.57 40.27
CA SER D 461 1.75 -47.24 39.83
C SER D 461 1.50 -46.99 38.33
N ILE D 462 1.26 -45.73 38.00
CA ILE D 462 0.97 -45.24 36.63
C ILE D 462 1.94 -45.80 35.58
N UNK D 464 -1.82 -54.86 31.80
CA UNK D 464 -2.88 -53.90 32.08
C UNK D 464 -4.12 -54.10 31.18
N UNK D 465 -5.26 -53.55 31.62
CA UNK D 465 -6.58 -53.79 30.99
C UNK D 465 -6.86 -52.95 29.72
N UNK D 466 -7.97 -52.21 29.72
CA UNK D 466 -8.32 -51.29 28.64
C UNK D 466 -7.37 -50.09 28.65
N UNK D 467 -7.25 -49.36 27.54
CA UNK D 467 -6.38 -48.16 27.47
C UNK D 467 -6.93 -46.99 28.33
N UNK D 468 -7.03 -47.25 29.64
CA UNK D 468 -7.55 -46.31 30.63
C UNK D 468 -6.69 -45.07 30.66
N UNK D 469 -5.50 -45.20 30.09
CA UNK D 469 -4.53 -44.11 29.92
C UNK D 469 -4.86 -43.17 28.74
N UNK D 470 -4.66 -43.66 27.50
CA UNK D 470 -4.81 -42.83 26.28
C UNK D 470 -6.13 -42.03 26.09
N UNK D 471 -7.20 -42.43 26.81
CA UNK D 471 -8.46 -41.66 26.88
C UNK D 471 -8.49 -40.62 28.01
N UNK D 472 -8.35 -41.07 29.26
CA UNK D 472 -8.34 -40.22 30.47
C UNK D 472 -7.13 -39.25 30.56
N UNK D 473 -5.96 -39.72 30.14
CA UNK D 473 -4.78 -38.85 29.99
C UNK D 473 -4.61 -38.36 28.53
N UNK D 474 -5.74 -38.38 27.79
CA UNK D 474 -5.93 -37.54 26.60
C UNK D 474 -7.00 -36.52 26.94
N UNK D 475 -7.61 -36.71 28.10
CA UNK D 475 -8.70 -35.87 28.55
C UNK D 475 -8.23 -34.77 29.51
N UNK D 476 -7.33 -35.10 30.44
CA UNK D 476 -6.84 -34.09 31.41
C UNK D 476 -6.21 -32.87 30.70
N UNK D 477 -5.83 -33.06 29.43
CA UNK D 477 -5.32 -31.98 28.56
C UNK D 477 -6.40 -31.05 27.96
N UNK D 478 -7.66 -31.24 28.35
CA UNK D 478 -8.77 -30.43 27.85
C UNK D 478 -9.36 -29.58 28.97
N UNK D 479 -9.38 -30.15 30.18
CA UNK D 479 -9.80 -29.43 31.38
C UNK D 479 -8.99 -28.14 31.51
N UNK D 480 -7.73 -28.24 31.11
CA UNK D 480 -6.77 -27.14 31.12
C UNK D 480 -6.58 -26.45 29.76
N UNK D 481 -7.21 -26.96 28.70
CA UNK D 481 -7.02 -26.36 27.38
C UNK D 481 -7.96 -25.16 27.08
N UNK D 482 -9.00 -25.00 27.90
CA UNK D 482 -9.87 -23.79 27.87
C UNK D 482 -9.23 -22.63 28.62
N TYR D 484 -21.67 6.22 27.62
CA TYR D 484 -21.93 7.61 28.02
C TYR D 484 -23.41 7.94 28.13
N SER D 485 -23.75 8.98 28.90
CA SER D 485 -25.13 9.44 29.00
C SER D 485 -25.58 10.17 27.73
N GLU D 486 -26.89 10.27 27.57
CA GLU D 486 -27.50 11.04 26.48
C GLU D 486 -27.21 12.54 26.62
N ARG D 487 -27.62 13.10 27.76
CA ARG D 487 -27.43 14.53 28.06
C ARG D 487 -25.95 14.85 28.14
N PHE D 488 -25.15 13.89 28.59
CA PHE D 488 -23.72 14.08 28.68
C PHE D 488 -23.18 14.49 27.32
N VAL D 489 -23.46 13.69 26.31
CA VAL D 489 -23.09 14.03 24.95
C VAL D 489 -23.78 15.34 24.57
N GLU D 490 -25.03 15.49 24.97
CA GLU D 490 -25.82 16.68 24.65
C GLU D 490 -25.25 17.98 25.29
N TRP D 491 -24.86 17.89 26.57
CA TRP D 491 -24.32 19.05 27.31
C TRP D 491 -23.07 19.60 26.62
N LYS D 492 -22.25 18.70 26.08
CA LYS D 492 -21.08 19.03 25.28
C LYS D 492 -21.44 19.71 23.95
N ASP D 493 -22.72 20.02 23.77
CA ASP D 493 -23.16 20.68 22.54
C ASP D 493 -23.60 22.12 22.82
N GLN D 494 -24.25 22.35 23.98
CA GLN D 494 -24.54 23.73 24.44
C GLN D 494 -23.25 24.56 24.44
N TYR D 495 -22.20 23.96 24.98
CA TYR D 495 -20.85 24.54 24.99
C TYR D 495 -20.46 25.03 23.59
N TYR D 496 -20.37 24.11 22.64
CA TYR D 496 -19.89 24.45 21.31
C TYR D 496 -20.75 25.54 20.65
N LYS D 497 -22.08 25.41 20.77
CA LYS D 497 -22.98 26.38 20.17
C LYS D 497 -22.87 27.76 20.85
N ASP D 498 -22.97 27.77 22.19
CA ASP D 498 -22.86 29.03 22.95
C ASP D 498 -21.49 29.70 22.75
N LYS D 499 -20.43 28.90 22.69
CA LYS D 499 -19.06 29.39 22.45
C LYS D 499 -18.59 28.96 21.05
N ASP D 506 -20.57 19.29 17.05
CA ASP D 506 -21.21 18.15 16.40
C ASP D 506 -21.01 18.17 14.86
N THR D 507 -19.74 18.13 14.41
CA THR D 507 -19.36 18.31 12.99
C THR D 507 -18.08 17.53 12.53
N ASP D 508 -17.21 18.23 11.82
CA ASP D 508 -15.84 17.84 11.51
C ASP D 508 -14.94 19.10 11.59
N SER D 509 -15.56 20.26 11.82
CA SER D 509 -14.85 21.48 12.24
C SER D 509 -14.54 21.44 13.77
N LEU D 510 -15.15 20.45 14.44
CA LEU D 510 -14.69 19.97 15.73
C LEU D 510 -13.33 19.31 15.58
N LYS D 511 -13.20 18.34 14.67
CA LYS D 511 -11.88 17.77 14.42
C LYS D 511 -10.90 18.86 14.00
N GLU D 512 -11.40 19.99 13.53
CA GLU D 512 -10.50 21.04 13.07
C GLU D 512 -9.97 21.94 14.20
N MET D 513 -10.84 22.27 15.15
CA MET D 513 -10.46 23.02 16.37
C MET D 513 -9.62 22.15 17.33
N THR D 514 -9.99 20.87 17.44
CA THR D 514 -9.30 19.88 18.27
C THR D 514 -7.96 19.50 17.69
N GLU D 515 -7.77 19.70 16.41
CA GLU D 515 -6.48 19.40 15.87
C GLU D 515 -5.52 20.53 16.20
N ASN D 516 -6.05 21.75 16.23
CA ASN D 516 -5.32 22.97 16.61
C ASN D 516 -4.81 22.87 18.06
N TYR D 517 -5.73 22.57 18.99
CA TYR D 517 -5.39 22.37 20.39
C TYR D 517 -4.30 21.32 20.64
N VAL D 518 -4.27 20.24 19.87
CA VAL D 518 -3.29 19.21 20.12
C VAL D 518 -1.91 19.63 19.62
N GLY D 519 -1.87 20.29 18.45
CA GLY D 519 -0.63 20.75 17.83
C GLY D 519 0.05 21.89 18.56
N GLY D 520 -0.75 22.66 19.30
CA GLY D 520 -0.25 23.52 20.40
C GLY D 520 0.49 22.77 21.50
N LEU D 521 -0.07 21.66 22.00
CA LEU D 521 0.65 20.80 22.95
C LEU D 521 2.09 20.55 22.52
N GLN D 522 2.31 20.15 21.27
CA GLN D 522 3.69 19.95 20.81
C GLN D 522 4.46 21.25 20.60
N TRP D 523 3.74 22.32 20.26
CA TRP D 523 4.40 23.60 20.04
C TRP D 523 4.98 24.09 21.36
N VAL D 524 4.22 23.87 22.43
CA VAL D 524 4.60 24.22 23.78
C VAL D 524 5.67 23.25 24.21
N LEU D 525 5.32 21.97 24.28
CA LEU D 525 6.27 20.95 24.69
C LEU D 525 7.61 20.98 23.93
N TYR D 526 7.65 21.64 22.77
CA TYR D 526 8.89 21.89 22.05
C TYR D 526 9.54 23.17 22.52
N TYR D 527 8.77 24.26 22.46
CA TYR D 527 9.14 25.56 23.00
C TYR D 527 10.01 25.47 24.23
N TYR D 528 9.61 24.65 25.20
CA TYR D 528 10.29 24.61 26.47
C TYR D 528 11.48 23.67 26.45
N TYR D 529 11.34 22.54 25.76
CA TYR D 529 12.38 21.51 25.79
C TYR D 529 13.48 21.60 24.72
N ARG D 530 13.20 22.30 23.63
CA ARG D 530 14.13 22.42 22.48
C ARG D 530 14.23 23.85 21.97
N GLY D 531 13.11 24.53 21.82
CA GLY D 531 13.11 25.90 21.37
C GLY D 531 11.91 26.06 20.49
N CYS D 532 11.37 27.27 20.48
CA CYS D 532 10.22 27.65 19.67
C CYS D 532 10.43 27.07 18.30
N PRO D 533 9.42 26.34 17.76
CA PRO D 533 9.64 25.91 16.41
C PRO D 533 8.73 26.59 15.37
N SER D 534 7.98 27.63 15.78
CA SER D 534 7.16 28.43 14.83
C SER D 534 6.84 29.84 15.36
N TRP D 535 7.38 30.84 14.65
CA TRP D 535 7.21 32.24 15.06
C TRP D 535 5.94 32.82 14.46
N SER D 536 5.14 31.92 13.89
CA SER D 536 3.87 32.23 13.21
C SER D 536 2.71 31.32 13.60
N TRP D 537 2.98 30.07 14.03
CA TRP D 537 1.90 29.26 14.61
C TRP D 537 1.22 30.01 15.75
N TYR D 538 -0.12 29.98 15.74
CA TYR D 538 -0.92 30.49 16.83
C TYR D 538 -2.19 29.65 16.90
N TYR D 539 -2.82 29.58 18.07
CA TYR D 539 -4.06 28.82 18.24
C TYR D 539 -5.24 29.70 17.88
N ARG D 540 -6.08 29.14 17.01
CA ARG D 540 -7.06 29.92 16.26
C ARG D 540 -8.46 30.08 16.90
N TYR D 541 -8.67 29.58 18.12
CA TYR D 541 -10.01 29.57 18.75
C TYR D 541 -9.96 30.05 20.19
N HIS D 542 -10.63 31.18 20.48
CA HIS D 542 -10.61 31.77 21.82
C HIS D 542 -10.94 30.82 22.97
N TYR D 543 -11.46 29.64 22.67
CA TYR D 543 -11.90 28.67 23.67
C TYR D 543 -11.16 27.35 23.46
N ALA D 544 -11.30 26.42 24.41
CA ALA D 544 -10.63 25.12 24.36
C ALA D 544 -11.70 24.05 24.16
N PRO D 545 -11.29 22.83 23.72
CA PRO D 545 -12.17 21.70 23.42
C PRO D 545 -12.89 21.20 24.64
N ARG D 546 -12.85 19.89 24.83
CA ARG D 546 -13.39 19.31 26.03
C ARG D 546 -12.48 18.15 26.29
N ILE D 547 -12.23 17.89 27.56
CA ILE D 547 -11.24 16.92 27.99
C ILE D 547 -11.49 15.55 27.36
N SER D 548 -12.71 15.32 26.88
CA SER D 548 -13.03 14.07 26.16
C SER D 548 -13.07 14.18 24.60
N ASP D 549 -12.86 15.39 24.08
CA ASP D 549 -12.89 15.65 22.65
C ASP D 549 -11.46 15.87 22.14
N VAL D 550 -10.49 15.72 23.03
CA VAL D 550 -9.09 15.94 22.65
C VAL D 550 -8.55 14.78 21.79
N ILE D 551 -9.17 13.60 21.91
CA ILE D 551 -8.79 12.42 21.12
C ILE D 551 -9.05 12.58 19.60
N LYS D 552 -10.04 13.43 19.28
CA LYS D 552 -10.34 13.85 17.90
C LYS D 552 -9.31 14.89 17.40
N GLY D 553 -8.13 14.88 18.00
CA GLY D 553 -7.03 15.75 17.58
C GLY D 553 -5.70 15.02 17.47
N ILE D 554 -5.69 13.72 17.80
CA ILE D 554 -4.49 12.88 17.78
C ILE D 554 -4.36 11.98 16.54
N ASP D 555 -5.21 12.22 15.54
CA ASP D 555 -4.97 11.68 14.21
C ASP D 555 -4.59 12.86 13.34
N GLN D 556 -3.30 12.95 13.00
CA GLN D 556 -2.72 14.14 12.36
C GLN D 556 -1.20 14.09 12.41
N ASN D 557 -0.56 14.93 11.61
CA ASN D 557 0.90 14.96 11.52
C ASN D 557 1.61 16.17 12.12
N ILE D 558 2.53 15.86 13.02
CA ILE D 558 3.15 16.83 13.91
C ILE D 558 4.33 17.54 13.25
N GLU D 559 4.06 18.71 12.66
CA GLU D 559 5.07 19.43 11.83
C GLU D 559 5.01 20.95 11.89
N PHE D 560 6.16 21.60 12.09
CA PHE D 560 6.24 23.07 12.02
C PHE D 560 7.45 23.51 11.21
N HIS D 561 7.46 24.79 10.83
CA HIS D 561 8.56 25.35 10.07
C HIS D 561 9.23 26.53 10.81
N LYS D 562 10.57 26.50 10.84
CA LYS D 562 11.46 27.47 11.53
C LYS D 562 10.90 28.87 11.72
N GLY D 563 10.17 29.40 10.75
CA GLY D 563 9.50 30.69 10.88
C GLY D 563 10.43 31.89 11.01
N GLN D 564 9.86 33.03 11.39
CA GLN D 564 10.60 34.27 11.51
C GLN D 564 9.85 35.17 12.48
N PRO D 565 10.56 35.87 13.36
CA PRO D 565 10.03 36.90 14.25
C PRO D 565 9.46 38.10 13.51
N PHE D 566 8.27 38.55 13.89
CA PHE D 566 7.69 39.79 13.36
C PHE D 566 8.63 40.94 13.69
N LYS D 567 9.15 41.60 12.66
CA LYS D 567 9.89 42.83 12.83
C LYS D 567 9.12 43.69 13.84
N PRO D 568 9.82 44.24 14.84
CA PRO D 568 9.28 45.05 15.93
C PRO D 568 7.95 45.76 15.65
N PHE D 569 7.88 46.49 14.54
CA PHE D 569 6.71 47.30 14.20
C PHE D 569 5.49 46.47 13.77
N GLN D 570 5.71 45.34 13.10
CA GLN D 570 4.64 44.38 12.78
C GLN D 570 3.90 43.95 14.07
N GLN D 571 4.68 43.57 15.08
CA GLN D 571 4.15 43.13 16.36
C GLN D 571 3.50 44.30 17.08
N LEU D 572 4.14 45.46 16.97
CA LEU D 572 3.61 46.67 17.55
C LEU D 572 2.20 46.95 17.10
N MET D 573 1.91 46.61 15.84
CA MET D 573 0.57 46.73 15.25
C MET D 573 -0.26 45.43 15.40
N ALA D 574 0.42 44.27 15.38
CA ALA D 574 -0.24 42.96 15.54
C ALA D 574 -0.77 42.75 16.97
N VAL D 575 -0.39 43.68 17.85
CA VAL D 575 -0.70 43.67 19.26
C VAL D 575 -0.84 45.15 19.59
N LEU D 576 -1.77 45.54 20.48
CA LEU D 576 -1.99 46.97 20.80
C LEU D 576 -3.23 47.53 20.07
N PRO D 577 -4.13 48.24 20.78
CA PRO D 577 -5.37 48.80 20.16
C PRO D 577 -5.18 50.07 19.27
N GLU D 578 -6.22 50.47 18.52
CA GLU D 578 -6.20 51.78 17.78
C GLU D 578 -6.84 52.84 18.71
N ARG D 579 -6.34 52.82 19.95
CA ARG D 579 -6.62 53.81 20.99
C ARG D 579 -5.31 54.35 21.52
N SER D 580 -4.31 53.48 21.60
CA SER D 580 -2.95 53.89 21.92
C SER D 580 -2.12 54.05 20.64
N LYS D 581 -2.72 54.74 19.66
CA LYS D 581 -2.07 55.04 18.37
C LYS D 581 -0.74 55.77 18.54
N ASN D 582 -0.72 56.80 19.39
CA ASN D 582 0.48 57.52 19.82
C ASN D 582 1.85 56.80 19.75
N LEU D 583 1.92 55.55 20.23
CA LEU D 583 3.21 54.86 20.42
C LEU D 583 3.81 54.25 19.15
N ILE D 584 2.98 53.64 18.31
CA ILE D 584 3.44 53.25 16.97
C ILE D 584 3.78 54.57 16.28
N PRO D 585 4.88 54.59 15.52
CA PRO D 585 5.34 55.84 14.88
C PRO D 585 4.21 56.52 14.10
N VAL D 586 3.47 57.40 14.78
CA VAL D 586 2.06 57.75 14.45
C VAL D 586 1.74 57.98 12.94
N VAL D 587 2.77 58.24 12.13
CA VAL D 587 2.67 58.24 10.66
C VAL D 587 2.48 56.78 10.14
N TYR D 588 1.35 56.17 10.50
CA TYR D 588 1.15 54.74 10.29
C TYR D 588 -0.33 54.33 10.20
N PHE D 602 -9.50 44.81 12.55
CA PHE D 602 -8.46 44.37 13.48
C PHE D 602 -8.19 45.35 14.61
N TYR D 603 -9.13 46.26 14.85
CA TYR D 603 -9.05 47.22 15.95
C TYR D 603 -10.45 47.48 16.45
N PRO D 604 -11.05 46.51 17.16
CA PRO D 604 -12.45 46.55 17.56
C PRO D 604 -12.68 47.55 18.68
N ASN D 605 -13.61 47.23 19.57
CA ASN D 605 -13.86 48.08 20.72
C ASN D 605 -14.62 47.33 21.82
N GLU D 606 -14.95 46.07 21.54
CA GLU D 606 -15.63 45.18 22.49
C GLU D 606 -14.96 43.80 22.48
N VAL D 621 -12.63 35.58 29.68
CA VAL D 621 -12.04 35.17 28.39
C VAL D 621 -12.37 36.17 27.29
N VAL D 622 -11.88 37.39 27.47
CA VAL D 622 -12.25 38.52 26.61
C VAL D 622 -11.93 38.27 25.12
N LYS D 623 -12.98 38.33 24.30
CA LYS D 623 -12.88 38.17 22.85
C LYS D 623 -12.21 39.38 22.19
N ILE D 624 -11.32 39.08 21.25
CA ILE D 624 -10.65 40.09 20.42
C ILE D 624 -10.24 39.52 19.04
N SER D 625 -10.69 40.19 17.96
CA SER D 625 -10.42 39.76 16.58
C SER D 625 -9.05 39.10 16.41
N PHE D 626 -8.96 38.16 15.46
CA PHE D 626 -7.72 37.38 15.30
C PHE D 626 -6.66 37.92 14.34
N VAL D 627 -5.45 37.38 14.50
CA VAL D 627 -4.18 38.03 14.13
C VAL D 627 -3.70 37.54 12.75
N ASP D 628 -4.39 37.99 11.70
CA ASP D 628 -4.11 37.57 10.32
C ASP D 628 -2.94 38.33 9.69
N GLN D 629 -1.89 37.58 9.34
CA GLN D 629 -0.64 38.14 8.77
C GLN D 629 -0.84 38.96 7.48
N LYS D 630 -1.56 38.38 6.51
CA LYS D 630 -1.83 38.97 5.19
C LYS D 630 -2.17 40.46 5.21
N ARG D 631 -3.37 40.80 5.69
CA ARG D 631 -3.90 42.17 5.68
C ARG D 631 -3.05 43.18 6.49
N LEU D 632 -2.01 42.67 7.15
CA LEU D 632 -1.07 43.47 7.93
C LEU D 632 0.22 43.67 7.13
N VAL D 633 1.02 42.61 7.01
CA VAL D 633 2.34 42.66 6.34
C VAL D 633 2.26 43.20 4.89
N GLU D 634 1.15 42.91 4.22
CA GLU D 634 0.84 43.50 2.91
C GLU D 634 0.44 44.96 3.06
N ALA D 635 -0.63 45.22 3.82
CA ALA D 635 -1.17 46.58 3.97
C ALA D 635 -0.30 47.50 4.85
N MET D 636 0.88 47.00 5.23
CA MET D 636 1.89 47.80 5.91
C MET D 636 3.06 48.02 4.98
N ALA D 637 3.26 47.08 4.04
CA ALA D 637 4.42 47.03 3.12
C ALA D 637 4.76 48.32 2.35
N PRO D 638 3.73 49.06 1.88
CA PRO D 638 4.03 50.40 1.34
C PRO D 638 4.68 51.35 2.34
N TYR D 639 4.19 51.35 3.59
CA TYR D 639 4.55 52.37 4.59
C TYR D 639 5.94 52.18 5.24
N ASP D 640 6.51 50.98 5.06
CA ASP D 640 7.82 50.61 5.63
C ASP D 640 9.04 51.13 4.88
N ALA D 641 8.80 51.85 3.79
CA ALA D 641 9.88 52.58 3.12
C ALA D 641 9.60 54.08 3.21
N LYS D 642 9.30 54.55 4.42
CA LYS D 642 8.88 55.93 4.65
C LYS D 642 9.35 56.48 6.00
N LEU D 643 10.23 55.76 6.67
CA LEU D 643 10.51 55.99 8.11
C LEU D 643 11.84 56.71 8.44
N SER D 644 11.86 57.35 9.61
CA SER D 644 12.93 58.27 10.05
C SER D 644 14.36 57.69 9.96
N PRO D 645 15.41 58.51 10.15
CA PRO D 645 16.71 57.85 10.27
C PRO D 645 16.79 57.08 11.60
N ASP D 646 16.42 57.75 12.70
CA ASP D 646 16.48 57.20 14.07
C ASP D 646 15.33 56.21 14.36
N GLU D 647 14.70 55.71 13.31
CA GLU D 647 13.50 54.88 13.45
C GLU D 647 13.59 53.50 12.76
N LYS D 648 14.52 53.35 11.82
CA LYS D 648 14.75 52.04 11.18
C LYS D 648 15.55 51.11 12.08
N LYS D 649 16.32 51.72 12.98
CA LYS D 649 17.18 51.01 13.93
C LYS D 649 16.28 50.21 14.89
N ARG D 650 15.30 50.90 15.47
CA ARG D 650 14.27 50.28 16.31
C ARG D 650 13.54 49.10 15.68
N ASN D 651 13.31 49.17 14.37
CA ASN D 651 12.72 48.08 13.58
C ASN D 651 13.72 46.99 13.14
N SER D 652 14.91 46.99 13.74
CA SER D 652 15.87 45.90 13.53
C SER D 652 15.92 44.97 14.71
N PHE D 653 16.86 44.02 14.65
CA PHE D 653 17.19 43.11 15.74
C PHE D 653 18.62 43.37 16.17
N GLY D 654 18.88 43.31 17.48
CA GLY D 654 20.23 43.55 18.00
C GLY D 654 20.93 42.25 18.32
N THR D 655 21.93 42.33 19.20
CA THR D 655 22.57 41.12 19.72
C THR D 655 22.44 41.06 21.25
N ASP D 656 22.98 40.02 21.87
CA ASP D 656 23.08 40.00 23.32
C ASP D 656 24.38 40.66 23.73
N LEU D 657 24.36 41.33 24.86
CA LEU D 657 25.53 42.07 25.31
C LEU D 657 26.20 41.47 26.53
N ILE D 658 27.50 41.60 26.56
CA ILE D 658 28.30 41.10 27.67
C ILE D 658 29.11 42.25 28.22
N PHE D 659 28.94 42.54 29.49
CA PHE D 659 29.68 43.63 30.08
C PHE D 659 30.72 43.05 31.02
N ILE D 660 31.92 43.61 30.97
CA ILE D 660 32.98 43.22 31.92
C ILE D 660 33.85 44.35 32.43
N PHE D 661 34.49 44.06 33.54
CA PHE D 661 35.37 44.97 34.22
C PHE D 661 36.81 44.88 33.67
N ASN D 662 37.35 45.99 33.15
CA ASN D 662 38.82 46.10 32.99
C ASN D 662 39.46 47.25 33.79
N PRO D 663 40.24 46.92 34.87
CA PRO D 663 40.79 48.03 35.67
C PRO D 663 41.63 48.96 34.81
N GLN D 664 42.21 48.39 33.74
CA GLN D 664 43.06 49.12 32.78
C GLN D 664 42.25 49.99 31.83
N VAL D 665 41.11 50.50 32.27
CA VAL D 665 40.27 51.34 31.41
C VAL D 665 39.78 52.56 32.22
N ASP D 666 39.61 53.71 31.54
CA ASP D 666 39.20 54.97 32.18
C ASP D 666 38.42 55.87 31.19
N THR D 667 37.18 55.49 30.86
CA THR D 667 36.37 56.26 29.90
C THR D 667 35.29 57.09 30.59
N VAL D 668 34.74 58.10 29.92
CA VAL D 668 33.71 58.95 30.51
C VAL D 668 32.30 58.55 30.01
N TYR D 669 31.48 57.95 30.90
CA TYR D 669 30.10 57.55 30.52
C TYR D 669 29.06 58.64 30.84
N LYS D 670 28.54 59.25 29.78
CA LYS D 670 27.58 60.35 29.88
C LYS D 670 26.24 59.77 30.42
N THR D 671 25.77 60.25 31.58
CA THR D 671 24.46 59.82 32.06
C THR D 671 23.37 60.15 31.06
N PRO D 672 22.46 59.20 30.81
CA PRO D 672 21.27 59.49 30.07
C PRO D 672 20.14 59.88 31.03
N LEU D 673 20.41 59.85 32.32
CA LEU D 673 19.39 60.21 33.28
C LEU D 673 19.76 61.48 34.03
N ALA D 674 18.72 62.21 34.46
CA ALA D 674 18.86 63.49 35.13
C ALA D 674 18.69 63.35 36.66
N GLY D 675 19.02 64.40 37.39
CA GLY D 675 18.76 64.41 38.82
C GLY D 675 19.88 63.75 39.58
N LEU D 676 19.58 62.60 40.19
CA LEU D 676 20.54 61.97 41.08
C LEU D 676 21.65 61.19 40.38
N PHE D 677 21.53 61.03 39.08
CA PHE D 677 22.45 60.20 38.36
C PHE D 677 23.50 61.02 37.66
N ASN D 678 24.49 61.49 38.40
CA ASN D 678 25.65 62.18 37.81
C ASN D 678 26.37 61.28 36.79
N ASP D 679 27.18 61.87 35.92
CA ASP D 679 27.90 61.08 34.90
C ASP D 679 28.84 60.10 35.60
N ILE D 680 29.18 58.99 34.95
CA ILE D 680 30.29 58.14 35.43
C ILE D 680 31.58 58.83 35.02
N GLU D 681 32.17 59.52 35.99
CA GLU D 681 33.37 60.33 35.79
C GLU D 681 34.46 59.49 35.13
N HIS D 682 35.59 60.12 34.82
CA HIS D 682 36.84 59.39 34.54
C HIS D 682 36.82 58.04 35.28
N ASN D 683 36.05 57.96 36.36
CA ASN D 683 36.01 56.77 37.22
C ASN D 683 35.84 55.46 36.44
N HIS D 684 35.36 55.57 35.20
CA HIS D 684 34.78 54.46 34.49
C HIS D 684 35.69 53.27 34.18
N CYS D 685 35.13 52.08 34.16
CA CYS D 685 35.94 50.87 34.06
C CYS D 685 35.31 49.71 33.25
N ILE D 686 34.15 49.92 32.60
CA ILE D 686 33.47 48.85 31.86
C ILE D 686 33.59 49.08 30.38
N GLU D 687 33.47 47.99 29.63
CA GLU D 687 33.08 48.04 28.20
C GLU D 687 32.07 46.96 27.89
N ARG D 688 31.18 47.29 26.97
CA ARG D 688 30.09 46.42 26.56
C ARG D 688 30.37 45.91 25.14
N GLU D 689 30.22 44.61 24.95
CA GLU D 689 30.46 44.01 23.65
C GLU D 689 29.46 42.89 23.29
N PHE D 690 29.61 42.36 22.07
CA PHE D 690 28.80 41.27 21.49
C PHE D 690 28.96 40.00 22.35
N ILE D 691 27.86 39.32 22.67
CA ILE D 691 27.99 37.96 23.25
C ILE D 691 28.01 36.91 22.13
N PRO D 692 29.05 36.05 22.15
CA PRO D 692 29.13 35.00 21.17
C PRO D 692 28.54 33.69 21.67
N GLU D 693 29.36 32.75 22.15
CA GLU D 693 28.90 31.45 22.62
C GLU D 693 29.69 30.28 22.03
N SER D 694 29.67 30.16 20.69
CA SER D 694 30.36 29.09 19.92
C SER D 694 29.84 27.65 20.09
N MET D 695 29.27 27.10 19.02
CA MET D 695 28.87 25.69 18.98
C MET D 695 29.35 25.10 17.66
N GLU D 696 28.55 24.20 17.07
CA GLU D 696 28.82 23.61 15.74
C GLU D 696 28.76 22.08 15.71
N ASN D 697 29.66 21.45 16.47
CA ASN D 697 29.72 19.99 16.53
C ASN D 697 29.34 19.43 17.90
N VAL D 698 28.18 19.87 18.43
CA VAL D 698 27.75 19.51 19.79
C VAL D 698 26.30 19.05 19.90
N LYS D 699 26.10 17.98 20.65
CA LYS D 699 24.78 17.42 20.86
C LYS D 699 24.24 17.89 22.23
N PHE D 700 22.99 18.35 22.20
CA PHE D 700 22.27 18.86 23.36
C PHE D 700 22.36 17.83 24.47
N LEU D 701 22.46 18.28 25.72
CA LEU D 701 22.49 17.35 26.84
C LEU D 701 21.14 17.29 27.52
N PHE D 702 20.59 16.09 27.61
CA PHE D 702 19.30 15.87 28.25
C PHE D 702 19.52 15.05 29.49
N GLY D 703 18.84 15.40 30.58
CA GLY D 703 18.99 14.68 31.84
C GLY D 703 20.32 15.03 32.46
N LEU D 704 20.75 14.24 33.46
CA LEU D 704 21.87 14.60 34.31
C LEU D 704 23.18 14.53 33.57
N PRO D 705 24.11 15.46 33.88
CA PRO D 705 25.43 15.35 33.26
C PRO D 705 26.15 14.19 33.89
N LYS D 706 27.20 13.69 33.24
CA LYS D 706 27.96 12.57 33.80
C LYS D 706 28.78 13.01 35.02
N GLY D 707 28.59 12.32 36.13
CA GLY D 707 29.29 12.65 37.35
C GLY D 707 28.67 13.79 38.16
N ALA D 708 27.41 14.10 37.89
CA ALA D 708 26.68 15.02 38.73
C ALA D 708 26.58 14.41 40.10
N LYS D 709 26.67 15.25 41.12
CA LYS D 709 26.47 14.80 42.48
C LYS D 709 24.99 14.99 42.80
N LEU D 710 24.46 14.18 43.72
CA LEU D 710 23.09 14.35 44.25
C LEU D 710 22.83 13.71 45.63
N GLY D 711 21.59 13.81 46.14
CA GLY D 711 21.31 13.40 47.51
C GLY D 711 22.42 13.84 48.45
N ALA D 712 23.03 12.90 49.18
CA ALA D 712 24.05 13.22 50.19
C ALA D 712 25.36 13.71 49.58
N SER D 713 25.55 13.49 48.29
CA SER D 713 26.75 13.98 47.59
C SER D 713 26.62 15.45 47.16
N SER D 714 25.44 16.04 47.40
CA SER D 714 25.10 17.37 46.90
C SER D 714 26.00 18.44 47.43
N LEU D 715 26.14 19.52 46.66
CA LEU D 715 27.01 20.60 47.05
C LEU D 715 26.56 21.28 48.35
N ALA D 716 27.55 21.80 49.08
CA ALA D 716 27.31 22.52 50.33
C ALA D 716 26.06 23.40 50.32
N GLY D 717 25.22 23.18 51.33
CA GLY D 717 24.09 24.07 51.63
C GLY D 717 22.79 23.81 50.93
N PHE D 718 22.84 23.09 49.81
CA PHE D 718 21.64 22.65 49.10
C PHE D 718 21.01 21.45 49.77
N PRO D 719 19.72 21.52 50.08
CA PRO D 719 19.06 20.55 50.92
C PRO D 719 18.94 19.14 50.31
N SER D 720 18.88 18.12 51.17
CA SER D 720 18.59 16.75 50.75
C SER D 720 17.93 15.87 51.84
N LEU D 721 16.98 15.02 51.47
CA LEU D 721 16.33 14.09 52.41
C LEU D 721 17.25 12.91 52.71
N LYS D 722 18.23 12.72 51.84
CA LYS D 722 19.05 11.53 51.80
C LYS D 722 20.17 11.44 52.83
N THR D 723 20.28 12.38 53.75
CA THR D 723 21.32 12.25 54.75
C THR D 723 20.83 11.48 55.98
N LEU D 724 19.56 11.14 56.02
CA LEU D 724 19.01 10.51 57.22
C LEU D 724 18.18 9.30 56.84
N PRO D 725 18.08 8.29 57.74
CA PRO D 725 17.32 7.10 57.32
C PRO D 725 15.84 7.35 57.56
N LEU D 726 15.04 7.11 56.52
CA LEU D 726 13.63 7.48 56.58
C LEU D 726 12.71 6.65 55.67
N THR D 727 11.43 6.70 56.03
CA THR D 727 10.39 6.00 55.35
C THR D 727 9.45 7.07 54.84
N ALA D 728 8.74 6.78 53.77
CA ALA D 728 7.93 7.80 53.09
C ALA D 728 6.64 7.28 52.51
N GLU D 729 5.53 7.88 52.92
CA GLU D 729 4.21 7.51 52.45
C GLU D 729 3.26 8.68 52.46
N LEU D 730 2.47 8.81 51.41
CA LEU D 730 1.42 9.82 51.37
C LEU D 730 0.40 9.54 52.47
N ALA D 731 -0.27 10.59 52.96
CA ALA D 731 -1.14 10.50 54.11
C ALA D 731 -1.87 11.83 54.31
N TYR D 732 -3.02 11.76 54.97
CA TYR D 732 -3.78 12.97 55.26
C TYR D 732 -3.30 13.57 56.57
N ASN D 733 -2.22 14.34 56.45
CA ASN D 733 -1.50 14.95 57.56
C ASN D 733 -2.13 16.27 58.03
N SER D 734 -3.05 16.84 57.25
CA SER D 734 -3.58 18.18 57.52
C SER D 734 -2.44 19.11 57.99
N SER D 735 -1.52 19.34 57.04
CA SER D 735 -0.26 20.03 57.28
C SER D 735 -0.46 21.53 57.16
N VAL D 736 0.26 22.28 57.99
CA VAL D 736 0.14 23.73 58.01
C VAL D 736 1.37 24.29 57.37
N VAL D 737 1.28 24.69 56.10
CA VAL D 737 2.41 25.35 55.49
C VAL D 737 2.13 26.82 55.32
N PHE D 738 0.86 27.17 55.25
CA PHE D 738 0.41 28.54 55.10
C PHE D 738 -0.39 29.05 56.32
N ASN D 739 -1.72 29.08 56.20
CA ASN D 739 -2.63 29.64 57.21
C ASN D 739 -3.55 28.61 57.88
N PHE D 740 -4.28 27.86 57.03
CA PHE D 740 -5.25 26.84 57.46
C PHE D 740 -4.69 25.46 57.05
N PRO D 741 -4.86 24.41 57.89
CA PRO D 741 -4.31 23.09 57.55
C PRO D 741 -4.88 22.51 56.25
N SER D 742 -4.09 21.64 55.62
CA SER D 742 -4.39 21.04 54.32
C SER D 742 -5.52 20.01 54.36
N LYS D 743 -6.53 20.23 53.53
CA LYS D 743 -7.62 19.27 53.36
C LYS D 743 -7.12 18.13 52.47
N GLN D 744 -5.79 18.04 52.36
CA GLN D 744 -5.11 17.22 51.34
C GLN D 744 -3.98 16.35 51.89
N GLN D 745 -3.43 15.50 51.02
CA GLN D 745 -2.37 14.59 51.41
C GLN D 745 -1.00 15.26 51.42
N SER D 746 -0.10 14.71 52.24
CA SER D 746 1.26 15.16 52.23
C SER D 746 2.15 13.95 52.31
N MET D 747 3.36 14.13 51.77
CA MET D 747 4.38 13.07 51.78
C MET D 747 5.01 13.00 53.16
N VAL D 748 4.31 12.36 54.07
CA VAL D 748 4.74 12.26 55.46
C VAL D 748 6.02 11.44 55.50
N LEU D 749 6.96 11.78 56.38
CA LEU D 749 8.30 11.18 56.37
C LEU D 749 8.68 10.55 57.69
N HIS D 750 8.69 9.21 57.74
CA HIS D 750 8.98 8.49 58.99
C HIS D 750 10.46 8.29 59.19
N ILE D 751 10.93 8.90 60.28
CA ILE D 751 12.35 8.94 60.62
C ILE D 751 12.68 7.75 61.50
N GLN D 752 13.79 7.11 61.16
CA GLN D 752 14.33 6.02 61.95
C GLN D 752 15.34 6.50 62.98
N ASP D 753 15.14 6.10 64.24
CA ASP D 753 16.09 6.31 65.33
C ASP D 753 17.33 5.41 65.05
N LEU D 754 18.47 6.01 64.70
CA LEU D 754 19.72 5.30 64.36
C LEU D 754 20.38 4.58 65.59
N TYR D 755 20.86 3.33 65.41
CA TYR D 755 21.65 2.60 66.46
C TYR D 755 22.82 1.74 65.98
N SER D 761 26.11 3.69 74.61
CA SER D 761 26.37 4.33 73.34
C SER D 761 26.42 5.83 73.56
N LEU D 762 25.32 6.35 74.10
CA LEU D 762 25.12 7.78 74.36
C LEU D 762 26.37 8.47 74.93
N SER D 763 26.84 7.99 76.08
CA SER D 763 28.05 8.51 76.69
C SER D 763 29.22 8.62 75.71
N ASP D 764 29.30 7.68 74.78
CA ASP D 764 30.39 7.66 73.81
C ASP D 764 30.16 8.57 72.62
N LEU D 765 28.91 9.00 72.41
CA LEU D 765 28.60 10.02 71.39
C LEU D 765 29.02 11.36 71.96
N ALA D 766 28.68 11.56 73.23
CA ALA D 766 29.02 12.79 73.93
C ALA D 766 30.53 12.98 73.92
N LYS D 767 31.23 11.90 74.24
CA LYS D 767 32.69 11.87 74.27
C LYS D 767 33.34 12.02 72.88
N ARG D 768 32.55 11.86 71.82
CA ARG D 768 33.08 11.96 70.47
C ARG D 768 32.80 13.34 69.92
N HIS D 769 31.57 13.83 70.14
CA HIS D 769 31.08 14.98 69.42
C HIS D 769 30.92 16.24 70.26
N MET D 770 31.00 16.11 71.58
CA MET D 770 30.88 17.27 72.46
C MET D 770 31.98 18.29 72.18
N GLY D 771 31.58 19.53 71.93
CA GLY D 771 32.51 20.61 71.61
C GLY D 771 32.77 20.74 70.12
N LYS D 772 32.68 19.62 69.40
CA LYS D 772 32.96 19.55 67.96
C LYS D 772 31.80 20.04 67.08
N ILE D 773 32.01 20.04 65.77
CA ILE D 773 30.98 20.45 64.81
C ILE D 773 30.04 19.29 64.47
N VAL D 774 28.73 19.58 64.51
CA VAL D 774 27.69 18.64 64.09
C VAL D 774 26.73 19.38 63.14
N TYR D 775 26.12 18.63 62.22
CA TYR D 775 25.22 19.21 61.26
C TYR D 775 23.75 19.02 61.64
N SER D 776 23.03 20.15 61.81
CA SER D 776 21.63 20.16 62.24
C SER D 776 20.82 21.06 61.36
N ARG D 777 19.62 21.43 61.82
CA ARG D 777 18.57 21.99 60.97
C ARG D 777 18.33 20.91 59.93
N TRP D 778 17.96 19.69 60.39
CA TRP D 778 18.11 18.52 59.50
C TRP D 778 17.94 18.75 57.99
N PRO D 779 16.71 18.87 57.46
CA PRO D 779 16.66 18.81 55.97
C PRO D 779 17.70 19.73 55.28
N PHE D 780 17.80 20.98 55.74
CA PHE D 780 18.68 22.02 55.20
C PHE D 780 19.91 22.17 56.10
N LEU D 781 20.82 21.19 56.05
CA LEU D 781 22.01 21.12 56.94
C LEU D 781 22.92 22.36 57.12
N ARG D 782 23.44 22.53 58.33
CA ARG D 782 24.41 23.60 58.62
C ARG D 782 25.27 23.24 59.84
N GLU D 783 26.48 23.80 59.90
CA GLU D 783 27.36 23.55 61.06
C GLU D 783 26.80 24.15 62.34
N SER D 784 26.78 23.35 63.38
CA SER D 784 26.57 23.84 64.72
C SER D 784 27.64 23.20 65.62
N LYS D 785 27.87 23.78 66.80
CA LYS D 785 28.69 23.10 67.82
C LYS D 785 27.79 22.43 68.81
N LEU D 786 28.22 21.28 69.30
CA LEU D 786 27.49 20.53 70.33
C LEU D 786 27.74 21.01 71.79
N LEU D 787 26.69 21.51 72.43
CA LEU D 787 26.79 22.15 73.73
C LEU D 787 26.49 21.21 74.89
N SER D 788 25.57 20.28 74.66
CA SER D 788 25.24 19.22 75.60
C SER D 788 24.26 18.28 74.95
N LEU D 789 24.21 17.04 75.43
CA LEU D 789 23.11 16.10 75.11
C LEU D 789 22.14 16.02 76.30
N ILE D 790 20.87 15.78 76.04
CA ILE D 790 19.84 15.82 77.10
C ILE D 790 18.86 14.67 76.95
N THR D 791 18.55 14.04 78.07
CA THR D 791 17.55 12.97 78.16
C THR D 791 16.73 13.10 79.45
N GLU D 792 16.00 12.04 79.78
CA GLU D 792 15.20 11.98 81.01
C GLU D 792 16.06 12.01 82.29
N GLU D 793 16.94 11.02 82.41
CA GLU D 793 17.62 10.75 83.66
C GLU D 793 19.07 11.25 83.76
N THR D 794 19.63 11.77 82.67
CA THR D 794 21.01 12.31 82.66
C THR D 794 21.16 13.49 81.68
N VAL D 795 22.00 14.48 82.02
CA VAL D 795 22.38 15.56 81.07
C VAL D 795 23.89 15.55 80.86
N TYR D 796 24.33 15.32 79.62
CA TYR D 796 25.76 15.23 79.33
C TYR D 796 26.39 16.59 79.03
N GLU D 797 26.42 17.44 80.04
CA GLU D 797 27.12 18.73 80.04
C GLU D 797 28.42 18.72 79.24
N GLY D 798 28.63 19.78 78.48
CA GLY D 798 29.91 20.03 77.85
C GLY D 798 30.54 21.29 78.44
N VAL D 799 31.83 21.19 78.72
CA VAL D 799 32.64 22.29 79.30
C VAL D 799 34.08 22.16 78.78
N LYS D 800 34.74 23.26 78.44
CA LYS D 800 36.11 23.15 77.90
C LYS D 800 37.22 23.22 78.96
N SER D 801 38.46 22.98 78.53
CA SER D 801 39.65 22.94 79.40
C SER D 801 40.73 23.96 78.97
N GLY D 802 40.81 24.18 77.66
CA GLY D 802 41.82 25.09 77.07
C GLY D 802 42.44 24.53 75.79
N LYS D 803 42.73 23.23 75.80
CA LYS D 803 43.27 22.54 74.63
C LYS D 803 42.31 21.44 74.23
N LEU D 804 41.19 21.35 74.95
CA LEU D 804 40.22 20.26 74.77
C LEU D 804 38.88 20.64 75.40
N THR D 805 37.83 19.87 75.10
CA THR D 805 36.53 20.08 75.72
C THR D 805 36.05 18.75 76.34
N LYS D 806 35.59 18.79 77.58
CA LYS D 806 35.36 17.56 78.37
C LYS D 806 33.89 17.34 78.77
N VAL D 807 33.47 16.08 78.66
CA VAL D 807 32.09 15.64 78.90
C VAL D 807 31.85 15.56 80.39
N ILE D 808 30.67 15.98 80.85
CA ILE D 808 30.32 15.75 82.25
C ILE D 808 29.02 14.97 82.36
N GLU D 809 29.06 13.91 83.14
CA GLU D 809 27.93 12.99 83.29
C GLU D 809 26.92 13.42 84.38
N ARG D 810 26.37 14.61 84.25
CA ARG D 810 25.51 15.21 85.27
C ARG D 810 24.12 14.57 85.41
N LYS D 811 23.41 14.87 86.49
CA LYS D 811 22.00 14.50 86.64
C LYS D 811 21.16 15.77 86.63
N PRO D 812 19.99 15.76 85.94
CA PRO D 812 19.23 16.98 85.71
C PRO D 812 18.61 17.53 86.98
N GLN D 813 18.59 18.85 87.12
CA GLN D 813 17.79 19.53 88.14
C GLN D 813 16.30 19.41 87.81
N ASP D 814 15.43 19.90 88.71
CA ASP D 814 13.99 19.86 88.48
C ASP D 814 13.51 20.93 87.49
N PHE D 815 14.35 21.94 87.27
CA PHE D 815 14.07 22.97 86.27
C PHE D 815 14.50 22.48 84.88
N GLU D 816 15.26 21.39 84.84
CA GLU D 816 15.65 20.73 83.59
C GLU D 816 14.70 19.59 83.24
N ARG D 817 14.35 18.79 84.26
CA ARG D 817 13.43 17.63 84.19
C ARG D 817 12.09 18.01 83.54
N LYS D 818 11.56 19.14 83.99
CA LYS D 818 10.35 19.74 83.45
C LYS D 818 10.64 20.26 82.04
N GLU D 819 11.81 20.89 81.88
CA GLU D 819 12.21 21.53 80.65
C GLU D 819 12.25 20.55 79.48
N PHE D 820 12.69 19.33 79.75
CA PHE D 820 12.74 18.27 78.75
C PHE D 820 11.34 17.82 78.30
N ARG D 821 10.36 17.84 79.20
CA ARG D 821 8.98 17.44 78.90
C ARG D 821 8.34 18.36 77.84
N GLU D 822 8.05 19.60 78.24
CA GLU D 822 7.43 20.63 77.40
C GLU D 822 8.05 20.66 76.03
N LEU D 823 9.36 20.36 75.96
CA LEU D 823 10.12 20.42 74.72
C LEU D 823 9.75 19.39 73.67
N LYS D 824 9.96 18.11 73.98
CA LYS D 824 9.64 17.03 73.04
C LYS D 824 8.32 17.25 72.31
N MET D 825 7.26 17.59 73.04
CA MET D 825 5.93 17.71 72.45
C MET D 825 5.86 18.87 71.47
N THR D 826 6.45 20.01 71.82
CA THR D 826 6.38 21.17 70.95
C THR D 826 7.12 20.86 69.65
N LEU D 827 8.17 20.04 69.74
CA LEU D 827 8.95 19.63 68.57
C LEU D 827 8.23 18.58 67.75
N LYS D 828 7.78 17.50 68.39
CA LYS D 828 6.93 16.52 67.74
C LYS D 828 5.74 17.22 67.09
N SER D 829 5.17 18.22 67.74
CA SER D 829 4.11 19.01 67.12
C SER D 829 4.66 19.73 65.87
N ASN D 830 5.42 20.80 66.07
CA ASN D 830 6.09 21.51 64.98
C ASN D 830 6.44 20.59 63.81
N TYR D 831 7.09 19.49 64.11
CA TYR D 831 7.56 18.63 63.06
C TYR D 831 6.44 17.92 62.29
N GLN D 832 5.35 17.53 62.96
CA GLN D 832 4.29 16.83 62.24
C GLN D 832 3.39 17.84 61.55
N ARG D 833 3.04 18.91 62.26
CA ARG D 833 2.10 19.91 61.77
C ARG D 833 2.70 20.68 60.60
N THR D 834 4.02 20.79 60.57
CA THR D 834 4.67 21.85 59.79
C THR D 834 5.46 21.38 58.60
N LYS D 835 6.14 20.26 58.75
CA LYS D 835 7.02 19.73 57.73
C LYS D 835 6.67 18.26 57.46
N ALA D 836 5.58 17.80 58.07
CA ALA D 836 5.08 16.43 58.01
C ALA D 836 6.20 15.42 58.20
N ILE D 837 6.89 15.54 59.33
CA ILE D 837 7.92 14.59 59.74
C ILE D 837 7.55 13.91 61.05
N LEU D 838 7.49 12.60 61.01
CA LEU D 838 7.15 11.82 62.18
C LEU D 838 8.36 11.24 62.91
N LEU D 839 8.32 11.31 64.24
CA LEU D 839 9.43 10.90 65.09
C LEU D 839 9.03 9.78 66.04
N ASP D 840 9.95 8.81 66.23
CA ASP D 840 9.75 7.63 67.09
C ASP D 840 9.19 7.95 68.48
N ASP D 841 10.10 8.12 69.43
CA ASP D 841 9.91 9.07 70.52
C ASP D 841 11.19 9.87 70.47
N ILE D 842 11.11 11.13 70.87
CA ILE D 842 12.31 11.93 71.08
C ILE D 842 13.04 11.32 72.29
N SER D 843 14.09 10.52 72.01
CA SER D 843 14.93 9.95 73.07
C SER D 843 15.71 11.11 73.70
N ALA D 844 16.46 11.82 72.84
CA ALA D 844 17.44 12.84 73.25
C ALA D 844 17.48 14.13 72.41
N LEU D 845 17.86 15.21 73.06
CA LEU D 845 18.01 16.48 72.41
C LEU D 845 19.45 16.87 72.36
N ALA D 846 19.94 17.16 71.17
CA ALA D 846 21.19 17.84 71.06
C ALA D 846 20.84 19.31 71.24
N LYS D 847 21.54 19.97 72.16
CA LYS D 847 21.47 21.40 72.33
C LYS D 847 22.68 21.93 71.59
N VAL D 848 22.45 22.84 70.66
CA VAL D 848 23.51 23.38 69.79
C VAL D 848 23.46 24.90 69.57
N VAL D 849 24.56 25.47 69.10
CA VAL D 849 24.58 26.83 68.52
C VAL D 849 25.10 26.74 67.08
N PRO D 850 24.41 27.36 66.13
CA PRO D 850 24.82 27.31 64.74
C PRO D 850 26.05 28.16 64.48
N VAL D 851 26.81 27.82 63.45
CA VAL D 851 27.95 28.65 63.03
C VAL D 851 27.43 29.77 62.17
N ASN D 852 28.01 30.97 62.34
CA ASN D 852 27.50 32.14 61.66
C ASN D 852 28.55 33.02 61.03
N GLY D 853 29.73 32.48 60.78
CA GLY D 853 30.75 33.22 60.03
C GLY D 853 32.11 33.02 60.61
N LEU D 854 33.12 33.74 60.16
CA LEU D 854 34.44 33.66 60.77
C LEU D 854 34.74 34.87 61.61
N VAL D 855 35.83 34.86 62.35
CA VAL D 855 36.17 36.00 63.19
C VAL D 855 37.68 36.04 63.36
N ARG D 856 38.30 37.22 63.26
CA ARG D 856 39.76 37.30 63.36
C ARG D 856 40.11 37.13 64.80
N ASN D 857 41.32 36.62 65.07
CA ASN D 857 41.85 36.50 66.43
C ASN D 857 43.13 37.29 66.59
N SER D 858 43.61 37.44 67.84
CA SER D 858 44.91 38.08 68.16
C SER D 858 46.05 37.73 67.21
N ASP D 859 46.27 36.43 67.05
CA ASP D 859 47.29 35.86 66.16
C ASP D 859 47.11 36.20 64.67
N GLY D 860 45.91 36.67 64.33
CA GLY D 860 45.55 37.04 62.96
C GLY D 860 44.93 35.87 62.22
N SER D 861 44.59 34.84 62.95
CA SER D 861 43.90 33.72 62.37
C SER D 861 42.41 34.02 62.40
N TYR D 862 41.64 33.15 61.76
CA TYR D 862 40.19 33.25 61.70
C TYR D 862 39.61 31.92 62.11
N SER D 863 38.83 31.90 63.18
CA SER D 863 38.10 30.70 63.57
C SER D 863 36.57 30.89 63.49
N LYS D 864 35.83 29.78 63.56
CA LYS D 864 34.38 29.77 63.38
C LYS D 864 33.71 30.61 64.42
N SER D 865 32.81 31.51 63.99
CA SER D 865 32.01 32.27 64.93
C SER D 865 30.65 31.61 65.07
N PHE D 866 30.14 31.60 66.29
CA PHE D 866 28.88 30.95 66.57
C PHE D 866 27.87 31.95 67.11
N ASN D 867 26.59 31.70 66.84
CA ASN D 867 25.48 32.48 67.34
C ASN D 867 25.19 32.20 68.81
N GLU D 868 24.67 33.22 69.52
CA GLU D 868 24.36 33.13 70.96
C GLU D 868 23.09 32.31 71.26
N THR D 869 22.12 32.44 70.36
CA THR D 869 20.82 31.84 70.53
C THR D 869 20.91 30.33 70.41
N ILE D 870 20.66 29.69 71.53
CA ILE D 870 20.66 28.26 71.70
C ILE D 870 19.47 27.57 71.00
N GLU D 871 19.76 26.47 70.33
CA GLU D 871 18.76 25.72 69.60
C GLU D 871 18.74 24.26 70.00
N TYR D 872 17.58 23.62 69.86
CA TYR D 872 17.41 22.20 70.26
C TYR D 872 16.89 21.34 69.09
N TYR D 873 17.54 20.20 68.86
CA TYR D 873 17.09 19.22 67.85
C TYR D 873 17.11 17.80 68.41
N PRO D 874 16.14 16.96 68.02
CA PRO D 874 16.14 15.52 68.29
C PRO D 874 17.35 14.87 67.71
N LEU D 875 17.90 13.92 68.43
CA LEU D 875 19.20 13.35 68.10
C LEU D 875 19.16 12.61 66.77
N GLN D 876 17.96 12.14 66.41
CA GLN D 876 17.78 11.39 65.16
C GLN D 876 17.75 12.35 63.99
N LEU D 877 17.85 13.64 64.29
CA LEU D 877 17.85 14.69 63.27
C LEU D 877 19.21 15.45 63.20
N ILE D 878 20.24 14.82 63.74
CA ILE D 878 21.59 15.31 63.70
C ILE D 878 22.44 14.38 62.85
N VAL D 879 22.84 14.84 61.66
CA VAL D 879 23.81 14.09 60.91
C VAL D 879 25.13 14.40 61.54
N GLU D 880 26.04 13.44 61.50
CA GLU D 880 27.40 13.62 62.06
C GLU D 880 28.32 14.40 61.15
N ASP D 881 28.74 13.82 60.03
CA ASP D 881 29.54 14.56 59.03
C ASP D 881 28.80 14.73 57.69
N VAL D 882 29.44 15.43 56.76
CA VAL D 882 28.81 15.85 55.51
C VAL D 882 29.85 15.76 54.40
N LYS D 883 29.43 15.29 53.24
CA LYS D 883 30.34 15.14 52.11
C LYS D 883 30.94 16.48 51.65
N ASN D 884 30.14 17.52 51.39
CA ASN D 884 30.70 18.83 51.03
C ASN D 884 30.43 19.95 52.01
N LYS D 885 31.53 20.58 52.41
CA LYS D 885 31.61 21.59 53.46
C LYS D 885 31.53 22.99 52.86
N ASP D 886 31.03 23.94 53.63
CA ASP D 886 31.02 25.31 53.15
C ASP D 886 32.45 25.89 53.12
N GLU D 887 32.94 26.26 51.93
CA GLU D 887 34.26 26.92 51.84
C GLU D 887 34.25 28.14 52.78
N ARG D 888 33.14 28.88 52.76
CA ARG D 888 32.97 30.10 53.51
C ARG D 888 33.15 29.94 55.02
N TYR D 889 33.16 28.72 55.55
CA TYR D 889 33.45 28.52 57.00
C TYR D 889 34.80 27.85 57.32
N ILE D 890 35.50 27.39 56.29
CA ILE D 890 36.78 26.77 56.56
C ILE D 890 37.71 27.76 57.28
N GLU D 891 38.02 27.45 58.55
CA GLU D 891 39.01 28.22 59.34
C GLU D 891 40.33 28.50 58.60
N LYS D 892 40.80 29.75 58.61
CA LYS D 892 42.03 30.14 57.88
C LYS D 892 43.17 30.40 58.85
N GLU D 893 44.39 30.12 58.42
CA GLU D 893 45.56 30.45 59.24
C GLU D 893 46.07 31.91 59.09
N PRO D 894 46.88 32.37 60.07
CA PRO D 894 47.35 33.74 60.02
C PRO D 894 48.31 33.99 58.86
N LEU D 895 48.27 35.19 58.27
CA LEU D 895 49.09 35.53 57.11
C LEU D 895 50.05 36.66 57.38
N PRO D 896 51.06 36.81 56.53
CA PRO D 896 51.94 37.96 56.72
C PRO D 896 51.28 39.28 56.31
N ILE D 897 51.59 40.37 57.01
CA ILE D 897 51.07 41.72 56.73
C ILE D 897 50.82 42.01 55.25
N ASN D 898 51.79 41.62 54.41
CA ASN D 898 51.73 41.94 52.97
C ASN D 898 50.86 41.02 52.14
N LYS D 899 50.37 39.96 52.77
CA LYS D 899 49.41 39.08 52.14
C LYS D 899 48.02 39.43 52.63
N GLU D 900 47.88 39.85 53.88
CA GLU D 900 46.57 40.22 54.44
C GLU D 900 46.17 41.67 54.20
N PHE D 901 47.12 42.62 54.23
CA PHE D 901 46.84 44.01 53.87
C PHE D 901 47.84 44.40 52.82
N PRO D 902 47.62 43.93 51.59
CA PRO D 902 48.59 44.12 50.51
C PRO D 902 48.86 45.59 50.15
N LYS D 903 50.07 45.81 49.63
CA LYS D 903 50.54 47.13 49.23
C LYS D 903 49.54 47.70 48.22
N GLY D 904 48.91 48.82 48.56
CA GLY D 904 48.01 49.48 47.65
C GLY D 904 46.55 49.20 47.89
N SER D 905 46.30 48.23 48.77
CA SER D 905 44.92 47.88 49.15
C SER D 905 44.31 49.02 49.90
N LYS D 906 43.02 49.18 49.74
CA LYS D 906 42.34 50.27 50.38
C LYS D 906 41.70 49.60 51.60
N VAL D 907 41.89 50.19 52.79
CA VAL D 907 41.34 49.67 54.04
C VAL D 907 40.71 50.72 54.92
N VAL D 908 39.73 50.26 55.69
CA VAL D 908 39.08 51.06 56.70
C VAL D 908 40.07 51.36 57.83
N PHE D 909 40.43 52.65 57.97
CA PHE D 909 41.28 53.09 59.08
C PHE D 909 40.48 53.36 60.36
N LEU D 910 40.97 52.78 61.46
CA LEU D 910 40.35 52.97 62.77
C LEU D 910 41.28 53.85 63.64
N GLY D 911 40.91 54.21 64.87
CA GLY D 911 41.81 55.10 65.59
C GLY D 911 41.55 56.56 65.24
N ASP D 912 41.66 57.40 66.27
CA ASP D 912 41.06 58.74 66.36
C ASP D 912 41.18 59.66 65.15
N TYR D 913 42.39 59.77 64.61
CA TYR D 913 42.60 60.69 63.51
C TYR D 913 41.42 60.76 62.52
N ALA D 914 40.99 59.61 61.98
CA ALA D 914 39.87 59.50 61.04
C ALA D 914 39.16 58.15 61.17
N TYR D 915 38.35 58.00 62.21
CA TYR D 915 37.65 56.73 62.44
C TYR D 915 36.67 56.43 61.32
N GLY D 916 36.98 55.43 60.51
CA GLY D 916 36.17 55.12 59.36
C GLY D 916 36.76 55.74 58.12
N GLY D 917 37.94 56.30 58.21
CA GLY D 917 38.55 56.94 57.05
C GLY D 917 39.22 55.97 56.08
N GLU D 918 39.10 56.28 54.78
CA GLU D 918 39.75 55.47 53.74
C GLU D 918 41.27 55.46 53.93
N ALA D 919 41.87 54.34 54.28
CA ALA D 919 43.34 54.27 54.28
C ALA D 919 43.96 53.43 53.10
N THR D 920 45.14 53.80 52.67
CA THR D 920 45.82 53.05 51.63
C THR D 920 47.12 52.46 52.17
N VAL D 921 47.21 51.14 52.15
CA VAL D 921 48.45 50.51 52.51
C VAL D 921 49.53 50.93 51.50
N ASP D 922 50.58 51.56 52.00
CA ASP D 922 51.66 52.10 51.17
C ASP D 922 52.94 51.26 51.24
N GLY D 923 53.20 50.62 52.39
CA GLY D 923 54.46 49.95 52.65
C GLY D 923 54.44 49.25 53.98
N TYR D 924 55.58 48.67 54.38
CA TYR D 924 55.71 48.01 55.68
C TYR D 924 57.01 48.43 56.40
N ASN D 925 56.93 48.76 57.71
CA ASN D 925 58.12 49.17 58.49
C ASN D 925 58.70 47.98 59.26
N SER D 926 57.81 47.06 59.58
CA SER D 926 58.12 45.95 60.42
C SER D 926 57.42 44.81 59.74
N GLU D 927 57.28 43.74 60.49
CA GLU D 927 56.54 42.54 60.17
C GLU D 927 55.20 42.69 60.88
N THR D 928 55.06 43.75 61.66
CA THR D 928 53.81 44.03 62.36
C THR D 928 53.34 45.41 62.03
N ARG D 929 54.22 46.38 62.03
CA ARG D 929 53.69 47.70 61.80
C ARG D 929 53.75 48.06 60.32
N LEU D 930 52.73 48.72 59.78
CA LEU D 930 52.73 49.11 58.37
C LEU D 930 52.61 50.60 58.19
N LYS D 931 52.88 51.08 56.99
CA LYS D 931 52.70 52.50 56.74
C LYS D 931 51.59 52.76 55.75
N LEU D 932 50.77 53.76 56.03
CA LEU D 932 49.57 53.99 55.21
C LEU D 932 49.33 55.47 54.89
N THR D 933 48.45 55.74 53.93
CA THR D 933 47.98 57.08 53.61
C THR D 933 46.53 57.15 54.06
N VAL D 934 46.24 57.97 55.05
CA VAL D 934 44.86 58.09 55.47
C VAL D 934 44.17 59.34 54.86
N LYS D 935 42.95 59.18 54.33
CA LYS D 935 42.13 60.31 53.89
C LYS D 935 40.93 60.43 54.84
N LYS D 936 40.70 61.64 55.38
CA LYS D 936 39.40 61.96 56.01
C LYS D 936 38.62 62.90 55.12
N GLY D 937 37.38 62.54 54.85
CA GLY D 937 36.62 63.17 53.77
C GLY D 937 35.64 64.18 54.31
N SER D 938 35.82 64.54 55.58
CA SER D 938 35.06 65.64 56.20
C SER D 938 35.85 66.34 57.33
N LEU D 939 36.04 67.67 57.21
CA LEU D 939 36.59 68.48 58.29
C LEU D 939 35.54 68.94 59.31
N ARG D 940 34.27 68.97 58.91
CA ARG D 940 33.19 69.39 59.81
C ARG D 940 33.02 68.40 60.94
N ALA D 941 32.08 68.66 61.82
CA ALA D 941 31.88 67.82 62.98
C ALA D 941 30.53 67.14 62.86
N GLU D 942 30.48 65.91 63.35
CA GLU D 942 29.27 65.12 63.28
C GLU D 942 28.08 65.84 63.94
N PRO D 943 27.03 66.12 63.15
CA PRO D 943 25.74 66.62 63.60
C PRO D 943 25.29 65.97 64.92
N ASN D 944 24.61 66.77 65.74
CA ASN D 944 24.17 66.38 67.09
C ASN D 944 22.68 65.97 67.07
N ILE D 945 22.03 66.35 65.98
CA ILE D 945 20.60 66.48 65.90
C ILE D 945 19.85 65.19 66.17
N GLY D 946 20.37 64.09 65.63
CA GLY D 946 19.90 62.76 65.91
C GLY D 946 19.98 62.45 67.39
N LYS D 947 21.05 62.88 68.04
CA LYS D 947 21.22 62.62 69.48
C LYS D 947 20.15 63.32 70.28
N VAL D 948 19.88 64.58 69.92
CA VAL D 948 18.97 65.42 70.72
C VAL D 948 17.53 64.89 70.67
N ARG D 949 17.07 64.59 69.46
CA ARG D 949 15.73 64.04 69.25
C ARG D 949 15.62 62.64 69.83
N ALA D 950 16.75 62.06 70.22
CA ALA D 950 16.81 60.75 70.85
C ALA D 950 16.61 60.87 72.35
N LYS D 951 17.14 61.96 72.91
CA LYS D 951 16.81 62.34 74.28
C LYS D 951 15.36 62.78 74.32
N LEU D 952 14.95 63.55 73.32
CA LEU D 952 13.67 64.24 73.33
C LEU D 952 12.48 63.35 72.95
N ASP D 953 12.73 62.21 72.29
CA ASP D 953 11.69 61.19 72.06
C ASP D 953 11.65 60.36 73.34
N SER D 954 12.81 60.26 73.99
CA SER D 954 12.93 59.45 75.18
C SER D 954 12.17 60.03 76.37
N GLN D 955 12.58 61.22 76.80
CA GLN D 955 12.02 61.91 77.98
C GLN D 955 10.58 62.43 77.81
N ALA D 956 10.13 62.50 76.55
CA ALA D 956 8.74 62.80 76.24
C ALA D 956 7.87 61.53 76.27
N LEU D 957 8.31 60.54 77.04
CA LEU D 957 7.61 59.27 77.14
C LEU D 957 8.32 58.46 78.21
N ARG D 958 7.64 58.23 79.33
CA ARG D 958 8.24 57.43 80.42
C ARG D 958 7.67 56.02 80.53
N PHE D 959 8.51 55.11 81.04
CA PHE D 959 8.19 53.68 81.11
C PHE D 959 8.42 53.11 82.51
N TYR D 960 7.32 52.67 83.12
CA TYR D 960 7.38 52.08 84.46
C TYR D 960 7.35 50.54 84.36
N PRO D 961 7.80 49.83 85.42
CA PRO D 961 7.82 48.35 85.47
C PRO D 961 6.49 47.73 85.88
N VAL D 1008 3.61 48.29 66.66
CA VAL D 1008 2.96 47.24 65.89
C VAL D 1008 4.03 46.20 65.41
N VAL D 1009 5.19 46.20 66.07
CA VAL D 1009 6.47 45.73 65.47
C VAL D 1009 7.16 44.40 65.95
N SER D 1010 8.45 44.25 65.66
CA SER D 1010 9.33 43.17 66.14
C SER D 1010 9.84 43.56 67.54
N LEU D 1011 10.33 42.59 68.32
CA LEU D 1011 10.67 42.87 69.72
C LEU D 1011 11.86 43.82 69.94
N GLU D 1012 13.08 43.35 69.62
CA GLU D 1012 14.28 44.14 69.91
C GLU D 1012 14.44 45.35 68.96
N SER D 1013 13.53 46.32 69.07
CA SER D 1013 13.47 47.43 68.11
C SER D 1013 12.75 48.68 68.62
N ASP D 1014 12.73 49.72 67.78
CA ASP D 1014 11.88 50.95 67.86
C ASP D 1014 12.50 52.07 67.03
N SER D 1015 11.67 52.96 66.48
CA SER D 1015 12.16 54.05 65.66
C SER D 1015 12.17 55.35 66.46
N LEU D 1016 12.49 56.46 65.81
CA LEU D 1016 12.20 57.78 66.35
C LEU D 1016 10.72 58.13 66.13
N THR D 1017 10.27 59.25 66.70
CA THR D 1017 8.90 59.76 66.51
C THR D 1017 8.65 60.15 65.06
N LYS D 1018 7.40 60.04 64.62
CA LYS D 1018 7.01 60.40 63.24
C LYS D 1018 7.62 61.75 62.81
N ALA D 1019 7.91 62.61 63.79
CA ALA D 1019 8.33 64.00 63.61
C ALA D 1019 9.80 64.25 63.99
N SER D 1020 10.34 63.44 64.91
CA SER D 1020 11.78 63.51 65.22
C SER D 1020 12.58 63.22 63.96
N MET D 1021 12.11 62.20 63.24
CA MET D 1021 12.52 61.88 61.88
C MET D 1021 12.64 63.15 61.02
N ALA D 1022 11.52 63.86 60.86
CA ALA D 1022 11.45 65.06 60.01
C ALA D 1022 12.41 66.14 60.50
N ALA D 1023 12.60 66.16 61.81
CA ALA D 1023 13.43 67.16 62.47
C ALA D 1023 14.91 66.95 62.15
N VAL D 1024 15.33 65.68 62.26
CA VAL D 1024 16.67 65.26 61.80
C VAL D 1024 16.86 65.57 60.31
N GLU D 1025 15.90 65.16 59.49
CA GLU D 1025 16.00 65.38 58.05
C GLU D 1025 16.21 66.85 57.68
N SER D 1026 15.34 67.75 58.17
CA SER D 1026 15.34 69.17 57.77
C SER D 1026 16.62 69.87 58.20
N GLU D 1027 17.13 69.47 59.37
CA GLU D 1027 18.40 69.96 59.91
C GLU D 1027 19.59 69.44 59.11
N ILE D 1028 19.54 68.17 58.75
CA ILE D 1028 20.58 67.55 57.92
C ILE D 1028 20.68 68.13 56.52
N ILE D 1029 19.54 68.40 55.90
CA ILE D 1029 19.60 69.04 54.63
C ILE D 1029 20.39 70.32 54.81
N LYS D 1030 20.08 71.11 55.86
CA LYS D 1030 20.77 72.40 56.14
C LYS D 1030 22.26 72.21 56.39
N TYR D 1031 22.59 71.12 57.07
CA TYR D 1031 24.00 70.76 57.36
C TYR D 1031 24.82 70.40 56.10
N VAL D 1032 24.20 69.64 55.20
CA VAL D 1032 24.90 69.16 54.01
C VAL D 1032 25.34 70.31 53.09
N SER D 1033 24.67 71.45 53.20
CA SER D 1033 24.99 72.60 52.37
C SER D 1033 26.22 73.37 52.86
N LEU D 1034 26.40 73.49 54.18
CA LEU D 1034 27.56 74.22 54.74
C LEU D 1034 28.84 73.68 54.10
N PRO D 1035 29.70 74.56 53.55
CA PRO D 1035 30.77 73.99 52.70
C PRO D 1035 31.76 73.22 53.55
N ASP D 1036 32.09 72.03 53.09
CA ASP D 1036 33.05 71.18 53.77
C ASP D 1036 34.18 70.96 52.78
N SER D 1037 35.21 70.25 53.24
CA SER D 1037 36.33 69.83 52.41
C SER D 1037 36.96 68.55 52.99
N SER D 1038 38.13 68.15 52.50
CA SER D 1038 38.75 66.95 52.99
C SER D 1038 40.24 67.18 53.12
N GLU D 1039 40.84 66.54 54.12
CA GLU D 1039 42.30 66.47 54.32
C GLU D 1039 42.82 65.02 54.44
N GLN D 1040 44.13 64.88 54.59
CA GLN D 1040 44.76 63.58 54.37
C GLN D 1040 46.18 63.49 54.86
N LYS D 1041 46.40 62.89 56.02
CA LYS D 1041 47.77 62.61 56.49
C LYS D 1041 48.42 61.36 55.81
N LYS D 1042 49.50 60.88 56.40
CA LYS D 1042 50.36 59.81 55.89
C LYS D 1042 51.03 59.30 57.17
N LEU D 1043 50.67 58.09 57.62
CA LEU D 1043 51.24 57.59 58.88
C LEU D 1043 52.31 56.50 58.64
N ALA D 1044 53.26 56.40 59.56
CA ALA D 1044 54.17 55.25 59.59
C ALA D 1044 54.01 54.49 60.93
N LYS D 1045 54.76 53.39 61.09
CA LYS D 1045 54.66 52.43 62.22
C LYS D 1045 53.24 52.12 62.73
N VAL D 1046 52.26 52.09 61.83
CA VAL D 1046 50.88 51.77 62.22
C VAL D 1046 50.69 50.27 62.47
N PRO D 1047 50.18 49.90 63.64
CA PRO D 1047 49.91 48.49 63.90
C PRO D 1047 48.63 47.99 63.18
N ARG D 1048 48.48 46.67 63.07
CA ARG D 1048 47.36 46.09 62.32
C ARG D 1048 46.00 46.28 62.99
N GLU D 1049 46.04 46.43 64.31
CA GLU D 1049 44.83 46.66 65.09
C GLU D 1049 44.11 48.03 64.82
N ALA D 1050 44.81 48.96 64.16
CA ALA D 1050 44.28 50.23 63.67
C ALA D 1050 43.50 50.17 62.33
N ILE D 1051 43.75 49.10 61.56
CA ILE D 1051 43.22 48.93 60.22
C ILE D 1051 42.31 47.71 60.18
N LEU D 1052 41.34 47.68 59.25
CA LEU D 1052 40.57 46.46 58.93
C LEU D 1052 40.06 46.43 57.47
N ASN D 1053 39.98 45.21 56.92
CA ASN D 1053 39.33 44.88 55.67
C ASN D 1053 37.86 44.59 55.92
N ALA D 1054 36.98 45.51 55.51
CA ALA D 1054 35.57 45.44 55.86
C ALA D 1054 34.84 44.12 55.41
N GLU D 1055 35.24 43.54 54.25
CA GLU D 1055 34.61 42.27 53.77
C GLU D 1055 34.94 41.07 54.63
N SER D 1056 36.13 41.04 55.17
CA SER D 1056 36.51 39.95 56.01
C SER D 1056 35.91 40.02 57.42
N SER D 1057 35.27 41.13 57.80
CA SER D 1057 34.83 41.34 59.19
C SER D 1057 33.33 41.63 59.49
N TYR D 1058 32.44 40.98 58.76
CA TYR D 1058 31.00 41.10 58.99
C TYR D 1058 30.63 40.83 60.48
N VAL D 1059 31.15 39.76 61.06
CA VAL D 1059 30.80 39.40 62.42
C VAL D 1059 31.21 40.44 63.47
N LEU D 1060 32.43 40.96 63.31
CA LEU D 1060 32.90 42.07 64.12
C LEU D 1060 31.90 43.22 64.05
N LEU D 1061 31.57 43.66 62.82
CA LEU D 1061 30.71 44.84 62.61
C LEU D 1061 29.30 44.63 63.12
N ARG D 1062 28.74 43.42 62.95
CA ARG D 1062 27.44 43.02 63.58
C ARG D 1062 27.44 43.04 65.12
N SER D 1063 28.61 42.87 65.70
CA SER D 1063 28.78 42.85 67.11
C SER D 1063 28.79 44.25 67.78
N GLN D 1064 28.67 45.32 66.98
CA GLN D 1064 28.49 46.67 67.53
C GLN D 1064 27.08 46.86 68.11
N ARG D 1065 26.88 47.93 68.89
CA ARG D 1065 25.55 48.37 69.32
C ARG D 1065 25.18 49.58 68.52
N PHE D 1066 23.89 49.68 68.24
CA PHE D 1066 23.41 50.85 67.54
C PHE D 1066 22.25 51.54 68.25
N HIS D 1067 22.41 52.83 68.59
CA HIS D 1067 21.34 53.63 69.25
C HIS D 1067 20.69 54.67 68.35
N LEU D 1068 19.37 54.83 68.50
CA LEU D 1068 18.67 55.92 67.87
C LEU D 1068 19.50 57.17 68.03
N GLY D 1069 19.67 57.89 66.95
CA GLY D 1069 20.44 59.13 67.00
C GLY D 1069 21.92 58.97 66.71
N ASP D 1070 22.41 57.74 66.79
CA ASP D 1070 23.83 57.44 66.50
C ASP D 1070 24.25 57.75 65.07
N ARG D 1071 25.45 58.30 64.95
CA ARG D 1071 26.08 58.53 63.66
C ARG D 1071 26.71 57.26 63.08
N VAL D 1072 26.52 57.03 61.78
CA VAL D 1072 27.05 55.83 61.09
C VAL D 1072 27.63 56.10 59.70
N MET D 1073 28.48 55.17 59.27
CA MET D 1073 29.12 55.22 57.98
C MET D 1073 28.92 53.90 57.28
N TYR D 1074 28.74 53.97 55.96
CA TYR D 1074 28.68 52.77 55.12
C TYR D 1074 30.10 52.34 54.74
N ILE D 1075 30.52 51.20 55.27
CA ILE D 1075 31.93 50.78 55.25
C ILE D 1075 32.29 49.77 54.18
N GLN D 1076 31.28 49.19 53.53
CA GLN D 1076 31.52 48.21 52.48
C GLN D 1076 31.68 48.81 51.10
N ASP D 1077 32.50 48.11 50.35
CA ASP D 1077 32.94 48.50 49.01
C ASP D 1077 31.99 47.93 47.88
N SER D 1078 30.91 47.28 48.31
CA SER D 1078 29.87 46.77 47.43
C SER D 1078 28.56 47.07 48.11
N GLY D 1079 27.46 46.95 47.39
CA GLY D 1079 26.16 47.19 48.00
C GLY D 1079 25.40 48.38 47.46
N LYS D 1080 24.33 48.77 48.14
CA LYS D 1080 23.31 49.63 47.54
C LYS D 1080 23.64 51.10 47.67
N VAL D 1081 24.80 51.41 48.26
CA VAL D 1081 25.12 52.74 48.77
C VAL D 1081 26.60 53.07 48.61
N PRO D 1082 26.91 54.30 48.16
CA PRO D 1082 28.34 54.65 48.02
C PRO D 1082 29.16 54.47 49.31
N LEU D 1083 30.39 54.04 49.13
CA LEU D 1083 31.35 53.84 50.21
C LEU D 1083 31.52 55.14 50.97
N HIS D 1084 31.57 55.05 52.31
CA HIS D 1084 31.89 56.19 53.19
C HIS D 1084 30.73 57.17 53.43
N SER D 1085 29.59 56.91 52.80
CA SER D 1085 28.37 57.66 53.04
C SER D 1085 28.00 57.73 54.53
N LYS D 1086 27.84 58.92 55.09
CA LYS D 1086 27.48 59.03 56.52
C LYS D 1086 25.99 59.08 56.71
N GLY D 1087 25.52 58.71 57.92
CA GLY D 1087 24.08 58.64 58.25
C GLY D 1087 23.73 58.64 59.73
N THR D 1088 22.43 58.64 60.03
CA THR D 1088 21.92 58.64 61.42
C THR D 1088 20.91 57.52 61.66
N VAL D 1089 20.98 56.87 62.80
CA VAL D 1089 20.04 55.80 63.07
C VAL D 1089 18.76 56.41 63.52
N VAL D 1090 17.72 56.30 62.70
CA VAL D 1090 16.42 56.91 62.97
C VAL D 1090 15.48 55.76 63.16
N GLY D 1091 16.02 54.69 63.73
CA GLY D 1091 15.30 53.42 63.85
C GLY D 1091 16.12 52.14 63.67
N TYR D 1092 15.66 51.07 64.29
CA TYR D 1092 16.21 49.77 64.02
C TYR D 1092 15.23 48.68 64.33
N THR D 1093 15.31 47.62 63.56
CA THR D 1093 14.48 46.45 63.73
C THR D 1093 15.38 45.24 63.67
N SER D 1094 14.93 44.13 64.23
CA SER D 1094 15.74 42.91 64.27
C SER D 1094 14.98 41.59 64.31
N ILE D 1095 14.06 41.39 63.35
CA ILE D 1095 13.50 40.05 62.95
C ILE D 1095 14.47 38.86 63.27
N GLY D 1096 14.45 38.46 64.56
CA GLY D 1096 15.26 37.40 65.17
C GLY D 1096 16.73 37.28 64.84
N LYS D 1097 17.02 37.11 63.55
CA LYS D 1097 18.34 36.77 63.06
C LYS D 1097 19.22 38.04 63.03
N ASN D 1098 19.30 38.62 61.84
CA ASN D 1098 20.12 39.80 61.62
C ASN D 1098 19.44 41.04 62.19
N VAL D 1099 20.15 42.15 62.24
CA VAL D 1099 19.60 43.41 62.73
C VAL D 1099 19.66 44.51 61.65
N SER D 1100 18.52 44.89 61.11
CA SER D 1100 18.54 45.89 60.06
C SER D 1100 18.47 47.25 60.70
N ILE D 1101 19.52 48.04 60.48
CA ILE D 1101 19.52 49.42 60.95
C ILE D 1101 18.83 50.37 59.95
N GLN D 1102 18.04 51.34 60.46
CA GLN D 1102 17.29 52.28 59.62
C GLN D 1102 18.03 53.58 59.47
N VAL D 1103 18.65 53.81 58.32
CA VAL D 1103 19.55 54.94 58.28
C VAL D 1103 18.99 56.05 57.43
N LEU D 1104 19.00 57.23 58.02
CA LEU D 1104 18.62 58.43 57.31
C LEU D 1104 19.94 59.07 56.89
N PHE D 1105 20.34 58.85 55.63
CA PHE D 1105 21.65 59.27 55.14
C PHE D 1105 21.74 60.78 54.98
N ASP D 1106 22.95 61.31 54.84
CA ASP D 1106 23.16 62.74 54.64
C ASP D 1106 22.81 63.10 53.21
N ASN D 1107 23.24 62.27 52.25
CA ASN D 1107 22.83 62.47 50.84
C ASN D 1107 21.66 61.60 50.36
N GLU D 1108 20.90 62.10 49.40
CA GLU D 1108 19.78 61.31 48.91
C GLU D 1108 20.40 60.11 48.24
N ILE D 1109 19.96 58.92 48.67
CA ILE D 1109 20.44 57.67 48.11
C ILE D 1109 19.57 57.23 46.96
N ILE D 1110 20.17 57.12 45.77
CA ILE D 1110 19.49 56.52 44.61
C ILE D 1110 18.57 55.37 45.04
N ALA D 1111 19.13 54.53 45.91
CA ALA D 1111 18.46 53.33 46.42
C ALA D 1111 17.50 53.52 47.60
N GLY D 1112 17.31 54.75 48.05
CA GLY D 1112 16.56 55.00 49.27
C GLY D 1112 15.12 55.38 49.02
N ASN D 1113 14.35 55.27 50.09
CA ASN D 1113 12.99 55.72 50.14
C ASN D 1113 12.75 56.73 51.29
N ASN D 1114 11.55 56.69 51.89
CA ASN D 1114 11.05 57.74 52.78
C ASN D 1114 10.30 57.20 54.03
N PHE D 1115 10.49 55.93 54.31
CA PHE D 1115 9.94 55.36 55.54
C PHE D 1115 8.45 55.55 55.56
N GLY D 1116 7.84 55.25 54.42
CA GLY D 1116 6.41 55.37 54.24
C GLY D 1116 5.90 56.79 54.34
N GLY D 1117 6.52 57.71 53.61
CA GLY D 1117 6.09 59.11 53.56
C GLY D 1117 6.48 59.91 54.79
N ARG D 1118 7.25 59.29 55.68
CA ARG D 1118 7.70 59.98 56.89
C ARG D 1118 8.96 60.77 56.66
N LEU D 1119 9.40 60.80 55.40
CA LEU D 1119 10.56 61.58 55.00
C LEU D 1119 10.29 62.37 53.76
N GLN D 1120 10.87 63.55 53.70
CA GLN D 1120 10.57 64.44 52.60
C GLN D 1120 11.32 63.98 51.37
N THR D 1121 12.64 63.89 51.49
CA THR D 1121 13.50 63.38 50.40
C THR D 1121 13.77 61.88 50.51
N ARG D 1122 14.51 61.35 49.54
CA ARG D 1122 14.77 59.90 49.52
C ARG D 1122 16.06 59.51 50.20
N ARG D 1123 16.05 59.63 51.52
CA ARG D 1123 17.27 59.39 52.32
C ARG D 1123 17.19 58.08 53.10
N GLY D 1124 15.99 57.57 53.23
CA GLY D 1124 15.81 56.38 54.04
C GLY D 1124 16.29 55.07 53.43
N LEU D 1125 16.87 54.21 54.29
CA LEU D 1125 17.26 52.84 53.90
C LEU D 1125 17.66 51.86 55.02
N GLY D 1126 17.00 50.69 55.04
CA GLY D 1126 17.28 49.60 56.00
C GLY D 1126 18.49 48.79 55.56
N LEU D 1127 19.46 48.60 56.46
CA LEU D 1127 20.74 47.98 56.14
C LEU D 1127 21.22 47.11 57.26
N ASP D 1128 21.70 45.93 56.90
CA ASP D 1128 22.20 44.95 57.85
C ASP D 1128 23.38 45.59 58.55
N SER D 1129 23.52 45.32 59.86
CA SER D 1129 24.54 46.07 60.62
C SER D 1129 25.96 45.79 60.11
N SER D 1130 26.15 44.67 59.41
CA SER D 1130 27.49 44.34 58.95
C SER D 1130 28.07 45.35 57.93
N PHE D 1131 27.26 46.35 57.53
CA PHE D 1131 27.66 47.37 56.54
C PHE D 1131 28.15 48.66 57.19
N LEU D 1132 27.85 48.85 58.47
CA LEU D 1132 28.01 50.15 59.08
C LEU D 1132 29.07 50.23 60.15
N LEU D 1133 29.79 51.34 60.17
CA LEU D 1133 30.62 51.65 61.30
C LEU D 1133 29.97 52.78 62.10
N ASN D 1134 29.53 52.44 63.32
CA ASN D 1134 29.03 53.42 64.26
C ASN D 1134 30.11 54.42 64.67
N LEU D 1135 29.95 55.68 64.28
CA LEU D 1135 30.97 56.73 64.48
C LEU D 1135 30.81 57.41 65.82
N SER D 1136 29.63 57.24 66.42
CA SER D 1136 29.28 57.89 67.69
C SER D 1136 29.77 57.00 68.81
N ASP D 1137 29.14 55.84 68.97
CA ASP D 1137 29.59 54.88 69.96
C ASP D 1137 30.75 54.09 69.36
N ARG D 1138 31.90 54.77 69.30
CA ARG D 1138 33.09 54.26 68.67
C ARG D 1138 33.49 52.98 69.34
N GLN D 1139 32.96 51.84 68.91
CA GLN D 1139 33.24 50.57 69.58
C GLN D 1139 34.47 49.80 69.04
N LEU D 1140 35.26 50.40 68.14
CA LEU D 1140 36.37 49.66 67.47
C LEU D 1140 37.71 50.43 67.30
N VAL D 1141 37.94 51.38 68.20
CA VAL D 1141 39.03 52.38 68.10
C VAL D 1141 40.44 51.93 68.49
N TYR D 1142 41.43 52.59 67.87
CA TYR D 1142 42.84 52.70 68.34
C TYR D 1142 43.85 51.69 67.71
MN MN E . -0.58 -2.75 -20.41
MN MN F . 53.47 2.94 3.58
MN MN G . -55.55 -29.29 -12.82
MN MN H . 4.74 31.57 31.94
#